data_6HXJ
#
_entry.id   6HXJ
#
_cell.length_a   101.670
_cell.length_b   134.930
_cell.length_c   177.710
_cell.angle_alpha   90.00
_cell.angle_beta   101.65
_cell.angle_gamma   90.00
#
_symmetry.space_group_name_H-M   'P 1 21 1'
#
loop_
_entity.id
_entity.type
_entity.pdbx_description
1 polymer 'ATP-citrate lyase beta-subunit'
2 polymer 'ATP-citrate lyase alpha-subunit'
3 non-polymer 'CITRATE ANION'
4 non-polymer 'COENZYME A'
5 non-polymer 'TRIETHYLENE GLYCOL'
6 non-polymer 2-AMINO-2-HYDROXYMETHYL-PROPANE-1,3-DIOL
7 non-polymer 'TETRAETHYLENE GLYCOL'
8 water water
#
loop_
_entity_poly.entity_id
_entity_poly.type
_entity_poly.pdbx_seq_one_letter_code
_entity_poly.pdbx_strand_id
1 'polypeptide(L)'
;MAKILEGPAMKLFNKWGIPVPNYVVIMDPDRLAQLGEANKWLRESKLVVKAHEAIGGRFKLGLVKIGLNLEQAIEAAKEM
LGAKVGTAEIGQVIIAEMLEHDAEFYVSIIGNKDGAELLISKHGGVDIEDNWDSVRRIQIELDENPTIEQLTELAKDAGF
EGEIAERVGKICSRLILCFDNEDAQSIEINPLVIRKSDMRFAALDAVMNVDYDARFRHADWDFKPVSEIGRPFTEAEQQI
MEIDSRIKGSVKFVEVPGGEIALLTAGGGASVFYADAVVARGGTIANYAEYSGDPADWAVEALTETICRLPNIKHIIVGG
AIANFTDVKATFSGIINGFRESKSKGYLEGVKIWVRRGGPNEAQGLAAIKQLQEEGFDIHVYDRSMPMTDIVDLAMKS
;
A,C,E,G
2 'polypeptide(L)'
;MSILANKDTRAVIIGGVAGVNAAKRMAQFDFLVNRPLTVQAFVYPPEAGQQKEIFRGGELKNVTVYDSLAPALEEHPDIN
TALIYLGASRAAQAAKEALESPNIQLVSMITEGVPEKDAKRLKKLAQKLGKMLNGPSSIGIMSAGECRLGVIGGEFKNLK
LCNLYRQGSFGVLTKSGGLSNEAMWLCAQNGDGITSAVAIGGDAYPGTDFVTYLEMFEKDPATKAVVMIGEVGGNLEEEA
AEWLAAEPRRIKLIAAIGGTCQEVLPQGMKFGHAGAKEGKKGAGSARSKMNALRDAGAYVPDTFGGLSKEIKKVYEELIA
AGEISTEIDEAVLPELPPRVQEVMKQGEVIVEPLIRTTISDDRGEEPRYAGYAASELCSKGYGIEDVIGLLWNKKLPTRE
ESEIIKRIVMISADHGPAVSGAFGSILAACAGIDMPQAVSAGMTMIGPRFGGAVTNAGKYFKMAVEDYPNDIPGFLSWMK
KNVGPVPGIGHRVKSVKNPDQRVKYLVSYIKNETSLHTPCLDYALEVEKVTTAKKGNLILNVDGTIGCILMDLDFPVHSL
NGFFVLARTIGMIGHWIDQNNQNSRLIRLYDYLINYAVKPEQEVPEKKGGSHHHHHH
;
B,D,F,H
#
loop_
_chem_comp.id
_chem_comp.type
_chem_comp.name
_chem_comp.formula
COA non-polymer 'COENZYME A' 'C21 H36 N7 O16 P3 S'
FLC non-polymer 'CITRATE ANION' 'C6 H5 O7 -3'
PG4 non-polymer 'TETRAETHYLENE GLYCOL' 'C8 H18 O5'
PGE non-polymer 'TRIETHYLENE GLYCOL' 'C6 H14 O4'
TRS non-polymer 2-AMINO-2-HYDROXYMETHYL-PROPANE-1,3-DIOL 'C4 H12 N O3 1'
#
# COMPACT_ATOMS: atom_id res chain seq x y z
N ALA A 2 -49.25 -36.26 10.99
CA ALA A 2 -49.80 -34.97 11.43
C ALA A 2 -51.24 -34.79 10.97
N LYS A 3 -52.18 -34.86 11.94
CA LYS A 3 -53.60 -34.71 11.67
C LYS A 3 -53.85 -33.30 11.33
N ILE A 4 -54.65 -33.08 10.30
CA ILE A 4 -54.98 -31.75 9.84
C ILE A 4 -56.48 -31.55 9.90
N LEU A 5 -56.88 -30.29 10.07
CA LEU A 5 -58.29 -29.90 10.16
C LEU A 5 -59.12 -30.17 8.92
N GLU A 6 -60.43 -30.23 9.13
CA GLU A 6 -61.43 -30.49 8.09
C GLU A 6 -61.25 -29.54 6.90
N GLY A 7 -61.20 -28.24 7.16
CA GLY A 7 -61.04 -27.23 6.12
C GLY A 7 -59.87 -27.52 5.19
N PRO A 8 -58.65 -27.51 5.75
CA PRO A 8 -57.44 -27.81 4.97
C PRO A 8 -57.55 -29.06 4.13
N ALA A 9 -58.01 -30.16 4.74
CA ALA A 9 -58.19 -31.42 4.06
C ALA A 9 -59.06 -31.21 2.83
N MET A 10 -60.21 -30.56 3.00
CA MET A 10 -61.13 -30.24 1.91
C MET A 10 -60.46 -29.44 0.83
N LYS A 11 -59.63 -28.46 1.21
CA LYS A 11 -58.91 -27.65 0.24
C LYS A 11 -58.06 -28.52 -0.69
N LEU A 12 -57.37 -29.53 -0.13
CA LEU A 12 -56.53 -30.46 -0.90
C LEU A 12 -57.36 -31.38 -1.73
N PHE A 13 -58.54 -31.73 -1.22
CA PHE A 13 -59.44 -32.56 -1.99
C PHE A 13 -59.82 -31.77 -3.20
N ASN A 14 -60.29 -30.53 -2.99
CA ASN A 14 -60.65 -29.58 -4.02
C ASN A 14 -59.57 -29.48 -5.06
N LYS A 15 -58.33 -29.28 -4.62
CA LYS A 15 -57.16 -29.19 -5.47
C LYS A 15 -57.05 -30.39 -6.44
N TRP A 16 -57.25 -31.60 -5.94
CA TRP A 16 -57.12 -32.80 -6.77
C TRP A 16 -58.48 -33.26 -7.31
N GLY A 17 -59.43 -32.33 -7.37
CA GLY A 17 -60.76 -32.59 -7.88
C GLY A 17 -61.46 -33.74 -7.20
N ILE A 18 -61.75 -33.59 -5.89
CA ILE A 18 -62.45 -34.62 -5.12
C ILE A 18 -63.77 -34.00 -4.67
N PRO A 19 -64.90 -34.68 -4.97
CA PRO A 19 -66.21 -34.12 -4.60
C PRO A 19 -66.32 -33.75 -3.13
N VAL A 20 -66.47 -32.46 -2.85
CA VAL A 20 -66.57 -31.98 -1.47
C VAL A 20 -67.73 -30.99 -1.33
N PRO A 21 -68.48 -31.03 -0.22
CA PRO A 21 -69.56 -30.06 -0.02
C PRO A 21 -69.01 -28.66 0.14
N ASN A 22 -69.77 -27.66 -0.34
CA ASN A 22 -69.38 -26.26 -0.22
C ASN A 22 -69.26 -25.95 1.26
N TYR A 23 -68.15 -25.35 1.64
CA TYR A 23 -67.88 -25.05 3.03
C TYR A 23 -67.25 -23.69 3.16
N VAL A 24 -67.31 -23.15 4.37
CA VAL A 24 -66.74 -21.87 4.75
C VAL A 24 -66.21 -21.94 6.17
N VAL A 25 -65.02 -21.39 6.38
CA VAL A 25 -64.35 -21.38 7.68
C VAL A 25 -64.31 -19.96 8.23
N ILE A 26 -64.85 -19.78 9.43
CA ILE A 26 -64.96 -18.47 10.09
C ILE A 26 -64.46 -18.48 11.54
N LEU A 47 -77.41 -26.95 5.79
CA LEU A 47 -76.21 -26.33 6.37
C LEU A 47 -75.89 -26.92 7.73
N VAL A 48 -74.61 -27.18 8.00
CA VAL A 48 -74.14 -27.73 9.28
C VAL A 48 -73.22 -26.72 9.97
N VAL A 49 -72.90 -26.97 11.24
CA VAL A 49 -72.03 -26.12 12.03
C VAL A 49 -71.22 -26.98 12.99
N LYS A 50 -69.95 -27.15 12.67
CA LYS A 50 -68.98 -27.86 13.48
C LYS A 50 -67.89 -26.83 13.84
N ALA A 51 -67.06 -27.14 14.83
CA ALA A 51 -65.91 -26.30 15.21
C ALA A 51 -64.61 -27.00 14.80
N HIS A 52 -63.57 -26.20 14.49
CA HIS A 52 -62.27 -26.68 14.04
C HIS A 52 -61.46 -27.25 15.21
N ILE A 90 -62.51 -22.85 22.00
CA ILE A 90 -62.97 -22.76 20.61
C ILE A 90 -62.70 -21.35 20.09
N GLY A 91 -62.20 -21.26 18.86
CA GLY A 91 -61.89 -20.00 18.19
C GLY A 91 -62.17 -20.00 16.70
N GLN A 92 -62.67 -21.12 16.15
CA GLN A 92 -62.96 -21.29 14.73
C GLN A 92 -64.13 -22.22 14.54
N VAL A 93 -64.97 -21.93 13.56
CA VAL A 93 -66.18 -22.69 13.24
C VAL A 93 -66.30 -22.86 11.72
N ILE A 94 -66.68 -24.07 11.30
CA ILE A 94 -66.89 -24.44 9.92
C ILE A 94 -68.38 -24.64 9.64
N ILE A 95 -68.83 -24.20 8.47
CA ILE A 95 -70.20 -24.33 8.05
C ILE A 95 -70.18 -24.92 6.66
N ALA A 96 -70.76 -26.12 6.48
CA ALA A 96 -70.83 -26.76 5.17
C ALA A 96 -72.29 -27.19 4.88
N GLU A 97 -72.68 -27.23 3.60
CA GLU A 97 -74.04 -27.62 3.16
C GLU A 97 -74.33 -29.13 3.39
N MET A 98 -75.48 -29.44 4.03
CA MET A 98 -75.89 -30.81 4.33
C MET A 98 -77.36 -31.00 3.96
N ALA A 103 -77.20 -42.63 -0.79
CA ALA A 103 -76.32 -43.69 -0.31
C ALA A 103 -74.98 -43.17 0.25
N GLU A 104 -74.36 -43.95 1.16
CA GLU A 104 -73.08 -43.65 1.82
C GLU A 104 -72.06 -44.76 1.55
N PHE A 105 -70.78 -44.36 1.32
CA PHE A 105 -69.71 -45.30 1.04
C PHE A 105 -68.48 -44.97 1.90
N TYR A 106 -67.56 -45.93 1.99
CA TYR A 106 -66.32 -45.74 2.71
C TYR A 106 -65.14 -45.86 1.76
N VAL A 107 -64.22 -44.90 1.85
CA VAL A 107 -62.96 -44.83 1.11
C VAL A 107 -61.88 -44.42 2.08
N SER A 108 -60.75 -45.08 2.05
CA SER A 108 -59.59 -44.73 2.83
C SER A 108 -58.37 -45.26 2.14
N ILE A 109 -57.30 -44.46 2.17
CA ILE A 109 -55.98 -44.79 1.64
C ILE A 109 -54.97 -44.60 2.80
N ILE A 110 -54.41 -45.71 3.27
CA ILE A 110 -53.52 -45.75 4.44
C ILE A 110 -52.17 -46.22 3.99
N GLY A 111 -51.15 -45.38 4.17
CA GLY A 111 -49.79 -45.69 3.75
C GLY A 111 -49.15 -46.82 4.54
N ASN A 112 -48.20 -47.51 3.90
CA ASN A 112 -47.45 -48.64 4.49
C ASN A 112 -46.03 -48.68 3.89
N LYS A 113 -45.15 -49.56 4.42
CA LYS A 113 -43.74 -49.63 4.01
C LYS A 113 -43.55 -49.79 2.52
N ASP A 114 -44.52 -50.37 1.81
CA ASP A 114 -44.48 -50.68 0.36
C ASP A 114 -45.29 -49.73 -0.53
N GLY A 115 -46.00 -48.80 0.06
CA GLY A 115 -46.80 -47.84 -0.69
C GLY A 115 -47.99 -47.57 0.21
N ALA A 116 -49.18 -47.72 -0.36
CA ALA A 116 -50.41 -47.55 0.39
C ALA A 116 -51.39 -48.66 0.13
N GLU A 117 -52.51 -48.63 0.84
CA GLU A 117 -53.59 -49.59 0.71
C GLU A 117 -54.89 -48.81 0.59
N LEU A 118 -55.68 -49.12 -0.45
CA LEU A 118 -56.95 -48.48 -0.67
C LEU A 118 -58.04 -49.42 -0.24
N LEU A 119 -58.80 -49.02 0.78
CA LEU A 119 -59.91 -49.81 1.31
C LEU A 119 -61.19 -49.17 0.80
N ILE A 120 -62.08 -49.98 0.22
CA ILE A 120 -63.35 -49.49 -0.32
C ILE A 120 -64.54 -50.30 0.22
N SER A 121 -65.63 -49.62 0.54
CA SER A 121 -66.84 -50.29 1.00
C SER A 121 -68.08 -49.61 0.45
N LYS A 122 -69.11 -50.41 0.16
CA LYS A 122 -70.40 -49.89 -0.31
C LYS A 122 -71.26 -49.50 0.90
N HIS A 123 -70.92 -50.07 2.08
CA HIS A 123 -71.58 -49.83 3.36
C HIS A 123 -70.88 -48.71 4.13
N GLY A 124 -71.17 -47.49 3.74
CA GLY A 124 -70.58 -46.32 4.38
C GLY A 124 -71.42 -45.76 5.50
N GLY A 125 -70.79 -44.93 6.30
CA GLY A 125 -71.42 -44.32 7.47
C GLY A 125 -71.07 -45.04 8.75
N VAL A 126 -71.98 -45.05 9.73
CA VAL A 126 -71.81 -45.66 11.06
C VAL A 126 -71.78 -47.22 11.04
N ASP A 127 -72.52 -47.82 10.09
CA ASP A 127 -72.70 -49.26 9.92
C ASP A 127 -71.46 -50.03 9.41
N ILE A 128 -70.34 -49.33 9.10
CA ILE A 128 -69.06 -49.90 8.64
C ILE A 128 -68.39 -50.84 9.70
N GLU A 129 -68.63 -50.60 11.03
CA GLU A 129 -68.03 -51.40 12.12
C GLU A 129 -68.35 -52.92 12.00
N ASP A 130 -69.63 -53.26 11.81
CA ASP A 130 -70.05 -54.65 11.65
C ASP A 130 -69.78 -55.14 10.23
N ASN A 131 -69.93 -54.23 9.24
CA ASN A 131 -69.73 -54.45 7.80
C ASN A 131 -68.26 -54.27 7.41
N TRP A 132 -67.38 -55.03 8.08
CA TRP A 132 -65.97 -55.00 7.74
C TRP A 132 -65.59 -56.11 6.74
N ASP A 133 -66.53 -57.03 6.42
CA ASP A 133 -66.30 -58.09 5.42
C ASP A 133 -66.59 -57.50 4.04
N SER A 134 -67.41 -56.43 4.02
CA SER A 134 -67.82 -55.72 2.82
C SER A 134 -66.66 -54.96 2.20
N VAL A 135 -65.61 -54.69 3.02
CA VAL A 135 -64.41 -53.95 2.65
C VAL A 135 -63.48 -54.76 1.73
N ARG A 136 -63.25 -54.19 0.54
CA ARG A 136 -62.34 -54.71 -0.47
C ARG A 136 -61.14 -53.79 -0.48
N ARG A 137 -59.97 -54.39 -0.32
CA ARG A 137 -58.74 -53.64 -0.23
C ARG A 137 -57.75 -54.05 -1.28
N ILE A 138 -57.08 -53.06 -1.88
CA ILE A 138 -55.98 -53.31 -2.81
C ILE A 138 -54.73 -52.61 -2.31
N GLN A 139 -53.56 -53.19 -2.60
CA GLN A 139 -52.29 -52.60 -2.21
C GLN A 139 -51.69 -51.86 -3.41
N ILE A 140 -51.50 -50.55 -3.25
CA ILE A 140 -50.90 -49.71 -4.28
C ILE A 140 -49.41 -49.68 -4.01
N GLU A 141 -48.62 -50.34 -4.86
CA GLU A 141 -47.16 -50.34 -4.74
C GLU A 141 -46.65 -48.97 -5.07
N LEU A 142 -45.65 -48.52 -4.30
CA LEU A 142 -45.05 -47.18 -4.39
C LEU A 142 -44.63 -46.85 -5.84
N ASP A 143 -45.21 -45.73 -6.37
CA ASP A 143 -45.02 -45.20 -7.73
C ASP A 143 -45.54 -46.14 -8.85
N GLU A 144 -46.33 -47.15 -8.50
CA GLU A 144 -46.94 -48.10 -9.43
C GLU A 144 -48.46 -48.01 -9.24
N ASN A 145 -48.99 -46.79 -9.44
CA ASN A 145 -50.40 -46.42 -9.24
C ASN A 145 -51.36 -47.11 -10.24
N PRO A 146 -52.50 -47.68 -9.74
CA PRO A 146 -53.41 -48.41 -10.65
C PRO A 146 -54.10 -47.52 -11.67
N THR A 147 -54.58 -48.13 -12.75
CA THR A 147 -55.30 -47.42 -13.81
C THR A 147 -56.75 -47.26 -13.38
N ILE A 148 -57.50 -46.40 -14.08
CA ILE A 148 -58.91 -46.19 -13.72
C ILE A 148 -59.71 -47.50 -13.79
N GLU A 149 -59.49 -48.34 -14.82
CA GLU A 149 -60.20 -49.61 -14.97
C GLU A 149 -60.01 -50.54 -13.78
N GLN A 150 -58.76 -50.68 -13.31
CA GLN A 150 -58.48 -51.50 -12.12
C GLN A 150 -59.32 -51.03 -10.95
N LEU A 151 -59.33 -49.71 -10.73
CA LEU A 151 -60.11 -49.09 -9.68
C LEU A 151 -61.58 -49.35 -9.92
N THR A 152 -62.04 -49.28 -11.18
CA THR A 152 -63.42 -49.61 -11.51
C THR A 152 -63.70 -51.07 -11.15
N GLU A 153 -62.78 -51.99 -11.50
CA GLU A 153 -62.90 -53.41 -11.14
C GLU A 153 -62.92 -53.54 -9.63
N LEU A 154 -62.07 -52.78 -8.94
CA LEU A 154 -62.03 -52.82 -7.48
C LEU A 154 -63.40 -52.41 -6.97
N ALA A 155 -63.96 -51.31 -7.48
CA ALA A 155 -65.30 -50.88 -7.14
C ALA A 155 -66.28 -52.00 -7.45
N LYS A 156 -66.18 -52.62 -8.63
CA LYS A 156 -67.04 -53.72 -9.05
C LYS A 156 -67.04 -54.90 -8.07
N ASP A 157 -65.86 -55.25 -7.54
CA ASP A 157 -65.71 -56.32 -6.55
C ASP A 157 -66.48 -56.00 -5.29
N ALA A 158 -66.49 -54.73 -4.88
CA ALA A 158 -67.20 -54.28 -3.68
C ALA A 158 -68.71 -54.44 -3.82
N GLY A 159 -69.24 -54.22 -5.03
CA GLY A 159 -70.65 -54.33 -5.32
C GLY A 159 -71.18 -53.18 -6.18
N PHE A 160 -70.27 -52.30 -6.65
CA PHE A 160 -70.63 -51.14 -7.48
C PHE A 160 -70.94 -51.56 -8.93
N GLU A 161 -72.07 -51.10 -9.46
CA GLU A 161 -72.52 -51.46 -10.80
C GLU A 161 -72.46 -50.36 -11.85
N GLY A 162 -71.95 -50.74 -13.02
CA GLY A 162 -71.84 -49.93 -14.23
C GLY A 162 -71.31 -48.51 -14.06
N GLU A 163 -72.18 -47.50 -14.30
CA GLU A 163 -71.92 -46.07 -14.22
C GLU A 163 -71.33 -45.58 -12.91
N ILE A 164 -71.73 -46.12 -11.76
CA ILE A 164 -71.18 -45.64 -10.49
C ILE A 164 -69.77 -46.19 -10.24
N ALA A 165 -69.54 -47.44 -10.67
CA ALA A 165 -68.27 -48.13 -10.47
C ALA A 165 -67.17 -47.32 -11.08
N GLU A 166 -67.35 -46.91 -12.33
CA GLU A 166 -66.39 -46.07 -13.05
C GLU A 166 -66.21 -44.79 -12.25
N ARG A 167 -67.33 -44.15 -11.88
CA ARG A 167 -67.35 -42.91 -11.11
C ARG A 167 -66.58 -43.06 -9.81
N VAL A 168 -66.81 -44.14 -9.08
CA VAL A 168 -66.12 -44.45 -7.85
C VAL A 168 -64.65 -44.61 -8.19
N GLY A 169 -64.34 -45.41 -9.20
CA GLY A 169 -62.98 -45.63 -9.68
C GLY A 169 -62.26 -44.33 -9.97
N LYS A 170 -62.91 -43.43 -10.74
CA LYS A 170 -62.34 -42.13 -11.06
C LYS A 170 -62.00 -41.35 -9.79
N ILE A 171 -62.93 -41.32 -8.81
CA ILE A 171 -62.74 -40.64 -7.51
C ILE A 171 -61.51 -41.21 -6.85
N CYS A 172 -61.42 -42.55 -6.79
CA CYS A 172 -60.29 -43.21 -6.17
C CYS A 172 -58.99 -42.78 -6.73
N SER A 173 -58.88 -42.69 -8.05
CA SER A 173 -57.65 -42.24 -8.67
C SER A 173 -57.24 -40.86 -8.18
N ARG A 174 -58.20 -39.96 -8.11
CA ARG A 174 -57.97 -38.59 -7.64
C ARG A 174 -57.47 -38.66 -6.20
N LEU A 175 -58.12 -39.49 -5.37
CA LEU A 175 -57.69 -39.70 -4.01
C LEU A 175 -56.26 -40.20 -4.01
N ILE A 176 -55.96 -41.17 -4.89
CA ILE A 176 -54.64 -41.75 -5.04
C ILE A 176 -53.64 -40.70 -5.46
N LEU A 177 -54.05 -39.79 -6.37
CA LEU A 177 -53.20 -38.70 -6.85
C LEU A 177 -52.94 -37.73 -5.69
N CYS A 178 -54.00 -37.43 -4.92
CA CYS A 178 -53.96 -36.54 -3.78
C CYS A 178 -53.03 -37.12 -2.76
N PHE A 179 -53.07 -38.42 -2.50
CA PHE A 179 -52.22 -39.09 -1.52
C PHE A 179 -50.78 -39.02 -1.96
N ASP A 180 -50.53 -39.43 -3.21
CA ASP A 180 -49.19 -39.45 -3.79
C ASP A 180 -48.54 -38.06 -3.72
N ASN A 181 -49.27 -37.06 -4.23
CA ASN A 181 -48.81 -35.68 -4.37
C ASN A 181 -48.82 -34.82 -3.10
N GLU A 182 -49.62 -35.18 -2.10
CA GLU A 182 -49.65 -34.37 -0.89
C GLU A 182 -48.83 -34.93 0.27
N ASP A 183 -47.99 -35.93 0.03
CA ASP A 183 -47.21 -36.54 1.11
C ASP A 183 -48.09 -37.03 2.29
N ALA A 184 -49.27 -37.59 2.01
CA ALA A 184 -50.17 -38.04 3.07
C ALA A 184 -49.68 -39.29 3.72
N GLN A 185 -50.07 -39.54 4.95
CA GLN A 185 -49.82 -40.77 5.69
C GLN A 185 -51.09 -41.61 5.55
N SER A 186 -52.24 -40.94 5.52
CA SER A 186 -53.56 -41.53 5.40
C SER A 186 -54.64 -40.47 5.14
N ILE A 187 -55.72 -40.89 4.44
CA ILE A 187 -56.92 -40.10 4.09
C ILE A 187 -58.12 -41.03 4.26
N GLU A 188 -59.09 -40.66 5.10
CA GLU A 188 -60.27 -41.46 5.40
C GLU A 188 -61.52 -40.65 5.13
N ILE A 189 -62.37 -41.12 4.21
CA ILE A 189 -63.64 -40.49 3.84
C ILE A 189 -64.79 -41.44 4.20
N ASN A 190 -65.58 -41.06 5.19
CA ASN A 190 -66.70 -41.85 5.64
C ASN A 190 -67.72 -40.91 6.24
N PRO A 191 -68.80 -40.61 5.50
CA PRO A 191 -69.15 -41.19 4.20
C PRO A 191 -68.79 -40.39 2.97
N LEU A 192 -68.64 -41.13 1.87
CA LEU A 192 -68.52 -40.60 0.51
C LEU A 192 -69.97 -40.82 0.01
N VAL A 193 -70.74 -39.74 -0.01
CA VAL A 193 -72.14 -39.83 -0.35
C VAL A 193 -72.40 -39.61 -1.85
N ILE A 194 -73.49 -40.21 -2.33
CA ILE A 194 -73.98 -40.09 -3.71
C ILE A 194 -75.42 -39.57 -3.70
N ARG A 195 -75.69 -38.58 -4.59
CA ARG A 195 -77.01 -38.02 -4.82
C ARG A 195 -77.41 -38.51 -6.22
N LYS A 196 -77.99 -39.73 -6.25
CA LYS A 196 -78.37 -40.48 -7.44
C LYS A 196 -79.16 -39.66 -8.49
N SER A 197 -80.13 -38.82 -8.05
CA SER A 197 -80.95 -37.96 -8.94
C SER A 197 -80.14 -37.34 -10.09
N ASP A 198 -78.99 -36.71 -9.76
CA ASP A 198 -78.10 -36.06 -10.73
C ASP A 198 -76.70 -36.68 -10.83
N MET A 199 -76.38 -37.69 -9.97
CA MET A 199 -75.10 -38.43 -9.89
C MET A 199 -73.97 -37.64 -9.22
N ARG A 200 -74.32 -36.64 -8.41
CA ARG A 200 -73.32 -35.84 -7.70
C ARG A 200 -72.80 -36.52 -6.42
N PHE A 201 -71.47 -36.62 -6.29
CA PHE A 201 -70.78 -37.19 -5.14
C PHE A 201 -70.26 -36.09 -4.21
N ALA A 202 -70.07 -36.41 -2.91
CA ALA A 202 -69.53 -35.51 -1.89
C ALA A 202 -68.86 -36.30 -0.78
N ALA A 203 -67.66 -35.85 -0.40
CA ALA A 203 -66.88 -36.40 0.70
C ALA A 203 -67.37 -35.67 1.94
N LEU A 204 -68.21 -36.33 2.74
CA LEU A 204 -68.80 -35.68 3.91
C LEU A 204 -67.83 -35.53 5.09
N ASP A 205 -67.17 -36.62 5.56
CA ASP A 205 -66.22 -36.57 6.69
C ASP A 205 -64.83 -36.87 6.20
N ALA A 206 -63.96 -35.87 6.22
CA ALA A 206 -62.59 -35.97 5.73
C ALA A 206 -61.56 -35.99 6.84
N VAL A 207 -60.96 -37.19 7.08
CA VAL A 207 -59.89 -37.41 8.08
C VAL A 207 -58.53 -37.54 7.34
N MET A 208 -57.72 -36.48 7.33
CA MET A 208 -56.45 -36.52 6.61
C MET A 208 -55.22 -36.33 7.50
N ASN A 209 -54.26 -37.24 7.37
CA ASN A 209 -52.95 -37.14 8.03
C ASN A 209 -51.87 -36.92 6.99
N VAL A 210 -51.11 -35.83 7.10
CA VAL A 210 -50.03 -35.57 6.12
C VAL A 210 -48.68 -35.62 6.80
N ASP A 211 -47.63 -35.93 6.05
CA ASP A 211 -46.29 -35.97 6.61
C ASP A 211 -45.72 -34.51 6.66
N TYR A 212 -45.89 -33.83 7.83
CA TYR A 212 -45.53 -32.41 7.98
C TYR A 212 -44.05 -32.08 7.80
N ASP A 213 -43.13 -33.06 7.89
CA ASP A 213 -41.70 -32.86 7.64
C ASP A 213 -41.45 -32.44 6.18
N ALA A 214 -42.40 -32.79 5.32
CA ALA A 214 -42.38 -32.57 3.88
C ALA A 214 -42.81 -31.19 3.48
N ARG A 215 -43.20 -30.37 4.44
CA ARG A 215 -43.74 -29.00 4.18
C ARG A 215 -42.89 -28.17 3.24
N PHE A 216 -41.58 -28.35 3.22
CA PHE A 216 -40.70 -27.52 2.39
C PHE A 216 -40.97 -27.77 0.89
N ARG A 217 -41.60 -28.89 0.57
CA ARG A 217 -41.90 -29.21 -0.81
C ARG A 217 -43.24 -28.60 -1.18
N HIS A 218 -44.06 -28.24 -0.16
CA HIS A 218 -45.42 -27.68 -0.33
C HIS A 218 -45.57 -26.25 0.16
N ALA A 219 -45.57 -25.33 -0.79
CA ALA A 219 -45.76 -23.91 -0.55
C ALA A 219 -47.26 -23.53 -0.36
N ASP A 220 -48.17 -24.44 -0.75
CA ASP A 220 -49.61 -24.26 -0.61
C ASP A 220 -50.15 -24.71 0.76
N TRP A 221 -49.29 -25.22 1.64
CA TRP A 221 -49.66 -25.71 2.97
C TRP A 221 -49.78 -24.58 3.98
N ASP A 222 -50.80 -23.74 3.78
CA ASP A 222 -51.08 -22.63 4.70
C ASP A 222 -51.94 -23.15 5.87
N PHE A 223 -51.39 -24.07 6.67
CA PHE A 223 -52.02 -24.68 7.84
C PHE A 223 -50.96 -25.28 8.78
N LYS A 224 -51.35 -25.52 10.04
CA LYS A 224 -50.52 -26.12 11.08
C LYS A 224 -51.18 -27.43 11.52
N PRO A 225 -50.44 -28.42 12.03
CA PRO A 225 -51.09 -29.68 12.40
C PRO A 225 -51.79 -29.63 13.74
N VAL A 226 -52.82 -30.48 13.91
CA VAL A 226 -53.65 -30.61 15.11
C VAL A 226 -52.79 -31.22 16.21
N SER A 227 -53.12 -30.85 17.46
CA SER A 227 -52.49 -31.25 18.72
C SER A 227 -52.46 -32.77 18.93
N GLU A 228 -51.29 -33.29 19.36
CA GLU A 228 -51.10 -34.70 19.66
C GLU A 228 -52.14 -35.11 20.74
N ILE A 229 -52.00 -34.60 21.98
CA ILE A 229 -53.03 -34.80 23.01
C ILE A 229 -54.30 -34.04 22.56
N GLY A 230 -55.47 -34.66 22.73
CA GLY A 230 -56.78 -34.11 22.38
C GLY A 230 -57.04 -32.63 22.66
N ARG A 231 -56.46 -32.11 23.76
CA ARG A 231 -56.55 -30.72 24.18
C ARG A 231 -55.39 -29.87 23.61
N PRO A 232 -55.61 -28.62 23.12
CA PRO A 232 -54.48 -27.80 22.66
C PRO A 232 -53.63 -27.27 23.81
N PHE A 233 -52.39 -26.96 23.47
CA PHE A 233 -51.28 -26.59 24.32
C PHE A 233 -51.45 -25.32 25.10
N THR A 234 -50.94 -25.37 26.33
CA THR A 234 -50.87 -24.31 27.34
C THR A 234 -49.80 -23.27 26.93
N GLU A 235 -49.56 -22.26 27.78
CA GLU A 235 -48.56 -21.21 27.57
C GLU A 235 -47.13 -21.71 27.60
N ALA A 236 -46.76 -22.44 28.65
CA ALA A 236 -45.43 -23.01 28.83
C ALA A 236 -45.12 -23.86 27.63
N GLU A 237 -46.04 -24.77 27.29
CA GLU A 237 -45.95 -25.67 26.16
C GLU A 237 -45.63 -24.96 24.88
N GLN A 238 -46.52 -24.05 24.45
CA GLN A 238 -46.32 -23.27 23.23
C GLN A 238 -45.00 -22.50 23.29
N GLN A 239 -44.62 -22.06 24.48
CA GLN A 239 -43.35 -21.35 24.60
C GLN A 239 -42.16 -22.26 24.27
N ILE A 240 -42.21 -23.53 24.74
CA ILE A 240 -41.18 -24.54 24.50
C ILE A 240 -41.13 -24.93 23.01
N MET A 241 -42.31 -25.04 22.32
CA MET A 241 -42.44 -25.38 20.89
C MET A 241 -41.83 -24.26 20.01
N GLU A 242 -41.97 -23.01 20.45
CA GLU A 242 -41.43 -21.82 19.78
C GLU A 242 -39.90 -21.89 19.84
N ILE A 243 -39.40 -22.17 21.07
CA ILE A 243 -37.96 -22.30 21.35
C ILE A 243 -37.35 -23.38 20.45
N ASP A 244 -38.02 -24.56 20.33
CA ASP A 244 -37.59 -25.69 19.52
C ASP A 244 -37.50 -25.34 18.04
N SER A 245 -38.53 -24.70 17.46
CA SER A 245 -38.55 -24.33 16.04
C SER A 245 -37.35 -23.44 15.64
N ARG A 246 -37.00 -22.48 16.52
CA ARG A 246 -35.90 -21.54 16.34
C ARG A 246 -34.54 -22.22 16.45
N ILE A 247 -34.42 -23.29 17.24
CA ILE A 247 -33.12 -23.96 17.51
C ILE A 247 -32.87 -25.19 16.66
N LYS A 248 -31.57 -25.50 16.40
CA LYS A 248 -31.14 -26.67 15.62
C LYS A 248 -31.34 -27.96 16.41
N GLY A 249 -31.20 -27.87 17.75
CA GLY A 249 -31.48 -28.99 18.64
C GLY A 249 -32.97 -29.21 18.83
N SER A 250 -33.34 -29.90 19.91
CA SER A 250 -34.73 -30.20 20.22
C SER A 250 -35.07 -30.05 21.70
N VAL A 251 -36.18 -29.35 21.99
CA VAL A 251 -36.75 -29.15 23.33
C VAL A 251 -38.27 -29.40 23.28
N LYS A 252 -38.75 -30.36 24.07
CA LYS A 252 -40.15 -30.77 24.10
C LYS A 252 -40.65 -30.73 25.54
N PHE A 253 -41.84 -30.19 25.74
CA PHE A 253 -42.43 -30.15 27.08
C PHE A 253 -43.93 -30.43 27.01
N VAL A 254 -44.40 -31.37 27.83
CA VAL A 254 -45.81 -31.74 27.96
C VAL A 254 -46.16 -31.77 29.45
N GLU A 255 -47.22 -31.06 29.82
CA GLU A 255 -47.67 -31.01 31.21
C GLU A 255 -48.66 -32.13 31.50
N VAL A 256 -48.38 -32.92 32.53
CA VAL A 256 -49.25 -34.00 32.97
C VAL A 256 -50.03 -33.46 34.19
N PRO A 257 -51.40 -33.49 34.17
CA PRO A 257 -52.17 -32.98 35.32
C PRO A 257 -51.81 -33.66 36.66
N GLY A 258 -51.25 -32.87 37.56
CA GLY A 258 -50.77 -33.34 38.85
C GLY A 258 -49.37 -33.88 38.73
N GLY A 259 -49.11 -34.99 39.41
CA GLY A 259 -47.82 -35.67 39.39
C GLY A 259 -46.77 -35.07 40.31
N GLU A 260 -46.19 -35.92 41.15
CA GLU A 260 -45.17 -35.55 42.13
C GLU A 260 -43.75 -35.62 41.56
N ILE A 261 -43.52 -36.41 40.49
CA ILE A 261 -42.18 -36.57 39.95
C ILE A 261 -42.00 -35.85 38.59
N ALA A 262 -41.13 -34.84 38.58
CA ALA A 262 -40.82 -34.04 37.38
C ALA A 262 -39.59 -34.51 36.60
N LEU A 263 -39.78 -34.78 35.32
CA LEU A 263 -38.69 -35.25 34.47
C LEU A 263 -38.05 -34.11 33.68
N LEU A 264 -36.70 -34.09 33.68
CA LEU A 264 -35.85 -33.17 32.91
C LEU A 264 -34.78 -34.08 32.28
N THR A 265 -35.23 -34.94 31.37
CA THR A 265 -34.38 -35.97 30.79
C THR A 265 -33.93 -35.68 29.34
N ALA A 266 -32.73 -36.18 29.02
CA ALA A 266 -32.08 -36.03 27.73
C ALA A 266 -32.38 -37.19 26.77
N GLY A 267 -32.85 -36.84 25.57
CA GLY A 267 -33.21 -37.77 24.51
C GLY A 267 -34.60 -38.35 24.66
N GLY A 268 -35.30 -38.51 23.54
CA GLY A 268 -36.65 -39.06 23.49
C GLY A 268 -36.77 -40.50 23.99
N GLY A 269 -35.83 -41.35 23.59
CA GLY A 269 -35.75 -42.74 24.02
C GLY A 269 -35.55 -42.90 25.51
N ALA A 270 -34.57 -42.18 26.08
CA ALA A 270 -34.30 -42.22 27.51
C ALA A 270 -35.44 -41.63 28.31
N SER A 271 -36.05 -40.50 27.84
CA SER A 271 -37.19 -39.84 28.49
C SER A 271 -38.38 -40.79 28.69
N VAL A 272 -38.68 -41.59 27.65
CA VAL A 272 -39.75 -42.59 27.66
C VAL A 272 -39.47 -43.71 28.69
N PHE A 273 -38.21 -44.19 28.75
CA PHE A 273 -37.84 -45.19 29.74
C PHE A 273 -37.91 -44.66 31.17
N TYR A 274 -37.61 -43.35 31.41
CA TYR A 274 -37.71 -42.73 32.73
C TYR A 274 -39.16 -42.59 33.19
N ALA A 275 -40.08 -42.24 32.24
CA ALA A 275 -41.51 -42.11 32.50
C ALA A 275 -42.10 -43.47 32.84
N ASP A 276 -41.72 -44.52 32.07
CA ASP A 276 -42.16 -45.91 32.27
C ASP A 276 -41.75 -46.37 33.66
N ALA A 277 -40.48 -46.05 34.07
CA ALA A 277 -39.88 -46.37 35.35
C ALA A 277 -40.70 -45.77 36.49
N VAL A 278 -41.11 -44.51 36.36
CA VAL A 278 -41.94 -43.81 37.35
C VAL A 278 -43.29 -44.51 37.54
N VAL A 279 -44.01 -44.75 36.43
CA VAL A 279 -45.32 -45.41 36.42
C VAL A 279 -45.22 -46.81 37.05
N ALA A 280 -44.24 -47.61 36.58
CA ALA A 280 -43.95 -48.97 37.05
C ALA A 280 -43.65 -49.01 38.55
N ARG A 281 -42.91 -47.99 39.06
CA ARG A 281 -42.54 -47.88 40.46
C ARG A 281 -43.68 -47.28 41.34
N GLY A 282 -44.87 -47.14 40.77
CA GLY A 282 -46.06 -46.65 41.46
C GLY A 282 -46.26 -45.15 41.40
N GLY A 283 -45.19 -44.43 41.09
CA GLY A 283 -45.17 -42.97 41.00
C GLY A 283 -46.09 -42.33 39.98
N THR A 284 -46.11 -40.99 40.00
CA THR A 284 -46.90 -40.15 39.10
C THR A 284 -45.98 -39.15 38.43
N ILE A 285 -46.10 -39.00 37.09
CA ILE A 285 -45.24 -38.04 36.37
C ILE A 285 -45.88 -36.65 36.38
N ALA A 286 -45.07 -35.64 36.72
CA ALA A 286 -45.49 -34.25 36.78
C ALA A 286 -45.52 -33.72 35.37
N ASN A 287 -44.54 -34.17 34.54
CA ASN A 287 -44.46 -33.76 33.13
C ASN A 287 -43.71 -34.75 32.28
N TYR A 288 -43.71 -34.49 30.97
CA TYR A 288 -42.85 -35.17 29.99
C TYR A 288 -41.94 -34.05 29.40
N ALA A 289 -40.61 -34.20 29.52
CA ALA A 289 -39.68 -33.23 29.00
C ALA A 289 -38.53 -33.95 28.35
N GLU A 290 -38.25 -33.58 27.11
CA GLU A 290 -37.15 -34.13 26.34
C GLU A 290 -36.31 -32.95 25.82
N TYR A 291 -34.99 -33.13 25.81
CA TYR A 291 -34.00 -32.22 25.20
C TYR A 291 -32.89 -33.06 24.51
N SER A 292 -32.67 -32.86 23.22
CA SER A 292 -31.72 -33.68 22.48
C SER A 292 -31.08 -32.89 21.34
N GLY A 293 -30.12 -33.52 20.68
CA GLY A 293 -29.45 -32.98 19.52
C GLY A 293 -28.57 -31.78 19.81
N ASP A 294 -27.89 -31.81 20.98
CA ASP A 294 -27.01 -30.73 21.49
C ASP A 294 -27.73 -29.37 21.45
N PRO A 295 -28.84 -29.22 22.20
CA PRO A 295 -29.55 -27.95 22.16
C PRO A 295 -28.75 -26.85 22.87
N ALA A 296 -29.07 -25.57 22.57
CA ALA A 296 -28.41 -24.39 23.14
C ALA A 296 -28.71 -24.29 24.63
N ASP A 297 -27.72 -23.86 25.43
CA ASP A 297 -27.91 -23.80 26.90
C ASP A 297 -29.16 -22.98 27.24
N TRP A 298 -29.30 -21.79 26.67
CA TRP A 298 -30.47 -20.97 27.01
C TRP A 298 -31.79 -21.72 26.85
N ALA A 299 -31.94 -22.53 25.77
CA ALA A 299 -33.15 -23.31 25.54
C ALA A 299 -33.33 -24.37 26.64
N VAL A 300 -32.21 -24.95 27.09
CA VAL A 300 -32.16 -25.94 28.15
C VAL A 300 -32.52 -25.25 29.46
N GLU A 301 -32.01 -24.00 29.68
CA GLU A 301 -32.30 -23.17 30.86
C GLU A 301 -33.80 -22.84 30.86
N ALA A 302 -34.35 -22.53 29.67
CA ALA A 302 -35.76 -22.21 29.49
C ALA A 302 -36.61 -23.41 29.93
N LEU A 303 -36.17 -24.64 29.51
CA LEU A 303 -36.84 -25.90 29.82
C LEU A 303 -36.78 -26.22 31.31
N THR A 304 -35.59 -26.05 31.92
CA THR A 304 -35.33 -26.26 33.36
C THR A 304 -36.26 -25.38 34.16
N GLU A 305 -36.30 -24.06 33.83
CA GLU A 305 -37.11 -23.05 34.50
C GLU A 305 -38.60 -23.42 34.52
N THR A 306 -39.15 -23.86 33.37
CA THR A 306 -40.53 -24.32 33.19
C THR A 306 -40.87 -25.49 34.14
N ILE A 307 -39.95 -26.48 34.22
CA ILE A 307 -40.09 -27.70 35.04
C ILE A 307 -40.14 -27.35 36.55
N CYS A 308 -39.34 -26.37 36.96
CA CYS A 308 -39.26 -25.90 38.34
C CYS A 308 -40.53 -25.13 38.74
N ARG A 309 -41.15 -24.41 37.78
CA ARG A 309 -42.39 -23.63 37.98
C ARG A 309 -43.61 -24.55 38.26
N LEU A 310 -43.53 -25.85 37.91
CA LEU A 310 -44.60 -26.87 38.08
C LEU A 310 -45.12 -27.05 39.52
N PRO A 311 -46.48 -27.17 39.68
CA PRO A 311 -47.06 -27.30 41.02
C PRO A 311 -46.90 -28.68 41.65
N ASN A 312 -46.73 -28.67 42.98
CA ASN A 312 -46.59 -29.82 43.89
C ASN A 312 -45.64 -30.93 43.37
N ILE A 313 -44.42 -30.54 43.06
CA ILE A 313 -43.43 -31.51 42.62
C ILE A 313 -42.47 -31.82 43.78
N LYS A 314 -42.25 -33.11 44.03
CA LYS A 314 -41.39 -33.52 45.15
C LYS A 314 -39.94 -33.78 44.75
N HIS A 315 -39.70 -34.47 43.61
CA HIS A 315 -38.36 -34.83 43.09
C HIS A 315 -38.20 -34.29 41.68
N ILE A 316 -36.96 -34.05 41.26
CA ILE A 316 -36.64 -33.68 39.86
C ILE A 316 -35.71 -34.79 39.35
N ILE A 317 -36.06 -35.41 38.19
CA ILE A 317 -35.25 -36.44 37.57
C ILE A 317 -34.52 -35.84 36.39
N VAL A 318 -33.23 -35.54 36.61
CA VAL A 318 -32.33 -34.98 35.61
C VAL A 318 -31.53 -36.18 35.11
N GLY A 319 -32.17 -36.98 34.26
CA GLY A 319 -31.57 -38.20 33.74
C GLY A 319 -31.25 -38.18 32.26
N GLY A 320 -30.73 -39.29 31.81
CA GLY A 320 -30.39 -39.48 30.42
C GLY A 320 -29.43 -40.63 30.28
N ALA A 321 -29.19 -41.02 29.03
CA ALA A 321 -28.26 -42.08 28.71
C ALA A 321 -26.87 -41.46 28.58
N ILE A 322 -25.95 -42.14 27.89
CA ILE A 322 -24.63 -41.57 27.63
C ILE A 322 -24.72 -40.89 26.24
N ALA A 323 -24.67 -39.55 26.22
CA ALA A 323 -24.76 -38.77 25.00
C ALA A 323 -23.64 -39.09 24.05
N ASN A 324 -23.94 -39.08 22.74
CA ASN A 324 -22.98 -39.34 21.67
C ASN A 324 -22.37 -38.03 21.22
N PHE A 325 -23.13 -36.93 21.26
CA PHE A 325 -22.60 -35.63 20.77
C PHE A 325 -23.06 -34.44 21.59
N THR A 326 -24.12 -34.58 22.42
CA THR A 326 -24.60 -33.48 23.26
C THR A 326 -23.55 -33.21 24.34
N ASP A 327 -23.05 -31.96 24.42
CA ASP A 327 -22.05 -31.57 25.42
C ASP A 327 -22.75 -31.51 26.76
N VAL A 328 -22.36 -32.41 27.72
CA VAL A 328 -23.03 -32.38 29.02
C VAL A 328 -22.63 -31.12 29.82
N LYS A 329 -21.39 -30.55 29.69
CA LYS A 329 -21.00 -29.32 30.41
C LYS A 329 -21.86 -28.11 29.97
N ALA A 330 -22.07 -27.92 28.66
CA ALA A 330 -22.89 -26.83 28.13
C ALA A 330 -24.34 -26.97 28.58
N THR A 331 -24.94 -28.13 28.34
CA THR A 331 -26.33 -28.38 28.72
C THR A 331 -26.54 -28.35 30.22
N PHE A 332 -25.56 -28.85 31.01
CA PHE A 332 -25.65 -28.80 32.46
C PHE A 332 -25.47 -27.39 32.95
N SER A 333 -24.76 -26.50 32.23
CA SER A 333 -24.67 -25.11 32.67
C SER A 333 -26.03 -24.39 32.52
N GLY A 334 -26.77 -24.74 31.46
CA GLY A 334 -28.10 -24.21 31.20
C GLY A 334 -29.07 -24.69 32.27
N ILE A 335 -28.94 -25.98 32.71
CA ILE A 335 -29.73 -26.64 33.78
C ILE A 335 -29.40 -25.99 35.12
N ILE A 336 -28.10 -25.78 35.40
CA ILE A 336 -27.60 -25.16 36.63
C ILE A 336 -28.13 -23.74 36.72
N ASN A 337 -27.96 -22.93 35.65
CA ASN A 337 -28.45 -21.55 35.59
C ASN A 337 -29.95 -21.45 35.87
N GLY A 338 -30.73 -22.34 35.25
CA GLY A 338 -32.17 -22.44 35.47
C GLY A 338 -32.55 -22.93 36.86
N PHE A 339 -31.69 -23.73 37.51
CA PHE A 339 -31.92 -24.21 38.89
C PHE A 339 -31.65 -23.09 39.87
N ARG A 340 -30.61 -22.28 39.62
CA ARG A 340 -30.20 -21.12 40.40
C ARG A 340 -31.27 -20.04 40.29
N GLU A 341 -31.80 -19.82 39.07
CA GLU A 341 -32.84 -18.85 38.76
C GLU A 341 -34.15 -19.19 39.49
N SER A 342 -34.49 -20.46 39.49
CA SER A 342 -35.69 -21.00 40.10
C SER A 342 -35.60 -21.01 41.62
N LYS A 343 -34.41 -21.31 42.17
CA LYS A 343 -34.15 -21.35 43.62
C LYS A 343 -34.17 -20.00 44.27
N SER A 344 -33.72 -18.96 43.55
CA SER A 344 -33.72 -17.58 44.05
C SER A 344 -35.15 -17.05 44.10
N LYS A 345 -36.04 -17.50 43.17
CA LYS A 345 -37.47 -17.14 43.11
C LYS A 345 -38.33 -17.93 44.13
N GLY A 346 -37.71 -18.87 44.83
CA GLY A 346 -38.32 -19.68 45.88
C GLY A 346 -39.09 -20.90 45.39
N TYR A 347 -38.75 -21.40 44.21
CA TYR A 347 -39.47 -22.53 43.63
C TYR A 347 -38.99 -23.92 44.07
N LEU A 348 -37.67 -24.06 44.31
CA LEU A 348 -37.05 -25.34 44.67
C LEU A 348 -36.83 -25.54 46.19
N GLU A 349 -37.83 -25.17 47.00
CA GLU A 349 -37.81 -25.31 48.45
C GLU A 349 -38.29 -26.72 48.84
N GLY A 350 -37.38 -27.54 49.36
CA GLY A 350 -37.68 -28.89 49.81
C GLY A 350 -37.52 -29.97 48.77
N VAL A 351 -37.59 -29.60 47.47
CA VAL A 351 -37.43 -30.53 46.35
C VAL A 351 -36.00 -31.10 46.28
N LYS A 352 -35.92 -32.42 46.09
CA LYS A 352 -34.67 -33.14 45.94
C LYS A 352 -34.45 -33.30 44.44
N ILE A 353 -33.22 -33.10 43.97
CA ILE A 353 -32.87 -33.24 42.56
C ILE A 353 -32.04 -34.52 42.43
N TRP A 354 -32.36 -35.36 41.41
CA TRP A 354 -31.68 -36.62 41.12
C TRP A 354 -31.03 -36.53 39.75
N VAL A 355 -29.69 -36.57 39.72
CA VAL A 355 -28.91 -36.45 38.50
C VAL A 355 -28.20 -37.76 38.17
N ARG A 356 -28.35 -38.22 36.93
CA ARG A 356 -27.66 -39.38 36.37
C ARG A 356 -27.45 -39.07 34.90
N ARG A 357 -26.20 -38.96 34.48
CA ARG A 357 -25.88 -38.59 33.11
C ARG A 357 -24.48 -39.07 32.68
N GLY A 358 -24.33 -39.21 31.36
CA GLY A 358 -23.09 -39.51 30.65
C GLY A 358 -23.07 -38.77 29.34
N GLY A 359 -21.89 -38.58 28.75
CA GLY A 359 -21.79 -37.89 27.48
C GLY A 359 -20.57 -37.01 27.37
N PRO A 360 -20.29 -36.41 26.19
CA PRO A 360 -19.08 -35.58 26.07
C PRO A 360 -19.03 -34.48 27.12
N ASN A 361 -17.87 -34.42 27.85
CA ASN A 361 -17.56 -33.52 28.96
C ASN A 361 -18.44 -33.79 30.19
N GLU A 362 -18.69 -35.10 30.47
CA GLU A 362 -19.48 -35.54 31.63
C GLU A 362 -18.79 -35.24 32.95
N ALA A 363 -17.44 -35.33 33.01
CA ALA A 363 -16.69 -35.02 34.24
C ALA A 363 -16.93 -33.59 34.71
N GLN A 364 -16.69 -32.62 33.79
CA GLN A 364 -16.87 -31.18 34.01
C GLN A 364 -18.31 -30.80 34.36
N GLY A 365 -19.30 -31.28 33.58
CA GLY A 365 -20.71 -30.98 33.83
C GLY A 365 -21.22 -31.58 35.13
N LEU A 366 -20.82 -32.87 35.42
CA LEU A 366 -21.22 -33.56 36.65
C LEU A 366 -20.61 -32.91 37.88
N ALA A 367 -19.36 -32.42 37.78
CA ALA A 367 -18.66 -31.71 38.86
C ALA A 367 -19.34 -30.36 39.12
N ALA A 368 -19.75 -29.66 38.06
CA ALA A 368 -20.47 -28.39 38.13
C ALA A 368 -21.83 -28.54 38.81
N ILE A 369 -22.55 -29.64 38.52
CA ILE A 369 -23.85 -29.92 39.11
C ILE A 369 -23.76 -30.36 40.61
N LYS A 370 -22.70 -31.09 40.99
CA LYS A 370 -22.47 -31.54 42.38
C LYS A 370 -22.01 -30.36 43.25
N GLN A 371 -21.47 -29.28 42.63
CA GLN A 371 -21.11 -28.07 43.38
C GLN A 371 -22.39 -27.46 43.91
N LEU A 372 -23.50 -27.54 43.15
CA LEU A 372 -24.79 -27.02 43.59
C LEU A 372 -25.21 -27.50 44.97
N GLN A 373 -24.50 -28.49 45.57
CA GLN A 373 -24.69 -28.94 46.95
C GLN A 373 -24.28 -27.86 47.96
N GLU A 374 -23.23 -27.05 47.64
CA GLU A 374 -22.80 -26.07 48.63
C GLU A 374 -23.74 -24.84 48.63
N GLU A 375 -24.57 -24.70 47.58
CA GLU A 375 -25.57 -23.64 47.45
C GLU A 375 -26.88 -24.00 48.16
N GLY A 376 -26.91 -25.13 48.86
CA GLY A 376 -28.05 -25.59 49.65
C GLY A 376 -29.07 -26.48 48.97
N PHE A 377 -28.77 -26.94 47.73
CA PHE A 377 -29.65 -27.83 46.97
C PHE A 377 -29.52 -29.27 47.46
N ASP A 378 -30.69 -29.96 47.64
CA ASP A 378 -30.74 -31.38 48.03
C ASP A 378 -30.54 -32.24 46.72
N ILE A 379 -29.34 -32.09 46.12
CA ILE A 379 -28.99 -32.71 44.85
C ILE A 379 -28.08 -33.94 45.02
N HIS A 380 -28.52 -35.09 44.43
CA HIS A 380 -27.78 -36.37 44.38
C HIS A 380 -27.37 -36.57 42.92
N VAL A 381 -26.05 -36.61 42.68
CA VAL A 381 -25.53 -36.75 41.31
C VAL A 381 -24.71 -38.06 41.22
N TYR A 382 -25.10 -38.86 40.23
CA TYR A 382 -24.53 -40.17 39.91
C TYR A 382 -23.96 -40.18 38.49
N ASP A 383 -23.02 -41.09 38.27
CA ASP A 383 -22.40 -41.28 36.98
C ASP A 383 -22.99 -42.55 36.34
N ARG A 384 -22.45 -42.95 35.17
CA ARG A 384 -22.83 -44.13 34.37
C ARG A 384 -22.91 -45.45 35.16
N SER A 385 -22.10 -45.61 36.24
CA SER A 385 -22.09 -46.82 37.08
C SER A 385 -23.48 -47.12 37.72
N MET A 386 -24.26 -46.04 37.99
CA MET A 386 -25.64 -46.08 38.47
C MET A 386 -26.50 -46.45 37.24
N PRO A 387 -27.18 -47.64 37.19
CA PRO A 387 -28.03 -47.97 36.03
C PRO A 387 -28.97 -46.79 35.79
N MET A 388 -29.22 -46.47 34.50
CA MET A 388 -29.99 -45.32 34.00
C MET A 388 -31.25 -44.90 34.78
N THR A 389 -32.29 -45.77 34.80
CA THR A 389 -33.59 -45.52 35.43
C THR A 389 -33.59 -45.94 36.91
N ASP A 390 -32.42 -46.28 37.50
CA ASP A 390 -32.40 -46.70 38.91
C ASP A 390 -32.39 -45.52 39.87
N ILE A 391 -32.30 -44.28 39.37
CA ILE A 391 -32.44 -43.08 40.21
C ILE A 391 -33.90 -42.88 40.58
N VAL A 392 -34.82 -43.40 39.75
CA VAL A 392 -36.28 -43.36 39.97
C VAL A 392 -36.62 -44.16 41.24
N ASP A 393 -35.88 -45.25 41.50
CA ASP A 393 -36.08 -46.10 42.69
C ASP A 393 -35.67 -45.33 43.94
N LEU A 394 -34.46 -44.75 43.89
CA LEU A 394 -33.86 -43.94 44.95
C LEU A 394 -34.76 -42.77 45.33
N ALA A 395 -35.47 -42.22 44.31
CA ALA A 395 -36.40 -41.10 44.46
C ALA A 395 -37.72 -41.58 45.08
N MET A 396 -38.23 -42.76 44.66
CA MET A 396 -39.47 -43.37 45.17
C MET A 396 -39.32 -43.73 46.65
N LYS A 397 -38.14 -44.22 47.04
CA LYS A 397 -37.82 -44.62 48.40
C LYS A 397 -37.80 -43.41 49.35
N SER A 398 -37.43 -42.21 48.87
CA SER A 398 -37.42 -40.97 49.65
C SER A 398 -38.84 -40.39 49.80
N SER B 2 -18.52 -58.66 14.19
CA SER B 2 -18.92 -57.39 13.60
C SER B 2 -19.87 -57.66 12.43
N ILE B 3 -20.75 -56.67 12.04
CA ILE B 3 -21.65 -57.00 10.93
C ILE B 3 -21.55 -56.06 9.70
N LEU B 4 -21.57 -54.74 9.80
CA LEU B 4 -21.59 -54.03 8.49
C LEU B 4 -20.35 -53.26 8.16
N ALA B 5 -19.73 -52.69 9.17
CA ALA B 5 -18.55 -51.90 9.10
C ALA B 5 -17.42 -52.79 9.62
N ASN B 6 -16.29 -52.81 8.91
CA ASN B 6 -15.14 -53.60 9.33
C ASN B 6 -13.87 -52.86 8.90
N LYS B 7 -12.68 -53.45 9.11
CA LYS B 7 -11.41 -52.80 8.75
C LYS B 7 -11.25 -52.55 7.23
N ASP B 8 -12.19 -53.03 6.40
CA ASP B 8 -12.19 -52.83 4.96
C ASP B 8 -13.12 -51.70 4.52
N THR B 9 -13.93 -51.16 5.46
CA THR B 9 -14.83 -50.04 5.21
C THR B 9 -14.01 -48.77 4.97
N ARG B 10 -14.26 -48.09 3.84
CA ARG B 10 -13.66 -46.79 3.47
C ARG B 10 -14.86 -45.92 3.10
N ALA B 11 -15.02 -44.75 3.79
CA ALA B 11 -16.16 -43.85 3.60
C ALA B 11 -15.88 -42.57 2.88
N VAL B 12 -16.98 -42.03 2.35
CA VAL B 12 -17.15 -40.71 1.71
C VAL B 12 -18.24 -40.09 2.58
N ILE B 13 -17.98 -38.87 3.07
CA ILE B 13 -18.97 -38.18 3.87
C ILE B 13 -19.61 -37.11 2.99
N ILE B 14 -20.91 -37.21 2.77
CA ILE B 14 -21.66 -36.26 1.96
C ILE B 14 -22.37 -35.34 2.94
N GLY B 15 -21.84 -34.15 3.12
CA GLY B 15 -22.38 -33.17 4.05
C GLY B 15 -21.32 -32.15 4.40
N GLY B 16 -21.71 -31.15 5.17
CA GLY B 16 -20.85 -30.05 5.58
C GLY B 16 -20.20 -30.21 6.93
N VAL B 17 -20.37 -29.22 7.81
CA VAL B 17 -19.73 -29.13 9.14
C VAL B 17 -20.12 -30.31 10.03
N ALA B 18 -21.38 -30.80 9.94
CA ALA B 18 -21.84 -31.97 10.70
C ALA B 18 -21.06 -33.20 10.25
N GLY B 19 -20.83 -33.30 8.94
CA GLY B 19 -20.03 -34.37 8.36
C GLY B 19 -18.59 -34.31 8.84
N VAL B 20 -17.99 -33.12 8.86
CA VAL B 20 -16.62 -32.94 9.33
C VAL B 20 -16.47 -33.32 10.81
N ASN B 21 -17.47 -33.00 11.65
CA ASN B 21 -17.45 -33.42 13.07
C ASN B 21 -17.53 -34.91 13.18
N ALA B 22 -18.36 -35.57 12.34
CA ALA B 22 -18.44 -37.05 12.30
C ALA B 22 -17.06 -37.66 11.98
N ALA B 23 -16.39 -37.13 10.94
CA ALA B 23 -15.06 -37.53 10.46
C ALA B 23 -14.01 -37.37 11.56
N LYS B 24 -14.10 -36.28 12.33
CA LYS B 24 -13.14 -36.06 13.43
C LYS B 24 -13.31 -37.12 14.51
N ARG B 25 -14.56 -37.53 14.79
CA ARG B 25 -14.84 -38.57 15.76
C ARG B 25 -14.37 -39.93 15.25
N MET B 26 -14.62 -40.23 13.96
CA MET B 26 -14.17 -41.46 13.31
C MET B 26 -12.64 -41.53 13.36
N ALA B 27 -11.90 -40.38 13.14
CA ALA B 27 -10.43 -40.32 13.23
C ALA B 27 -9.91 -40.67 14.62
N GLN B 28 -10.63 -40.31 15.68
CA GLN B 28 -10.27 -40.64 17.07
C GLN B 28 -10.36 -42.12 17.25
N PHE B 29 -11.41 -42.78 16.68
CA PHE B 29 -11.57 -44.23 16.76
C PHE B 29 -10.42 -44.91 15.99
N ASP B 30 -10.16 -44.44 14.72
CA ASP B 30 -9.08 -44.97 13.87
C ASP B 30 -7.71 -44.91 14.57
N PHE B 31 -7.47 -43.89 15.38
CA PHE B 31 -6.26 -43.77 16.18
C PHE B 31 -6.24 -44.87 17.29
N LEU B 32 -7.35 -44.99 18.05
CA LEU B 32 -7.50 -45.96 19.14
C LEU B 32 -7.29 -47.42 18.71
N VAL B 33 -7.91 -47.82 17.58
CA VAL B 33 -7.84 -49.20 17.08
C VAL B 33 -6.66 -49.37 16.10
N ASN B 34 -5.87 -48.31 15.93
CA ASN B 34 -4.71 -48.27 15.05
C ASN B 34 -5.04 -48.77 13.64
N ARG B 35 -5.95 -48.07 12.97
CA ARG B 35 -6.32 -48.37 11.60
C ARG B 35 -6.17 -47.11 10.74
N PRO B 36 -6.01 -47.23 9.39
CA PRO B 36 -5.96 -46.03 8.56
C PRO B 36 -7.32 -45.33 8.57
N LEU B 37 -7.31 -44.03 8.31
CA LEU B 37 -8.51 -43.19 8.29
C LEU B 37 -9.64 -43.79 7.46
N THR B 38 -10.86 -43.84 8.01
CA THR B 38 -12.03 -44.38 7.32
C THR B 38 -12.49 -43.39 6.26
N VAL B 39 -12.58 -42.10 6.60
CA VAL B 39 -12.99 -41.03 5.68
C VAL B 39 -11.89 -40.82 4.66
N GLN B 40 -12.24 -40.95 3.39
CA GLN B 40 -11.33 -40.82 2.28
C GLN B 40 -11.56 -39.50 1.58
N ALA B 41 -12.81 -39.00 1.61
CA ALA B 41 -13.24 -37.81 0.90
C ALA B 41 -14.51 -37.24 1.51
N PHE B 42 -14.80 -35.98 1.15
CA PHE B 42 -16.01 -35.25 1.47
C PHE B 42 -16.62 -34.81 0.17
N VAL B 43 -17.93 -34.77 0.12
CA VAL B 43 -18.65 -34.27 -1.06
C VAL B 43 -19.54 -33.17 -0.49
N TYR B 44 -19.27 -31.93 -0.91
CA TYR B 44 -19.99 -30.76 -0.46
C TYR B 44 -19.75 -29.63 -1.46
N PRO B 45 -20.68 -29.43 -2.42
CA PRO B 45 -20.48 -28.33 -3.41
C PRO B 45 -20.17 -26.97 -2.79
N PRO B 46 -20.79 -26.45 -1.66
CA PRO B 46 -20.39 -25.14 -1.14
C PRO B 46 -18.91 -24.96 -0.83
N GLU B 47 -18.22 -26.03 -0.44
CA GLU B 47 -16.81 -26.02 -0.04
C GLU B 47 -15.94 -26.83 -1.01
N ALA B 48 -16.43 -27.09 -2.23
CA ALA B 48 -15.68 -27.87 -3.23
C ALA B 48 -14.30 -27.27 -3.51
N GLY B 49 -13.29 -28.12 -3.52
CA GLY B 49 -11.91 -27.72 -3.76
C GLY B 49 -11.05 -27.53 -2.52
N GLN B 50 -11.70 -27.27 -1.38
CA GLN B 50 -11.01 -27.10 -0.10
C GLN B 50 -10.56 -28.46 0.45
N GLN B 51 -9.74 -28.41 1.49
CA GLN B 51 -9.28 -29.60 2.20
C GLN B 51 -9.63 -29.42 3.68
N LYS B 52 -10.03 -30.50 4.32
CA LYS B 52 -10.36 -30.48 5.74
C LYS B 52 -9.21 -31.09 6.53
N GLU B 53 -8.74 -30.40 7.56
CA GLU B 53 -7.67 -30.89 8.45
C GLU B 53 -8.37 -31.78 9.54
N ILE B 54 -8.08 -33.05 9.51
CA ILE B 54 -8.60 -34.02 10.46
C ILE B 54 -7.43 -34.69 11.20
N PHE B 55 -7.40 -34.60 12.54
CA PHE B 55 -6.34 -35.26 13.32
C PHE B 55 -6.61 -36.72 13.63
N ARG B 56 -5.69 -37.59 13.26
CA ARG B 56 -5.70 -39.01 13.63
C ARG B 56 -4.67 -39.08 14.77
N GLY B 57 -5.15 -38.85 15.99
CA GLY B 57 -4.30 -38.71 17.17
C GLY B 57 -3.62 -37.37 17.12
N GLY B 58 -2.29 -37.38 16.98
CA GLY B 58 -1.49 -36.19 16.86
C GLY B 58 -1.10 -35.86 15.43
N GLU B 59 -1.41 -36.74 14.49
CA GLU B 59 -1.09 -36.62 13.08
C GLU B 59 -2.24 -35.98 12.28
N LEU B 60 -1.93 -34.89 11.57
CA LEU B 60 -2.88 -34.16 10.76
C LEU B 60 -3.05 -34.83 9.43
N LYS B 61 -4.29 -35.05 9.04
CA LYS B 61 -4.65 -35.66 7.75
C LYS B 61 -5.45 -34.64 6.97
N ASN B 62 -5.10 -34.39 5.72
CA ASN B 62 -5.84 -33.44 4.88
C ASN B 62 -6.81 -34.23 4.01
N VAL B 63 -8.11 -34.05 4.20
CA VAL B 63 -9.13 -34.77 3.42
C VAL B 63 -9.77 -33.80 2.40
N THR B 64 -9.77 -34.17 1.11
CA THR B 64 -10.29 -33.31 0.04
C THR B 64 -11.79 -33.24 -0.01
N VAL B 65 -12.33 -32.01 -0.33
CA VAL B 65 -13.78 -31.75 -0.52
C VAL B 65 -14.06 -31.65 -2.04
N TYR B 66 -14.92 -32.54 -2.54
CA TYR B 66 -15.32 -32.64 -3.95
C TYR B 66 -16.70 -32.02 -4.19
N ASP B 67 -16.95 -31.57 -5.41
CA ASP B 67 -18.23 -31.00 -5.85
C ASP B 67 -19.31 -32.10 -5.93
N SER B 68 -18.92 -33.29 -6.41
CA SER B 68 -19.84 -34.40 -6.60
C SER B 68 -19.18 -35.73 -6.31
N LEU B 69 -20.01 -36.79 -6.26
CA LEU B 69 -19.58 -38.13 -5.93
C LEU B 69 -18.72 -38.78 -7.00
N ALA B 70 -19.03 -38.56 -8.28
CA ALA B 70 -18.27 -39.10 -9.42
C ALA B 70 -16.76 -38.78 -9.34
N PRO B 71 -16.31 -37.50 -9.19
CA PRO B 71 -14.87 -37.26 -9.02
C PRO B 71 -14.29 -37.82 -7.71
N ALA B 72 -15.10 -37.89 -6.63
CA ALA B 72 -14.62 -38.43 -5.35
C ALA B 72 -14.25 -39.88 -5.50
N LEU B 73 -15.12 -40.70 -6.11
CA LEU B 73 -14.90 -42.13 -6.35
C LEU B 73 -13.86 -42.40 -7.42
N GLU B 74 -13.69 -41.46 -8.36
CA GLU B 74 -12.70 -41.56 -9.41
C GLU B 74 -11.33 -41.45 -8.74
N GLU B 75 -11.18 -40.50 -7.80
CA GLU B 75 -9.93 -40.28 -7.09
C GLU B 75 -9.71 -41.27 -5.96
N HIS B 76 -10.79 -41.88 -5.42
CA HIS B 76 -10.73 -42.84 -4.30
C HIS B 76 -11.60 -44.03 -4.63
N PRO B 77 -11.13 -44.98 -5.48
CA PRO B 77 -12.00 -46.13 -5.90
C PRO B 77 -12.32 -47.09 -4.77
N ASP B 78 -11.47 -47.01 -3.75
CA ASP B 78 -11.37 -47.59 -2.41
C ASP B 78 -12.70 -47.49 -1.62
N ILE B 79 -13.44 -46.36 -1.76
CA ILE B 79 -14.68 -46.04 -1.06
C ILE B 79 -15.79 -47.04 -1.37
N ASN B 80 -16.44 -47.53 -0.30
CA ASN B 80 -17.52 -48.51 -0.40
C ASN B 80 -18.72 -48.13 0.49
N THR B 81 -18.62 -46.98 1.17
CA THR B 81 -19.63 -46.52 2.11
C THR B 81 -19.85 -45.02 1.97
N ALA B 82 -21.11 -44.59 2.12
CA ALA B 82 -21.47 -43.19 2.08
C ALA B 82 -22.26 -42.84 3.32
N LEU B 83 -21.90 -41.72 3.95
CA LEU B 83 -22.60 -41.22 5.11
C LEU B 83 -23.21 -39.90 4.71
N ILE B 84 -24.54 -39.75 4.87
CA ILE B 84 -25.30 -38.55 4.48
C ILE B 84 -25.55 -37.69 5.70
N TYR B 85 -24.95 -36.50 5.69
CA TYR B 85 -24.98 -35.47 6.73
C TYR B 85 -25.64 -34.20 6.23
N LEU B 86 -26.45 -34.29 5.18
CA LEU B 86 -27.14 -33.16 4.58
C LEU B 86 -28.52 -33.01 5.21
N GLY B 87 -29.12 -31.84 5.05
CA GLY B 87 -30.47 -31.60 5.55
C GLY B 87 -31.52 -32.32 4.72
N ALA B 88 -32.76 -32.44 5.26
CA ALA B 88 -33.91 -33.14 4.66
C ALA B 88 -34.18 -32.85 3.17
N SER B 89 -34.03 -31.58 2.75
CA SER B 89 -34.31 -31.17 1.38
C SER B 89 -33.34 -31.72 0.33
N ARG B 90 -32.13 -32.12 0.77
CA ARG B 90 -31.06 -32.62 -0.12
C ARG B 90 -30.60 -34.05 0.15
N ALA B 91 -30.88 -34.59 1.36
CA ALA B 91 -30.43 -35.89 1.82
C ALA B 91 -30.85 -37.04 0.91
N ALA B 92 -32.13 -37.16 0.57
CA ALA B 92 -32.65 -38.23 -0.28
C ALA B 92 -32.01 -38.26 -1.68
N GLN B 93 -31.77 -37.09 -2.33
CA GLN B 93 -31.11 -37.05 -3.65
C GLN B 93 -29.65 -37.51 -3.53
N ALA B 94 -28.96 -37.10 -2.46
CA ALA B 94 -27.56 -37.51 -2.21
C ALA B 94 -27.51 -39.01 -1.94
N ALA B 95 -28.50 -39.55 -1.20
CA ALA B 95 -28.60 -40.98 -0.89
C ALA B 95 -28.87 -41.76 -2.17
N LYS B 96 -29.70 -41.23 -3.10
CA LYS B 96 -30.00 -41.85 -4.40
C LYS B 96 -28.71 -41.98 -5.20
N GLU B 97 -27.96 -40.87 -5.34
CA GLU B 97 -26.68 -40.79 -6.05
C GLU B 97 -25.70 -41.82 -5.52
N ALA B 98 -25.61 -41.95 -4.18
CA ALA B 98 -24.72 -42.92 -3.53
C ALA B 98 -25.14 -44.36 -3.81
N LEU B 99 -26.44 -44.67 -3.69
CA LEU B 99 -26.98 -46.00 -3.96
C LEU B 99 -26.76 -46.41 -5.41
N GLU B 100 -26.87 -45.46 -6.36
CA GLU B 100 -26.66 -45.71 -7.79
C GLU B 100 -25.18 -45.84 -8.21
N SER B 101 -24.21 -45.43 -7.35
CA SER B 101 -22.76 -45.55 -7.58
C SER B 101 -22.37 -47.02 -7.42
N PRO B 102 -21.77 -47.66 -8.46
CA PRO B 102 -21.43 -49.10 -8.32
C PRO B 102 -20.46 -49.47 -7.20
N ASN B 103 -19.62 -48.53 -6.77
CA ASN B 103 -18.63 -48.72 -5.68
C ASN B 103 -19.28 -48.85 -4.28
N ILE B 104 -20.32 -48.01 -4.00
CA ILE B 104 -21.00 -47.91 -2.71
C ILE B 104 -21.89 -49.10 -2.42
N GLN B 105 -21.65 -49.78 -1.29
CA GLN B 105 -22.45 -50.94 -0.88
C GLN B 105 -23.37 -50.64 0.30
N LEU B 106 -22.99 -49.67 1.13
CA LEU B 106 -23.69 -49.23 2.33
C LEU B 106 -23.81 -47.72 2.32
N VAL B 107 -25.05 -47.21 2.54
CA VAL B 107 -25.42 -45.80 2.67
C VAL B 107 -26.12 -45.63 4.04
N SER B 108 -25.57 -44.78 4.91
CA SER B 108 -26.17 -44.48 6.20
C SER B 108 -26.53 -42.99 6.25
N MET B 109 -27.73 -42.63 6.74
CA MET B 109 -28.25 -41.26 6.87
C MET B 109 -28.48 -40.86 8.31
N ILE B 110 -27.92 -39.70 8.77
CA ILE B 110 -28.19 -39.16 10.13
C ILE B 110 -29.39 -38.25 10.09
N THR B 111 -29.68 -37.70 8.91
CA THR B 111 -30.72 -36.70 8.64
C THR B 111 -32.04 -37.01 9.30
N GLU B 112 -32.63 -35.98 9.92
CA GLU B 112 -33.96 -36.03 10.51
C GLU B 112 -34.89 -35.21 9.63
N GLY B 113 -36.17 -35.58 9.63
CA GLY B 113 -37.19 -34.90 8.83
C GLY B 113 -37.20 -35.27 7.36
N VAL B 114 -36.65 -36.45 7.00
CA VAL B 114 -36.67 -36.96 5.63
C VAL B 114 -38.09 -37.46 5.35
N PRO B 115 -38.79 -36.90 4.31
CA PRO B 115 -40.16 -37.34 4.02
C PRO B 115 -40.28 -38.84 3.89
N GLU B 116 -41.34 -39.42 4.50
CA GLU B 116 -41.61 -40.85 4.48
C GLU B 116 -41.61 -41.36 3.05
N LYS B 117 -42.21 -40.60 2.11
CA LYS B 117 -42.25 -40.93 0.68
C LYS B 117 -40.82 -41.13 0.15
N ASP B 118 -39.88 -40.26 0.55
CA ASP B 118 -38.47 -40.35 0.13
C ASP B 118 -37.77 -41.57 0.71
N ALA B 119 -37.94 -41.84 2.02
CA ALA B 119 -37.36 -43.01 2.68
C ALA B 119 -37.90 -44.32 2.06
N LYS B 120 -39.20 -44.38 1.73
CA LYS B 120 -39.83 -45.53 1.09
C LYS B 120 -39.21 -45.81 -0.31
N ARG B 121 -39.04 -44.75 -1.12
CA ARG B 121 -38.42 -44.77 -2.45
C ARG B 121 -36.98 -45.23 -2.37
N LEU B 122 -36.23 -44.75 -1.37
CA LEU B 122 -34.83 -45.13 -1.16
C LEU B 122 -34.69 -46.58 -0.71
N LYS B 123 -35.63 -47.09 0.12
CA LYS B 123 -35.62 -48.47 0.57
C LYS B 123 -35.82 -49.40 -0.64
N LYS B 124 -36.75 -49.02 -1.54
CA LYS B 124 -37.12 -49.75 -2.76
C LYS B 124 -35.90 -49.78 -3.69
N LEU B 125 -35.24 -48.63 -3.90
CA LEU B 125 -34.04 -48.51 -4.73
C LEU B 125 -32.88 -49.37 -4.17
N ALA B 126 -32.64 -49.34 -2.85
CA ALA B 126 -31.59 -50.12 -2.21
C ALA B 126 -31.84 -51.62 -2.41
N GLN B 127 -33.12 -52.05 -2.37
CA GLN B 127 -33.51 -53.44 -2.60
C GLN B 127 -33.26 -53.87 -4.03
N LYS B 128 -33.62 -53.02 -5.02
CA LYS B 128 -33.42 -53.30 -6.45
C LYS B 128 -31.95 -53.50 -6.73
N LEU B 129 -31.10 -52.60 -6.23
CA LEU B 129 -29.66 -52.60 -6.41
C LEU B 129 -28.89 -53.58 -5.50
N GLY B 130 -29.58 -54.22 -4.57
CA GLY B 130 -28.98 -55.15 -3.62
C GLY B 130 -27.99 -54.49 -2.67
N LYS B 131 -28.30 -53.28 -2.22
CA LYS B 131 -27.46 -52.47 -1.32
C LYS B 131 -28.12 -52.26 0.02
N MET B 132 -27.33 -51.88 1.02
CA MET B 132 -27.79 -51.64 2.37
C MET B 132 -28.00 -50.15 2.59
N LEU B 133 -29.15 -49.79 3.15
CA LEU B 133 -29.51 -48.42 3.52
C LEU B 133 -29.84 -48.40 5.00
N ASN B 134 -29.10 -47.61 5.76
CA ASN B 134 -29.30 -47.47 7.20
C ASN B 134 -29.83 -46.05 7.44
N GLY B 135 -30.84 -45.94 8.30
CA GLY B 135 -31.50 -44.69 8.60
C GLY B 135 -32.74 -44.49 7.73
N PRO B 136 -33.22 -43.24 7.55
CA PRO B 136 -32.65 -41.97 8.04
C PRO B 136 -32.78 -41.85 9.56
N SER B 137 -32.19 -40.79 10.15
CA SER B 137 -32.18 -40.54 11.60
C SER B 137 -31.34 -41.56 12.34
N SER B 138 -30.25 -42.07 11.70
CA SER B 138 -29.35 -43.02 12.36
C SER B 138 -28.06 -42.34 12.79
N ILE B 139 -27.72 -42.44 14.09
CA ILE B 139 -26.49 -41.87 14.63
C ILE B 139 -25.23 -42.56 14.04
N GLY B 140 -25.38 -43.80 13.56
CA GLY B 140 -24.30 -44.55 12.93
C GLY B 140 -24.28 -46.02 13.19
N ILE B 141 -23.12 -46.63 12.90
CA ILE B 141 -22.78 -48.04 13.00
C ILE B 141 -21.41 -48.08 13.66
N MET B 142 -21.26 -48.94 14.66
CA MET B 142 -20.01 -49.05 15.42
C MET B 142 -19.63 -50.51 15.51
N SER B 143 -18.46 -50.89 15.00
CA SER B 143 -17.91 -52.24 15.08
C SER B 143 -16.67 -52.15 15.95
N ALA B 144 -16.76 -52.65 17.20
CA ALA B 144 -15.68 -52.58 18.17
C ALA B 144 -14.38 -53.18 17.62
N GLY B 145 -13.30 -52.40 17.73
CA GLY B 145 -11.97 -52.77 17.29
C GLY B 145 -11.78 -52.70 15.78
N GLU B 146 -12.82 -52.33 15.01
CA GLU B 146 -12.78 -52.36 13.55
C GLU B 146 -13.16 -51.10 12.83
N CYS B 147 -14.35 -50.53 13.09
CA CYS B 147 -14.85 -49.38 12.35
C CYS B 147 -15.91 -48.64 13.07
N ARG B 148 -15.91 -47.31 12.96
CA ARG B 148 -16.92 -46.41 13.49
C ARG B 148 -17.43 -45.58 12.31
N LEU B 149 -18.74 -45.59 12.09
CA LEU B 149 -19.35 -44.77 11.05
C LEU B 149 -20.29 -43.83 11.81
N GLY B 150 -20.02 -42.55 11.79
CA GLY B 150 -20.79 -41.57 12.53
C GLY B 150 -20.21 -41.21 13.87
N VAL B 151 -20.96 -40.40 14.64
CA VAL B 151 -20.57 -39.93 15.99
C VAL B 151 -20.90 -40.94 17.12
N ILE B 152 -21.56 -42.07 16.78
CA ILE B 152 -21.95 -43.16 17.69
C ILE B 152 -20.76 -43.61 18.57
N GLY B 153 -20.94 -43.61 19.89
CA GLY B 153 -19.88 -43.94 20.83
C GLY B 153 -19.31 -42.78 21.63
N GLY B 154 -19.68 -41.55 21.27
CA GLY B 154 -19.29 -40.32 21.96
C GLY B 154 -17.82 -39.99 22.09
N GLU B 155 -17.42 -39.42 23.25
CA GLU B 155 -16.06 -38.97 23.54
C GLU B 155 -15.05 -40.15 23.62
N PHE B 156 -13.76 -39.86 23.39
CA PHE B 156 -12.68 -40.85 23.41
C PHE B 156 -12.64 -41.69 24.69
N LYS B 157 -12.85 -41.06 25.85
CA LYS B 157 -12.91 -41.73 27.18
C LYS B 157 -14.04 -42.80 27.18
N ASN B 158 -15.15 -42.52 26.46
CA ASN B 158 -16.25 -43.47 26.36
C ASN B 158 -15.87 -44.69 25.53
N LEU B 159 -15.10 -44.49 24.44
CA LEU B 159 -14.64 -45.63 23.61
C LEU B 159 -13.86 -46.60 24.48
N LYS B 160 -13.05 -46.08 25.44
CA LYS B 160 -12.22 -46.86 26.35
C LYS B 160 -13.05 -47.53 27.44
N LEU B 161 -14.04 -46.80 28.00
CA LEU B 161 -14.94 -47.33 29.04
C LEU B 161 -15.85 -48.44 28.54
N CYS B 162 -16.26 -48.36 27.26
CA CYS B 162 -17.14 -49.34 26.64
C CYS B 162 -16.36 -50.46 25.92
N ASN B 163 -15.01 -50.43 26.04
CA ASN B 163 -14.08 -51.39 25.46
C ASN B 163 -14.29 -51.55 23.97
N LEU B 164 -14.48 -50.41 23.30
CA LEU B 164 -14.76 -50.38 21.86
C LEU B 164 -13.50 -50.57 21.01
N TYR B 165 -12.38 -50.90 21.68
CA TYR B 165 -11.09 -51.14 20.98
C TYR B 165 -10.91 -52.63 20.69
N ARG B 166 -11.86 -53.46 21.06
CA ARG B 166 -11.79 -54.93 20.79
C ARG B 166 -13.20 -55.49 20.77
N GLN B 167 -13.39 -56.63 20.09
CA GLN B 167 -14.73 -57.27 19.94
C GLN B 167 -15.15 -58.00 21.22
N GLY B 168 -16.44 -57.91 21.55
CA GLY B 168 -17.03 -58.57 22.71
C GLY B 168 -17.90 -59.68 22.16
N SER B 169 -19.07 -59.91 22.74
CA SER B 169 -19.97 -60.99 22.31
C SER B 169 -21.39 -60.54 22.05
N PHE B 170 -21.67 -59.24 22.29
CA PHE B 170 -23.00 -58.67 22.20
C PHE B 170 -23.22 -57.73 21.02
N GLY B 171 -24.32 -57.92 20.32
CA GLY B 171 -24.71 -57.03 19.23
C GLY B 171 -25.69 -56.05 19.82
N VAL B 172 -25.80 -54.85 19.25
CA VAL B 172 -26.72 -53.82 19.74
C VAL B 172 -27.55 -53.32 18.58
N LEU B 173 -28.87 -53.29 18.78
CA LEU B 173 -29.85 -52.81 17.80
C LEU B 173 -30.80 -51.83 18.51
N THR B 174 -30.78 -50.57 18.12
CA THR B 174 -31.69 -49.62 18.73
C THR B 174 -32.32 -48.78 17.64
N LYS B 175 -33.44 -48.13 17.96
CA LYS B 175 -34.08 -47.17 17.08
C LYS B 175 -33.41 -45.83 17.44
N SER B 176 -33.36 -45.52 18.76
CA SER B 176 -32.80 -44.38 19.47
C SER B 176 -31.26 -44.33 19.42
N GLY B 177 -30.74 -43.17 19.09
CA GLY B 177 -29.30 -42.94 19.03
C GLY B 177 -28.64 -42.92 20.39
N GLY B 178 -29.18 -42.11 21.31
CA GLY B 178 -28.68 -41.98 22.67
C GLY B 178 -28.65 -43.28 23.44
N LEU B 179 -29.59 -44.21 23.12
CA LEU B 179 -29.71 -45.49 23.77
C LEU B 179 -28.75 -46.55 23.24
N SER B 180 -28.17 -46.35 22.04
CA SER B 180 -27.19 -47.32 21.56
C SER B 180 -25.91 -47.16 22.41
N ASN B 181 -25.54 -45.91 22.72
CA ASN B 181 -24.41 -45.62 23.59
C ASN B 181 -24.61 -46.17 25.02
N GLU B 182 -25.85 -46.13 25.54
CA GLU B 182 -26.17 -46.67 26.85
C GLU B 182 -26.08 -48.19 26.80
N ALA B 183 -26.52 -48.80 25.68
CA ALA B 183 -26.49 -50.25 25.51
C ALA B 183 -25.09 -50.74 25.40
N MET B 184 -24.23 -50.04 24.67
CA MET B 184 -22.81 -50.37 24.51
C MET B 184 -22.12 -50.41 25.86
N TRP B 185 -22.48 -49.48 26.74
CA TRP B 185 -21.93 -49.35 28.08
C TRP B 185 -22.42 -50.51 28.93
N LEU B 186 -23.72 -50.86 28.83
CA LEU B 186 -24.32 -51.94 29.57
C LEU B 186 -23.68 -53.29 29.27
N CYS B 187 -23.23 -53.48 28.01
CA CYS B 187 -22.56 -54.69 27.54
C CYS B 187 -21.14 -54.73 28.02
N ALA B 188 -20.47 -53.58 28.14
CA ALA B 188 -19.10 -53.51 28.66
C ALA B 188 -19.13 -53.73 30.17
N GLN B 189 -20.08 -53.08 30.88
CA GLN B 189 -20.28 -53.14 32.32
C GLN B 189 -20.72 -54.53 32.87
N ASN B 190 -21.63 -55.23 32.16
CA ASN B 190 -22.24 -56.50 32.59
C ASN B 190 -21.89 -57.73 31.75
N GLY B 191 -21.32 -57.49 30.57
CA GLY B 191 -20.88 -58.53 29.65
C GLY B 191 -19.42 -58.33 29.32
N ASP B 192 -19.04 -58.62 28.06
CA ASP B 192 -17.65 -58.45 27.60
C ASP B 192 -17.50 -57.40 26.48
N GLY B 193 -18.52 -56.57 26.30
CA GLY B 193 -18.55 -55.58 25.25
C GLY B 193 -19.35 -56.03 24.05
N ILE B 194 -19.37 -55.18 23.04
CA ILE B 194 -20.11 -55.37 21.81
C ILE B 194 -19.25 -55.92 20.64
N THR B 195 -19.93 -56.45 19.61
CA THR B 195 -19.37 -56.87 18.33
C THR B 195 -19.63 -55.65 17.41
N SER B 196 -20.94 -55.38 17.13
CA SER B 196 -21.44 -54.23 16.36
C SER B 196 -22.67 -53.61 17.05
N ALA B 197 -22.81 -52.30 16.99
CA ALA B 197 -23.95 -51.52 17.48
C ALA B 197 -24.51 -50.78 16.26
N VAL B 198 -25.80 -50.95 16.00
CA VAL B 198 -26.48 -50.30 14.90
C VAL B 198 -27.68 -49.54 15.43
N ALA B 199 -27.76 -48.25 15.08
CA ALA B 199 -28.91 -47.40 15.36
C ALA B 199 -29.68 -47.44 14.02
N ILE B 200 -30.87 -48.02 14.00
CA ILE B 200 -31.64 -48.18 12.76
C ILE B 200 -32.40 -46.90 12.37
N GLY B 201 -32.53 -45.99 13.33
CA GLY B 201 -33.26 -44.75 13.13
C GLY B 201 -34.64 -44.80 13.77
N GLY B 202 -35.17 -43.64 14.10
CA GLY B 202 -36.48 -43.54 14.74
C GLY B 202 -37.64 -43.23 13.81
N ASP B 203 -37.36 -43.20 12.50
CA ASP B 203 -38.34 -42.87 11.47
C ASP B 203 -39.35 -43.99 11.25
N ALA B 204 -40.57 -43.65 10.74
CA ALA B 204 -41.66 -44.59 10.48
C ALA B 204 -41.22 -45.72 9.60
N TYR B 205 -40.40 -45.41 8.57
CA TYR B 205 -39.90 -46.35 7.59
C TYR B 205 -38.37 -46.37 7.50
N PRO B 206 -37.69 -47.15 8.38
CA PRO B 206 -36.21 -47.24 8.29
C PRO B 206 -35.81 -48.00 7.02
N GLY B 207 -34.60 -47.73 6.53
CA GLY B 207 -34.06 -48.37 5.33
C GLY B 207 -33.91 -49.86 5.48
N THR B 208 -33.51 -50.30 6.68
CA THR B 208 -33.32 -51.69 7.09
C THR B 208 -33.95 -51.85 8.47
N ASP B 209 -34.79 -52.84 8.65
CA ASP B 209 -35.47 -53.09 9.93
C ASP B 209 -34.63 -53.99 10.86
N PHE B 210 -35.17 -54.31 12.05
CA PHE B 210 -34.53 -55.18 13.04
C PHE B 210 -34.20 -56.59 12.50
N VAL B 211 -35.17 -57.29 11.83
CA VAL B 211 -34.96 -58.64 11.30
C VAL B 211 -33.77 -58.69 10.32
N THR B 212 -33.65 -57.71 9.42
CA THR B 212 -32.55 -57.60 8.46
C THR B 212 -31.19 -57.65 9.19
N TYR B 213 -31.09 -56.94 10.30
CA TYR B 213 -29.88 -56.91 11.12
C TYR B 213 -29.68 -58.14 11.96
N LEU B 214 -30.77 -58.70 12.52
CA LEU B 214 -30.77 -59.93 13.30
C LEU B 214 -30.30 -61.12 12.45
N GLU B 215 -30.64 -61.14 11.15
CA GLU B 215 -30.21 -62.16 10.21
C GLU B 215 -28.70 -62.12 10.08
N MET B 216 -28.14 -60.90 9.96
CA MET B 216 -26.70 -60.63 9.84
C MET B 216 -25.96 -61.01 11.12
N PHE B 217 -26.53 -60.72 12.30
CA PHE B 217 -25.95 -61.04 13.59
C PHE B 217 -25.92 -62.54 13.81
N GLU B 218 -26.97 -63.24 13.34
CA GLU B 218 -27.10 -64.70 13.42
C GLU B 218 -25.98 -65.40 12.63
N LYS B 219 -25.55 -64.80 11.52
CA LYS B 219 -24.46 -65.27 10.68
C LYS B 219 -23.06 -64.82 11.18
N ASP B 220 -22.97 -63.83 12.08
CA ASP B 220 -21.68 -63.39 12.65
C ASP B 220 -21.29 -64.34 13.82
N PRO B 221 -20.24 -65.17 13.66
CA PRO B 221 -19.85 -66.10 14.74
C PRO B 221 -19.50 -65.46 16.09
N ALA B 222 -18.98 -64.22 16.06
CA ALA B 222 -18.57 -63.44 17.24
C ALA B 222 -19.76 -63.01 18.10
N THR B 223 -20.92 -62.71 17.47
CA THR B 223 -22.13 -62.30 18.17
C THR B 223 -22.85 -63.53 18.74
N LYS B 224 -22.98 -63.57 20.05
CA LYS B 224 -23.63 -64.68 20.76
C LYS B 224 -25.01 -64.26 21.30
N ALA B 225 -25.23 -62.96 21.45
CA ALA B 225 -26.47 -62.35 21.95
C ALA B 225 -26.65 -60.97 21.32
N VAL B 226 -27.91 -60.50 21.22
CA VAL B 226 -28.24 -59.17 20.70
C VAL B 226 -29.14 -58.44 21.69
N VAL B 227 -28.77 -57.20 22.02
CA VAL B 227 -29.53 -56.31 22.89
C VAL B 227 -30.31 -55.39 21.94
N MET B 228 -31.62 -55.56 21.88
CA MET B 228 -32.49 -54.80 21.02
C MET B 228 -33.35 -53.85 21.85
N ILE B 229 -33.24 -52.56 21.56
CA ILE B 229 -33.98 -51.51 22.28
C ILE B 229 -34.96 -50.85 21.32
N GLY B 230 -36.23 -51.18 21.50
CA GLY B 230 -37.32 -50.63 20.70
C GLY B 230 -38.27 -49.73 21.48
N GLU B 231 -39.40 -49.40 20.83
CA GLU B 231 -40.44 -48.55 21.40
C GLU B 231 -41.76 -48.77 20.69
N VAL B 232 -42.84 -48.24 21.28
CA VAL B 232 -44.20 -48.21 20.73
C VAL B 232 -44.20 -47.58 19.32
N GLY B 233 -45.01 -48.14 18.42
CA GLY B 233 -45.13 -47.65 17.05
C GLY B 233 -44.55 -48.60 16.02
N GLY B 234 -45.35 -48.95 15.03
CA GLY B 234 -44.96 -49.89 13.98
C GLY B 234 -44.97 -51.33 14.48
N ASN B 235 -44.46 -52.27 13.67
CA ASN B 235 -44.41 -53.68 14.04
C ASN B 235 -43.02 -54.28 13.80
N LEU B 236 -42.00 -53.42 13.84
CA LEU B 236 -40.62 -53.82 13.69
C LEU B 236 -40.15 -54.82 14.76
N GLU B 237 -40.64 -54.67 15.99
CA GLU B 237 -40.29 -55.54 17.12
C GLU B 237 -41.13 -56.81 17.07
N GLU B 238 -42.36 -56.72 16.53
CA GLU B 238 -43.28 -57.85 16.34
C GLU B 238 -42.65 -58.81 15.33
N GLU B 239 -42.19 -58.26 14.21
CA GLU B 239 -41.51 -58.98 13.12
C GLU B 239 -40.23 -59.65 13.61
N ALA B 240 -39.50 -59.00 14.57
CA ALA B 240 -38.30 -59.55 15.20
C ALA B 240 -38.68 -60.75 16.09
N ALA B 241 -39.84 -60.68 16.81
CA ALA B 241 -40.33 -61.79 17.62
C ALA B 241 -40.74 -62.97 16.71
N GLU B 242 -41.30 -62.65 15.53
CA GLU B 242 -41.67 -63.59 14.48
C GLU B 242 -40.38 -64.27 13.99
N TRP B 243 -39.32 -63.51 13.67
CA TRP B 243 -38.01 -64.01 13.24
C TRP B 243 -37.40 -64.99 14.27
N LEU B 244 -37.45 -64.63 15.57
CA LEU B 244 -36.92 -65.45 16.66
C LEU B 244 -37.70 -66.77 16.86
N ALA B 245 -39.03 -66.72 16.72
CA ALA B 245 -39.90 -67.88 16.90
C ALA B 245 -39.83 -68.86 15.69
N ALA B 246 -39.69 -68.31 14.47
CA ALA B 246 -39.70 -68.99 13.18
C ALA B 246 -38.75 -70.20 13.06
N GLU B 247 -37.53 -70.08 13.62
CA GLU B 247 -36.48 -71.10 13.50
C GLU B 247 -35.63 -71.17 14.78
N PRO B 248 -34.86 -72.28 15.01
CA PRO B 248 -33.92 -72.30 16.15
C PRO B 248 -32.79 -71.33 15.91
N ARG B 249 -32.67 -70.26 16.74
CA ARG B 249 -31.60 -69.26 16.56
C ARG B 249 -30.45 -69.45 17.55
N ARG B 250 -29.23 -69.25 17.07
CA ARG B 250 -27.99 -69.37 17.82
C ARG B 250 -27.85 -68.21 18.80
N ILE B 251 -28.21 -67.00 18.34
CA ILE B 251 -28.13 -65.80 19.15
C ILE B 251 -29.31 -65.72 20.10
N LYS B 252 -29.04 -65.24 21.30
CA LYS B 252 -30.01 -64.93 22.34
C LYS B 252 -30.46 -63.50 22.10
N LEU B 253 -31.73 -63.20 22.35
CA LEU B 253 -32.23 -61.86 22.15
C LEU B 253 -32.67 -61.27 23.47
N ILE B 254 -32.10 -60.11 23.84
CA ILE B 254 -32.43 -59.36 25.05
C ILE B 254 -33.16 -58.11 24.53
N ALA B 255 -34.39 -57.86 25.02
CA ALA B 255 -35.15 -56.73 24.49
C ALA B 255 -35.84 -55.89 25.53
N ALA B 256 -35.80 -54.56 25.34
CA ALA B 256 -36.45 -53.53 26.18
C ALA B 256 -37.27 -52.64 25.24
N ILE B 257 -38.55 -52.45 25.58
CA ILE B 257 -39.50 -51.69 24.76
C ILE B 257 -40.02 -50.48 25.55
N GLY B 258 -39.78 -49.27 25.01
CA GLY B 258 -40.28 -48.05 25.60
C GLY B 258 -41.73 -47.80 25.22
N GLY B 259 -42.50 -47.21 26.13
CA GLY B 259 -43.89 -46.85 25.89
C GLY B 259 -44.95 -47.58 26.67
N THR B 260 -44.62 -48.06 27.89
CA THR B 260 -45.60 -48.76 28.73
C THR B 260 -46.45 -47.72 29.50
N CYS B 261 -46.47 -46.45 29.02
CA CYS B 261 -47.27 -45.36 29.57
C CYS B 261 -48.69 -45.57 29.00
N GLN B 262 -49.32 -46.67 29.45
CA GLN B 262 -50.67 -47.16 29.11
C GLN B 262 -51.62 -46.82 30.25
N GLU B 263 -51.16 -45.89 31.10
CA GLU B 263 -51.86 -45.37 32.27
C GLU B 263 -52.02 -43.86 32.08
N VAL B 264 -51.24 -43.30 31.14
CA VAL B 264 -51.29 -41.89 30.76
C VAL B 264 -51.55 -41.79 29.24
N LEU B 265 -52.13 -40.67 28.78
CA LEU B 265 -52.46 -40.42 27.37
C LEU B 265 -51.27 -39.78 26.62
N ALA B 283 -52.32 -52.29 18.92
CA ALA B 283 -51.69 -53.12 17.90
C ALA B 283 -50.15 -52.96 17.91
N GLY B 284 -49.68 -51.72 18.02
CA GLY B 284 -48.26 -51.40 18.09
C GLY B 284 -47.82 -51.05 19.50
N SER B 285 -48.57 -51.57 20.50
CA SER B 285 -48.42 -51.39 21.95
C SER B 285 -47.11 -51.95 22.52
N ALA B 286 -46.49 -51.26 23.50
CA ALA B 286 -45.29 -51.75 24.18
C ALA B 286 -45.55 -52.99 25.02
N ARG B 287 -46.83 -53.28 25.40
CA ARG B 287 -47.15 -54.50 26.15
C ARG B 287 -47.23 -55.63 25.13
N SER B 288 -47.85 -55.34 23.95
CA SER B 288 -47.99 -56.27 22.83
C SER B 288 -46.59 -56.63 22.26
N LYS B 289 -45.67 -55.67 22.23
CA LYS B 289 -44.32 -55.94 21.77
C LYS B 289 -43.55 -56.79 22.79
N MET B 290 -43.64 -56.43 24.09
CA MET B 290 -42.97 -57.17 25.17
C MET B 290 -43.50 -58.60 25.26
N ASN B 291 -44.82 -58.78 25.02
CA ASN B 291 -45.43 -60.10 25.08
C ASN B 291 -45.04 -60.97 23.88
N ALA B 292 -45.00 -60.38 22.67
CA ALA B 292 -44.57 -61.12 21.48
C ALA B 292 -43.15 -61.62 21.65
N LEU B 293 -42.23 -60.75 22.08
CA LEU B 293 -40.83 -61.12 22.28
C LEU B 293 -40.64 -62.16 23.39
N ARG B 294 -41.26 -61.96 24.57
CA ARG B 294 -41.20 -62.87 25.71
C ARG B 294 -41.67 -64.27 25.30
N ASP B 295 -42.80 -64.35 24.53
CA ASP B 295 -43.39 -65.59 24.00
C ASP B 295 -42.46 -66.29 22.99
N ALA B 296 -41.74 -65.50 22.19
CA ALA B 296 -40.78 -65.95 21.18
C ALA B 296 -39.46 -66.48 21.80
N GLY B 297 -39.28 -66.30 23.11
CA GLY B 297 -38.10 -66.74 23.85
C GLY B 297 -37.04 -65.71 24.15
N ALA B 298 -37.34 -64.41 23.95
CA ALA B 298 -36.41 -63.31 24.24
C ALA B 298 -36.37 -62.99 25.73
N TYR B 299 -35.24 -62.44 26.22
CA TYR B 299 -35.03 -61.99 27.60
C TYR B 299 -35.58 -60.55 27.66
N VAL B 300 -36.79 -60.38 28.22
CA VAL B 300 -37.44 -59.06 28.28
C VAL B 300 -37.58 -58.55 29.73
N PRO B 301 -36.80 -57.52 30.16
CA PRO B 301 -36.98 -57.01 31.54
C PRO B 301 -38.23 -56.11 31.67
N ASP B 302 -38.77 -55.99 32.90
CA ASP B 302 -39.93 -55.14 33.21
C ASP B 302 -39.61 -53.65 33.06
N THR B 303 -38.36 -53.24 33.39
CA THR B 303 -37.88 -51.86 33.26
C THR B 303 -36.53 -51.87 32.55
N PHE B 304 -36.03 -50.69 32.15
CA PHE B 304 -34.73 -50.55 31.49
C PHE B 304 -33.61 -50.92 32.47
N GLY B 305 -33.85 -50.76 33.76
CA GLY B 305 -32.88 -51.11 34.80
C GLY B 305 -32.58 -52.60 34.86
N GLY B 306 -33.56 -53.43 34.53
CA GLY B 306 -33.44 -54.89 34.51
C GLY B 306 -32.61 -55.42 33.37
N LEU B 307 -32.34 -54.58 32.36
CA LEU B 307 -31.56 -54.91 31.16
C LEU B 307 -30.11 -55.30 31.52
N SER B 308 -29.51 -54.65 32.54
CA SER B 308 -28.15 -54.96 33.02
C SER B 308 -28.11 -56.37 33.62
N LYS B 309 -29.19 -56.77 34.28
CA LYS B 309 -29.36 -58.08 34.90
C LYS B 309 -29.53 -59.16 33.84
N GLU B 310 -30.22 -58.85 32.72
CA GLU B 310 -30.45 -59.78 31.60
C GLU B 310 -29.14 -60.05 30.86
N ILE B 311 -28.29 -59.00 30.72
CA ILE B 311 -26.97 -59.08 30.09
C ILE B 311 -26.05 -59.94 30.97
N LYS B 312 -26.06 -59.73 32.31
CA LYS B 312 -25.24 -60.51 33.24
C LYS B 312 -25.63 -61.99 33.20
N LYS B 313 -26.96 -62.27 33.08
CA LYS B 313 -27.55 -63.60 32.99
C LYS B 313 -27.01 -64.35 31.76
N VAL B 314 -27.13 -63.73 30.57
CA VAL B 314 -26.68 -64.27 29.28
C VAL B 314 -25.15 -64.45 29.26
N TYR B 315 -24.39 -63.49 29.81
CA TYR B 315 -22.92 -63.53 29.87
C TYR B 315 -22.39 -64.64 30.79
N GLU B 316 -23.08 -64.90 31.90
CA GLU B 316 -22.72 -65.97 32.81
C GLU B 316 -23.03 -67.33 32.20
N GLU B 317 -24.13 -67.44 31.41
CA GLU B 317 -24.51 -68.66 30.68
C GLU B 317 -23.42 -68.94 29.66
N LEU B 318 -22.98 -67.91 28.92
CA LEU B 318 -21.91 -67.99 27.93
C LEU B 318 -20.56 -68.44 28.51
N ILE B 319 -20.22 -68.00 29.72
CA ILE B 319 -18.98 -68.45 30.35
C ILE B 319 -19.11 -69.95 30.69
N ALA B 320 -20.21 -70.33 31.37
CA ALA B 320 -20.54 -71.70 31.79
C ALA B 320 -20.61 -72.68 30.62
N ALA B 321 -21.28 -72.27 29.54
CA ALA B 321 -21.44 -73.04 28.30
C ALA B 321 -20.19 -72.98 27.40
N GLY B 322 -19.10 -72.35 27.88
CA GLY B 322 -17.83 -72.24 27.18
C GLY B 322 -17.90 -71.61 25.80
N GLU B 323 -18.57 -70.46 25.68
CA GLU B 323 -18.73 -69.73 24.42
C GLU B 323 -17.93 -68.44 24.45
N ILE B 324 -17.58 -67.99 25.67
CA ILE B 324 -16.77 -66.80 25.96
C ILE B 324 -15.56 -67.24 26.77
N SER B 325 -14.38 -66.71 26.44
CA SER B 325 -13.16 -67.02 27.15
C SER B 325 -12.78 -65.85 28.04
N THR B 326 -12.36 -66.15 29.28
CA THR B 326 -11.95 -65.16 30.28
C THR B 326 -10.46 -64.77 30.05
N GLU B 327 -10.19 -64.15 28.88
CA GLU B 327 -8.87 -63.69 28.46
C GLU B 327 -8.79 -62.18 28.71
N ILE B 328 -8.11 -61.80 29.81
CA ILE B 328 -7.94 -60.43 30.30
C ILE B 328 -7.44 -59.46 29.21
N ASP B 329 -7.92 -58.20 29.25
CA ASP B 329 -7.62 -57.10 28.31
C ASP B 329 -6.13 -56.72 28.24
N GLU B 330 -5.36 -57.58 27.54
CA GLU B 330 -3.92 -57.48 27.30
C GLU B 330 -3.62 -56.44 26.21
N ALA B 331 -3.79 -55.15 26.58
CA ALA B 331 -3.54 -54.04 25.66
C ALA B 331 -3.13 -52.73 26.34
N VAL B 332 -2.01 -52.13 25.88
CA VAL B 332 -1.54 -50.81 26.32
C VAL B 332 -2.11 -49.82 25.27
N LEU B 333 -3.25 -49.22 25.63
CA LEU B 333 -4.05 -48.35 24.78
C LEU B 333 -3.47 -46.96 24.51
N PRO B 334 -3.63 -46.40 23.28
CA PRO B 334 -3.11 -45.05 23.03
C PRO B 334 -4.00 -43.98 23.64
N GLU B 335 -3.41 -42.90 24.13
CA GLU B 335 -4.16 -41.81 24.71
C GLU B 335 -4.12 -40.60 23.79
N LEU B 336 -5.22 -39.82 23.77
CA LEU B 336 -5.31 -38.64 22.91
C LEU B 336 -4.28 -37.57 23.29
N PRO B 337 -3.51 -37.09 22.30
CA PRO B 337 -2.52 -36.03 22.60
C PRO B 337 -3.18 -34.74 23.07
N PRO B 338 -2.63 -34.06 24.12
CA PRO B 338 -3.21 -32.79 24.57
C PRO B 338 -2.96 -31.64 23.56
N ARG B 339 -3.73 -30.54 23.67
CA ARG B 339 -3.50 -29.35 22.86
C ARG B 339 -2.29 -28.64 23.51
N VAL B 340 -1.50 -27.94 22.69
CA VAL B 340 -0.30 -27.21 23.10
C VAL B 340 -0.56 -26.30 24.33
N GLN B 341 -1.71 -25.60 24.39
CA GLN B 341 -2.10 -24.72 25.51
C GLN B 341 -2.21 -25.46 26.84
N GLU B 342 -2.72 -26.73 26.82
CA GLU B 342 -2.84 -27.56 28.02
C GLU B 342 -1.46 -27.84 28.58
N VAL B 343 -0.53 -28.33 27.71
CA VAL B 343 0.85 -28.69 28.06
C VAL B 343 1.61 -27.46 28.59
N MET B 344 1.32 -26.28 28.00
CA MET B 344 1.91 -25.01 28.39
C MET B 344 1.48 -24.58 29.76
N LYS B 345 0.16 -24.64 30.07
CA LYS B 345 -0.45 -24.34 31.38
C LYS B 345 0.30 -25.13 32.47
N GLN B 346 0.58 -26.43 32.20
CA GLN B 346 1.32 -27.32 33.09
C GLN B 346 2.84 -27.09 33.07
N GLY B 347 3.34 -26.24 32.15
CA GLY B 347 4.75 -25.92 31.94
C GLY B 347 5.58 -27.12 31.50
N GLU B 348 4.95 -28.06 30.77
CA GLU B 348 5.56 -29.30 30.30
C GLU B 348 6.14 -29.19 28.89
N VAL B 349 5.99 -28.02 28.25
CA VAL B 349 6.53 -27.72 26.92
C VAL B 349 7.05 -26.26 26.88
N ILE B 350 8.07 -26.00 26.02
CA ILE B 350 8.59 -24.65 25.81
C ILE B 350 8.09 -24.15 24.47
N VAL B 351 7.34 -23.03 24.49
CA VAL B 351 6.84 -22.35 23.30
C VAL B 351 7.49 -20.98 23.27
N GLU B 352 8.43 -20.75 22.35
CA GLU B 352 9.08 -19.45 22.19
C GLU B 352 8.07 -18.60 21.40
N PRO B 353 7.64 -17.42 21.98
CA PRO B 353 6.63 -16.62 21.30
C PRO B 353 7.09 -16.10 19.95
N LEU B 354 6.17 -15.85 19.02
CA LEU B 354 6.51 -15.34 17.71
C LEU B 354 6.82 -13.85 17.82
N ILE B 355 6.05 -13.11 18.65
CA ILE B 355 6.25 -11.68 18.89
C ILE B 355 6.10 -11.35 20.36
N ARG B 356 6.67 -10.22 20.77
CA ARG B 356 6.54 -9.61 22.09
C ARG B 356 5.92 -8.24 21.90
N THR B 357 4.86 -7.96 22.66
CA THR B 357 4.19 -6.66 22.65
C THR B 357 4.34 -6.04 24.03
N THR B 358 4.56 -4.74 24.09
CA THR B 358 4.68 -4.09 25.39
C THR B 358 3.66 -2.96 25.60
N ILE B 359 2.87 -2.60 24.57
CA ILE B 359 2.03 -1.40 24.59
C ILE B 359 0.57 -1.63 24.87
N SER B 360 -0.01 -2.77 24.52
CA SER B 360 -1.42 -2.98 24.81
C SER B 360 -1.78 -4.43 25.03
N ASP B 361 -2.83 -4.66 25.82
CA ASP B 361 -3.37 -5.95 26.17
C ASP B 361 -4.85 -5.96 25.85
N ASP B 362 -5.22 -6.80 24.91
CA ASP B 362 -6.58 -6.96 24.42
C ASP B 362 -7.32 -8.15 25.11
N ARG B 363 -6.59 -9.02 25.82
CA ARG B 363 -7.06 -10.24 26.47
C ARG B 363 -8.18 -10.10 27.51
N GLY B 364 -8.41 -8.90 28.06
CA GLY B 364 -9.47 -8.65 29.03
C GLY B 364 -10.78 -8.26 28.37
N GLU B 365 -11.70 -7.64 29.16
CA GLU B 365 -13.04 -7.19 28.68
C GLU B 365 -12.93 -6.07 27.65
N GLU B 366 -11.86 -5.28 27.74
CA GLU B 366 -11.52 -4.15 26.87
C GLU B 366 -10.03 -3.95 26.85
N PRO B 367 -9.47 -3.26 25.84
CA PRO B 367 -8.00 -3.09 25.81
C PRO B 367 -7.48 -2.19 26.91
N ARG B 368 -6.28 -2.49 27.34
CA ARG B 368 -5.53 -1.70 28.29
C ARG B 368 -4.36 -1.09 27.51
N TYR B 369 -4.30 0.24 27.43
CA TYR B 369 -3.21 0.92 26.71
C TYR B 369 -2.23 1.36 27.75
N ALA B 370 -1.01 0.79 27.75
CA ALA B 370 0.03 1.07 28.75
C ALA B 370 -0.48 0.89 30.23
N GLY B 371 -1.35 -0.11 30.41
CA GLY B 371 -1.90 -0.45 31.71
C GLY B 371 -3.23 0.16 32.04
N TYR B 372 -3.66 1.15 31.25
CA TYR B 372 -4.92 1.90 31.47
C TYR B 372 -6.09 1.39 30.60
N ALA B 373 -7.27 1.12 31.24
CA ALA B 373 -8.46 0.66 30.48
C ALA B 373 -8.94 1.76 29.55
N ALA B 374 -9.10 1.43 28.26
CA ALA B 374 -9.56 2.35 27.21
C ALA B 374 -10.82 3.16 27.56
N SER B 375 -11.86 2.55 28.17
CA SER B 375 -13.14 3.22 28.53
C SER B 375 -13.03 4.11 29.75
N GLU B 376 -12.13 3.72 30.67
CA GLU B 376 -11.81 4.47 31.89
C GLU B 376 -11.16 5.82 31.47
N LEU B 377 -10.33 5.81 30.43
CA LEU B 377 -9.72 7.04 29.89
C LEU B 377 -10.80 7.98 29.33
N CYS B 378 -11.80 7.45 28.59
CA CYS B 378 -12.93 8.22 28.04
C CYS B 378 -13.71 8.89 29.16
N SER B 379 -14.18 8.08 30.15
CA SER B 379 -14.97 8.51 31.31
C SER B 379 -14.31 9.64 32.10
N LYS B 380 -12.98 9.52 32.35
CA LYS B 380 -12.25 10.48 33.17
C LYS B 380 -11.79 11.73 32.39
N GLY B 381 -12.27 11.86 31.17
CA GLY B 381 -12.09 13.05 30.35
C GLY B 381 -10.82 13.21 29.55
N TYR B 382 -10.18 12.09 29.22
CA TYR B 382 -8.97 12.11 28.41
C TYR B 382 -9.33 12.18 26.94
N GLY B 383 -8.39 12.48 26.08
CA GLY B 383 -8.68 12.61 24.65
C GLY B 383 -7.83 11.74 23.76
N ILE B 384 -7.95 11.98 22.46
CA ILE B 384 -7.17 11.26 21.43
C ILE B 384 -5.68 11.48 21.67
N GLU B 385 -5.30 12.73 21.96
CA GLU B 385 -3.89 13.08 22.20
C GLU B 385 -3.28 12.29 23.37
N ASP B 386 -4.09 11.95 24.37
CA ASP B 386 -3.67 11.19 25.54
C ASP B 386 -3.50 9.70 25.17
N VAL B 387 -4.31 9.18 24.25
CA VAL B 387 -4.18 7.81 23.74
C VAL B 387 -2.92 7.68 22.85
N ILE B 388 -2.58 8.73 22.09
CA ILE B 388 -1.36 8.80 21.28
C ILE B 388 -0.13 8.65 22.19
N GLY B 389 -0.07 9.43 23.26
CA GLY B 389 1.01 9.37 24.23
C GLY B 389 1.11 8.04 24.94
N LEU B 390 -0.01 7.42 25.29
CA LEU B 390 0.03 6.10 25.94
C LEU B 390 0.56 5.00 25.01
N LEU B 391 0.05 4.95 23.78
CA LEU B 391 0.46 3.91 22.83
C LEU B 391 1.86 4.16 22.25
N TRP B 392 2.33 5.41 22.18
CA TRP B 392 3.64 5.69 21.61
C TRP B 392 4.75 5.96 22.64
N ASN B 393 4.42 6.40 23.85
CA ASN B 393 5.46 6.65 24.88
C ASN B 393 5.29 5.78 26.12
N LYS B 394 4.13 5.08 26.26
CA LYS B 394 3.82 4.21 27.40
C LYS B 394 3.68 5.01 28.69
N LYS B 395 3.38 6.33 28.56
CA LYS B 395 3.18 7.27 29.66
C LYS B 395 2.03 8.18 29.29
N LEU B 396 1.18 8.48 30.28
CA LEU B 396 0.05 9.41 30.15
C LEU B 396 0.67 10.80 30.00
N PRO B 397 0.36 11.57 28.93
CA PRO B 397 1.02 12.88 28.77
C PRO B 397 0.60 13.91 29.82
N THR B 398 1.42 14.92 30.01
CA THR B 398 1.03 16.01 30.89
C THR B 398 0.17 16.96 30.07
N ARG B 399 -0.68 17.78 30.74
CA ARG B 399 -1.55 18.75 30.07
C ARG B 399 -0.77 19.56 28.99
N GLU B 400 0.47 20.03 29.29
CA GLU B 400 1.33 20.76 28.37
C GLU B 400 1.64 19.90 27.13
N GLU B 401 2.21 18.69 27.33
CA GLU B 401 2.51 17.73 26.25
C GLU B 401 1.24 17.45 25.39
N SER B 402 0.15 17.12 26.06
CA SER B 402 -1.12 16.82 25.44
C SER B 402 -1.58 17.97 24.49
N GLU B 403 -1.46 19.22 24.93
CA GLU B 403 -1.82 20.42 24.18
C GLU B 403 -0.96 20.66 22.93
N ILE B 404 0.33 20.25 22.95
CA ILE B 404 1.27 20.35 21.83
C ILE B 404 0.92 19.22 20.79
N ILE B 405 0.74 17.95 21.26
CA ILE B 405 0.37 16.79 20.42
C ILE B 405 -0.91 17.16 19.64
N LYS B 406 -1.94 17.71 20.34
CA LYS B 406 -3.22 18.13 19.77
C LYS B 406 -3.00 19.11 18.59
N ARG B 407 -2.18 20.13 18.76
CA ARG B 407 -1.90 21.15 17.76
C ARG B 407 -1.11 20.67 16.57
N ILE B 408 -0.09 19.81 16.81
CA ILE B 408 0.73 19.20 15.77
C ILE B 408 -0.22 18.39 14.86
N VAL B 409 -1.07 17.54 15.44
CA VAL B 409 -2.00 16.72 14.66
C VAL B 409 -2.96 17.61 13.84
N MET B 410 -3.63 18.59 14.46
CA MET B 410 -4.54 19.55 13.81
C MET B 410 -3.92 20.39 12.66
N ILE B 411 -2.71 20.92 12.84
CA ILE B 411 -2.01 21.79 11.88
C ILE B 411 -1.46 21.01 10.66
N SER B 412 -1.20 19.68 10.81
CA SER B 412 -0.61 18.78 9.80
C SER B 412 -1.63 17.93 9.11
N ALA B 413 -2.89 17.95 9.56
CA ALA B 413 -3.96 17.09 9.05
C ALA B 413 -4.10 17.10 7.54
N ASP B 414 -4.00 18.24 6.87
CA ASP B 414 -4.07 18.27 5.41
C ASP B 414 -3.41 19.51 4.86
N HIS B 415 -2.85 19.40 3.64
CA HIS B 415 -2.23 20.52 2.95
C HIS B 415 -2.58 20.51 1.45
N GLY B 416 -3.87 20.28 1.18
CA GLY B 416 -4.40 20.24 -0.17
C GLY B 416 -4.16 18.95 -0.95
N PRO B 417 -4.67 18.91 -2.19
CA PRO B 417 -4.56 17.69 -3.01
C PRO B 417 -3.30 17.52 -3.87
N ALA B 418 -2.48 18.55 -4.02
CA ALA B 418 -1.29 18.52 -4.88
C ALA B 418 -0.13 17.68 -4.33
N VAL B 419 -0.07 17.49 -3.00
CA VAL B 419 1.03 16.78 -2.31
C VAL B 419 0.92 15.25 -2.55
N SER B 420 2.07 14.59 -2.70
CA SER B 420 2.19 13.17 -3.03
C SER B 420 1.23 12.24 -2.30
N GLY B 421 1.16 12.33 -0.97
CA GLY B 421 0.29 11.51 -0.15
C GLY B 421 -1.16 11.68 -0.49
N ALA B 422 -1.65 12.94 -0.48
CA ALA B 422 -3.04 13.26 -0.85
C ALA B 422 -3.35 12.84 -2.29
N PHE B 423 -2.44 13.15 -3.23
CA PHE B 423 -2.60 12.80 -4.63
C PHE B 423 -2.65 11.29 -4.84
N GLY B 424 -1.82 10.53 -4.10
CA GLY B 424 -1.82 9.07 -4.10
C GLY B 424 -3.19 8.53 -3.71
N SER B 425 -3.79 9.06 -2.64
CA SER B 425 -5.14 8.70 -2.19
C SER B 425 -6.19 9.05 -3.24
N ILE B 426 -6.08 10.23 -3.88
CA ILE B 426 -7.02 10.68 -4.93
C ILE B 426 -6.95 9.74 -6.13
N LEU B 427 -5.74 9.40 -6.59
CA LEU B 427 -5.48 8.50 -7.69
C LEU B 427 -6.16 7.17 -7.40
N ALA B 428 -5.94 6.60 -6.18
CA ALA B 428 -6.53 5.31 -5.80
C ALA B 428 -8.05 5.38 -5.64
N ALA B 429 -8.60 6.46 -5.08
CA ALA B 429 -10.01 6.75 -4.92
C ALA B 429 -10.71 6.75 -6.28
N CYS B 430 -10.05 7.37 -7.30
CA CYS B 430 -10.53 7.44 -8.68
C CYS B 430 -10.39 6.10 -9.47
N ALA B 431 -9.46 5.24 -9.05
CA ALA B 431 -9.22 3.92 -9.64
C ALA B 431 -10.25 2.92 -9.04
N GLY B 432 -11.08 3.44 -8.13
CA GLY B 432 -12.18 2.69 -7.55
C GLY B 432 -11.80 1.82 -6.41
N ILE B 433 -10.70 2.13 -5.73
CA ILE B 433 -10.13 1.38 -4.60
C ILE B 433 -10.82 1.81 -3.32
N ASP B 434 -10.99 0.85 -2.40
CA ASP B 434 -11.57 1.09 -1.09
C ASP B 434 -10.67 1.92 -0.24
N MET B 435 -11.27 2.63 0.70
CA MET B 435 -10.56 3.56 1.52
C MET B 435 -9.31 3.03 2.20
N PRO B 436 -9.32 1.94 2.98
CA PRO B 436 -8.07 1.56 3.67
C PRO B 436 -6.89 1.31 2.72
N GLN B 437 -7.16 0.71 1.57
CA GLN B 437 -6.17 0.42 0.54
C GLN B 437 -5.73 1.70 -0.21
N ALA B 438 -6.66 2.64 -0.45
CA ALA B 438 -6.37 3.92 -1.13
C ALA B 438 -5.48 4.83 -0.27
N VAL B 439 -5.78 4.88 1.03
CA VAL B 439 -5.02 5.62 2.03
C VAL B 439 -3.67 4.98 2.24
N SER B 440 -3.57 3.64 2.13
CA SER B 440 -2.25 3.00 2.27
C SER B 440 -1.29 3.44 1.14
N ALA B 441 -1.81 3.62 -0.13
CA ALA B 441 -1.02 4.12 -1.27
C ALA B 441 -0.51 5.53 -1.03
N GLY B 442 -1.33 6.39 -0.42
CA GLY B 442 -0.92 7.75 -0.13
C GLY B 442 0.11 7.74 0.99
N MET B 443 -0.10 6.89 2.00
CA MET B 443 0.83 6.78 3.13
C MET B 443 2.23 6.26 2.72
N THR B 444 2.30 5.46 1.66
CA THR B 444 3.53 4.98 1.06
C THR B 444 4.42 6.14 0.58
N MET B 445 3.83 7.28 0.17
CA MET B 445 4.55 8.45 -0.28
C MET B 445 5.33 9.18 0.82
N ILE B 446 4.93 8.99 2.10
CA ILE B 446 5.56 9.66 3.26
C ILE B 446 6.94 9.09 3.47
N GLY B 447 7.92 9.94 3.26
CA GLY B 447 9.31 9.54 3.32
C GLY B 447 10.27 10.70 3.37
N PRO B 448 11.49 10.52 2.82
CA PRO B 448 12.50 11.59 2.94
C PRO B 448 12.15 12.94 2.34
N ARG B 449 11.36 12.95 1.26
CA ARG B 449 11.01 14.18 0.58
C ARG B 449 9.66 14.72 0.97
N PHE B 450 8.75 13.86 1.42
CA PHE B 450 7.43 14.34 1.78
C PHE B 450 7.02 13.87 3.17
N GLY B 451 6.93 14.79 4.11
CA GLY B 451 6.45 14.54 5.46
C GLY B 451 7.20 13.59 6.40
N GLY B 452 8.08 12.76 5.88
CA GLY B 452 8.76 11.76 6.69
C GLY B 452 10.18 12.11 7.10
N ALA B 453 10.51 13.42 7.18
CA ALA B 453 11.83 13.91 7.62
C ALA B 453 11.76 14.36 9.07
N VAL B 454 10.63 14.11 9.78
CA VAL B 454 10.44 14.47 11.18
C VAL B 454 11.54 13.87 12.06
N THR B 455 11.72 12.53 11.99
CA THR B 455 12.73 11.82 12.78
C THR B 455 14.14 12.34 12.50
N ASN B 456 14.58 12.38 11.22
CA ASN B 456 15.91 12.85 10.87
C ASN B 456 16.16 14.28 11.22
N ALA B 457 15.15 15.17 11.06
CA ALA B 457 15.26 16.58 11.47
C ALA B 457 15.59 16.64 12.98
N GLY B 458 14.85 15.88 13.80
CA GLY B 458 15.09 15.76 15.23
C GLY B 458 16.50 15.29 15.54
N LYS B 459 16.95 14.17 14.91
CA LYS B 459 18.29 13.60 15.11
C LYS B 459 19.43 14.55 14.77
N TYR B 460 19.40 15.16 13.57
CA TYR B 460 20.45 16.04 13.09
C TYR B 460 20.48 17.36 13.77
N PHE B 461 19.32 17.91 14.15
CA PHE B 461 19.32 19.16 14.89
C PHE B 461 19.77 18.95 16.35
N LYS B 462 19.46 17.79 16.98
CA LYS B 462 19.96 17.46 18.31
C LYS B 462 21.48 17.29 18.26
N MET B 463 21.99 16.63 17.20
CA MET B 463 23.43 16.43 16.96
C MET B 463 24.14 17.79 16.72
N ALA B 464 23.48 18.75 16.04
CA ALA B 464 23.99 20.08 15.78
C ALA B 464 24.18 20.82 17.11
N VAL B 465 23.15 20.80 17.99
CA VAL B 465 23.14 21.40 19.33
C VAL B 465 24.32 20.88 20.15
N GLU B 466 24.59 19.57 20.07
CA GLU B 466 25.68 18.89 20.80
C GLU B 466 27.06 19.04 20.19
N ASP B 467 27.21 18.92 18.87
CA ASP B 467 28.51 18.94 18.20
C ASP B 467 28.90 20.26 17.52
N TYR B 468 27.95 21.12 17.17
CA TYR B 468 28.22 22.41 16.54
C TYR B 468 27.45 23.54 17.24
N PRO B 469 27.43 23.66 18.59
CA PRO B 469 26.60 24.70 19.25
C PRO B 469 26.73 26.12 18.71
N ASN B 470 27.96 26.58 18.40
CA ASN B 470 28.13 27.93 17.87
C ASN B 470 28.75 27.89 16.46
N ASP B 471 28.46 26.82 15.71
CA ASP B 471 29.01 26.61 14.37
C ASP B 471 27.99 26.04 13.39
N ILE B 472 27.08 26.90 12.93
CA ILE B 472 26.06 26.55 11.91
C ILE B 472 26.76 26.28 10.54
N PRO B 473 27.78 27.06 10.09
CA PRO B 473 28.47 26.72 8.82
C PRO B 473 29.17 25.35 8.86
N GLY B 474 29.68 24.96 10.03
CA GLY B 474 30.30 23.65 10.25
C GLY B 474 29.27 22.54 10.14
N PHE B 475 28.10 22.74 10.81
CA PHE B 475 26.97 21.82 10.76
C PHE B 475 26.53 21.65 9.30
N LEU B 476 26.30 22.78 8.60
CA LEU B 476 25.89 22.75 7.21
C LEU B 476 26.92 22.09 6.28
N SER B 477 28.24 22.35 6.50
CA SER B 477 29.28 21.70 5.70
C SER B 477 29.28 20.18 5.93
N TRP B 478 29.22 19.78 7.20
CA TRP B 478 29.16 18.40 7.57
C TRP B 478 27.93 17.73 6.92
N MET B 479 26.75 18.40 6.93
CA MET B 479 25.52 17.85 6.34
C MET B 479 25.59 17.67 4.84
N LYS B 480 26.18 18.66 4.14
CA LYS B 480 26.34 18.65 2.68
C LYS B 480 27.20 17.45 2.25
N LYS B 481 28.33 17.27 2.93
CA LYS B 481 29.28 16.21 2.69
C LYS B 481 28.78 14.83 3.10
N ASN B 482 27.97 14.72 4.17
CA ASN B 482 27.59 13.42 4.71
C ASN B 482 26.16 12.96 4.51
N VAL B 483 25.15 13.86 4.47
CA VAL B 483 23.76 13.37 4.33
C VAL B 483 23.11 13.94 3.04
N GLY B 484 23.50 15.14 2.64
CA GLY B 484 22.95 15.82 1.48
C GLY B 484 22.10 16.99 1.93
N PRO B 485 20.83 17.13 1.43
CA PRO B 485 19.99 18.24 1.92
C PRO B 485 19.62 18.03 3.40
N VAL B 486 19.53 19.15 4.15
CA VAL B 486 19.19 19.11 5.57
C VAL B 486 17.72 18.69 5.77
N PRO B 487 17.43 17.56 6.48
CA PRO B 487 16.02 17.18 6.75
C PRO B 487 15.34 18.28 7.58
N GLY B 488 14.16 18.70 7.15
CA GLY B 488 13.42 19.76 7.84
C GLY B 488 13.58 21.16 7.27
N ILE B 489 14.45 21.32 6.26
CA ILE B 489 14.70 22.57 5.56
C ILE B 489 14.25 22.43 4.11
N GLY B 490 13.56 23.45 3.60
CA GLY B 490 13.09 23.50 2.22
C GLY B 490 11.61 23.23 2.01
N HIS B 491 11.01 23.89 0.99
CA HIS B 491 9.62 23.72 0.60
C HIS B 491 9.45 24.10 -0.88
N ARG B 492 8.58 23.42 -1.61
CA ARG B 492 8.29 23.61 -3.02
C ARG B 492 7.48 24.89 -3.31
N VAL B 493 6.60 25.32 -2.38
CA VAL B 493 5.75 26.49 -2.59
C VAL B 493 5.95 27.60 -1.51
N LYS B 494 6.27 27.20 -0.28
CA LYS B 494 6.48 28.12 0.83
C LYS B 494 7.90 28.66 0.76
N SER B 495 8.09 29.92 1.16
CA SER B 495 9.38 30.61 1.09
C SER B 495 9.38 31.78 2.06
N VAL B 496 10.48 32.61 2.06
CA VAL B 496 10.51 33.82 2.89
C VAL B 496 9.44 34.80 2.45
N LYS B 497 9.15 34.86 1.11
CA LYS B 497 8.14 35.75 0.53
C LYS B 497 6.73 35.17 0.67
N ASN B 498 6.61 33.86 0.86
CA ASN B 498 5.34 33.16 1.07
C ASN B 498 5.47 32.28 2.33
N PRO B 499 5.41 32.88 3.54
CA PRO B 499 5.62 32.09 4.77
C PRO B 499 4.61 30.99 5.05
N ASP B 500 5.05 29.97 5.80
CA ASP B 500 4.25 28.85 6.26
C ASP B 500 3.76 29.23 7.65
N GLN B 501 2.53 29.72 7.73
CA GLN B 501 1.89 30.11 8.98
C GLN B 501 1.76 28.92 9.92
N ARG B 502 1.77 27.67 9.41
CA ARG B 502 1.73 26.48 10.26
C ARG B 502 2.92 26.44 11.20
N VAL B 503 4.15 26.73 10.67
CA VAL B 503 5.37 26.74 11.48
C VAL B 503 5.39 27.98 12.37
N LYS B 504 4.97 29.15 11.84
CA LYS B 504 4.92 30.35 12.67
C LYS B 504 3.98 30.13 13.83
N TYR B 505 2.80 29.52 13.61
CA TYR B 505 1.85 29.22 14.68
C TYR B 505 2.46 28.31 15.75
N LEU B 506 2.99 27.12 15.37
CA LEU B 506 3.59 26.19 16.34
C LEU B 506 4.70 26.81 17.15
N VAL B 507 5.62 27.54 16.48
CA VAL B 507 6.75 28.17 17.15
C VAL B 507 6.23 29.16 18.19
N SER B 508 5.31 30.06 17.81
CA SER B 508 4.78 31.05 18.73
C SER B 508 4.03 30.39 19.87
N TYR B 509 3.39 29.25 19.64
CA TYR B 509 2.70 28.53 20.71
C TYR B 509 3.71 28.02 21.71
N ILE B 510 4.75 27.35 21.23
CA ILE B 510 5.75 26.79 22.11
C ILE B 510 6.50 27.87 22.91
N LYS B 511 6.87 28.97 22.24
CA LYS B 511 7.66 30.03 22.84
C LYS B 511 6.86 31.00 23.70
N ASN B 512 5.57 31.15 23.42
CA ASN B 512 4.74 32.11 24.13
C ASN B 512 3.63 31.53 24.96
N GLU B 513 3.28 30.27 24.81
CA GLU B 513 2.20 29.70 25.60
C GLU B 513 2.59 28.52 26.47
N THR B 514 3.86 28.06 26.40
CA THR B 514 4.37 26.93 27.20
C THR B 514 5.63 27.32 27.97
N SER B 515 6.00 26.48 28.95
CA SER B 515 7.17 26.61 29.81
C SER B 515 8.35 25.79 29.27
N LEU B 516 8.22 25.24 28.06
CA LEU B 516 9.20 24.39 27.42
C LEU B 516 10.44 25.16 26.94
N HIS B 517 11.64 24.65 27.30
CA HIS B 517 12.94 25.13 26.84
C HIS B 517 13.26 24.27 25.62
N THR B 518 13.42 24.91 24.45
CA THR B 518 13.59 24.23 23.18
C THR B 518 14.95 24.48 22.50
N PRO B 519 16.07 23.85 22.94
CA PRO B 519 17.35 24.11 22.26
C PRO B 519 17.43 23.69 20.77
N CYS B 520 16.80 22.55 20.39
CA CYS B 520 16.77 22.09 18.99
C CYS B 520 16.08 23.06 18.09
N LEU B 521 14.91 23.56 18.55
CA LEU B 521 14.10 24.49 17.80
C LEU B 521 14.82 25.82 17.62
N ASP B 522 15.50 26.28 18.69
CA ASP B 522 16.28 27.51 18.68
C ASP B 522 17.39 27.43 17.62
N TYR B 523 18.12 26.31 17.60
CA TYR B 523 19.18 26.04 16.64
C TYR B 523 18.63 26.02 15.21
N ALA B 524 17.57 25.20 14.97
CA ALA B 524 16.88 25.07 13.67
C ALA B 524 16.44 26.45 13.14
N LEU B 525 15.88 27.33 14.02
CA LEU B 525 15.47 28.68 13.63
C LEU B 525 16.67 29.55 13.20
N GLU B 526 17.85 29.32 13.82
CA GLU B 526 19.07 30.02 13.43
C GLU B 526 19.58 29.53 12.08
N VAL B 527 19.60 28.20 11.82
CA VAL B 527 20.07 27.67 10.52
C VAL B 527 19.13 28.15 9.38
N GLU B 528 17.81 28.31 9.67
CA GLU B 528 16.83 28.84 8.72
C GLU B 528 17.25 30.25 8.22
N LYS B 529 17.79 31.10 9.12
CA LYS B 529 18.28 32.45 8.76
C LYS B 529 19.46 32.38 7.78
N VAL B 530 20.29 31.34 7.91
CA VAL B 530 21.47 31.12 7.07
C VAL B 530 21.04 30.51 5.71
N THR B 531 20.23 29.41 5.73
CA THR B 531 19.77 28.71 4.51
C THR B 531 18.91 29.63 3.61
N THR B 532 17.95 30.40 4.20
CA THR B 532 17.07 31.31 3.44
C THR B 532 17.86 32.47 2.82
N ALA B 533 19.09 32.73 3.32
CA ALA B 533 20.00 33.73 2.74
C ALA B 533 20.58 33.16 1.42
N LYS B 534 20.78 31.82 1.34
CA LYS B 534 21.25 31.09 0.15
C LYS B 534 20.11 30.99 -0.89
N LYS B 535 18.96 30.39 -0.51
CA LYS B 535 17.74 30.24 -1.34
C LYS B 535 16.53 30.55 -0.47
N GLY B 536 15.68 31.45 -0.92
CA GLY B 536 14.49 31.86 -0.19
C GLY B 536 13.50 30.77 0.17
N ASN B 537 13.50 29.63 -0.56
CA ASN B 537 12.61 28.51 -0.27
C ASN B 537 13.20 27.54 0.78
N LEU B 538 14.44 27.78 1.23
CA LEU B 538 15.07 26.92 2.23
C LEU B 538 14.64 27.27 3.65
N ILE B 539 13.31 27.37 3.82
CA ILE B 539 12.62 27.67 5.07
C ILE B 539 12.63 26.45 5.97
N LEU B 540 12.53 26.63 7.32
CA LEU B 540 12.34 25.51 8.24
C LEU B 540 10.88 25.07 7.99
N ASN B 541 10.68 23.84 7.54
CA ASN B 541 9.33 23.34 7.21
C ASN B 541 8.62 22.66 8.43
N VAL B 542 7.37 22.15 8.23
CA VAL B 542 6.61 21.49 9.31
C VAL B 542 7.35 20.28 9.88
N ASP B 543 8.02 19.46 9.03
CA ASP B 543 8.81 18.29 9.46
C ASP B 543 9.90 18.67 10.46
N GLY B 544 10.67 19.69 10.10
CA GLY B 544 11.75 20.19 10.93
C GLY B 544 11.24 20.80 12.23
N THR B 545 10.12 21.56 12.15
CA THR B 545 9.48 22.21 13.29
C THR B 545 8.98 21.17 14.31
N ILE B 546 8.15 20.19 13.86
CA ILE B 546 7.62 19.11 14.70
C ILE B 546 8.81 18.29 15.25
N GLY B 547 9.77 17.96 14.39
CA GLY B 547 10.94 17.19 14.76
C GLY B 547 11.68 17.76 15.96
N CYS B 548 11.99 19.07 15.91
CA CYS B 548 12.67 19.81 16.98
C CYS B 548 11.84 19.95 18.22
N ILE B 549 10.54 20.34 18.11
CA ILE B 549 9.63 20.46 19.26
C ILE B 549 9.60 19.14 20.03
N LEU B 550 9.38 18.01 19.34
CA LEU B 550 9.29 16.69 19.94
C LEU B 550 10.58 16.17 20.51
N MET B 551 11.70 16.58 19.92
CA MET B 551 13.02 16.19 20.41
C MET B 551 13.28 16.90 21.75
N ASP B 552 12.85 18.17 21.83
CA ASP B 552 12.92 19.03 23.01
C ASP B 552 11.95 18.61 24.15
N LEU B 553 10.88 17.86 23.82
CA LEU B 553 9.91 17.31 24.77
C LEU B 553 10.40 15.94 25.25
N ASP B 554 11.51 15.45 24.65
CA ASP B 554 12.17 14.15 24.90
C ASP B 554 11.23 12.97 24.62
N PHE B 555 10.61 12.97 23.42
CA PHE B 555 9.73 11.90 22.94
C PHE B 555 10.66 10.88 22.29
N PRO B 556 10.37 9.55 22.35
CA PRO B 556 11.28 8.58 21.69
C PRO B 556 11.46 8.91 20.21
N VAL B 557 12.71 8.89 19.74
CA VAL B 557 13.13 9.24 18.38
C VAL B 557 12.34 8.49 17.32
N HIS B 558 12.05 7.19 17.57
CA HIS B 558 11.28 6.38 16.65
C HIS B 558 9.89 6.89 16.39
N SER B 559 9.26 7.51 17.41
CA SER B 559 7.90 8.01 17.36
C SER B 559 7.70 9.28 16.53
N LEU B 560 8.76 10.03 16.25
CA LEU B 560 8.67 11.33 15.61
C LEU B 560 7.87 11.38 14.29
N ASN B 561 8.10 10.47 13.34
CA ASN B 561 7.31 10.46 12.11
C ASN B 561 5.83 10.09 12.30
N GLY B 562 5.50 9.47 13.43
CA GLY B 562 4.11 9.09 13.72
C GLY B 562 3.16 10.26 13.69
N PHE B 563 3.60 11.41 14.16
CA PHE B 563 2.76 12.60 14.21
C PHE B 563 2.34 13.03 12.81
N PHE B 564 3.26 12.96 11.79
CA PHE B 564 2.88 13.30 10.43
C PHE B 564 2.04 12.19 9.83
N VAL B 565 2.49 10.94 9.93
CA VAL B 565 1.78 9.78 9.36
C VAL B 565 0.35 9.78 9.87
N LEU B 566 0.13 9.93 11.21
CA LEU B 566 -1.20 9.94 11.76
C LEU B 566 -2.00 11.14 11.35
N ALA B 567 -1.38 12.32 11.43
CA ALA B 567 -2.06 13.55 11.08
C ALA B 567 -2.50 13.52 9.63
N ARG B 568 -1.59 13.29 8.70
CA ARG B 568 -1.92 13.33 7.29
C ARG B 568 -2.91 12.24 6.87
N THR B 569 -3.09 11.16 7.65
CA THR B 569 -4.15 10.16 7.40
C THR B 569 -5.53 10.84 7.47
N ILE B 570 -5.68 11.92 8.31
CA ILE B 570 -6.97 12.60 8.40
C ILE B 570 -7.30 13.24 7.03
N GLY B 571 -6.28 13.88 6.44
CA GLY B 571 -6.36 14.51 5.14
C GLY B 571 -6.60 13.51 4.04
N MET B 572 -5.82 12.43 4.01
CA MET B 572 -5.89 11.38 3.02
C MET B 572 -7.23 10.68 2.98
N ILE B 573 -7.86 10.43 4.16
CA ILE B 573 -9.21 9.84 4.22
C ILE B 573 -10.20 10.92 3.69
N GLY B 574 -9.96 12.20 4.04
CA GLY B 574 -10.77 13.33 3.59
C GLY B 574 -10.89 13.38 2.08
N HIS B 575 -9.75 13.31 1.41
CA HIS B 575 -9.63 13.31 -0.07
C HIS B 575 -10.28 12.09 -0.74
N TRP B 576 -10.18 10.92 -0.11
CA TRP B 576 -10.81 9.71 -0.58
C TRP B 576 -12.30 9.89 -0.50
N ILE B 577 -12.83 10.38 0.65
CA ILE B 577 -14.29 10.62 0.81
C ILE B 577 -14.79 11.64 -0.26
N ASP B 578 -14.04 12.72 -0.45
CA ASP B 578 -14.33 13.79 -1.39
C ASP B 578 -14.47 13.28 -2.81
N GLN B 579 -13.53 12.46 -3.28
CA GLN B 579 -13.54 11.92 -4.66
C GLN B 579 -14.65 10.94 -4.83
N ASN B 580 -15.04 10.23 -3.75
CA ASN B 580 -16.16 9.31 -3.82
C ASN B 580 -17.49 10.06 -3.85
N ASN B 581 -17.64 11.12 -3.02
CA ASN B 581 -18.84 11.94 -3.02
C ASN B 581 -19.05 12.62 -4.37
N GLN B 582 -17.97 12.94 -5.09
CA GLN B 582 -18.00 13.56 -6.43
C GLN B 582 -18.29 12.54 -7.54
N ASN B 583 -18.18 11.23 -7.25
CA ASN B 583 -18.22 10.14 -8.21
C ASN B 583 -17.15 10.37 -9.29
N SER B 584 -15.89 10.57 -8.87
CA SER B 584 -14.80 10.83 -9.80
C SER B 584 -14.48 9.63 -10.64
N ARG B 585 -14.20 9.86 -11.94
CA ARG B 585 -13.81 8.85 -12.90
C ARG B 585 -12.30 8.58 -12.71
N LEU B 586 -11.82 7.48 -13.30
CA LEU B 586 -10.43 7.11 -13.33
C LEU B 586 -9.58 8.25 -13.93
N ILE B 587 -8.44 8.54 -13.30
CA ILE B 587 -7.50 9.53 -13.75
C ILE B 587 -6.52 8.81 -14.69
N ARG B 588 -6.37 9.35 -15.90
CA ARG B 588 -5.35 8.90 -16.82
C ARG B 588 -4.65 10.22 -17.15
N LEU B 589 -3.38 10.38 -16.79
CA LEU B 589 -2.65 11.62 -16.96
C LEU B 589 -2.68 12.14 -18.41
N TYR B 590 -3.01 13.41 -18.61
CA TYR B 590 -3.10 14.01 -19.95
C TYR B 590 -1.78 13.94 -20.68
N ASP B 591 -1.86 13.55 -21.93
CA ASP B 591 -0.71 13.39 -22.81
C ASP B 591 0.22 14.57 -22.85
N TYR B 592 -0.33 15.80 -22.91
CA TYR B 592 0.43 17.04 -23.04
C TYR B 592 1.29 17.34 -21.83
N LEU B 593 1.09 16.60 -20.75
CA LEU B 593 1.84 16.76 -19.50
C LEU B 593 3.00 15.76 -19.37
N ILE B 594 3.18 14.86 -20.36
CA ILE B 594 4.20 13.83 -20.37
C ILE B 594 5.21 14.14 -21.44
N ASN B 595 6.49 14.00 -21.07
CA ASN B 595 7.59 14.16 -22.01
C ASN B 595 8.01 12.75 -22.35
N TYR B 596 7.64 12.27 -23.54
CA TYR B 596 8.00 10.96 -24.03
C TYR B 596 9.39 11.09 -24.70
N ALA B 597 10.43 10.98 -23.88
CA ALA B 597 11.85 11.09 -24.29
C ALA B 597 12.35 9.65 -24.52
N VAL B 598 11.60 8.95 -25.35
CA VAL B 598 11.71 7.54 -25.68
C VAL B 598 12.73 7.29 -26.79
N LYS B 599 13.15 6.01 -26.91
CA LYS B 599 14.11 5.56 -27.90
C LYS B 599 13.51 5.62 -29.27
N PRO B 600 14.28 5.88 -30.33
CA PRO B 600 13.68 5.85 -31.68
C PRO B 600 13.09 4.45 -31.94
N GLU B 601 11.99 4.38 -32.67
CA GLU B 601 11.34 3.12 -32.97
C GLU B 601 12.26 2.26 -33.83
N GLN B 602 12.33 0.95 -33.54
CA GLN B 602 13.17 0.05 -34.32
C GLN B 602 12.57 -1.33 -34.47
N GLU B 603 12.93 -2.01 -35.57
CA GLU B 603 12.52 -3.37 -35.90
C GLU B 603 13.20 -4.33 -34.94
N VAL B 604 12.48 -5.39 -34.53
CA VAL B 604 13.10 -6.35 -33.64
C VAL B 604 13.88 -7.35 -34.49
N PRO B 605 15.16 -7.61 -34.13
CA PRO B 605 15.93 -8.61 -34.89
C PRO B 605 15.42 -10.03 -34.62
N GLU B 606 15.57 -10.92 -35.59
CA GLU B 606 15.16 -12.32 -35.47
C GLU B 606 16.05 -13.05 -34.43
N LYS B 607 15.47 -13.92 -33.59
CA LYS B 607 16.22 -14.71 -32.59
C LYS B 607 17.08 -15.80 -33.33
N ALA C 2 -51.88 5.86 -31.03
CA ALA C 2 -52.94 6.45 -30.23
C ALA C 2 -54.18 5.61 -30.33
N LYS C 3 -54.57 5.22 -31.57
CA LYS C 3 -55.76 4.40 -31.78
C LYS C 3 -55.49 3.00 -31.27
N ILE C 4 -56.45 2.41 -30.52
CA ILE C 4 -56.31 1.07 -29.96
C ILE C 4 -57.42 0.16 -30.47
N LEU C 5 -57.11 -1.16 -30.58
CA LEU C 5 -58.00 -2.22 -31.06
C LEU C 5 -59.25 -2.40 -30.21
N GLU C 6 -60.29 -3.02 -30.83
CA GLU C 6 -61.61 -3.35 -30.28
C GLU C 6 -61.46 -4.08 -28.93
N GLY C 7 -60.57 -5.08 -28.88
CA GLY C 7 -60.27 -5.89 -27.71
C GLY C 7 -59.84 -5.14 -26.46
N PRO C 8 -58.67 -4.44 -26.50
CA PRO C 8 -58.22 -3.67 -25.32
C PRO C 8 -59.12 -2.50 -24.92
N ALA C 9 -59.77 -1.84 -25.93
CA ALA C 9 -60.73 -0.74 -25.69
C ALA C 9 -61.87 -1.22 -24.79
N MET C 10 -62.41 -2.43 -25.10
CA MET C 10 -63.47 -3.14 -24.38
C MET C 10 -63.09 -3.44 -22.92
N LYS C 11 -61.81 -3.86 -22.71
CA LYS C 11 -61.23 -4.21 -21.40
C LYS C 11 -61.22 -2.98 -20.50
N LEU C 12 -60.89 -1.78 -21.08
CA LEU C 12 -60.86 -0.50 -20.37
C LEU C 12 -62.29 -0.03 -20.05
N PHE C 13 -63.24 -0.25 -20.98
CA PHE C 13 -64.66 0.09 -20.80
C PHE C 13 -65.22 -0.73 -19.67
N ASN C 14 -64.96 -2.05 -19.73
CA ASN C 14 -65.37 -3.02 -18.72
C ASN C 14 -64.87 -2.63 -17.33
N LYS C 15 -63.57 -2.23 -17.22
CA LYS C 15 -62.90 -1.79 -16.00
C LYS C 15 -63.66 -0.64 -15.33
N TRP C 16 -64.22 0.28 -16.14
CA TRP C 16 -64.93 1.45 -15.62
C TRP C 16 -66.46 1.29 -15.61
N GLY C 17 -66.94 0.08 -15.88
CA GLY C 17 -68.36 -0.23 -15.82
C GLY C 17 -69.19 0.19 -17.01
N ILE C 18 -68.52 0.49 -18.14
CA ILE C 18 -69.19 0.84 -19.40
C ILE C 18 -69.70 -0.46 -20.02
N PRO C 19 -71.04 -0.55 -20.28
CA PRO C 19 -71.64 -1.79 -20.79
C PRO C 19 -71.08 -2.23 -22.13
N VAL C 20 -70.54 -3.46 -22.20
CA VAL C 20 -69.92 -4.00 -23.42
C VAL C 20 -70.46 -5.37 -23.79
N PRO C 21 -70.55 -5.73 -25.10
CA PRO C 21 -71.00 -7.09 -25.45
C PRO C 21 -69.99 -8.13 -25.01
N ASN C 22 -70.47 -9.33 -24.69
CA ASN C 22 -69.57 -10.41 -24.29
C ASN C 22 -68.67 -10.72 -25.46
N TYR C 23 -67.37 -10.77 -25.17
CA TYR C 23 -66.37 -11.00 -26.19
C TYR C 23 -65.28 -11.90 -25.68
N VAL C 24 -64.61 -12.58 -26.61
CA VAL C 24 -63.51 -13.47 -26.31
C VAL C 24 -62.34 -13.19 -27.23
N VAL C 25 -61.14 -13.19 -26.64
CA VAL C 25 -59.90 -12.91 -27.34
C VAL C 25 -59.09 -14.18 -27.53
N ILE C 26 -58.86 -14.54 -28.81
CA ILE C 26 -58.10 -15.67 -29.34
C ILE C 26 -57.58 -15.25 -30.73
N GLU C 100 -78.48 -8.08 -30.74
CA GLU C 100 -79.92 -8.09 -31.05
C GLU C 100 -80.63 -7.01 -30.20
N HIS C 101 -80.60 -5.76 -30.69
CA HIS C 101 -81.08 -4.53 -30.06
C HIS C 101 -82.24 -3.85 -30.77
N ASP C 102 -82.77 -2.79 -30.15
CA ASP C 102 -83.92 -2.02 -30.64
C ASP C 102 -83.54 -0.62 -31.13
N ALA C 103 -82.64 0.09 -30.40
CA ALA C 103 -82.23 1.46 -30.70
C ALA C 103 -80.72 1.65 -30.60
N GLU C 104 -80.20 2.65 -31.35
CA GLU C 104 -78.78 3.00 -31.42
C GLU C 104 -78.57 4.47 -31.06
N PHE C 105 -77.61 4.72 -30.16
CA PHE C 105 -77.29 6.07 -29.70
C PHE C 105 -75.86 6.38 -29.97
N TYR C 106 -75.50 7.66 -29.86
CA TYR C 106 -74.12 8.10 -30.04
C TYR C 106 -73.65 8.81 -28.76
N VAL C 107 -72.44 8.50 -28.33
CA VAL C 107 -71.77 9.11 -27.19
C VAL C 107 -70.31 9.24 -27.57
N SER C 108 -69.72 10.37 -27.28
CA SER C 108 -68.30 10.58 -27.51
C SER C 108 -67.79 11.66 -26.63
N ILE C 109 -66.57 11.46 -26.14
CA ILE C 109 -65.87 12.42 -25.29
C ILE C 109 -64.55 12.70 -25.99
N ILE C 110 -64.33 13.94 -26.38
CA ILE C 110 -63.15 14.33 -27.13
C ILE C 110 -62.39 15.41 -26.34
N GLY C 111 -61.12 15.19 -26.10
CA GLY C 111 -60.31 16.14 -25.34
C GLY C 111 -60.04 17.44 -26.07
N ASN C 112 -59.82 18.53 -25.29
CA ASN C 112 -59.50 19.86 -25.81
C ASN C 112 -58.59 20.59 -24.83
N LYS C 113 -58.07 21.78 -25.18
CA LYS C 113 -57.12 22.51 -24.34
C LYS C 113 -57.60 22.73 -22.89
N ASP C 114 -58.92 22.82 -22.70
CA ASP C 114 -59.55 23.10 -21.41
C ASP C 114 -60.14 21.90 -20.66
N GLY C 115 -60.06 20.72 -21.27
CA GLY C 115 -60.58 19.51 -20.67
C GLY C 115 -61.06 18.70 -21.83
N ALA C 116 -62.34 18.32 -21.80
CA ALA C 116 -62.98 17.53 -22.84
C ALA C 116 -64.39 17.98 -23.09
N GLU C 117 -64.92 17.67 -24.28
CA GLU C 117 -66.27 17.97 -24.69
C GLU C 117 -67.06 16.64 -24.74
N LEU C 118 -68.14 16.51 -23.96
CA LEU C 118 -68.98 15.31 -24.08
C LEU C 118 -70.12 15.55 -25.12
N LEU C 119 -70.32 14.60 -26.02
CA LEU C 119 -71.30 14.67 -27.10
C LEU C 119 -72.24 13.50 -27.04
N ILE C 120 -73.53 13.80 -27.08
CA ILE C 120 -74.55 12.79 -26.96
C ILE C 120 -75.70 13.01 -27.94
N SER C 121 -76.17 11.93 -28.54
CA SER C 121 -77.30 11.94 -29.47
C SER C 121 -78.14 10.68 -29.29
N LYS C 122 -79.46 10.81 -29.41
CA LYS C 122 -80.42 9.72 -29.32
C LYS C 122 -80.53 9.04 -30.72
N HIS C 123 -79.84 9.60 -31.74
CA HIS C 123 -79.92 9.16 -33.12
C HIS C 123 -78.56 8.65 -33.65
N GLY C 124 -78.03 7.61 -33.00
CA GLY C 124 -76.76 6.97 -33.34
C GLY C 124 -76.83 6.13 -34.60
N GLY C 125 -75.80 5.34 -34.85
CA GLY C 125 -75.71 4.49 -36.03
C GLY C 125 -75.05 5.18 -37.21
N VAL C 126 -75.32 4.69 -38.41
CA VAL C 126 -74.73 5.18 -39.65
C VAL C 126 -75.14 6.59 -40.02
N ASP C 127 -76.41 6.91 -39.78
CA ASP C 127 -77.07 8.17 -40.11
C ASP C 127 -76.67 9.34 -39.19
N ILE C 128 -75.72 9.14 -38.23
CA ILE C 128 -75.25 10.19 -37.30
C ILE C 128 -74.79 11.46 -38.05
N GLU C 129 -74.17 11.32 -39.23
CA GLU C 129 -73.74 12.46 -40.06
C GLU C 129 -74.97 13.27 -40.52
N ASP C 130 -76.06 12.58 -40.88
CA ASP C 130 -77.30 13.25 -41.36
C ASP C 130 -78.01 13.95 -40.19
N ASN C 131 -77.81 13.44 -38.99
CA ASN C 131 -78.43 13.95 -37.78
C ASN C 131 -77.44 14.65 -36.88
N TRP C 132 -76.40 15.28 -37.42
CA TRP C 132 -75.43 15.91 -36.52
C TRP C 132 -76.06 17.00 -35.63
N ASP C 133 -77.14 17.63 -36.13
CA ASP C 133 -77.92 18.65 -35.42
C ASP C 133 -78.58 18.11 -34.13
N SER C 134 -78.80 16.77 -34.02
CA SER C 134 -79.40 16.11 -32.85
C SER C 134 -78.47 16.07 -31.63
N VAL C 135 -77.20 16.34 -31.83
CA VAL C 135 -76.16 16.28 -30.81
C VAL C 135 -76.25 17.37 -29.74
N ARG C 136 -76.06 16.94 -28.50
CA ARG C 136 -76.00 17.81 -27.32
C ARG C 136 -74.56 17.72 -26.78
N ARG C 137 -73.96 18.87 -26.51
CA ARG C 137 -72.57 19.01 -26.03
C ARG C 137 -72.50 19.56 -24.59
N ILE C 138 -71.50 19.15 -23.87
CA ILE C 138 -71.23 19.65 -22.51
C ILE C 138 -69.72 19.80 -22.47
N GLN C 139 -69.20 20.99 -22.08
CA GLN C 139 -67.75 21.12 -21.96
C GLN C 139 -67.39 20.72 -20.54
N ILE C 140 -66.61 19.65 -20.38
CA ILE C 140 -66.13 19.19 -19.08
C ILE C 140 -64.80 19.89 -18.81
N GLU C 141 -64.79 20.84 -17.88
CA GLU C 141 -63.54 21.52 -17.51
C GLU C 141 -62.64 20.53 -16.80
N LEU C 142 -61.32 20.64 -17.06
CA LEU C 142 -60.28 19.79 -16.54
C LEU C 142 -60.37 19.65 -15.01
N ASP C 143 -60.56 18.39 -14.54
CA ASP C 143 -60.68 17.98 -13.13
C ASP C 143 -61.94 18.58 -12.41
N GLU C 144 -62.91 19.08 -13.18
CA GLU C 144 -64.19 19.65 -12.71
C GLU C 144 -65.31 18.85 -13.38
N ASN C 145 -65.30 17.52 -13.16
CA ASN C 145 -66.23 16.54 -13.73
C ASN C 145 -67.71 16.72 -13.26
N PRO C 146 -68.69 16.67 -14.22
CA PRO C 146 -70.10 16.92 -13.84
C PRO C 146 -70.76 15.84 -13.00
N THR C 147 -71.87 16.24 -12.32
CA THR C 147 -72.68 15.37 -11.44
C THR C 147 -73.59 14.50 -12.31
N ILE C 148 -74.08 13.36 -11.75
CA ILE C 148 -74.97 12.44 -12.47
C ILE C 148 -76.26 13.17 -12.89
N GLU C 149 -76.73 14.13 -12.07
CA GLU C 149 -77.91 14.95 -12.36
C GLU C 149 -77.67 15.85 -13.58
N GLN C 150 -76.49 16.51 -13.63
CA GLN C 150 -76.10 17.37 -14.76
C GLN C 150 -76.05 16.57 -16.04
N LEU C 151 -75.60 15.30 -15.95
CA LEU C 151 -75.48 14.39 -17.09
C LEU C 151 -76.78 13.78 -17.55
N THR C 152 -77.82 13.74 -16.68
CA THR C 152 -79.12 13.23 -17.08
C THR C 152 -79.92 14.39 -17.65
N GLU C 153 -79.66 15.62 -17.13
CA GLU C 153 -80.30 16.82 -17.63
C GLU C 153 -79.81 17.03 -19.05
N LEU C 154 -78.57 16.54 -19.35
CA LEU C 154 -78.00 16.58 -20.70
C LEU C 154 -78.72 15.56 -21.58
N ALA C 155 -78.87 14.29 -21.09
CA ALA C 155 -79.56 13.19 -21.77
C ALA C 155 -80.99 13.62 -22.14
N LYS C 156 -81.67 14.36 -21.22
CA LYS C 156 -83.03 14.87 -21.46
C LYS C 156 -83.06 15.90 -22.59
N ASP C 157 -81.98 16.72 -22.75
CA ASP C 157 -81.83 17.71 -23.84
C ASP C 157 -81.64 17.00 -25.19
N ALA C 158 -81.00 15.80 -25.21
CA ALA C 158 -80.77 14.95 -26.38
C ALA C 158 -82.04 14.12 -26.78
N GLY C 159 -83.08 14.16 -25.95
CA GLY C 159 -84.34 13.48 -26.25
C GLY C 159 -84.66 12.28 -25.40
N PHE C 160 -83.76 11.90 -24.50
CA PHE C 160 -84.01 10.74 -23.64
C PHE C 160 -84.99 11.12 -22.54
N GLU C 161 -85.78 10.16 -22.08
CA GLU C 161 -86.76 10.47 -21.04
C GLU C 161 -86.81 9.41 -19.97
N GLY C 162 -87.02 9.87 -18.72
CA GLY C 162 -87.15 9.03 -17.55
C GLY C 162 -86.01 8.06 -17.29
N GLU C 163 -86.35 6.77 -17.06
CA GLU C 163 -85.42 5.67 -16.73
C GLU C 163 -84.28 5.50 -17.72
N ILE C 164 -84.53 5.65 -19.05
CA ILE C 164 -83.44 5.60 -20.04
C ILE C 164 -82.47 6.82 -19.84
N ALA C 165 -83.01 8.06 -19.68
CA ALA C 165 -82.23 9.30 -19.45
C ALA C 165 -81.30 9.18 -18.23
N GLU C 166 -81.82 8.61 -17.08
CA GLU C 166 -81.10 8.36 -15.84
C GLU C 166 -79.94 7.43 -16.12
N ARG C 167 -80.25 6.31 -16.81
CA ARG C 167 -79.33 5.25 -17.19
C ARG C 167 -78.24 5.74 -18.18
N VAL C 168 -78.60 6.58 -19.18
CA VAL C 168 -77.63 7.12 -20.13
C VAL C 168 -76.64 8.06 -19.39
N GLY C 169 -77.16 8.96 -18.55
CA GLY C 169 -76.38 9.87 -17.71
C GLY C 169 -75.40 9.17 -16.77
N LYS C 170 -75.73 7.92 -16.32
CA LYS C 170 -74.86 7.07 -15.51
C LYS C 170 -73.73 6.51 -16.41
N ILE C 171 -74.06 6.04 -17.64
CA ILE C 171 -73.10 5.53 -18.65
C ILE C 171 -72.10 6.63 -19.04
N CYS C 172 -72.56 7.90 -19.09
CA CYS C 172 -71.69 9.05 -19.38
C CYS C 172 -70.75 9.33 -18.22
N SER C 173 -71.25 9.18 -16.97
CA SER C 173 -70.40 9.39 -15.79
C SER C 173 -69.22 8.41 -15.79
N ARG C 174 -69.52 7.15 -16.17
CA ARG C 174 -68.55 6.07 -16.25
C ARG C 174 -67.60 6.25 -17.42
N LEU C 175 -68.06 6.88 -18.52
CA LEU C 175 -67.23 7.20 -19.69
C LEU C 175 -66.26 8.38 -19.38
N ILE C 176 -66.71 9.36 -18.55
CA ILE C 176 -65.88 10.50 -18.14
C ILE C 176 -64.82 9.97 -17.20
N LEU C 177 -65.20 9.05 -16.27
CA LEU C 177 -64.22 8.44 -15.35
C LEU C 177 -63.16 7.66 -16.09
N CYS C 178 -63.58 6.95 -17.16
CA CYS C 178 -62.70 6.18 -18.02
C CYS C 178 -61.70 7.13 -18.71
N PHE C 179 -62.18 8.06 -19.54
CA PHE C 179 -61.41 9.07 -20.26
C PHE C 179 -60.39 9.67 -19.33
N ASP C 180 -60.89 10.24 -18.23
CA ASP C 180 -60.13 10.87 -17.18
C ASP C 180 -59.03 10.02 -16.58
N ASN C 181 -59.30 8.73 -16.32
CA ASN C 181 -58.30 7.90 -15.65
C ASN C 181 -57.46 7.04 -16.59
N GLU C 182 -57.86 6.85 -17.83
CA GLU C 182 -57.10 6.04 -18.76
C GLU C 182 -56.30 6.91 -19.74
N ASP C 183 -55.92 8.13 -19.32
CA ASP C 183 -55.16 9.09 -20.16
C ASP C 183 -55.61 9.07 -21.65
N ALA C 184 -56.89 9.35 -21.86
CA ALA C 184 -57.50 9.26 -23.18
C ALA C 184 -57.44 10.57 -23.93
N GLN C 185 -57.56 10.51 -25.25
CA GLN C 185 -57.56 11.67 -26.15
C GLN C 185 -58.98 11.82 -26.70
N SER C 186 -59.63 10.67 -26.95
CA SER C 186 -60.99 10.58 -27.44
C SER C 186 -61.55 9.15 -27.35
N ILE C 187 -62.85 9.05 -27.04
CA ILE C 187 -63.63 7.83 -26.98
C ILE C 187 -64.89 8.12 -27.80
N GLU C 188 -65.17 7.28 -28.76
CA GLU C 188 -66.35 7.49 -29.59
C GLU C 188 -67.11 6.17 -29.62
N ILE C 189 -68.35 6.18 -29.16
CA ILE C 189 -69.19 4.97 -29.14
C ILE C 189 -70.35 5.17 -30.12
N ASN C 190 -70.33 4.42 -31.24
CA ASN C 190 -71.36 4.53 -32.26
C ASN C 190 -71.58 3.21 -33.02
N PRO C 191 -72.59 2.41 -32.60
CA PRO C 191 -73.63 2.73 -31.63
C PRO C 191 -73.49 2.22 -30.21
N LEU C 192 -74.16 2.95 -29.31
CA LEU C 192 -74.41 2.58 -27.94
C LEU C 192 -75.87 2.04 -28.06
N VAL C 193 -76.01 0.72 -28.09
CA VAL C 193 -77.30 0.12 -28.28
C VAL C 193 -78.03 -0.18 -26.99
N ILE C 194 -79.38 -0.24 -27.08
CA ILE C 194 -80.29 -0.59 -26.00
C ILE C 194 -81.20 -1.74 -26.45
N ARG C 195 -81.37 -2.78 -25.61
CA ARG C 195 -82.31 -3.88 -25.82
C ARG C 195 -83.38 -3.57 -24.79
N LYS C 196 -84.41 -2.86 -25.22
CA LYS C 196 -85.51 -2.38 -24.38
C LYS C 196 -86.19 -3.47 -23.53
N SER C 197 -86.39 -4.68 -24.09
CA SER C 197 -87.00 -5.82 -23.38
C SER C 197 -86.44 -6.03 -21.93
N ASP C 198 -85.07 -6.06 -21.77
CA ASP C 198 -84.37 -6.22 -20.47
C ASP C 198 -83.61 -4.97 -20.00
N MET C 199 -83.74 -3.85 -20.75
CA MET C 199 -83.07 -2.56 -20.54
C MET C 199 -81.56 -2.68 -20.48
N ARG C 200 -80.99 -3.61 -21.29
CA ARG C 200 -79.56 -3.86 -21.37
C ARG C 200 -78.92 -2.93 -22.40
N PHE C 201 -77.85 -2.24 -21.99
CA PHE C 201 -77.07 -1.38 -22.88
C PHE C 201 -75.77 -2.12 -23.27
N ALA C 202 -75.20 -1.75 -24.44
CA ALA C 202 -73.96 -2.30 -24.98
C ALA C 202 -73.30 -1.30 -25.93
N ALA C 203 -72.00 -1.11 -25.75
CA ALA C 203 -71.18 -0.26 -26.61
C ALA C 203 -70.76 -1.20 -27.74
N LEU C 204 -71.35 -1.06 -28.92
CA LEU C 204 -71.06 -1.95 -30.04
C LEU C 204 -69.76 -1.63 -30.76
N ASP C 205 -69.64 -0.42 -31.32
CA ASP C 205 -68.41 0.04 -31.99
C ASP C 205 -67.80 1.14 -31.16
N ALA C 206 -66.50 1.08 -30.96
CA ALA C 206 -65.82 2.13 -30.20
C ALA C 206 -64.49 2.50 -30.81
N VAL C 207 -64.22 3.79 -30.86
CA VAL C 207 -62.94 4.24 -31.37
C VAL C 207 -62.23 4.81 -30.17
N MET C 208 -61.26 4.08 -29.63
CA MET C 208 -60.59 4.65 -28.50
C MET C 208 -59.21 5.13 -28.90
N ASN C 209 -58.92 6.36 -28.52
CA ASN C 209 -57.64 6.99 -28.78
C ASN C 209 -57.00 7.38 -27.46
N VAL C 210 -55.91 6.71 -27.12
CA VAL C 210 -55.15 6.99 -25.90
C VAL C 210 -53.85 7.75 -26.23
N ASP C 211 -53.39 8.49 -25.23
CA ASP C 211 -52.17 9.27 -25.20
C ASP C 211 -51.16 8.25 -24.67
N TYR C 212 -50.56 7.49 -25.62
CA TYR C 212 -49.63 6.40 -25.33
C TYR C 212 -48.34 6.83 -24.60
N ASP C 213 -48.06 8.15 -24.52
CA ASP C 213 -46.91 8.69 -23.80
C ASP C 213 -47.09 8.46 -22.29
N ALA C 214 -48.35 8.26 -21.83
CA ALA C 214 -48.66 8.04 -20.43
C ALA C 214 -48.49 6.60 -19.95
N ARG C 215 -48.19 5.65 -20.87
CA ARG C 215 -48.04 4.23 -20.60
C ARG C 215 -47.20 3.98 -19.31
N PHE C 216 -46.18 4.83 -19.02
CA PHE C 216 -45.34 4.72 -17.80
C PHE C 216 -46.15 4.68 -16.48
N ARG C 217 -47.37 5.22 -16.50
CA ARG C 217 -48.25 5.25 -15.34
C ARG C 217 -49.52 4.37 -15.54
N HIS C 218 -49.46 3.40 -16.47
CA HIS C 218 -50.58 2.49 -16.76
C HIS C 218 -50.05 1.08 -16.97
N ALA C 219 -49.81 0.34 -15.85
CA ALA C 219 -49.25 -1.03 -15.85
C ALA C 219 -50.19 -2.08 -16.45
N ASP C 220 -51.49 -1.76 -16.52
CA ASP C 220 -52.54 -2.62 -17.07
C ASP C 220 -52.67 -2.50 -18.61
N TRP C 221 -51.86 -1.64 -19.26
CA TRP C 221 -51.88 -1.43 -20.71
C TRP C 221 -51.09 -2.49 -21.46
N ASP C 222 -51.62 -3.71 -21.47
CA ASP C 222 -51.04 -4.83 -22.18
C ASP C 222 -51.52 -4.81 -23.65
N PHE C 223 -51.16 -3.74 -24.39
CA PHE C 223 -51.48 -3.51 -25.80
C PHE C 223 -50.53 -2.50 -26.44
N LYS C 224 -50.45 -2.52 -27.79
CA LYS C 224 -49.66 -1.58 -28.58
C LYS C 224 -50.62 -0.75 -29.45
N PRO C 225 -50.27 0.50 -29.87
CA PRO C 225 -51.21 1.28 -30.69
C PRO C 225 -51.25 0.86 -32.15
N VAL C 226 -52.41 1.09 -32.79
CA VAL C 226 -52.71 0.77 -34.20
C VAL C 226 -51.91 1.70 -35.09
N SER C 227 -51.58 1.18 -36.30
CA SER C 227 -50.90 1.85 -37.42
C SER C 227 -51.66 3.13 -37.81
N GLU C 228 -50.88 4.18 -38.16
CA GLU C 228 -51.44 5.47 -38.56
C GLU C 228 -52.25 5.30 -39.87
N ILE C 229 -51.56 4.90 -40.96
CA ILE C 229 -52.13 4.63 -42.28
C ILE C 229 -52.86 3.28 -42.28
N GLY C 230 -54.04 3.26 -42.93
CA GLY C 230 -54.90 2.08 -43.07
C GLY C 230 -54.36 1.00 -43.99
N ARG C 231 -53.13 0.53 -43.69
CA ARG C 231 -52.35 -0.51 -44.36
C ARG C 231 -51.22 -1.00 -43.42
N PRO C 232 -50.87 -2.31 -43.43
CA PRO C 232 -49.77 -2.77 -42.56
C PRO C 232 -48.42 -2.18 -42.99
N PHE C 233 -47.42 -2.22 -42.09
CA PHE C 233 -46.11 -1.72 -42.43
C PHE C 233 -45.30 -2.75 -43.21
N THR C 234 -44.56 -2.28 -44.23
CA THR C 234 -43.69 -3.10 -45.08
C THR C 234 -42.48 -3.53 -44.24
N GLU C 235 -41.66 -4.49 -44.70
CA GLU C 235 -40.53 -4.90 -43.88
C GLU C 235 -39.43 -3.87 -43.90
N ALA C 236 -39.37 -3.02 -44.94
CA ALA C 236 -38.40 -1.92 -45.07
C ALA C 236 -38.65 -0.91 -43.95
N GLU C 237 -39.95 -0.61 -43.69
CA GLU C 237 -40.47 0.28 -42.65
C GLU C 237 -40.29 -0.34 -41.27
N GLN C 238 -40.70 -1.60 -41.09
CA GLN C 238 -40.55 -2.32 -39.82
C GLN C 238 -39.07 -2.39 -39.38
N GLN C 239 -38.16 -2.52 -40.36
CA GLN C 239 -36.73 -2.57 -40.10
C GLN C 239 -36.32 -1.26 -39.44
N ILE C 240 -36.78 -0.11 -39.99
CA ILE C 240 -36.46 1.23 -39.49
C ILE C 240 -37.04 1.43 -38.08
N MET C 241 -38.30 1.03 -37.85
CA MET C 241 -39.01 1.16 -36.57
C MET C 241 -38.27 0.43 -35.44
N GLU C 242 -37.69 -0.75 -35.79
CA GLU C 242 -36.91 -1.62 -34.92
C GLU C 242 -35.63 -0.89 -34.48
N ILE C 243 -34.97 -0.20 -35.44
CA ILE C 243 -33.76 0.58 -35.22
C ILE C 243 -34.05 1.79 -34.33
N ASP C 244 -35.18 2.53 -34.61
CA ASP C 244 -35.60 3.72 -33.86
C ASP C 244 -35.81 3.44 -32.35
N SER C 245 -36.55 2.37 -32.02
CA SER C 245 -36.82 1.99 -30.63
C SER C 245 -35.50 1.69 -29.86
N ARG C 246 -34.52 1.07 -30.57
CA ARG C 246 -33.19 0.66 -30.13
C ARG C 246 -32.16 1.84 -29.99
N ILE C 247 -32.52 3.06 -30.46
CA ILE C 247 -31.64 4.23 -30.42
C ILE C 247 -32.26 5.41 -29.70
N LYS C 248 -31.38 6.25 -29.07
CA LYS C 248 -31.78 7.47 -28.35
C LYS C 248 -32.34 8.53 -29.31
N GLY C 249 -31.77 8.61 -30.51
CA GLY C 249 -32.27 9.50 -31.55
C GLY C 249 -33.54 8.99 -32.20
N SER C 250 -33.81 9.47 -33.44
CA SER C 250 -35.01 9.09 -34.17
C SER C 250 -34.76 8.87 -35.68
N VAL C 251 -35.28 7.75 -36.20
CA VAL C 251 -35.25 7.38 -37.60
C VAL C 251 -36.66 6.90 -38.02
N LYS C 252 -37.26 7.59 -39.01
CA LYS C 252 -38.61 7.28 -39.48
C LYS C 252 -38.61 7.04 -40.99
N PHE C 253 -39.38 6.06 -41.46
CA PHE C 253 -39.49 5.76 -42.89
C PHE C 253 -40.88 5.29 -43.22
N VAL C 254 -41.50 5.95 -44.21
CA VAL C 254 -42.84 5.64 -44.73
C VAL C 254 -42.72 5.63 -46.25
N GLU C 255 -43.21 4.56 -46.89
CA GLU C 255 -43.18 4.45 -48.35
C GLU C 255 -44.45 5.08 -48.94
N VAL C 256 -44.26 6.00 -49.90
CA VAL C 256 -45.35 6.69 -50.59
C VAL C 256 -45.54 5.96 -51.94
N PRO C 257 -46.78 5.51 -52.27
CA PRO C 257 -47.01 4.81 -53.55
C PRO C 257 -46.54 5.58 -54.79
N GLY C 258 -45.53 5.03 -55.45
CA GLY C 258 -44.88 5.61 -56.62
C GLY C 258 -43.81 6.60 -56.21
N GLY C 259 -43.76 7.71 -56.94
CA GLY C 259 -42.84 8.82 -56.69
C GLY C 259 -41.42 8.67 -57.18
N GLU C 260 -40.90 9.73 -57.85
CA GLU C 260 -39.54 9.86 -58.41
C GLU C 260 -38.53 10.59 -57.46
N ILE C 261 -39.00 11.55 -56.63
CA ILE C 261 -38.12 12.29 -55.73
C ILE C 261 -38.12 11.62 -54.34
N ALA C 262 -36.95 11.13 -53.90
CA ALA C 262 -36.73 10.46 -52.63
C ALA C 262 -36.21 11.47 -51.63
N LEU C 263 -36.72 11.41 -50.38
CA LEU C 263 -36.30 12.32 -49.32
C LEU C 263 -35.50 11.57 -48.26
N LEU C 264 -34.35 12.14 -47.85
CA LEU C 264 -33.46 11.69 -46.79
C LEU C 264 -33.15 12.97 -46.00
N THR C 265 -34.18 13.50 -45.36
CA THR C 265 -34.09 14.79 -44.70
C THR C 265 -34.02 14.70 -43.18
N ALA C 266 -33.34 15.72 -42.58
CA ALA C 266 -33.12 15.80 -41.14
C ALA C 266 -34.18 16.65 -40.46
N GLY C 267 -34.78 16.09 -39.42
CA GLY C 267 -35.79 16.78 -38.63
C GLY C 267 -37.20 16.71 -39.22
N GLY C 268 -38.19 16.55 -38.35
CA GLY C 268 -39.59 16.44 -38.74
C GLY C 268 -40.14 17.62 -39.50
N GLY C 269 -39.86 18.81 -38.95
CA GLY C 269 -40.26 20.10 -39.50
C GLY C 269 -39.71 20.34 -40.89
N ALA C 270 -38.40 20.15 -41.07
CA ALA C 270 -37.76 20.36 -42.36
C ALA C 270 -38.24 19.33 -43.36
N SER C 271 -38.44 18.06 -42.95
CA SER C 271 -38.92 16.97 -43.83
C SER C 271 -40.25 17.31 -44.47
N VAL C 272 -41.19 17.80 -43.64
CA VAL C 272 -42.51 18.24 -44.10
C VAL C 272 -42.41 19.40 -45.13
N PHE C 273 -41.54 20.39 -44.88
CA PHE C 273 -41.34 21.47 -45.83
C PHE C 273 -40.70 21.04 -47.13
N TYR C 274 -39.84 20.00 -47.10
CA TYR C 274 -39.22 19.43 -48.32
C TYR C 274 -40.24 18.67 -49.16
N ALA C 275 -41.15 17.93 -48.50
CA ALA C 275 -42.24 17.19 -49.16
C ALA C 275 -43.21 18.18 -49.81
N ASP C 276 -43.58 19.26 -49.10
CA ASP C 276 -44.46 20.33 -49.58
C ASP C 276 -43.85 20.97 -50.83
N ALA C 277 -42.53 21.23 -50.80
CA ALA C 277 -41.75 21.82 -51.89
C ALA C 277 -41.81 20.97 -53.13
N VAL C 278 -41.65 19.64 -53.00
CA VAL C 278 -41.74 18.69 -54.11
C VAL C 278 -43.12 18.73 -54.77
N VAL C 279 -44.19 18.60 -53.96
CA VAL C 279 -45.60 18.65 -54.41
C VAL C 279 -45.91 19.99 -55.12
N ALA C 280 -45.54 21.11 -54.46
CA ALA C 280 -45.74 22.47 -54.98
C ALA C 280 -45.03 22.70 -56.32
N ARG C 281 -43.82 22.10 -56.48
CA ARG C 281 -43.02 22.21 -57.69
C ARG C 281 -43.46 21.21 -58.79
N GLY C 282 -44.58 20.53 -58.57
CA GLY C 282 -45.17 19.58 -59.52
C GLY C 282 -44.71 18.14 -59.35
N GLY C 283 -43.59 17.95 -58.66
CA GLY C 283 -43.00 16.63 -58.43
C GLY C 283 -43.83 15.64 -57.64
N THR C 284 -43.27 14.43 -57.45
CA THR C 284 -43.88 13.29 -56.74
C THR C 284 -42.89 12.76 -55.72
N ILE C 285 -43.35 12.57 -54.46
CA ILE C 285 -42.49 12.03 -53.40
C ILE C 285 -42.52 10.52 -53.39
N ALA C 286 -41.32 9.95 -53.33
CA ALA C 286 -41.10 8.52 -53.29
C ALA C 286 -41.38 7.98 -51.89
N ASN C 287 -41.03 8.76 -50.87
CA ASN C 287 -41.15 8.36 -49.48
C ASN C 287 -41.18 9.54 -48.52
N TYR C 288 -41.46 9.24 -47.25
CA TYR C 288 -41.28 10.15 -46.14
C TYR C 288 -40.14 9.50 -45.34
N ALA C 289 -39.18 10.31 -44.91
CA ALA C 289 -38.07 9.85 -44.09
C ALA C 289 -37.50 11.01 -43.29
N GLU C 290 -37.18 10.77 -42.02
CA GLU C 290 -36.60 11.83 -41.16
C GLU C 290 -35.66 11.20 -40.13
N TYR C 291 -34.52 11.82 -39.91
CA TYR C 291 -33.54 11.43 -38.88
C TYR C 291 -33.31 12.67 -38.02
N SER C 292 -33.54 12.55 -36.74
CA SER C 292 -33.39 13.68 -35.83
C SER C 292 -32.87 13.24 -34.48
N GLY C 293 -32.60 14.22 -33.61
CA GLY C 293 -32.14 14.01 -32.24
C GLY C 293 -30.78 13.36 -32.12
N ASP C 294 -29.85 13.73 -33.01
CA ASP C 294 -28.48 13.20 -33.12
C ASP C 294 -28.46 11.66 -33.14
N PRO C 295 -28.99 11.05 -34.23
CA PRO C 295 -29.01 9.58 -34.29
C PRO C 295 -27.65 8.97 -34.61
N ALA C 296 -27.43 7.73 -34.13
CA ALA C 296 -26.21 6.97 -34.38
C ALA C 296 -26.01 6.77 -35.89
N ASP C 297 -24.74 6.92 -36.34
CA ASP C 297 -24.36 6.84 -37.76
C ASP C 297 -24.82 5.55 -38.44
N TRP C 298 -24.78 4.40 -37.74
CA TRP C 298 -25.25 3.12 -38.29
C TRP C 298 -26.76 3.13 -38.55
N ALA C 299 -27.53 3.85 -37.72
CA ALA C 299 -28.98 4.01 -37.84
C ALA C 299 -29.27 4.86 -39.09
N VAL C 300 -28.44 5.89 -39.32
CA VAL C 300 -28.55 6.79 -40.46
C VAL C 300 -28.13 6.02 -41.75
N GLU C 301 -27.09 5.14 -41.63
CA GLU C 301 -26.58 4.27 -42.70
C GLU C 301 -27.67 3.30 -43.17
N ALA C 302 -28.44 2.76 -42.22
CA ALA C 302 -29.55 1.84 -42.46
C ALA C 302 -30.67 2.53 -43.21
N LEU C 303 -30.98 3.79 -42.81
CA LEU C 303 -32.03 4.60 -43.43
C LEU C 303 -31.69 4.94 -44.85
N THR C 304 -30.42 5.38 -45.08
CA THR C 304 -29.87 5.73 -46.41
C THR C 304 -30.05 4.56 -47.38
N GLU C 305 -29.60 3.35 -46.95
CA GLU C 305 -29.65 2.09 -47.69
C GLU C 305 -31.07 1.76 -48.16
N THR C 306 -32.08 1.97 -47.28
CA THR C 306 -33.52 1.74 -47.54
C THR C 306 -34.04 2.66 -48.67
N ILE C 307 -33.67 3.95 -48.61
CA ILE C 307 -34.07 4.99 -49.55
C ILE C 307 -33.49 4.73 -50.96
N CYS C 308 -32.26 4.20 -51.03
CA CYS C 308 -31.59 3.88 -52.29
C CYS C 308 -32.24 2.65 -52.99
N ARG C 309 -32.84 1.71 -52.22
CA ARG C 309 -33.51 0.52 -52.77
C ARG C 309 -34.86 0.87 -53.39
N LEU C 310 -35.34 2.11 -53.15
CA LEU C 310 -36.63 2.55 -53.71
C LEU C 310 -36.68 2.52 -55.25
N PRO C 311 -37.80 2.01 -55.83
CA PRO C 311 -37.86 1.89 -57.30
C PRO C 311 -38.11 3.19 -58.07
N ASN C 312 -37.47 3.28 -59.25
CA ASN C 312 -37.58 4.35 -60.27
C ASN C 312 -37.37 5.81 -59.74
N ILE C 313 -36.50 5.98 -58.74
CA ILE C 313 -36.20 7.30 -58.18
C ILE C 313 -35.17 8.02 -59.06
N LYS C 314 -35.44 9.29 -59.40
CA LYS C 314 -34.56 10.10 -60.26
C LYS C 314 -33.62 10.97 -59.41
N HIS C 315 -34.09 11.40 -58.20
CA HIS C 315 -33.37 12.27 -57.28
C HIS C 315 -33.57 11.87 -55.84
N ILE C 316 -32.51 12.11 -55.00
CA ILE C 316 -32.44 11.92 -53.54
C ILE C 316 -32.12 13.28 -52.92
N ILE C 317 -33.05 13.78 -52.12
CA ILE C 317 -32.96 15.04 -51.42
C ILE C 317 -32.43 14.79 -50.01
N VAL C 318 -31.14 15.08 -49.82
CA VAL C 318 -30.45 14.96 -48.55
C VAL C 318 -30.45 16.40 -47.96
N GLY C 319 -31.61 16.81 -47.46
CA GLY C 319 -31.80 18.14 -46.92
C GLY C 319 -31.95 18.21 -45.40
N GLY C 320 -32.13 19.42 -44.92
CA GLY C 320 -32.28 19.69 -43.51
C GLY C 320 -32.03 21.14 -43.23
N ALA C 321 -32.47 21.57 -42.06
CA ALA C 321 -32.28 22.94 -41.59
C ALA C 321 -30.89 23.01 -40.96
N ILE C 322 -30.64 24.01 -40.11
CA ILE C 322 -29.38 24.11 -39.41
C ILE C 322 -29.62 23.43 -38.06
N ALA C 323 -29.00 22.24 -37.86
CA ALA C 323 -29.13 21.46 -36.64
C ALA C 323 -28.65 22.25 -35.43
N ASN C 324 -29.31 22.03 -34.28
CA ASN C 324 -28.96 22.68 -33.02
C ASN C 324 -28.01 21.79 -32.26
N PHE C 325 -28.12 20.44 -32.41
CA PHE C 325 -27.26 19.52 -31.68
C PHE C 325 -26.84 18.28 -32.46
N THR C 326 -27.51 17.96 -33.56
CA THR C 326 -27.15 16.81 -34.40
C THR C 326 -25.81 17.07 -35.09
N ASP C 327 -24.82 16.18 -34.88
CA ASP C 327 -23.49 16.30 -35.50
C ASP C 327 -23.64 15.91 -36.96
N VAL C 328 -23.44 16.87 -37.89
CA VAL C 328 -23.64 16.57 -39.29
C VAL C 328 -22.46 15.69 -39.83
N LYS C 329 -21.22 15.85 -39.31
CA LYS C 329 -20.11 14.99 -39.74
C LYS C 329 -20.42 13.49 -39.44
N ALA C 330 -20.95 13.23 -38.23
CA ALA C 330 -21.35 11.91 -37.74
C ALA C 330 -22.50 11.32 -38.57
N THR C 331 -23.58 12.10 -38.80
CA THR C 331 -24.72 11.61 -39.59
C THR C 331 -24.36 11.43 -41.05
N PHE C 332 -23.54 12.37 -41.60
CA PHE C 332 -23.10 12.31 -43.00
C PHE C 332 -22.18 11.15 -43.25
N SER C 333 -21.43 10.69 -42.24
CA SER C 333 -20.58 9.50 -42.36
C SER C 333 -21.45 8.27 -42.59
N GLY C 334 -22.62 8.21 -41.93
CA GLY C 334 -23.61 7.15 -42.08
C GLY C 334 -24.25 7.18 -43.45
N ILE C 335 -24.63 8.38 -43.92
CA ILE C 335 -25.22 8.62 -45.24
C ILE C 335 -24.23 8.22 -46.34
N ILE C 336 -22.97 8.71 -46.29
CA ILE C 336 -21.89 8.39 -47.23
C ILE C 336 -21.69 6.88 -47.31
N ASN C 337 -21.54 6.21 -46.15
CA ASN C 337 -21.34 4.75 -46.11
C ASN C 337 -22.52 3.99 -46.72
N GLY C 338 -23.73 4.50 -46.50
CA GLY C 338 -24.94 3.94 -47.06
C GLY C 338 -25.00 4.14 -48.56
N PHE C 339 -24.48 5.28 -49.06
CA PHE C 339 -24.44 5.62 -50.48
C PHE C 339 -23.45 4.76 -51.23
N ARG C 340 -22.27 4.51 -50.60
CA ARG C 340 -21.19 3.68 -51.11
C ARG C 340 -21.64 2.22 -51.22
N GLU C 341 -22.31 1.69 -50.18
CA GLU C 341 -22.82 0.34 -50.12
C GLU C 341 -23.95 0.10 -51.14
N SER C 342 -24.79 1.13 -51.42
CA SER C 342 -25.89 1.08 -52.38
C SER C 342 -25.39 1.19 -53.83
N LYS C 343 -24.35 2.01 -54.08
CA LYS C 343 -23.82 2.15 -55.44
C LYS C 343 -23.03 0.91 -55.86
N SER C 344 -22.31 0.25 -54.91
CA SER C 344 -21.56 -0.98 -55.17
C SER C 344 -22.52 -2.12 -55.59
N LYS C 345 -23.76 -2.11 -55.06
CA LYS C 345 -24.84 -3.06 -55.40
C LYS C 345 -25.58 -2.65 -56.71
N GLY C 346 -25.20 -1.50 -57.29
CA GLY C 346 -25.73 -0.96 -58.53
C GLY C 346 -27.07 -0.25 -58.44
N TYR C 347 -27.37 0.32 -57.26
CA TYR C 347 -28.66 0.98 -57.05
C TYR C 347 -28.74 2.44 -57.49
N LEU C 348 -27.65 3.21 -57.35
CA LEU C 348 -27.76 4.66 -57.60
C LEU C 348 -27.28 5.15 -59.00
N GLU C 349 -27.27 4.26 -60.02
CA GLU C 349 -26.89 4.66 -61.37
C GLU C 349 -27.95 5.58 -62.00
N GLY C 350 -27.51 6.78 -62.39
CA GLY C 350 -28.34 7.80 -63.02
C GLY C 350 -28.97 8.77 -62.05
N VAL C 351 -29.19 8.32 -60.80
CA VAL C 351 -29.79 9.10 -59.72
C VAL C 351 -28.87 10.28 -59.33
N LYS C 352 -29.48 11.46 -59.16
CA LYS C 352 -28.81 12.69 -58.74
C LYS C 352 -29.05 12.89 -57.26
N ILE C 353 -27.99 13.19 -56.50
CA ILE C 353 -28.11 13.43 -55.06
C ILE C 353 -27.99 14.94 -54.83
N TRP C 354 -28.92 15.51 -54.06
CA TRP C 354 -28.94 16.94 -53.74
C TRP C 354 -28.75 17.11 -52.24
N VAL C 355 -27.66 17.76 -51.82
CA VAL C 355 -27.32 17.95 -50.41
C VAL C 355 -27.40 19.43 -50.02
N ARG C 356 -28.09 19.73 -48.91
CA ARG C 356 -28.18 21.05 -48.33
C ARG C 356 -28.35 20.83 -46.84
N ARG C 357 -27.37 21.27 -46.04
CA ARG C 357 -27.38 21.05 -44.61
C ARG C 357 -26.55 22.07 -43.84
N GLY C 358 -26.90 22.24 -42.58
CA GLY C 358 -26.23 23.07 -41.58
C GLY C 358 -26.31 22.40 -40.23
N GLY C 359 -25.47 22.84 -39.31
CA GLY C 359 -25.45 22.32 -37.96
C GLY C 359 -24.06 22.07 -37.42
N PRO C 360 -23.92 21.51 -36.19
CA PRO C 360 -22.58 21.25 -35.65
C PRO C 360 -21.72 20.34 -36.53
N ASN C 361 -20.52 20.82 -36.87
CA ASN C 361 -19.52 20.20 -37.74
C ASN C 361 -19.98 20.11 -39.20
N GLU C 362 -20.69 21.15 -39.67
CA GLU C 362 -21.21 21.22 -41.05
C GLU C 362 -20.11 21.33 -42.08
N ALA C 363 -19.01 22.05 -41.76
CA ALA C 363 -17.87 22.21 -42.66
C ALA C 363 -17.28 20.85 -43.04
N GLN C 364 -16.90 20.05 -42.02
CA GLN C 364 -16.34 18.69 -42.17
C GLN C 364 -17.29 17.74 -42.86
N GLY C 365 -18.56 17.77 -42.45
CA GLY C 365 -19.62 16.91 -42.97
C GLY C 365 -19.90 17.18 -44.42
N LEU C 366 -20.04 18.45 -44.78
CA LEU C 366 -20.30 18.87 -46.16
C LEU C 366 -19.10 18.61 -47.07
N ALA C 367 -17.87 18.79 -46.56
CA ALA C 367 -16.64 18.54 -47.31
C ALA C 367 -16.52 17.05 -47.65
N ALA C 368 -16.88 16.18 -46.68
CA ALA C 368 -16.82 14.75 -46.84
C ALA C 368 -17.84 14.26 -47.88
N ILE C 369 -19.11 14.75 -47.80
CA ILE C 369 -20.16 14.38 -48.75
C ILE C 369 -19.86 14.88 -50.17
N LYS C 370 -19.15 16.03 -50.32
CA LYS C 370 -18.74 16.66 -51.60
C LYS C 370 -17.79 15.71 -52.32
N GLN C 371 -16.87 15.06 -51.55
CA GLN C 371 -15.83 14.14 -52.03
C GLN C 371 -16.37 12.85 -52.71
N LEU C 372 -17.71 12.63 -52.70
CA LEU C 372 -18.29 11.50 -53.43
C LEU C 372 -18.34 11.80 -54.95
N GLN C 373 -18.09 13.07 -55.36
CA GLN C 373 -18.04 13.50 -56.77
C GLN C 373 -16.91 12.75 -57.48
N GLU C 374 -15.75 12.62 -56.80
CA GLU C 374 -14.53 11.95 -57.26
C GLU C 374 -14.73 10.43 -57.54
N GLU C 375 -15.71 9.81 -56.84
CA GLU C 375 -16.09 8.38 -56.91
C GLU C 375 -17.20 8.05 -57.94
N GLY C 376 -17.68 9.05 -58.68
CA GLY C 376 -18.69 8.91 -59.74
C GLY C 376 -20.14 9.25 -59.42
N PHE C 377 -20.40 9.83 -58.24
CA PHE C 377 -21.75 10.21 -57.83
C PHE C 377 -22.14 11.56 -58.43
N ASP C 378 -23.39 11.66 -58.96
CA ASP C 378 -23.94 12.90 -59.50
C ASP C 378 -24.51 13.71 -58.30
N ILE C 379 -23.61 14.12 -57.39
CA ILE C 379 -23.93 14.81 -56.14
C ILE C 379 -23.65 16.35 -56.19
N HIS C 380 -24.64 17.15 -55.77
CA HIS C 380 -24.57 18.61 -55.68
C HIS C 380 -24.76 18.98 -54.23
N VAL C 381 -23.72 19.52 -53.60
CA VAL C 381 -23.78 19.85 -52.17
C VAL C 381 -23.66 21.36 -51.97
N TYR C 382 -24.61 21.90 -51.17
CA TYR C 382 -24.78 23.30 -50.85
C TYR C 382 -24.78 23.51 -49.34
N ASP C 383 -24.44 24.73 -48.93
CA ASP C 383 -24.40 25.16 -47.55
C ASP C 383 -25.66 26.01 -47.26
N ARG C 384 -25.74 26.57 -46.04
CA ARG C 384 -26.82 27.42 -45.52
C ARG C 384 -27.22 28.59 -46.45
N SER C 385 -26.26 29.13 -47.24
CA SER C 385 -26.51 30.24 -48.17
C SER C 385 -27.62 29.91 -49.21
N MET C 386 -27.72 28.62 -49.58
CA MET C 386 -28.74 28.05 -50.45
C MET C 386 -30.03 27.94 -49.59
N PRO C 387 -31.12 28.72 -49.89
CA PRO C 387 -32.37 28.59 -49.08
C PRO C 387 -32.77 27.11 -49.04
N MET C 388 -33.16 26.65 -47.84
CA MET C 388 -33.49 25.27 -47.45
C MET C 388 -34.09 24.34 -48.55
N THR C 389 -35.33 24.66 -48.99
CA THR C 389 -36.13 23.89 -49.94
C THR C 389 -35.84 24.31 -51.41
N ASP C 390 -34.82 25.14 -51.66
CA ASP C 390 -34.54 25.58 -53.03
C ASP C 390 -33.73 24.56 -53.83
N ILE C 391 -33.26 23.48 -53.18
CA ILE C 391 -32.58 22.38 -53.87
C ILE C 391 -33.62 21.56 -54.62
N VAL C 392 -34.89 21.59 -54.15
CA VAL C 392 -36.04 20.93 -54.76
C VAL C 392 -36.33 21.53 -56.15
N ASP C 393 -36.30 22.86 -56.25
CA ASP C 393 -36.51 23.61 -57.48
C ASP C 393 -35.39 23.33 -58.50
N LEU C 394 -34.16 23.05 -58.01
CA LEU C 394 -32.97 22.73 -58.81
C LEU C 394 -33.10 21.32 -59.38
N ALA C 395 -33.50 20.38 -58.52
CA ALA C 395 -33.74 18.98 -58.82
C ALA C 395 -34.84 18.83 -59.88
N MET C 396 -35.91 19.67 -59.79
CA MET C 396 -37.03 19.71 -60.74
C MET C 396 -36.58 20.13 -62.14
N LYS C 397 -35.62 21.05 -62.23
CA LYS C 397 -35.05 21.51 -63.50
C LYS C 397 -34.18 20.37 -64.12
N SER C 398 -33.50 19.57 -63.25
CA SER C 398 -32.67 18.41 -63.63
C SER C 398 -33.51 17.11 -63.66
N SER D 2 -36.46 42.11 -27.38
CA SER D 2 -36.48 40.77 -26.78
C SER D 2 -37.81 40.56 -26.04
N ILE D 3 -38.25 39.30 -25.81
CA ILE D 3 -39.53 39.19 -25.10
C ILE D 3 -39.47 38.35 -23.79
N LEU D 4 -38.91 37.15 -23.73
CA LEU D 4 -39.08 36.47 -22.43
C LEU D 4 -37.84 36.32 -21.59
N ALA D 5 -36.73 36.09 -22.27
CA ALA D 5 -35.43 35.93 -21.68
C ALA D 5 -34.69 37.23 -21.94
N ASN D 6 -34.03 37.77 -20.93
CA ASN D 6 -33.26 39.01 -21.04
C ASN D 6 -32.05 38.91 -20.12
N LYS D 7 -31.23 39.96 -20.01
CA LYS D 7 -30.06 39.96 -19.14
C LYS D 7 -30.40 39.80 -17.64
N ASP D 8 -31.70 39.82 -17.28
CA ASP D 8 -32.19 39.66 -15.92
C ASP D 8 -32.60 38.23 -15.65
N THR D 9 -32.61 37.38 -16.69
CA THR D 9 -32.97 35.96 -16.57
C THR D 9 -31.83 35.20 -15.90
N ARG D 10 -32.18 34.51 -14.81
CA ARG D 10 -31.29 33.67 -14.01
C ARG D 10 -31.98 32.35 -13.89
N ALA D 11 -31.28 31.30 -14.32
CA ALA D 11 -31.92 30.00 -14.36
C ALA D 11 -31.40 29.00 -13.36
N VAL D 12 -32.26 28.03 -13.11
CA VAL D 12 -32.05 26.81 -12.36
C VAL D 12 -32.36 25.75 -13.42
N ILE D 13 -31.45 24.79 -13.61
CA ILE D 13 -31.69 23.71 -14.55
C ILE D 13 -32.04 22.49 -13.73
N ILE D 14 -33.25 21.96 -13.96
CA ILE D 14 -33.75 20.77 -13.27
C ILE D 14 -33.59 19.61 -14.25
N GLY D 15 -32.59 18.79 -14.04
CA GLY D 15 -32.26 17.67 -14.92
C GLY D 15 -30.81 17.28 -14.75
N GLY D 16 -30.44 16.21 -15.45
CA GLY D 16 -29.09 15.63 -15.38
C GLY D 16 -28.14 16.08 -16.46
N VAL D 17 -27.50 15.12 -17.14
CA VAL D 17 -26.48 15.33 -18.16
C VAL D 17 -27.00 16.21 -19.32
N ALA D 18 -28.28 16.06 -19.73
CA ALA D 18 -28.90 16.87 -20.79
C ALA D 18 -28.93 18.31 -20.35
N GLY D 19 -29.23 18.51 -19.06
CA GLY D 19 -29.27 19.81 -18.43
C GLY D 19 -27.91 20.46 -18.41
N VAL D 20 -26.86 19.68 -18.05
CA VAL D 20 -25.47 20.15 -18.01
C VAL D 20 -24.98 20.55 -19.41
N ASN D 21 -25.39 19.79 -20.47
CA ASN D 21 -24.99 20.15 -21.84
C ASN D 21 -25.65 21.43 -22.28
N ALA D 22 -26.88 21.68 -21.83
CA ALA D 22 -27.56 22.93 -22.17
C ALA D 22 -26.85 24.09 -21.54
N ALA D 23 -26.50 23.95 -20.23
CA ALA D 23 -25.78 24.91 -19.40
C ALA D 23 -24.47 25.26 -20.05
N LYS D 24 -23.77 24.27 -20.62
CA LYS D 24 -22.50 24.51 -21.29
C LYS D 24 -22.68 25.36 -22.55
N ARG D 25 -23.78 25.14 -23.29
CA ARG D 25 -24.13 25.93 -24.46
C ARG D 25 -24.50 27.37 -24.06
N MET D 26 -25.29 27.52 -22.99
CA MET D 26 -25.72 28.82 -22.46
C MET D 26 -24.51 29.58 -22.01
N ALA D 27 -23.47 28.92 -21.40
CA ALA D 27 -22.20 29.54 -20.96
C ALA D 27 -21.40 30.14 -22.13
N GLN D 28 -21.45 29.52 -23.32
CA GLN D 28 -20.76 29.97 -24.55
C GLN D 28 -21.44 31.24 -25.03
N PHE D 29 -22.81 31.28 -24.95
CA PHE D 29 -23.56 32.49 -25.29
C PHE D 29 -23.21 33.59 -24.30
N ASP D 30 -23.24 33.28 -22.99
CA ASP D 30 -22.91 34.20 -21.91
C ASP D 30 -21.56 34.86 -22.13
N PHE D 31 -20.56 34.08 -22.53
CA PHE D 31 -19.24 34.57 -22.86
C PHE D 31 -19.31 35.54 -24.08
N LEU D 32 -19.99 35.13 -25.17
CA LEU D 32 -20.15 35.91 -26.41
C LEU D 32 -20.76 37.29 -26.19
N VAL D 33 -21.85 37.37 -25.39
CA VAL D 33 -22.57 38.61 -25.12
C VAL D 33 -22.04 39.28 -23.86
N ASN D 34 -20.98 38.75 -23.30
CA ASN D 34 -20.34 39.26 -22.09
C ASN D 34 -21.35 39.54 -20.96
N ARG D 35 -21.98 38.48 -20.48
CA ARG D 35 -22.92 38.56 -19.37
C ARG D 35 -22.53 37.52 -18.33
N PRO D 36 -22.95 37.68 -17.04
CA PRO D 36 -22.69 36.63 -16.05
C PRO D 36 -23.50 35.39 -16.39
N LEU D 37 -23.03 34.23 -15.93
CA LEU D 37 -23.64 32.94 -16.18
C LEU D 37 -25.15 32.92 -15.89
N THR D 38 -25.95 32.40 -16.83
CA THR D 38 -27.41 32.31 -16.68
C THR D 38 -27.75 31.25 -15.64
N VAL D 39 -27.11 30.07 -15.74
CA VAL D 39 -27.33 28.97 -14.81
C VAL D 39 -26.71 29.30 -13.48
N GLN D 40 -27.52 29.26 -12.44
CA GLN D 40 -27.12 29.58 -11.08
C GLN D 40 -26.95 28.32 -10.30
N ALA D 41 -27.76 27.30 -10.63
CA ALA D 41 -27.84 26.04 -9.89
C ALA D 41 -28.42 24.95 -10.75
N PHE D 42 -28.21 23.70 -10.30
CA PHE D 42 -28.77 22.49 -10.88
C PHE D 42 -29.57 21.82 -9.77
N VAL D 43 -30.65 21.15 -10.14
CA VAL D 43 -31.45 20.39 -9.20
C VAL D 43 -31.48 19.02 -9.81
N TYR D 44 -30.90 18.04 -9.12
CA TYR D 44 -30.78 16.67 -9.57
C TYR D 44 -30.45 15.80 -8.37
N PRO D 45 -31.45 15.16 -7.74
CA PRO D 45 -31.16 14.28 -6.59
C PRO D 45 -30.05 13.24 -6.83
N PRO D 46 -29.93 12.50 -7.99
CA PRO D 46 -28.82 11.53 -8.12
C PRO D 46 -27.41 12.09 -7.91
N GLU D 47 -27.21 13.38 -8.24
CA GLU D 47 -25.91 14.06 -8.15
C GLU D 47 -25.92 15.20 -7.12
N ALA D 48 -26.88 15.19 -6.18
CA ALA D 48 -26.98 16.20 -5.13
C ALA D 48 -25.69 16.34 -4.33
N GLY D 49 -25.31 17.59 -4.12
CA GLY D 49 -24.14 17.95 -3.35
C GLY D 49 -22.92 18.25 -4.20
N GLN D 50 -22.85 17.63 -5.40
CA GLN D 50 -21.76 17.74 -6.38
C GLN D 50 -21.74 19.10 -7.01
N GLN D 51 -20.67 19.40 -7.74
CA GLN D 51 -20.51 20.65 -8.45
C GLN D 51 -20.16 20.33 -9.91
N LYS D 52 -20.74 21.09 -10.84
CA LYS D 52 -20.51 20.91 -12.26
C LYS D 52 -19.54 21.97 -12.73
N GLU D 53 -18.49 21.57 -13.45
CA GLU D 53 -17.51 22.50 -14.03
C GLU D 53 -18.08 23.00 -15.39
N ILE D 54 -18.42 24.28 -15.46
CA ILE D 54 -18.95 24.90 -16.66
C ILE D 54 -18.01 26.05 -17.05
N PHE D 55 -17.45 26.00 -18.28
CA PHE D 55 -16.55 27.07 -18.76
C PHE D 55 -17.32 28.23 -19.38
N ARG D 56 -17.07 29.43 -18.86
CA ARG D 56 -17.59 30.66 -19.46
C ARG D 56 -16.34 31.23 -20.18
N GLY D 57 -16.18 30.82 -21.43
CA GLY D 57 -15.02 31.14 -22.22
C GLY D 57 -13.88 30.27 -21.73
N GLY D 58 -12.86 30.91 -21.17
CA GLY D 58 -11.70 30.23 -20.62
C GLY D 58 -11.75 30.08 -19.12
N GLU D 59 -12.73 30.69 -18.47
CA GLU D 59 -12.92 30.69 -17.03
C GLU D 59 -13.87 29.59 -16.55
N LEU D 60 -13.40 28.77 -15.63
CA LEU D 60 -14.13 27.64 -15.06
C LEU D 60 -15.04 28.15 -13.98
N LYS D 61 -16.32 27.77 -14.06
CA LYS D 61 -17.33 28.12 -13.06
C LYS D 61 -17.82 26.82 -12.47
N ASN D 62 -17.86 26.72 -11.15
CA ASN D 62 -18.35 25.55 -10.48
C ASN D 62 -19.80 25.82 -10.11
N VAL D 63 -20.77 25.08 -10.69
CA VAL D 63 -22.21 25.26 -10.42
C VAL D 63 -22.69 24.12 -9.52
N THR D 64 -23.30 24.44 -8.37
CA THR D 64 -23.75 23.46 -7.39
C THR D 64 -24.98 22.68 -7.80
N VAL D 65 -25.00 21.38 -7.46
CA VAL D 65 -26.15 20.50 -7.65
C VAL D 65 -26.85 20.40 -6.28
N TYR D 66 -28.19 20.59 -6.30
CA TYR D 66 -29.06 20.51 -5.14
C TYR D 66 -30.02 19.34 -5.27
N ASP D 67 -30.49 18.79 -4.12
CA ASP D 67 -31.45 17.69 -4.06
C ASP D 67 -32.84 18.15 -4.52
N SER D 68 -33.23 19.39 -4.15
CA SER D 68 -34.53 19.96 -4.48
C SER D 68 -34.45 21.44 -4.73
N LEU D 69 -35.55 22.00 -5.26
CA LEU D 69 -35.66 23.41 -5.62
C LEU D 69 -35.59 24.38 -4.44
N ALA D 70 -36.24 24.02 -3.29
CA ALA D 70 -36.26 24.83 -2.07
C ALA D 70 -34.84 25.23 -1.62
N PRO D 71 -33.86 24.31 -1.39
CA PRO D 71 -32.50 24.75 -1.05
C PRO D 71 -31.80 25.54 -2.16
N ALA D 72 -32.10 25.24 -3.44
CA ALA D 72 -31.48 25.95 -4.56
C ALA D 72 -31.83 27.42 -4.51
N LEU D 73 -33.14 27.74 -4.34
CA LEU D 73 -33.67 29.10 -4.27
C LEU D 73 -33.29 29.81 -2.98
N GLU D 74 -33.06 29.03 -1.92
CA GLU D 74 -32.65 29.57 -0.63
C GLU D 74 -31.21 30.11 -0.79
N GLU D 75 -30.34 29.35 -1.48
CA GLU D 75 -28.97 29.73 -1.74
C GLU D 75 -28.82 30.71 -2.90
N HIS D 76 -29.79 30.74 -3.83
CA HIS D 76 -29.77 31.63 -5.00
C HIS D 76 -31.14 32.29 -5.16
N PRO D 77 -31.45 33.34 -4.35
CA PRO D 77 -32.81 33.96 -4.42
C PRO D 77 -33.08 34.67 -5.74
N ASP D 78 -31.97 34.98 -6.42
CA ASP D 78 -31.69 35.55 -7.71
C ASP D 78 -32.47 34.85 -8.86
N ILE D 79 -32.64 33.51 -8.80
CA ILE D 79 -33.27 32.65 -9.81
C ILE D 79 -34.71 33.04 -10.05
N ASN D 80 -35.09 33.18 -11.34
CA ASN D 80 -36.43 33.56 -11.76
C ASN D 80 -36.94 32.66 -12.91
N THR D 81 -36.13 31.68 -13.36
CA THR D 81 -36.44 30.80 -14.47
C THR D 81 -36.05 29.37 -14.17
N ALA D 82 -36.86 28.42 -14.64
CA ALA D 82 -36.58 27.00 -14.47
C ALA D 82 -36.64 26.32 -15.81
N LEU D 83 -35.62 25.50 -16.11
CA LEU D 83 -35.57 24.73 -17.35
C LEU D 83 -35.63 23.27 -16.94
N ILE D 84 -36.60 22.53 -17.47
CA ILE D 84 -36.83 21.12 -17.13
C ILE D 84 -36.25 20.24 -18.21
N TYR D 85 -35.25 19.48 -17.82
CA TYR D 85 -34.48 18.54 -18.64
C TYR D 85 -34.66 17.10 -18.15
N LEU D 86 -35.72 16.83 -17.42
CA LEU D 86 -36.01 15.49 -16.90
C LEU D 86 -36.88 14.73 -17.90
N GLY D 87 -36.95 13.41 -17.75
CA GLY D 87 -37.78 12.56 -18.59
C GLY D 87 -39.25 12.75 -18.26
N ALA D 88 -40.13 12.28 -19.17
CA ALA D 88 -41.61 12.40 -19.11
C ALA D 88 -42.25 12.01 -17.76
N SER D 89 -41.75 10.95 -17.11
CA SER D 89 -42.27 10.45 -15.83
C SER D 89 -42.05 11.38 -14.63
N ARG D 90 -41.04 12.30 -14.72
CA ARG D 90 -40.69 13.22 -13.64
C ARG D 90 -40.86 14.69 -13.97
N ALA D 91 -40.90 15.04 -15.29
CA ALA D 91 -40.91 16.40 -15.79
C ALA D 91 -42.07 17.24 -15.29
N ALA D 92 -43.31 16.76 -15.43
CA ALA D 92 -44.49 17.50 -15.00
C ALA D 92 -44.51 17.85 -13.49
N GLN D 93 -44.03 16.94 -12.60
CA GLN D 93 -43.96 17.23 -11.16
C GLN D 93 -42.89 18.30 -10.87
N ALA D 94 -41.75 18.25 -11.58
CA ALA D 94 -40.69 19.24 -11.44
C ALA D 94 -41.18 20.58 -11.93
N ALA D 95 -41.98 20.60 -13.03
CA ALA D 95 -42.56 21.82 -13.61
C ALA D 95 -43.59 22.42 -12.64
N LYS D 96 -44.37 21.58 -11.95
CA LYS D 96 -45.35 22.01 -10.95
C LYS D 96 -44.64 22.72 -9.79
N GLU D 97 -43.59 22.08 -9.24
CA GLU D 97 -42.75 22.60 -8.15
C GLU D 97 -42.18 23.96 -8.50
N ALA D 98 -41.69 24.11 -9.76
CA ALA D 98 -41.12 25.36 -10.25
C ALA D 98 -42.20 26.46 -10.35
N LEU D 99 -43.37 26.14 -10.93
CA LEU D 99 -44.48 27.09 -11.07
C LEU D 99 -44.99 27.57 -9.71
N GLU D 100 -45.03 26.68 -8.71
CA GLU D 100 -45.47 27.00 -7.34
C GLU D 100 -44.43 27.78 -6.51
N SER D 101 -43.14 27.85 -6.95
CA SER D 101 -42.08 28.62 -6.29
C SER D 101 -42.33 30.10 -6.54
N PRO D 102 -42.48 30.95 -5.48
CA PRO D 102 -42.76 32.40 -5.74
C PRO D 102 -41.70 33.17 -6.52
N ASN D 103 -40.44 32.70 -6.52
CA ASN D 103 -39.33 33.32 -7.24
C ASN D 103 -39.43 33.12 -8.77
N ILE D 104 -39.81 31.91 -9.21
CA ILE D 104 -39.88 31.50 -10.62
C ILE D 104 -41.03 32.15 -11.38
N GLN D 105 -40.71 32.88 -12.47
CA GLN D 105 -41.71 33.54 -13.30
C GLN D 105 -41.92 32.84 -14.65
N LEU D 106 -40.90 32.12 -15.13
CA LEU D 106 -40.87 31.40 -16.40
C LEU D 106 -40.36 29.98 -16.19
N VAL D 107 -41.10 28.99 -16.74
CA VAL D 107 -40.73 27.56 -16.73
C VAL D 107 -40.77 27.10 -18.17
N SER D 108 -39.64 26.57 -18.66
CA SER D 108 -39.56 26.01 -20.01
C SER D 108 -39.20 24.52 -19.91
N MET D 109 -39.90 23.66 -20.67
CA MET D 109 -39.71 22.22 -20.71
C MET D 109 -39.21 21.77 -22.06
N ILE D 110 -38.13 21.00 -22.08
CA ILE D 110 -37.55 20.45 -23.30
C ILE D 110 -38.07 19.04 -23.53
N THR D 111 -38.57 18.43 -22.45
CA THR D 111 -39.08 17.08 -22.37
C THR D 111 -40.05 16.75 -23.46
N GLU D 112 -39.86 15.58 -24.07
CA GLU D 112 -40.73 14.99 -25.08
C GLU D 112 -41.45 13.82 -24.41
N GLY D 113 -42.65 13.50 -24.87
CA GLY D 113 -43.47 12.41 -24.33
C GLY D 113 -44.19 12.73 -23.04
N VAL D 114 -44.40 14.04 -22.73
CA VAL D 114 -45.14 14.50 -21.54
C VAL D 114 -46.63 14.28 -21.85
N PRO D 115 -47.35 13.48 -21.00
CA PRO D 115 -48.77 13.25 -21.24
C PRO D 115 -49.55 14.54 -21.41
N GLU D 116 -50.45 14.58 -22.42
CA GLU D 116 -51.31 15.71 -22.73
C GLU D 116 -52.04 16.17 -21.49
N LYS D 117 -52.57 15.22 -20.68
CA LYS D 117 -53.24 15.52 -19.41
C LYS D 117 -52.35 16.35 -18.48
N ASP D 118 -51.04 16.02 -18.40
CA ASP D 118 -50.08 16.74 -17.57
C ASP D 118 -49.81 18.15 -18.10
N ALA D 119 -49.62 18.31 -19.43
CA ALA D 119 -49.38 19.60 -20.05
C ALA D 119 -50.59 20.54 -19.87
N LYS D 120 -51.81 19.99 -19.98
CA LYS D 120 -53.07 20.74 -19.80
C LYS D 120 -53.17 21.28 -18.37
N ARG D 121 -52.87 20.42 -17.35
CA ARG D 121 -52.87 20.74 -15.93
C ARG D 121 -51.83 21.82 -15.62
N LEU D 122 -50.65 21.72 -16.23
CA LEU D 122 -49.57 22.72 -16.05
C LEU D 122 -49.93 24.06 -16.65
N LYS D 123 -50.63 24.08 -17.80
CA LYS D 123 -51.07 25.31 -18.45
C LYS D 123 -52.03 26.06 -17.53
N LYS D 124 -53.02 25.34 -16.94
CA LYS D 124 -54.02 25.91 -16.02
C LYS D 124 -53.39 26.42 -14.73
N LEU D 125 -52.40 25.70 -14.20
CA LEU D 125 -51.66 26.12 -13.00
C LEU D 125 -50.86 27.41 -13.26
N ALA D 126 -50.17 27.50 -14.43
CA ALA D 126 -49.41 28.67 -14.81
C ALA D 126 -50.34 29.88 -14.95
N GLN D 127 -51.57 29.68 -15.49
CA GLN D 127 -52.58 30.72 -15.64
C GLN D 127 -53.07 31.24 -14.29
N LYS D 128 -53.38 30.33 -13.33
CA LYS D 128 -53.84 30.69 -11.98
C LYS D 128 -52.79 31.56 -11.30
N LEU D 129 -51.52 31.14 -11.34
CA LEU D 129 -50.39 31.80 -10.69
C LEU D 129 -49.84 33.00 -11.46
N GLY D 130 -50.34 33.23 -12.66
CA GLY D 130 -49.90 34.34 -13.51
C GLY D 130 -48.47 34.22 -13.97
N LYS D 131 -48.04 32.98 -14.27
CA LYS D 131 -46.68 32.66 -14.73
C LYS D 131 -46.66 32.15 -16.15
N MET D 132 -45.48 32.16 -16.77
CA MET D 132 -45.27 31.72 -18.14
C MET D 132 -44.75 30.29 -18.18
N LEU D 133 -45.36 29.46 -19.01
CA LEU D 133 -44.95 28.07 -19.24
C LEU D 133 -44.70 27.89 -20.71
N ASN D 134 -43.50 27.51 -21.06
CA ASN D 134 -43.07 27.27 -22.43
C ASN D 134 -42.84 25.77 -22.59
N GLY D 135 -43.32 25.21 -23.69
CA GLY D 135 -43.21 23.80 -23.97
C GLY D 135 -44.45 23.05 -23.55
N PRO D 136 -44.38 21.71 -23.29
CA PRO D 136 -43.18 20.85 -23.36
C PRO D 136 -42.68 20.68 -24.80
N SER D 137 -41.54 20.01 -24.97
CA SER D 137 -40.91 19.81 -26.28
C SER D 137 -40.38 21.11 -26.90
N SER D 138 -39.89 22.05 -26.06
CA SER D 138 -39.32 23.29 -26.57
C SER D 138 -37.79 23.25 -26.49
N ILE D 139 -37.10 23.42 -27.63
CA ILE D 139 -35.65 23.43 -27.65
C ILE D 139 -35.08 24.60 -26.82
N GLY D 140 -35.87 25.66 -26.63
CA GLY D 140 -35.48 26.83 -25.86
C GLY D 140 -36.05 28.13 -26.38
N ILE D 141 -35.58 29.22 -25.79
CA ILE D 141 -35.88 30.65 -26.01
C ILE D 141 -34.52 31.30 -26.19
N MET D 142 -34.39 32.16 -27.20
CA MET D 142 -33.14 32.83 -27.52
C MET D 142 -33.43 34.30 -27.73
N SER D 143 -32.81 35.19 -26.92
CA SER D 143 -32.92 36.62 -27.06
C SER D 143 -31.55 37.11 -27.44
N ALA D 144 -31.40 37.50 -28.73
CA ALA D 144 -30.12 37.97 -29.26
C ALA D 144 -29.50 39.08 -28.42
N GLY D 145 -28.24 38.87 -28.04
CA GLY D 145 -27.46 39.81 -27.24
C GLY D 145 -27.81 39.84 -25.77
N GLU D 146 -28.79 39.04 -25.35
CA GLU D 146 -29.28 39.06 -23.98
C GLU D 146 -29.29 37.74 -23.23
N CYS D 147 -29.94 36.69 -23.78
CA CYS D 147 -30.11 35.44 -23.06
C CYS D 147 -30.40 34.30 -23.95
N ARG D 148 -29.86 33.13 -23.63
CA ARG D 148 -30.11 31.87 -24.31
C ARG D 148 -30.61 30.86 -23.25
N LEU D 149 -31.77 30.28 -23.47
CA LEU D 149 -32.30 29.27 -22.56
C LEU D 149 -32.39 28.04 -23.39
N GLY D 150 -31.58 27.05 -23.10
CA GLY D 150 -31.55 25.86 -23.91
C GLY D 150 -30.42 25.82 -24.91
N VAL D 151 -30.40 24.77 -25.75
CA VAL D 151 -29.37 24.54 -26.79
C VAL D 151 -29.69 25.25 -28.10
N ILE D 152 -30.84 25.92 -28.18
CA ILE D 152 -31.27 26.70 -29.34
C ILE D 152 -30.11 27.61 -29.83
N GLY D 153 -29.89 27.62 -31.15
CA GLY D 153 -28.83 28.43 -31.74
C GLY D 153 -27.60 27.65 -32.15
N GLY D 154 -27.50 26.40 -31.72
CA GLY D 154 -26.41 25.49 -32.05
C GLY D 154 -25.00 25.89 -31.63
N GLU D 155 -24.00 25.54 -32.47
CA GLU D 155 -22.58 25.79 -32.25
C GLU D 155 -22.24 27.29 -32.20
N PHE D 156 -21.13 27.65 -31.54
CA PHE D 156 -20.66 29.03 -31.34
C PHE D 156 -20.53 29.79 -32.66
N LYS D 157 -20.01 29.13 -33.72
CA LYS D 157 -19.89 29.68 -35.08
C LYS D 157 -21.27 30.11 -35.62
N ASN D 158 -22.33 29.36 -35.27
CA ASN D 158 -23.69 29.69 -35.69
C ASN D 158 -24.20 30.94 -34.97
N LEU D 159 -23.88 31.12 -33.67
CA LEU D 159 -24.28 32.33 -32.93
C LEU D 159 -23.74 33.56 -33.63
N LYS D 160 -22.52 33.46 -34.18
CA LYS D 160 -21.84 34.55 -34.88
C LYS D 160 -22.43 34.78 -36.26
N LEU D 161 -22.71 33.70 -37.02
CA LEU D 161 -23.31 33.77 -38.36
C LEU D 161 -24.73 34.32 -38.35
N CYS D 162 -25.49 34.04 -37.27
CA CYS D 162 -26.87 34.51 -37.11
C CYS D 162 -26.96 35.84 -36.38
N ASN D 163 -25.80 36.42 -36.07
CA ASN D 163 -25.64 37.71 -35.39
C ASN D 163 -26.40 37.76 -34.06
N LEU D 164 -26.36 36.64 -33.32
CA LEU D 164 -27.09 36.49 -32.06
C LEU D 164 -26.43 37.22 -30.88
N TYR D 165 -25.38 38.00 -31.17
CA TYR D 165 -24.69 38.81 -30.16
C TYR D 165 -25.31 40.21 -30.03
N ARG D 166 -26.38 40.48 -30.79
CA ARG D 166 -27.06 41.80 -30.75
C ARG D 166 -28.47 41.71 -31.33
N GLN D 167 -29.38 42.55 -30.84
CA GLN D 167 -30.79 42.61 -31.29
C GLN D 167 -30.92 43.07 -32.73
N GLY D 168 -31.77 42.39 -33.47
CA GLY D 168 -32.13 42.71 -34.85
C GLY D 168 -33.52 43.31 -34.78
N SER D 169 -34.40 42.98 -35.75
CA SER D 169 -35.74 43.55 -35.77
C SER D 169 -36.82 42.51 -35.94
N PHE D 170 -36.43 41.24 -36.06
CA PHE D 170 -37.32 40.12 -36.32
C PHE D 170 -37.54 39.18 -35.15
N GLY D 171 -38.79 38.86 -34.86
CA GLY D 171 -39.11 37.90 -33.82
C GLY D 171 -39.30 36.58 -34.52
N VAL D 172 -39.08 35.46 -33.85
CA VAL D 172 -39.24 34.13 -34.44
C VAL D 172 -40.12 33.30 -33.53
N LEU D 173 -41.14 32.67 -34.11
CA LEU D 173 -42.08 31.79 -33.42
C LEU D 173 -42.19 30.50 -34.19
N THR D 174 -41.74 29.38 -33.63
CA THR D 174 -41.88 28.12 -34.34
C THR D 174 -42.45 27.07 -33.39
N LYS D 175 -42.97 25.99 -33.93
CA LYS D 175 -43.42 24.84 -33.15
C LYS D 175 -42.15 23.94 -33.06
N SER D 176 -41.53 23.71 -34.26
CA SER D 176 -40.32 22.95 -34.57
C SER D 176 -39.03 23.58 -34.04
N GLY D 177 -38.22 22.75 -33.38
CA GLY D 177 -36.93 23.13 -32.82
C GLY D 177 -35.90 23.42 -33.89
N GLY D 178 -35.71 22.46 -34.82
CA GLY D 178 -34.78 22.57 -35.93
C GLY D 178 -34.99 23.79 -36.83
N LEU D 179 -36.27 24.15 -36.99
CA LEU D 179 -36.68 25.28 -37.81
C LEU D 179 -36.50 26.64 -37.16
N SER D 180 -36.28 26.67 -35.83
CA SER D 180 -36.11 27.96 -35.15
C SER D 180 -34.71 28.48 -35.48
N ASN D 181 -33.75 27.54 -35.60
CA ASN D 181 -32.38 27.81 -36.00
C ASN D 181 -32.31 28.24 -37.48
N GLU D 182 -33.14 27.64 -38.36
CA GLU D 182 -33.19 27.99 -39.76
C GLU D 182 -33.80 29.40 -39.93
N ALA D 183 -34.86 29.72 -39.14
CA ALA D 183 -35.51 31.03 -39.20
C ALA D 183 -34.57 32.13 -38.72
N MET D 184 -33.79 31.86 -37.65
CA MET D 184 -32.81 32.80 -37.09
C MET D 184 -31.77 33.16 -38.12
N TRP D 185 -31.34 32.15 -38.89
CA TRP D 185 -30.38 32.31 -39.96
C TRP D 185 -30.97 33.14 -41.10
N LEU D 186 -32.24 32.85 -41.47
CA LEU D 186 -32.94 33.56 -42.53
C LEU D 186 -33.08 35.06 -42.24
N CYS D 187 -33.33 35.45 -40.98
CA CYS D 187 -33.45 36.81 -40.48
C CYS D 187 -32.09 37.50 -40.51
N ALA D 188 -30.97 36.77 -40.25
CA ALA D 188 -29.60 37.31 -40.27
C ALA D 188 -29.14 37.52 -41.71
N GLN D 189 -29.39 36.51 -42.56
CA GLN D 189 -29.06 36.47 -43.99
C GLN D 189 -29.83 37.50 -44.85
N ASN D 190 -31.13 37.70 -44.59
CA ASN D 190 -32.02 38.55 -45.38
C ASN D 190 -32.57 39.79 -44.68
N GLY D 191 -32.40 39.85 -43.37
CA GLY D 191 -32.80 40.99 -42.57
C GLY D 191 -31.62 41.49 -41.78
N ASP D 192 -31.88 41.92 -40.53
CA ASP D 192 -30.84 42.39 -39.61
C ASP D 192 -30.69 41.52 -38.34
N GLY D 193 -31.25 40.32 -38.38
CA GLY D 193 -31.23 39.40 -37.25
C GLY D 193 -32.51 39.43 -36.46
N ILE D 194 -32.54 38.64 -35.40
CA ILE D 194 -33.66 38.47 -34.50
C ILE D 194 -33.61 39.32 -33.21
N THR D 195 -34.76 39.48 -32.57
CA THR D 195 -34.94 40.12 -31.25
C THR D 195 -34.99 38.92 -30.30
N SER D 196 -36.04 38.10 -30.41
CA SER D 196 -36.22 36.85 -29.68
C SER D 196 -36.74 35.75 -30.61
N ALA D 197 -36.28 34.50 -30.41
CA ALA D 197 -36.73 33.30 -31.10
C ALA D 197 -37.31 32.38 -30.03
N VAL D 198 -38.58 31.96 -30.21
CA VAL D 198 -39.25 31.07 -29.26
C VAL D 198 -39.72 29.84 -30.00
N ALA D 199 -39.32 28.67 -29.51
CA ALA D 199 -39.80 27.37 -29.97
C ALA D 199 -40.92 27.07 -28.95
N ILE D 200 -42.19 27.09 -29.39
CA ILE D 200 -43.34 26.87 -28.49
C ILE D 200 -43.54 25.37 -28.15
N GLY D 201 -42.92 24.50 -28.96
CA GLY D 201 -43.06 23.06 -28.78
C GLY D 201 -43.98 22.47 -29.81
N GLY D 202 -43.82 21.18 -30.09
CA GLY D 202 -44.63 20.51 -31.09
C GLY D 202 -45.75 19.66 -30.53
N ASP D 203 -45.98 19.77 -29.20
CA ASP D 203 -47.00 19.01 -28.51
C ASP D 203 -48.40 19.57 -28.80
N ALA D 204 -49.43 18.71 -28.64
CA ALA D 204 -50.83 19.03 -28.91
C ALA D 204 -51.28 20.26 -28.14
N TYR D 205 -50.83 20.36 -26.88
CA TYR D 205 -51.20 21.43 -25.98
C TYR D 205 -49.98 22.17 -25.41
N PRO D 206 -49.41 23.17 -26.16
CA PRO D 206 -48.28 23.94 -25.63
C PRO D 206 -48.72 24.82 -24.45
N GLY D 207 -47.78 25.13 -23.57
CA GLY D 207 -48.03 25.96 -22.39
C GLY D 207 -48.51 27.35 -22.72
N THR D 208 -47.92 27.94 -23.78
CA THR D 208 -48.26 29.27 -24.31
C THR D 208 -48.38 29.15 -25.83
N ASP D 209 -49.47 29.66 -26.41
CA ASP D 209 -49.69 29.56 -27.84
C ASP D 209 -49.06 30.76 -28.60
N PHE D 210 -49.21 30.80 -29.94
CA PHE D 210 -48.70 31.86 -30.81
C PHE D 210 -49.21 33.25 -30.47
N VAL D 211 -50.55 33.45 -30.25
CA VAL D 211 -51.15 34.78 -29.94
C VAL D 211 -50.55 35.39 -28.67
N THR D 212 -50.37 34.57 -27.60
CA THR D 212 -49.74 34.96 -26.33
C THR D 212 -48.37 35.60 -26.60
N TYR D 213 -47.57 34.99 -27.46
CA TYR D 213 -46.27 35.51 -27.85
C TYR D 213 -46.33 36.70 -28.77
N LEU D 214 -47.32 36.73 -29.70
CA LEU D 214 -47.50 37.82 -30.68
C LEU D 214 -47.89 39.11 -29.94
N GLU D 215 -48.70 38.96 -28.89
CA GLU D 215 -49.12 40.07 -28.04
C GLU D 215 -47.87 40.70 -27.40
N MET D 216 -46.95 39.86 -26.91
CA MET D 216 -45.68 40.26 -26.28
C MET D 216 -44.76 40.93 -27.29
N PHE D 217 -44.69 40.40 -28.52
CA PHE D 217 -43.87 40.96 -29.60
C PHE D 217 -44.41 42.31 -30.04
N GLU D 218 -45.76 42.46 -30.05
CA GLU D 218 -46.47 43.71 -30.40
C GLU D 218 -46.07 44.84 -29.43
N LYS D 219 -45.88 44.51 -28.17
CA LYS D 219 -45.46 45.43 -27.10
C LYS D 219 -43.92 45.66 -27.04
N ASP D 220 -43.09 44.80 -27.70
CA ASP D 220 -41.63 44.97 -27.73
C ASP D 220 -41.29 45.99 -28.85
N PRO D 221 -40.81 47.22 -28.49
CA PRO D 221 -40.50 48.22 -29.54
C PRO D 221 -39.44 47.79 -30.56
N ALA D 222 -38.47 46.92 -30.14
CA ALA D 222 -37.39 46.40 -30.98
C ALA D 222 -37.91 45.46 -32.11
N THR D 223 -38.99 44.69 -31.85
CA THR D 223 -39.58 43.77 -32.83
C THR D 223 -40.47 44.54 -33.78
N LYS D 224 -40.14 44.52 -35.08
CA LYS D 224 -40.90 45.22 -36.11
C LYS D 224 -41.69 44.24 -37.00
N ALA D 225 -41.27 42.96 -37.02
CA ALA D 225 -41.85 41.85 -37.77
C ALA D 225 -41.64 40.55 -37.04
N VAL D 226 -42.53 39.55 -37.28
CA VAL D 226 -42.45 38.22 -36.67
C VAL D 226 -42.51 37.16 -37.74
N VAL D 227 -41.56 36.21 -37.72
CA VAL D 227 -41.52 35.06 -38.63
C VAL D 227 -42.12 33.89 -37.84
N MET D 228 -43.29 33.46 -38.23
CA MET D 228 -43.99 32.38 -37.57
C MET D 228 -43.98 31.13 -38.46
N ILE D 229 -43.47 30.02 -37.94
CA ILE D 229 -43.39 28.77 -38.66
C ILE D 229 -44.24 27.74 -37.97
N GLY D 230 -45.37 27.44 -38.60
CA GLY D 230 -46.33 26.47 -38.10
C GLY D 230 -46.45 25.22 -38.94
N GLU D 231 -47.37 24.35 -38.54
CA GLU D 231 -47.63 23.07 -39.19
C GLU D 231 -49.13 22.76 -39.08
N VAL D 232 -49.61 21.82 -39.91
CA VAL D 232 -50.97 21.28 -39.90
C VAL D 232 -51.21 20.64 -38.51
N GLY D 233 -52.42 20.79 -37.98
CA GLY D 233 -52.78 20.26 -36.67
C GLY D 233 -53.04 21.36 -35.65
N GLY D 234 -54.20 21.29 -35.00
CA GLY D 234 -54.63 22.29 -34.02
C GLY D 234 -55.09 23.57 -34.69
N ASN D 235 -55.43 24.60 -33.91
CA ASN D 235 -55.93 25.87 -34.45
C ASN D 235 -55.10 27.10 -34.03
N LEU D 236 -53.88 26.89 -33.56
CA LEU D 236 -52.95 27.91 -33.09
C LEU D 236 -52.61 29.00 -34.11
N GLU D 237 -52.51 28.64 -35.39
CA GLU D 237 -52.17 29.56 -36.49
C GLU D 237 -53.41 30.33 -36.96
N GLU D 238 -54.60 29.70 -36.87
CA GLU D 238 -55.88 30.35 -37.21
C GLU D 238 -56.19 31.43 -36.16
N GLU D 239 -55.93 31.13 -34.87
CA GLU D 239 -56.08 32.08 -33.76
C GLU D 239 -55.13 33.26 -33.94
N ALA D 240 -53.93 33.02 -34.50
CA ALA D 240 -52.93 34.07 -34.79
C ALA D 240 -53.44 34.96 -35.94
N ALA D 241 -54.11 34.36 -36.95
CA ALA D 241 -54.71 35.09 -38.08
C ALA D 241 -55.88 35.93 -37.58
N GLU D 242 -56.63 35.39 -36.60
CA GLU D 242 -57.73 36.05 -35.90
C GLU D 242 -57.16 37.28 -35.14
N TRP D 243 -56.07 37.10 -34.38
CA TRP D 243 -55.38 38.17 -33.64
C TRP D 243 -54.94 39.32 -34.59
N LEU D 244 -54.34 38.96 -35.73
CA LEU D 244 -53.83 39.91 -36.73
C LEU D 244 -54.94 40.67 -37.41
N ALA D 245 -56.07 40.01 -37.72
CA ALA D 245 -57.23 40.62 -38.38
C ALA D 245 -58.05 41.53 -37.46
N ALA D 246 -58.17 41.16 -36.18
CA ALA D 246 -58.94 41.82 -35.12
C ALA D 246 -58.73 43.33 -34.99
N GLU D 247 -57.48 43.82 -35.14
CA GLU D 247 -57.10 45.23 -34.99
C GLU D 247 -55.92 45.56 -35.91
N PRO D 248 -55.64 46.86 -36.22
CA PRO D 248 -54.42 47.17 -36.99
C PRO D 248 -53.20 47.00 -36.07
N ARG D 249 -52.27 46.09 -36.42
CA ARG D 249 -51.09 45.77 -35.63
C ARG D 249 -49.82 46.41 -36.18
N ARG D 250 -48.92 46.82 -35.27
CA ARG D 250 -47.64 47.44 -35.57
C ARG D 250 -46.66 46.45 -36.25
N ILE D 251 -46.60 45.23 -35.73
CA ILE D 251 -45.72 44.19 -36.25
C ILE D 251 -46.31 43.56 -37.51
N LYS D 252 -45.45 43.24 -38.46
CA LYS D 252 -45.76 42.53 -39.69
C LYS D 252 -45.61 41.06 -39.38
N LEU D 253 -46.43 40.21 -39.99
CA LEU D 253 -46.36 38.78 -39.73
C LEU D 253 -45.98 38.05 -41.01
N ILE D 254 -44.88 37.27 -40.97
CA ILE D 254 -44.40 36.43 -42.06
C ILE D 254 -44.67 35.01 -41.62
N ALA D 255 -45.40 34.22 -42.40
CA ALA D 255 -45.75 32.87 -41.98
C ALA D 255 -45.57 31.79 -43.03
N ALA D 256 -45.07 30.63 -42.59
CA ALA D 256 -44.89 29.44 -43.41
C ALA D 256 -45.57 28.28 -42.65
N ILE D 257 -46.44 27.54 -43.34
CA ILE D 257 -47.19 26.44 -42.74
C ILE D 257 -46.85 25.12 -43.43
N GLY D 258 -46.27 24.19 -42.68
CA GLY D 258 -45.92 22.87 -43.18
C GLY D 258 -47.13 21.96 -43.21
N GLY D 259 -47.17 21.06 -44.18
CA GLY D 259 -48.22 20.06 -44.28
C GLY D 259 -49.17 20.16 -45.46
N THR D 260 -48.71 20.70 -46.61
CA THR D 260 -49.57 20.81 -47.79
C THR D 260 -49.59 19.46 -48.55
N CYS D 261 -49.19 18.36 -47.85
CA CYS D 261 -49.21 16.99 -48.34
C CYS D 261 -50.66 16.47 -48.15
N GLN D 262 -51.56 16.97 -49.01
CA GLN D 262 -53.00 16.68 -49.12
C GLN D 262 -53.20 15.77 -50.33
N GLU D 263 -52.08 15.31 -50.90
CA GLU D 263 -52.03 14.40 -52.03
C GLU D 263 -51.44 13.07 -51.60
N VAL D 264 -50.89 13.02 -50.37
CA VAL D 264 -50.32 11.79 -49.82
C VAL D 264 -51.34 11.08 -48.90
N LEU D 265 -51.29 9.74 -48.93
CA LEU D 265 -52.16 8.82 -48.18
C LEU D 265 -51.33 8.11 -47.11
N LYS D 281 -65.33 19.22 -41.21
CA LYS D 281 -64.35 20.06 -41.91
C LYS D 281 -62.93 19.87 -41.35
N GLY D 282 -61.95 19.78 -42.26
CA GLY D 282 -60.52 19.69 -42.00
C GLY D 282 -59.97 21.08 -41.77
N ALA D 283 -60.46 21.70 -40.69
CA ALA D 283 -60.21 23.05 -40.26
C ALA D 283 -58.73 23.33 -39.96
N GLY D 284 -58.01 22.29 -39.53
CA GLY D 284 -56.59 22.38 -39.17
C GLY D 284 -55.64 22.09 -40.31
N SER D 285 -56.10 22.15 -41.59
CA SER D 285 -55.28 21.92 -42.78
C SER D 285 -54.31 23.10 -43.06
N ALA D 286 -53.11 22.81 -43.60
CA ALA D 286 -52.08 23.79 -43.97
C ALA D 286 -52.55 24.82 -44.98
N ARG D 287 -53.42 24.42 -45.92
CA ARG D 287 -53.94 25.29 -46.96
C ARG D 287 -54.96 26.28 -46.38
N SER D 288 -55.76 25.84 -45.39
CA SER D 288 -56.75 26.69 -44.70
C SER D 288 -56.04 27.75 -43.83
N LYS D 289 -55.00 27.34 -43.07
CA LYS D 289 -54.19 28.21 -42.23
C LYS D 289 -53.50 29.28 -43.09
N MET D 290 -52.86 28.86 -44.21
CA MET D 290 -52.18 29.75 -45.17
C MET D 290 -53.15 30.78 -45.74
N ASN D 291 -54.39 30.39 -46.06
CA ASN D 291 -55.43 31.29 -46.54
C ASN D 291 -55.89 32.25 -45.43
N ALA D 292 -56.14 31.74 -44.20
CA ALA D 292 -56.56 32.50 -43.02
C ALA D 292 -55.55 33.60 -42.73
N LEU D 293 -54.24 33.26 -42.71
CA LEU D 293 -53.15 34.21 -42.48
C LEU D 293 -53.01 35.21 -43.63
N ARG D 294 -53.00 34.72 -44.89
CA ARG D 294 -52.90 35.55 -46.11
C ARG D 294 -54.03 36.59 -46.13
N ASP D 295 -55.27 36.17 -45.78
CA ASP D 295 -56.47 37.02 -45.71
C ASP D 295 -56.35 38.09 -44.61
N ALA D 296 -55.73 37.72 -43.48
CA ALA D 296 -55.50 38.57 -42.30
C ALA D 296 -54.40 39.59 -42.52
N GLY D 297 -53.69 39.49 -43.65
CA GLY D 297 -52.62 40.42 -43.99
C GLY D 297 -51.18 39.98 -43.74
N ALA D 298 -50.97 38.68 -43.46
CA ALA D 298 -49.65 38.11 -43.26
C ALA D 298 -48.93 37.84 -44.58
N TYR D 299 -47.59 37.86 -44.58
CA TYR D 299 -46.73 37.55 -45.73
C TYR D 299 -46.54 36.04 -45.73
N VAL D 300 -47.26 35.32 -46.62
CA VAL D 300 -47.22 33.85 -46.65
C VAL D 300 -46.59 33.34 -47.97
N PRO D 301 -45.35 32.77 -47.95
CA PRO D 301 -44.77 32.26 -49.21
C PRO D 301 -45.37 30.91 -49.62
N ASP D 302 -45.24 30.55 -50.91
CA ASP D 302 -45.70 29.29 -51.51
C ASP D 302 -44.91 28.08 -50.98
N THR D 303 -43.60 28.26 -50.77
CA THR D 303 -42.68 27.25 -50.22
C THR D 303 -41.85 27.89 -49.11
N PHE D 304 -41.11 27.07 -48.35
CA PHE D 304 -40.23 27.54 -47.31
C PHE D 304 -39.06 28.38 -47.91
N GLY D 305 -38.70 28.12 -49.15
CA GLY D 305 -37.66 28.86 -49.86
C GLY D 305 -38.01 30.32 -50.12
N GLY D 306 -39.32 30.60 -50.26
CA GLY D 306 -39.84 31.95 -50.49
C GLY D 306 -39.83 32.83 -49.27
N LEU D 307 -39.62 32.21 -48.10
CA LEU D 307 -39.54 32.86 -46.78
C LEU D 307 -38.38 33.87 -46.71
N SER D 308 -37.24 33.57 -47.37
CA SER D 308 -36.08 34.47 -47.46
C SER D 308 -36.43 35.74 -48.22
N LYS D 309 -37.26 35.60 -49.26
CA LYS D 309 -37.74 36.69 -50.10
C LYS D 309 -38.73 37.57 -49.34
N GLU D 310 -39.58 36.96 -48.47
CA GLU D 310 -40.56 37.68 -47.66
C GLU D 310 -39.87 38.52 -46.58
N ILE D 311 -38.76 37.98 -46.01
CA ILE D 311 -37.93 38.66 -45.02
C ILE D 311 -37.21 39.84 -45.66
N LYS D 312 -36.66 39.65 -46.89
CA LYS D 312 -35.98 40.72 -47.62
C LYS D 312 -36.94 41.86 -47.95
N LYS D 313 -38.19 41.50 -48.31
CA LYS D 313 -39.31 42.40 -48.63
C LYS D 313 -39.61 43.32 -47.44
N VAL D 314 -39.86 42.70 -46.26
CA VAL D 314 -40.18 43.39 -45.01
C VAL D 314 -39.01 44.26 -44.54
N TYR D 315 -37.78 43.75 -44.65
CA TYR D 315 -36.57 44.47 -44.25
C TYR D 315 -36.39 45.74 -45.07
N GLU D 316 -36.50 45.63 -46.41
CA GLU D 316 -36.38 46.76 -47.33
C GLU D 316 -37.47 47.81 -47.06
N GLU D 317 -38.70 47.34 -46.74
CA GLU D 317 -39.86 48.16 -46.39
C GLU D 317 -39.59 48.93 -45.08
N LEU D 318 -39.06 48.26 -44.05
CA LEU D 318 -38.80 48.91 -42.76
C LEU D 318 -37.66 49.92 -42.83
N ILE D 319 -36.66 49.69 -43.72
CA ILE D 319 -35.54 50.61 -43.98
C ILE D 319 -36.10 51.85 -44.63
N ALA D 320 -36.93 51.65 -45.67
CA ALA D 320 -37.60 52.70 -46.42
C ALA D 320 -38.46 53.57 -45.50
N ALA D 321 -39.23 52.94 -44.59
CA ALA D 321 -40.08 53.61 -43.60
C ALA D 321 -39.28 54.15 -42.40
N GLY D 322 -37.94 54.06 -42.46
CA GLY D 322 -37.02 54.53 -41.44
C GLY D 322 -37.24 53.96 -40.05
N GLU D 323 -37.39 52.64 -39.95
CA GLU D 323 -37.62 51.92 -38.70
C GLU D 323 -36.40 51.09 -38.34
N ILE D 324 -35.54 50.83 -39.35
CA ILE D 324 -34.28 50.10 -39.26
C ILE D 324 -33.16 50.99 -39.79
N SER D 325 -32.00 51.00 -39.12
CA SER D 325 -30.84 51.77 -39.57
C SER D 325 -29.82 50.80 -40.17
N THR D 326 -29.24 51.16 -41.33
CA THR D 326 -28.24 50.36 -42.04
C THR D 326 -26.83 50.62 -41.44
N GLU D 327 -26.66 50.24 -40.16
CA GLU D 327 -25.41 50.39 -39.40
C GLU D 327 -24.71 49.04 -39.35
N ILE D 328 -23.70 48.84 -40.24
CA ILE D 328 -22.92 47.61 -40.40
C ILE D 328 -22.28 47.15 -39.08
N ASP D 329 -22.21 45.80 -38.89
CA ASP D 329 -21.68 45.12 -37.70
C ASP D 329 -20.17 45.36 -37.45
N GLU D 330 -19.82 46.61 -37.09
CA GLU D 330 -18.46 47.04 -36.78
C GLU D 330 -18.11 46.76 -35.29
N ALA D 331 -18.29 45.49 -34.88
CA ALA D 331 -18.03 45.04 -33.51
C ALA D 331 -16.94 43.96 -33.47
N VAL D 332 -16.00 44.10 -32.50
CA VAL D 332 -14.91 43.16 -32.27
C VAL D 332 -15.43 42.05 -31.35
N LEU D 333 -15.70 40.88 -31.94
CA LEU D 333 -16.29 39.73 -31.27
C LEU D 333 -15.34 38.80 -30.55
N PRO D 334 -15.72 38.30 -29.34
CA PRO D 334 -14.86 37.33 -28.64
C PRO D 334 -14.84 36.02 -29.39
N GLU D 335 -13.74 35.29 -29.29
CA GLU D 335 -13.65 33.97 -29.89
C GLU D 335 -13.43 32.94 -28.78
N LEU D 336 -14.03 31.75 -28.92
CA LEU D 336 -13.89 30.71 -27.90
C LEU D 336 -12.46 30.34 -27.74
N PRO D 337 -11.95 30.21 -26.49
CA PRO D 337 -10.55 29.83 -26.33
C PRO D 337 -10.36 28.36 -26.69
N PRO D 338 -9.28 28.02 -27.41
CA PRO D 338 -9.05 26.59 -27.73
C PRO D 338 -8.63 25.79 -26.49
N ARG D 339 -8.73 24.46 -26.53
CA ARG D 339 -8.27 23.59 -25.44
C ARG D 339 -6.75 23.57 -25.52
N VAL D 340 -6.07 23.44 -24.36
CA VAL D 340 -4.60 23.43 -24.23
C VAL D 340 -3.93 22.46 -25.22
N GLN D 341 -4.50 21.23 -25.42
CA GLN D 341 -4.00 20.23 -26.37
C GLN D 341 -3.96 20.73 -27.82
N GLU D 342 -4.96 21.51 -28.25
CA GLU D 342 -5.03 22.08 -29.60
C GLU D 342 -3.86 23.02 -29.80
N VAL D 343 -3.69 23.98 -28.86
CA VAL D 343 -2.66 25.03 -28.90
C VAL D 343 -1.27 24.39 -28.87
N MET D 344 -1.13 23.29 -28.12
CA MET D 344 0.10 22.52 -28.01
C MET D 344 0.48 21.85 -29.30
N LYS D 345 -0.47 21.16 -29.96
CA LYS D 345 -0.31 20.51 -31.26
C LYS D 345 0.29 21.53 -32.27
N GLN D 346 -0.23 22.76 -32.26
CA GLN D 346 0.24 23.86 -33.10
C GLN D 346 1.57 24.52 -32.57
N GLY D 347 2.00 24.14 -31.36
CA GLY D 347 3.19 24.66 -30.68
C GLY D 347 3.08 26.14 -30.34
N GLU D 348 1.85 26.61 -30.08
CA GLU D 348 1.55 28.01 -29.80
C GLU D 348 1.50 28.34 -28.31
N VAL D 349 1.71 27.31 -27.44
CA VAL D 349 1.77 27.44 -25.98
C VAL D 349 2.91 26.58 -25.43
N ILE D 350 3.50 26.98 -24.30
CA ILE D 350 4.53 26.20 -23.62
C ILE D 350 3.92 25.49 -22.42
N VAL D 351 4.02 24.17 -22.41
CA VAL D 351 3.54 23.37 -21.28
C VAL D 351 4.76 22.60 -20.77
N GLU D 352 5.25 22.93 -19.55
CA GLU D 352 6.36 22.22 -18.91
C GLU D 352 5.77 20.87 -18.44
N PRO D 353 6.34 19.73 -18.91
CA PRO D 353 5.79 18.43 -18.54
C PRO D 353 5.82 18.15 -17.05
N LEU D 354 4.88 17.36 -16.57
CA LEU D 354 4.81 16.98 -15.15
C LEU D 354 5.78 15.83 -14.91
N ILE D 355 5.92 14.92 -15.89
CA ILE D 355 6.82 13.77 -15.84
C ILE D 355 7.51 13.57 -17.20
N ARG D 356 8.66 12.90 -17.18
CA ARG D 356 9.42 12.48 -18.36
C ARG D 356 9.59 10.98 -18.27
N THR D 357 9.25 10.28 -19.36
CA THR D 357 9.41 8.84 -19.50
C THR D 357 10.43 8.55 -20.61
N THR D 358 11.28 7.55 -20.37
CA THR D 358 12.26 7.20 -21.38
C THR D 358 12.14 5.71 -21.81
N ILE D 359 11.26 4.91 -21.14
CA ILE D 359 11.22 3.47 -21.35
C ILE D 359 10.09 2.96 -22.26
N SER D 360 8.94 3.64 -22.34
CA SER D 360 7.87 3.14 -23.19
C SER D 360 6.97 4.24 -23.72
N ASP D 361 6.31 3.94 -24.84
CA ASP D 361 5.40 4.81 -25.56
C ASP D 361 4.19 4.03 -25.90
N ASP D 362 3.07 4.45 -25.33
CA ASP D 362 1.75 3.85 -25.49
C ASP D 362 0.91 4.57 -26.55
N ARG D 363 1.35 5.75 -27.02
CA ARG D 363 0.64 6.62 -27.97
C ARG D 363 0.28 6.05 -29.34
N GLY D 364 0.95 5.00 -29.79
CA GLY D 364 0.62 4.37 -31.06
C GLY D 364 -0.45 3.30 -30.96
N GLU D 365 -0.51 2.39 -31.96
CA GLU D 365 -1.48 1.29 -32.02
C GLU D 365 -1.21 0.25 -30.90
N GLU D 366 0.06 0.15 -30.48
CA GLU D 366 0.51 -0.74 -29.42
C GLU D 366 1.72 -0.15 -28.71
N PRO D 367 2.04 -0.58 -27.46
CA PRO D 367 3.21 -0.01 -26.79
C PRO D 367 4.53 -0.39 -27.44
N ARG D 368 5.47 0.52 -27.35
CA ARG D 368 6.84 0.33 -27.79
C ARG D 368 7.70 0.30 -26.54
N TYR D 369 8.38 -0.82 -26.27
CA TYR D 369 9.25 -0.93 -25.10
C TYR D 369 10.63 -0.71 -25.58
N ALA D 370 11.29 0.40 -25.15
CA ALA D 370 12.64 0.80 -25.60
C ALA D 370 12.75 0.86 -27.19
N GLY D 371 11.66 1.30 -27.83
CA GLY D 371 11.61 1.45 -29.28
C GLY D 371 11.05 0.26 -30.04
N TYR D 372 10.88 -0.88 -29.36
CA TYR D 372 10.39 -2.11 -29.95
C TYR D 372 8.91 -2.35 -29.73
N ALA D 373 8.15 -2.66 -30.80
CA ALA D 373 6.70 -2.95 -30.69
C ALA D 373 6.49 -4.23 -29.89
N ALA D 374 5.63 -4.18 -28.87
CA ALA D 374 5.33 -5.34 -28.02
C ALA D 374 4.94 -6.63 -28.80
N SER D 375 4.05 -6.54 -29.80
CA SER D 375 3.61 -7.71 -30.58
C SER D 375 4.68 -8.26 -31.50
N GLU D 376 5.57 -7.39 -31.99
CA GLU D 376 6.69 -7.75 -32.85
C GLU D 376 7.66 -8.64 -32.02
N LEU D 377 7.84 -8.33 -30.72
CA LEU D 377 8.66 -9.13 -29.82
C LEU D 377 8.07 -10.53 -29.65
N CYS D 378 6.73 -10.63 -29.49
CA CYS D 378 6.01 -11.90 -29.34
C CYS D 378 6.20 -12.76 -30.58
N SER D 379 5.87 -12.20 -31.78
CA SER D 379 6.00 -12.85 -33.09
C SER D 379 7.38 -13.42 -33.35
N LYS D 380 8.45 -12.66 -33.02
CA LYS D 380 9.83 -13.06 -33.31
C LYS D 380 10.43 -13.99 -32.25
N GLY D 381 9.58 -14.46 -31.35
CA GLY D 381 9.92 -15.47 -30.36
C GLY D 381 10.64 -15.05 -29.10
N TYR D 382 10.48 -13.79 -28.70
CA TYR D 382 11.11 -13.28 -27.48
C TYR D 382 10.26 -13.67 -26.30
N GLY D 383 10.81 -13.60 -25.09
CA GLY D 383 10.04 -13.94 -23.89
C GLY D 383 9.90 -12.86 -22.87
N ILE D 384 9.39 -13.24 -21.69
CA ILE D 384 9.21 -12.34 -20.54
C ILE D 384 10.56 -11.76 -20.13
N GLU D 385 11.60 -12.59 -20.08
CA GLU D 385 12.95 -12.17 -19.68
C GLU D 385 13.51 -11.08 -20.60
N ASP D 386 13.12 -11.10 -21.88
CA ASP D 386 13.55 -10.11 -22.86
C ASP D 386 12.81 -8.81 -22.65
N VAL D 387 11.54 -8.86 -22.23
CA VAL D 387 10.75 -7.66 -21.91
C VAL D 387 11.27 -6.99 -20.61
N ILE D 388 11.74 -7.81 -19.64
CA ILE D 388 12.35 -7.33 -18.40
C ILE D 388 13.59 -6.47 -18.76
N GLY D 389 14.48 -7.00 -19.59
CA GLY D 389 15.67 -6.30 -20.07
C GLY D 389 15.35 -5.03 -20.83
N LEU D 390 14.32 -5.03 -21.68
CA LEU D 390 13.95 -3.82 -22.42
C LEU D 390 13.43 -2.72 -21.52
N LEU D 391 12.50 -3.05 -20.62
CA LEU D 391 11.89 -2.07 -19.75
C LEU D 391 12.82 -1.63 -18.63
N TRP D 392 13.78 -2.45 -18.20
CA TRP D 392 14.68 -2.08 -17.10
C TRP D 392 16.07 -1.65 -17.53
N ASN D 393 16.55 -2.05 -18.71
CA ASN D 393 17.88 -1.61 -19.16
C ASN D 393 17.84 -0.83 -20.47
N LYS D 394 16.68 -0.79 -21.15
CA LYS D 394 16.52 -0.10 -22.42
C LYS D 394 17.36 -0.74 -23.54
N LYS D 395 17.71 -2.04 -23.38
CA LYS D 395 18.51 -2.82 -24.33
C LYS D 395 17.92 -4.22 -24.37
N LEU D 396 17.83 -4.79 -25.56
CA LEU D 396 17.39 -6.16 -25.79
C LEU D 396 18.48 -7.07 -25.23
N PRO D 397 18.19 -8.00 -24.29
CA PRO D 397 19.28 -8.82 -23.76
C PRO D 397 19.88 -9.76 -24.78
N THR D 398 21.13 -10.15 -24.53
CA THR D 398 21.83 -11.17 -25.30
C THR D 398 21.24 -12.50 -24.88
N ARG D 399 21.37 -13.56 -25.69
CA ARG D 399 20.86 -14.89 -25.32
C ARG D 399 21.40 -15.30 -23.94
N GLU D 400 22.66 -14.95 -23.61
CA GLU D 400 23.30 -15.26 -22.33
C GLU D 400 22.64 -14.50 -21.17
N GLU D 401 22.49 -13.14 -21.28
CA GLU D 401 21.82 -12.32 -20.24
C GLU D 401 20.40 -12.85 -20.05
N SER D 402 19.67 -13.08 -21.15
CA SER D 402 18.32 -13.61 -21.20
C SER D 402 18.14 -14.92 -20.42
N GLU D 403 19.07 -15.86 -20.60
CA GLU D 403 19.10 -17.16 -19.94
C GLU D 403 19.36 -17.07 -18.42
N ILE D 404 20.12 -16.04 -17.99
CA ILE D 404 20.45 -15.75 -16.59
C ILE D 404 19.25 -15.11 -15.91
N ILE D 405 18.62 -14.08 -16.55
CA ILE D 405 17.42 -13.38 -16.04
C ILE D 405 16.33 -14.44 -15.81
N LYS D 406 16.10 -15.36 -16.79
CA LYS D 406 15.10 -16.43 -16.73
C LYS D 406 15.29 -17.28 -15.48
N ARG D 407 16.51 -17.72 -15.18
CA ARG D 407 16.82 -18.59 -14.04
C ARG D 407 16.69 -17.91 -12.69
N ILE D 408 17.12 -16.62 -12.60
CA ILE D 408 17.00 -15.79 -11.40
C ILE D 408 15.50 -15.66 -11.07
N VAL D 409 14.67 -15.31 -12.07
CA VAL D 409 13.25 -15.19 -11.83
C VAL D 409 12.63 -16.53 -11.39
N MET D 410 12.96 -17.63 -12.08
CA MET D 410 12.40 -18.95 -11.75
C MET D 410 12.77 -19.48 -10.40
N ILE D 411 14.03 -19.37 -10.00
CA ILE D 411 14.59 -19.86 -8.75
C ILE D 411 14.10 -19.07 -7.53
N SER D 412 13.79 -17.77 -7.71
CA SER D 412 13.36 -16.84 -6.67
C SER D 412 11.84 -16.67 -6.52
N ALA D 413 11.06 -17.24 -7.47
CA ALA D 413 9.60 -17.15 -7.56
C ALA D 413 8.87 -17.38 -6.25
N ASP D 414 9.25 -18.39 -5.48
CA ASP D 414 8.61 -18.64 -4.20
C ASP D 414 9.51 -19.42 -3.28
N HIS D 415 9.41 -19.15 -1.98
CA HIS D 415 10.17 -19.88 -0.96
C HIS D 415 9.26 -20.23 0.25
N GLY D 416 8.06 -20.75 -0.05
CA GLY D 416 7.07 -21.16 0.91
C GLY D 416 6.34 -20.01 1.59
N PRO D 417 5.41 -20.37 2.50
CA PRO D 417 4.55 -19.36 3.13
C PRO D 417 5.06 -18.67 4.40
N ALA D 418 6.19 -19.15 4.99
CA ALA D 418 6.73 -18.64 6.25
C ALA D 418 7.39 -17.26 6.15
N VAL D 419 7.91 -16.91 4.97
CA VAL D 419 8.64 -15.68 4.70
C VAL D 419 7.68 -14.46 4.69
N SER D 420 8.17 -13.30 5.21
CA SER D 420 7.40 -12.07 5.39
C SER D 420 6.50 -11.67 4.23
N GLY D 421 7.03 -11.67 3.00
CA GLY D 421 6.29 -11.28 1.82
C GLY D 421 5.12 -12.20 1.56
N ALA D 422 5.37 -13.53 1.49
CA ALA D 422 4.34 -14.54 1.27
C ALA D 422 3.31 -14.51 2.41
N PHE D 423 3.78 -14.43 3.67
CA PHE D 423 2.92 -14.38 4.84
C PHE D 423 2.06 -13.13 4.86
N GLY D 424 2.60 -11.98 4.47
CA GLY D 424 1.86 -10.72 4.30
C GLY D 424 0.71 -10.89 3.32
N SER D 425 0.94 -11.53 2.16
CA SER D 425 -0.10 -11.84 1.16
C SER D 425 -1.15 -12.79 1.74
N ILE D 426 -0.75 -13.82 2.49
CA ILE D 426 -1.63 -14.78 3.09
C ILE D 426 -2.52 -14.10 4.12
N LEU D 427 -1.94 -13.24 4.98
CA LEU D 427 -2.65 -12.44 5.98
C LEU D 427 -3.73 -11.61 5.32
N ALA D 428 -3.38 -10.88 4.23
CA ALA D 428 -4.31 -10.05 3.47
C ALA D 428 -5.34 -10.85 2.71
N ALA D 429 -4.98 -12.00 2.11
CA ALA D 429 -5.92 -12.92 1.45
C ALA D 429 -6.96 -13.44 2.43
N CYS D 430 -6.56 -13.74 3.67
CA CYS D 430 -7.46 -14.25 4.73
C CYS D 430 -8.33 -13.17 5.34
N ALA D 431 -7.89 -11.88 5.22
CA ALA D 431 -8.63 -10.69 5.70
C ALA D 431 -9.66 -10.29 4.64
N GLY D 432 -9.72 -11.08 3.56
CA GLY D 432 -10.68 -10.92 2.48
C GLY D 432 -10.33 -9.82 1.51
N ILE D 433 -9.05 -9.45 1.38
CA ILE D 433 -8.59 -8.37 0.51
C ILE D 433 -8.37 -8.89 -0.91
N ASP D 434 -8.61 -8.05 -1.91
CA ASP D 434 -8.41 -8.42 -3.33
C ASP D 434 -6.95 -8.58 -3.64
N MET D 435 -6.67 -9.36 -4.65
CA MET D 435 -5.35 -9.72 -5.00
C MET D 435 -4.37 -8.56 -5.15
N PRO D 436 -4.60 -7.53 -5.99
CA PRO D 436 -3.53 -6.51 -6.18
C PRO D 436 -3.15 -5.80 -4.88
N GLN D 437 -4.13 -5.59 -3.99
CA GLN D 437 -3.94 -4.95 -2.70
C GLN D 437 -3.27 -5.88 -1.70
N ALA D 438 -3.59 -7.17 -1.71
CA ALA D 438 -2.97 -8.15 -0.79
C ALA D 438 -1.53 -8.40 -1.17
N VAL D 439 -1.22 -8.48 -2.47
CA VAL D 439 0.14 -8.65 -2.94
C VAL D 439 0.94 -7.38 -2.68
N SER D 440 0.33 -6.17 -2.74
CA SER D 440 1.04 -4.95 -2.39
C SER D 440 1.52 -4.96 -0.91
N ALA D 441 0.70 -5.52 0.04
CA ALA D 441 1.07 -5.68 1.46
C ALA D 441 2.29 -6.62 1.63
N GLY D 442 2.34 -7.72 0.87
CA GLY D 442 3.45 -8.64 0.89
C GLY D 442 4.67 -7.98 0.31
N MET D 443 4.51 -7.22 -0.78
CA MET D 443 5.61 -6.53 -1.46
C MET D 443 6.24 -5.46 -0.58
N THR D 444 5.47 -4.86 0.30
CA THR D 444 5.96 -3.87 1.27
C THR D 444 7.01 -4.48 2.22
N MET D 445 6.97 -5.80 2.45
CA MET D 445 7.91 -6.51 3.32
C MET D 445 9.29 -6.63 2.73
N ILE D 446 9.41 -6.55 1.37
CA ILE D 446 10.69 -6.63 0.68
C ILE D 446 11.54 -5.42 1.01
N GLY D 447 12.59 -5.67 1.78
CA GLY D 447 13.47 -4.61 2.23
C GLY D 447 14.82 -5.09 2.66
N PRO D 448 15.47 -4.38 3.60
CA PRO D 448 16.86 -4.78 4.01
C PRO D 448 17.03 -6.19 4.60
N ARG D 449 16.02 -6.73 5.24
CA ARG D 449 16.09 -8.03 5.88
C ARG D 449 15.45 -9.10 5.07
N PHE D 450 14.47 -8.78 4.20
CA PHE D 450 13.88 -9.84 3.38
C PHE D 450 13.90 -9.49 1.89
N GLY D 451 14.69 -10.21 1.13
CA GLY D 451 14.77 -10.09 -0.32
C GLY D 451 15.21 -8.80 -0.98
N GLY D 452 15.22 -7.69 -0.24
CA GLY D 452 15.57 -6.40 -0.84
C GLY D 452 16.97 -5.93 -0.57
N ALA D 453 17.94 -6.88 -0.37
CA ALA D 453 19.36 -6.60 -0.19
C ALA D 453 20.13 -6.83 -1.47
N VAL D 454 19.44 -7.10 -2.59
CA VAL D 454 20.05 -7.33 -3.91
C VAL D 454 20.91 -6.14 -4.33
N THR D 455 20.36 -4.92 -4.33
CA THR D 455 21.09 -3.71 -4.73
C THR D 455 22.29 -3.47 -3.84
N ASN D 456 22.13 -3.46 -2.51
CA ASN D 456 23.23 -3.21 -1.59
C ASN D 456 24.29 -4.27 -1.66
N ALA D 457 23.90 -5.56 -1.84
CA ALA D 457 24.87 -6.65 -2.00
C ALA D 457 25.76 -6.33 -3.20
N GLY D 458 25.15 -5.97 -4.34
CA GLY D 458 25.86 -5.58 -5.55
C GLY D 458 26.81 -4.42 -5.30
N LYS D 459 26.33 -3.32 -4.69
CA LYS D 459 27.14 -2.12 -4.39
C LYS D 459 28.34 -2.39 -3.51
N TYR D 460 28.13 -3.09 -2.37
CA TYR D 460 29.18 -3.35 -1.40
C TYR D 460 30.17 -4.38 -1.84
N PHE D 461 29.70 -5.38 -2.60
CA PHE D 461 30.65 -6.37 -3.12
C PHE D 461 31.48 -5.78 -4.27
N LYS D 462 30.88 -4.87 -5.10
CA LYS D 462 31.65 -4.17 -6.14
C LYS D 462 32.71 -3.28 -5.50
N MET D 463 32.35 -2.59 -4.40
CA MET D 463 33.23 -1.72 -3.63
C MET D 463 34.36 -2.53 -2.97
N ALA D 464 34.06 -3.76 -2.52
CA ALA D 464 35.04 -4.68 -1.93
C ALA D 464 36.09 -5.05 -2.97
N VAL D 465 35.66 -5.45 -4.18
CA VAL D 465 36.50 -5.83 -5.33
C VAL D 465 37.46 -4.68 -5.68
N GLU D 466 36.97 -3.43 -5.64
CA GLU D 466 37.75 -2.23 -5.94
C GLU D 466 38.64 -1.72 -4.83
N ASP D 467 38.14 -1.70 -3.57
CA ASP D 467 38.88 -1.13 -2.44
C ASP D 467 39.57 -2.14 -1.51
N TYR D 468 39.13 -3.40 -1.48
CA TYR D 468 39.73 -4.44 -0.62
C TYR D 468 39.98 -5.73 -1.44
N PRO D 469 40.59 -5.67 -2.67
CA PRO D 469 40.75 -6.90 -3.48
C PRO D 469 41.35 -8.12 -2.78
N ASN D 470 42.37 -7.92 -1.95
CA ASN D 470 43.00 -9.04 -1.24
C ASN D 470 42.87 -8.86 0.27
N ASP D 471 41.79 -8.19 0.70
CA ASP D 471 41.56 -7.88 2.12
C ASP D 471 40.11 -8.02 2.54
N ILE D 472 39.67 -9.27 2.72
CA ILE D 472 38.33 -9.61 3.20
C ILE D 472 38.16 -9.14 4.68
N PRO D 473 39.15 -9.35 5.59
CA PRO D 473 38.99 -8.84 6.97
C PRO D 473 38.84 -7.31 7.05
N GLY D 474 39.51 -6.58 6.14
CA GLY D 474 39.41 -5.12 6.03
C GLY D 474 38.02 -4.72 5.59
N PHE D 475 37.50 -5.40 4.52
CA PHE D 475 36.16 -5.21 4.01
C PHE D 475 35.14 -5.44 5.14
N LEU D 476 35.26 -6.60 5.83
CA LEU D 476 34.36 -6.95 6.92
C LEU D 476 34.43 -5.96 8.08
N SER D 477 35.64 -5.48 8.44
CA SER D 477 35.78 -4.49 9.52
C SER D 477 35.09 -3.19 9.14
N TRP D 478 35.36 -2.73 7.90
CA TRP D 478 34.74 -1.54 7.35
C TRP D 478 33.24 -1.67 7.39
N MET D 479 32.67 -2.84 6.99
CA MET D 479 31.22 -3.07 6.96
C MET D 479 30.58 -3.04 8.34
N LYS D 480 31.23 -3.69 9.32
CA LYS D 480 30.73 -3.78 10.70
C LYS D 480 30.61 -2.37 11.31
N LYS D 481 31.68 -1.58 11.13
CA LYS D 481 31.77 -0.21 11.63
C LYS D 481 30.86 0.78 10.89
N ASN D 482 30.60 0.59 9.58
CA ASN D 482 29.87 1.57 8.78
C ASN D 482 28.46 1.21 8.31
N VAL D 483 28.14 -0.08 8.05
CA VAL D 483 26.79 -0.40 7.55
C VAL D 483 26.06 -1.38 8.50
N GLY D 484 26.81 -2.23 9.19
CA GLY D 484 26.26 -3.25 10.09
C GLY D 484 26.40 -4.61 9.46
N PRO D 485 25.34 -5.46 9.48
CA PRO D 485 25.44 -6.77 8.80
C PRO D 485 25.61 -6.59 7.28
N VAL D 486 26.40 -7.48 6.68
CA VAL D 486 26.72 -7.46 5.26
C VAL D 486 25.49 -7.85 4.44
N PRO D 487 24.99 -6.95 3.53
CA PRO D 487 23.83 -7.33 2.67
C PRO D 487 24.20 -8.50 1.77
N GLY D 488 23.35 -9.52 1.74
CA GLY D 488 23.59 -10.73 0.95
C GLY D 488 24.19 -11.90 1.70
N ILE D 489 24.52 -11.71 2.98
CA ILE D 489 25.08 -12.72 3.88
C ILE D 489 24.07 -12.99 4.99
N GLY D 490 23.85 -14.26 5.29
CA GLY D 490 22.97 -14.69 6.37
C GLY D 490 21.64 -15.27 5.90
N HIS D 491 21.12 -16.26 6.64
CA HIS D 491 19.83 -16.88 6.39
C HIS D 491 19.28 -17.43 7.71
N ARG D 492 17.98 -17.38 7.90
CA ARG D 492 17.27 -17.84 9.09
C ARG D 492 17.19 -19.35 9.19
N VAL D 493 17.13 -20.07 8.04
CA VAL D 493 16.99 -21.54 8.05
C VAL D 493 18.12 -22.26 7.30
N LYS D 494 18.70 -21.63 6.28
CA LYS D 494 19.77 -22.19 5.49
C LYS D 494 21.09 -21.93 6.21
N SER D 495 22.04 -22.85 6.08
CA SER D 495 23.34 -22.78 6.75
C SER D 495 24.34 -23.67 6.02
N VAL D 496 25.57 -23.81 6.57
CA VAL D 496 26.58 -24.74 6.00
C VAL D 496 26.06 -26.20 6.10
N LYS D 497 25.33 -26.53 7.19
CA LYS D 497 24.78 -27.86 7.41
C LYS D 497 23.49 -28.09 6.62
N ASN D 498 22.79 -27.00 6.23
CA ASN D 498 21.56 -27.04 5.44
C ASN D 498 21.72 -26.09 4.25
N PRO D 499 22.49 -26.47 3.20
CA PRO D 499 22.74 -25.55 2.08
C PRO D 499 21.52 -25.11 1.27
N ASP D 500 21.66 -23.93 0.63
CA ASP D 500 20.66 -23.34 -0.25
C ASP D 500 21.04 -23.76 -1.65
N GLN D 501 20.33 -24.79 -2.16
CA GLN D 501 20.54 -25.30 -3.51
C GLN D 501 20.23 -24.24 -4.57
N ARG D 502 19.43 -23.21 -4.24
CA ARG D 502 19.15 -22.13 -5.18
C ARG D 502 20.44 -21.37 -5.55
N VAL D 503 21.31 -21.07 -4.53
CA VAL D 503 22.57 -20.36 -4.77
C VAL D 503 23.56 -21.34 -5.40
N LYS D 504 23.61 -22.60 -4.95
CA LYS D 504 24.49 -23.60 -5.58
C LYS D 504 24.16 -23.75 -7.05
N TYR D 505 22.86 -23.83 -7.40
CA TYR D 505 22.43 -23.91 -8.79
C TYR D 505 22.89 -22.69 -9.62
N LEU D 506 22.57 -21.45 -9.20
CA LEU D 506 22.94 -20.26 -9.96
C LEU D 506 24.43 -20.13 -10.14
N VAL D 507 25.21 -20.37 -9.07
CA VAL D 507 26.67 -20.29 -9.14
C VAL D 507 27.18 -21.33 -10.12
N SER D 508 26.67 -22.58 -9.99
CA SER D 508 26.96 -23.72 -10.86
C SER D 508 26.66 -23.40 -12.33
N TYR D 509 25.55 -22.74 -12.60
CA TYR D 509 25.12 -22.38 -13.94
C TYR D 509 26.02 -21.28 -14.52
N ILE D 510 26.26 -20.22 -13.72
CA ILE D 510 27.05 -19.07 -14.17
C ILE D 510 28.48 -19.50 -14.50
N LYS D 511 29.10 -20.35 -13.65
CA LYS D 511 30.47 -20.84 -13.83
C LYS D 511 30.61 -21.89 -14.94
N ASN D 512 29.68 -22.85 -15.00
CA ASN D 512 29.77 -23.99 -15.92
C ASN D 512 29.00 -23.87 -17.23
N GLU D 513 28.03 -22.97 -17.33
CA GLU D 513 27.28 -22.90 -18.57
C GLU D 513 27.35 -21.54 -19.29
N THR D 514 28.06 -20.54 -18.74
CA THR D 514 28.22 -19.22 -19.38
C THR D 514 29.69 -18.84 -19.50
N SER D 515 29.96 -17.80 -20.32
CA SER D 515 31.29 -17.21 -20.59
C SER D 515 31.49 -15.95 -19.72
N LEU D 516 30.57 -15.72 -18.78
CA LEU D 516 30.62 -14.57 -17.88
C LEU D 516 31.74 -14.65 -16.82
N HIS D 517 32.55 -13.56 -16.73
CA HIS D 517 33.60 -13.36 -15.73
C HIS D 517 32.90 -12.63 -14.60
N THR D 518 32.88 -13.22 -13.40
CA THR D 518 32.13 -12.69 -12.25
C THR D 518 33.02 -12.29 -11.06
N PRO D 519 33.73 -11.12 -11.08
CA PRO D 519 34.58 -10.77 -9.93
C PRO D 519 33.84 -10.55 -8.61
N CYS D 520 32.63 -9.93 -8.64
CA CYS D 520 31.76 -9.67 -7.46
C CYS D 520 31.33 -10.96 -6.82
N LEU D 521 30.95 -11.96 -7.64
CA LEU D 521 30.51 -13.27 -7.16
C LEU D 521 31.67 -14.05 -6.56
N ASP D 522 32.84 -14.00 -7.20
CA ASP D 522 34.06 -14.65 -6.73
C ASP D 522 34.45 -14.12 -5.35
N TYR D 523 34.39 -12.78 -5.18
CA TYR D 523 34.68 -12.12 -3.91
C TYR D 523 33.69 -12.56 -2.83
N ALA D 524 32.38 -12.41 -3.12
CA ALA D 524 31.28 -12.80 -2.25
C ALA D 524 31.42 -14.27 -1.78
N LEU D 525 31.80 -15.20 -2.69
CA LEU D 525 32.03 -16.61 -2.35
C LEU D 525 33.20 -16.79 -1.38
N GLU D 526 34.24 -15.94 -1.50
CA GLU D 526 35.36 -15.96 -0.57
C GLU D 526 34.97 -15.42 0.81
N VAL D 527 34.16 -14.30 0.89
CA VAL D 527 33.72 -13.75 2.18
C VAL D 527 32.80 -14.77 2.89
N GLU D 528 32.01 -15.56 2.12
CA GLU D 528 31.14 -16.62 2.66
C GLU D 528 31.98 -17.66 3.45
N LYS D 529 33.21 -18.00 2.97
CA LYS D 529 34.11 -18.93 3.65
C LYS D 529 34.57 -18.37 5.01
N VAL D 530 34.72 -17.04 5.09
CA VAL D 530 35.16 -16.34 6.30
C VAL D 530 33.97 -16.19 7.27
N THR D 531 32.83 -15.72 6.77
CA THR D 531 31.66 -15.48 7.62
C THR D 531 31.07 -16.81 8.19
N THR D 532 30.95 -17.87 7.38
CA THR D 532 30.44 -19.16 7.85
C THR D 532 31.38 -19.80 8.88
N ALA D 533 32.66 -19.34 8.94
CA ALA D 533 33.62 -19.78 9.96
C ALA D 533 33.23 -19.14 11.31
N LYS D 534 32.69 -17.89 11.29
CA LYS D 534 32.20 -17.16 12.47
C LYS D 534 30.86 -17.79 12.96
N LYS D 535 29.84 -17.89 12.08
CA LYS D 535 28.53 -18.49 12.34
C LYS D 535 28.17 -19.27 11.10
N GLY D 536 27.66 -20.47 11.28
CA GLY D 536 27.29 -21.36 10.18
C GLY D 536 26.14 -20.91 9.30
N ASN D 537 25.31 -19.99 9.79
CA ASN D 537 24.17 -19.47 9.03
C ASN D 537 24.55 -18.24 8.18
N LEU D 538 25.81 -17.77 8.29
CA LEU D 538 26.28 -16.60 7.56
C LEU D 538 26.72 -16.95 6.15
N ILE D 539 25.84 -17.74 5.48
CA ILE D 539 25.98 -18.18 4.09
C ILE D 539 25.70 -17.01 3.13
N LEU D 540 26.20 -17.09 1.90
CA LEU D 540 25.87 -16.13 0.85
C LEU D 540 24.46 -16.55 0.44
N ASN D 541 23.48 -15.68 0.63
CA ASN D 541 22.08 -15.97 0.31
C ASN D 541 21.69 -15.59 -1.14
N VAL D 542 20.39 -15.80 -1.54
CA VAL D 542 19.93 -15.51 -2.90
C VAL D 542 20.10 -14.05 -3.26
N ASP D 543 19.85 -13.10 -2.33
CA ASP D 543 20.03 -11.65 -2.55
C ASP D 543 21.45 -11.30 -2.96
N GLY D 544 22.42 -11.81 -2.20
CA GLY D 544 23.83 -11.61 -2.46
C GLY D 544 24.27 -12.24 -3.76
N THR D 545 23.78 -13.46 -4.04
CA THR D 545 24.08 -14.21 -5.26
C THR D 545 23.59 -13.45 -6.52
N ILE D 546 22.29 -13.07 -6.56
CA ILE D 546 21.68 -12.32 -7.65
C ILE D 546 22.36 -10.95 -7.77
N GLY D 547 22.59 -10.28 -6.64
CA GLY D 547 23.26 -8.98 -6.58
C GLY D 547 24.57 -8.95 -7.32
N CYS D 548 25.42 -9.93 -7.01
CA CYS D 548 26.74 -10.11 -7.61
C CYS D 548 26.70 -10.52 -9.05
N ILE D 549 25.83 -11.50 -9.42
CA ILE D 549 25.70 -11.93 -10.81
C ILE D 549 25.34 -10.72 -11.70
N LEU D 550 24.31 -9.95 -11.29
CA LEU D 550 23.83 -8.79 -12.03
C LEU D 550 24.79 -7.63 -12.08
N MET D 551 25.59 -7.47 -11.04
CA MET D 551 26.59 -6.39 -11.03
C MET D 551 27.68 -6.72 -12.06
N ASP D 552 28.02 -8.01 -12.15
CA ASP D 552 29.00 -8.59 -13.06
C ASP D 552 28.51 -8.61 -14.52
N LEU D 553 27.19 -8.54 -14.77
CA LEU D 553 26.55 -8.46 -16.09
C LEU D 553 26.45 -6.99 -16.51
N ASP D 554 26.78 -6.08 -15.57
CA ASP D 554 26.74 -4.62 -15.72
C ASP D 554 25.32 -4.09 -15.97
N PHE D 555 24.38 -4.53 -15.12
CA PHE D 555 22.99 -4.11 -15.13
C PHE D 555 22.93 -2.82 -14.31
N PRO D 556 22.02 -1.85 -14.61
CA PRO D 556 21.97 -0.62 -13.78
C PRO D 556 21.69 -0.97 -12.31
N VAL D 557 22.44 -0.37 -11.39
CA VAL D 557 22.39 -0.59 -9.94
C VAL D 557 20.99 -0.49 -9.37
N HIS D 558 20.22 0.48 -9.85
CA HIS D 558 18.85 0.70 -9.42
C HIS D 558 17.94 -0.46 -9.71
N SER D 559 18.21 -1.19 -10.81
CA SER D 559 17.38 -2.32 -11.25
C SER D 559 17.50 -3.60 -10.42
N LEU D 560 18.58 -3.75 -9.70
CA LEU D 560 18.92 -5.00 -9.01
C LEU D 560 17.80 -5.57 -8.11
N ASN D 561 17.14 -4.74 -7.28
CA ASN D 561 16.05 -5.23 -6.42
C ASN D 561 14.84 -5.68 -7.22
N GLY D 562 14.77 -5.24 -8.47
CA GLY D 562 13.68 -5.56 -9.38
C GLY D 562 13.51 -7.04 -9.59
N PHE D 563 14.60 -7.79 -9.65
CA PHE D 563 14.60 -9.22 -9.91
C PHE D 563 13.94 -9.99 -8.80
N PHE D 564 14.16 -9.57 -7.52
CA PHE D 564 13.45 -10.23 -6.42
C PHE D 564 12.00 -9.81 -6.35
N VAL D 565 11.73 -8.49 -6.45
CA VAL D 565 10.38 -7.93 -6.39
C VAL D 565 9.52 -8.61 -7.39
N LEU D 566 10.00 -8.73 -8.65
CA LEU D 566 9.19 -9.34 -9.71
C LEU D 566 8.99 -10.83 -9.53
N ALA D 567 10.09 -11.58 -9.25
CA ALA D 567 10.06 -13.02 -9.05
C ALA D 567 9.16 -13.39 -7.87
N ARG D 568 9.33 -12.72 -6.71
CA ARG D 568 8.51 -13.08 -5.55
C ARG D 568 7.03 -12.70 -5.71
N THR D 569 6.66 -11.77 -6.63
CA THR D 569 5.26 -11.46 -6.96
C THR D 569 4.59 -12.73 -7.49
N ILE D 570 5.33 -13.62 -8.19
CA ILE D 570 4.76 -14.89 -8.71
C ILE D 570 4.29 -15.76 -7.54
N GLY D 571 5.12 -15.84 -6.51
CA GLY D 571 4.83 -16.59 -5.31
C GLY D 571 3.72 -15.98 -4.51
N MET D 572 3.77 -14.64 -4.29
CA MET D 572 2.76 -13.89 -3.55
C MET D 572 1.37 -13.98 -4.16
N ILE D 573 1.25 -13.94 -5.51
CA ILE D 573 -0.03 -14.13 -6.20
C ILE D 573 -0.47 -15.60 -5.99
N GLY D 574 0.49 -16.55 -6.05
CA GLY D 574 0.26 -17.98 -5.86
C GLY D 574 -0.41 -18.26 -4.54
N HIS D 575 0.15 -17.70 -3.47
CA HIS D 575 -0.34 -17.79 -2.08
C HIS D 575 -1.73 -17.18 -1.88
N TRP D 576 -1.99 -16.03 -2.54
CA TRP D 576 -3.27 -15.36 -2.51
C TRP D 576 -4.30 -16.25 -3.15
N ILE D 577 -4.00 -16.80 -4.36
CA ILE D 577 -4.91 -17.72 -5.08
C ILE D 577 -5.22 -18.97 -4.21
N ASP D 578 -4.16 -19.55 -3.62
CA ASP D 578 -4.23 -20.73 -2.77
C ASP D 578 -5.18 -20.54 -1.57
N GLN D 579 -5.03 -19.42 -0.83
CA GLN D 579 -5.89 -19.14 0.32
C GLN D 579 -7.32 -18.90 -0.15
N ASN D 580 -7.51 -18.29 -1.33
CA ASN D 580 -8.85 -18.07 -1.84
C ASN D 580 -9.52 -19.39 -2.24
N ASN D 581 -8.77 -20.28 -2.91
CA ASN D 581 -9.28 -21.60 -3.30
C ASN D 581 -9.68 -22.44 -2.10
N GLN D 582 -8.97 -22.28 -0.97
CA GLN D 582 -9.19 -22.94 0.31
C GLN D 582 -10.31 -22.34 1.11
N ASN D 583 -10.70 -21.10 0.77
CA ASN D 583 -11.68 -20.30 1.51
C ASN D 583 -11.19 -20.07 2.94
N SER D 584 -9.93 -19.67 3.09
CA SER D 584 -9.32 -19.47 4.40
C SER D 584 -10.03 -18.43 5.25
N ARG D 585 -10.20 -18.69 6.55
CA ARG D 585 -10.83 -17.74 7.49
C ARG D 585 -9.76 -16.69 7.90
N LEU D 586 -10.21 -15.60 8.49
CA LEU D 586 -9.35 -14.55 8.98
C LEU D 586 -8.33 -15.12 9.99
N ILE D 587 -7.08 -14.66 9.89
CA ILE D 587 -6.03 -15.08 10.81
C ILE D 587 -6.02 -14.08 11.95
N ARG D 588 -6.08 -14.58 13.17
CA ARG D 588 -5.86 -13.80 14.37
C ARG D 588 -4.81 -14.67 15.08
N LEU D 589 -3.61 -14.12 15.28
CA LEU D 589 -2.49 -14.84 15.90
C LEU D 589 -2.87 -15.45 17.27
N TYR D 590 -2.51 -16.71 17.49
CA TYR D 590 -2.85 -17.42 18.74
C TYR D 590 -2.20 -16.78 19.91
N ASP D 591 -2.93 -16.66 20.99
CA ASP D 591 -2.49 -16.04 22.23
C ASP D 591 -1.16 -16.59 22.77
N TYR D 592 -0.99 -17.92 22.74
CA TYR D 592 0.20 -18.58 23.27
C TYR D 592 1.47 -18.24 22.49
N LEU D 593 1.33 -17.59 21.35
CA LEU D 593 2.46 -17.18 20.50
C LEU D 593 2.87 -15.73 20.73
N ILE D 594 2.17 -15.00 21.63
CA ILE D 594 2.47 -13.60 21.94
C ILE D 594 2.98 -13.51 23.38
N ASN D 595 4.05 -12.73 23.58
CA ASN D 595 4.56 -12.43 24.89
C ASN D 595 4.02 -11.05 25.22
N TYR D 596 3.03 -11.01 26.13
CA TYR D 596 2.42 -9.78 26.57
C TYR D 596 3.28 -9.26 27.73
N ALA D 597 4.34 -8.53 27.39
CA ALA D 597 5.30 -7.90 28.31
C ALA D 597 4.82 -6.47 28.53
N VAL D 598 3.53 -6.37 28.92
CA VAL D 598 2.75 -5.16 29.12
C VAL D 598 2.94 -4.60 30.54
N LYS D 599 2.59 -3.32 30.71
CA LYS D 599 2.72 -2.63 32.01
C LYS D 599 1.70 -3.20 32.97
N PRO D 600 1.96 -3.22 34.29
CA PRO D 600 0.90 -3.65 35.22
C PRO D 600 -0.33 -2.76 35.07
N GLU D 601 -1.53 -3.34 35.18
CA GLU D 601 -2.77 -2.60 35.03
C GLU D 601 -2.90 -1.57 36.14
N GLN D 602 -3.39 -0.39 35.81
CA GLN D 602 -3.55 0.67 36.80
C GLN D 602 -4.77 1.54 36.52
N GLU D 603 -5.30 2.17 37.57
CA GLU D 603 -6.43 3.09 37.54
C GLU D 603 -5.99 4.36 36.83
N VAL D 604 -6.88 4.97 36.05
CA VAL D 604 -6.51 6.21 35.39
C VAL D 604 -6.69 7.35 36.40
N PRO D 605 -5.67 8.23 36.53
CA PRO D 605 -5.79 9.32 37.49
C PRO D 605 -6.81 10.36 37.02
N GLU D 606 -7.48 11.04 37.95
CA GLU D 606 -8.44 12.11 37.61
C GLU D 606 -7.71 13.31 37.02
N LYS D 607 -8.31 13.96 35.99
CA LYS D 607 -7.72 15.13 35.32
C LYS D 607 -7.64 16.36 36.25
N ALA E 2 53.61 -5.78 34.56
CA ALA E 2 54.29 -5.56 33.30
C ALA E 2 55.49 -4.64 33.48
N LYS E 3 56.71 -5.12 33.16
CA LYS E 3 57.95 -4.34 33.25
C LYS E 3 58.04 -3.40 32.04
N ILE E 4 58.46 -2.16 32.29
CA ILE E 4 58.61 -1.18 31.21
C ILE E 4 60.08 -0.74 31.11
N LEU E 5 60.52 -0.43 29.88
CA LEU E 5 61.90 -0.01 29.59
C LEU E 5 62.34 1.30 30.30
N GLU E 6 63.68 1.52 30.39
CA GLU E 6 64.27 2.69 31.02
C GLU E 6 63.73 3.99 30.43
N GLY E 7 63.57 4.03 29.09
CA GLY E 7 63.05 5.18 28.35
C GLY E 7 61.68 5.64 28.81
N PRO E 8 60.65 4.78 28.65
CA PRO E 8 59.29 5.17 29.09
C PRO E 8 59.14 5.45 30.59
N ALA E 9 59.93 4.75 31.45
CA ALA E 9 59.95 4.91 32.90
C ALA E 9 60.37 6.33 33.33
N MET E 10 61.47 6.85 32.74
CA MET E 10 61.97 8.19 33.02
C MET E 10 60.99 9.29 32.55
N LYS E 11 60.23 9.05 31.45
CA LYS E 11 59.21 10.00 30.93
C LYS E 11 58.13 10.21 32.00
N LEU E 12 57.73 9.12 32.68
CA LEU E 12 56.73 9.11 33.76
C LEU E 12 57.29 9.78 35.02
N PHE E 13 58.60 9.57 35.30
CA PHE E 13 59.32 10.18 36.43
C PHE E 13 59.36 11.69 36.24
N ASN E 14 59.79 12.18 35.05
CA ASN E 14 59.89 13.63 34.78
C ASN E 14 58.50 14.31 34.80
N LYS E 15 57.44 13.57 34.39
CA LYS E 15 56.06 14.04 34.45
C LYS E 15 55.67 14.40 35.89
N TRP E 16 56.13 13.58 36.87
CA TRP E 16 55.81 13.76 38.29
C TRP E 16 56.90 14.50 39.09
N GLY E 17 57.86 15.07 38.38
CA GLY E 17 58.91 15.86 39.01
C GLY E 17 60.01 15.06 39.69
N ILE E 18 60.12 13.77 39.36
CA ILE E 18 61.19 12.92 39.88
C ILE E 18 62.45 13.25 39.04
N PRO E 19 63.54 13.67 39.73
CA PRO E 19 64.75 14.09 38.99
C PRO E 19 65.39 12.99 38.15
N VAL E 20 65.53 13.24 36.84
CA VAL E 20 66.09 12.25 35.90
C VAL E 20 67.21 12.82 35.04
N PRO E 21 68.27 12.03 34.70
CA PRO E 21 69.32 12.57 33.82
C PRO E 21 68.79 12.79 32.40
N ASN E 22 69.40 13.75 31.67
CA ASN E 22 69.03 14.03 30.29
C ASN E 22 69.30 12.78 29.48
N TYR E 23 68.29 12.36 28.73
CA TYR E 23 68.37 11.15 27.93
C TYR E 23 67.71 11.34 26.59
N VAL E 24 68.11 10.50 25.63
CA VAL E 24 67.60 10.48 24.27
C VAL E 24 67.39 9.04 23.82
N VAL E 25 66.27 8.78 23.16
CA VAL E 25 65.96 7.44 22.65
C VAL E 25 65.94 7.49 21.12
N ILE E 26 66.80 6.66 20.50
CA ILE E 26 66.98 6.60 19.05
C ILE E 26 66.87 5.17 18.50
N GLU E 104 75.20 7.75 46.34
CA GLU E 104 74.00 7.13 45.79
C GLU E 104 73.14 6.44 46.85
N PHE E 105 71.80 6.62 46.76
CA PHE E 105 70.79 6.10 47.70
C PHE E 105 69.79 5.14 47.07
N TYR E 106 69.05 4.42 47.92
CA TYR E 106 68.03 3.48 47.49
C TYR E 106 66.65 3.90 47.99
N VAL E 107 65.69 3.96 47.05
CA VAL E 107 64.28 4.30 47.28
C VAL E 107 63.42 3.42 46.39
N SER E 108 62.54 2.64 47.01
CA SER E 108 61.59 1.81 46.29
C SER E 108 60.17 1.90 46.89
N ILE E 109 59.16 1.66 46.04
CA ILE E 109 57.75 1.64 46.38
C ILE E 109 57.14 0.40 45.72
N ILE E 110 56.69 -0.56 46.55
CA ILE E 110 56.11 -1.82 46.09
C ILE E 110 54.68 -1.99 46.60
N GLY E 111 53.73 -2.10 45.67
CA GLY E 111 52.32 -2.23 45.99
C GLY E 111 51.95 -3.51 46.73
N ASN E 112 50.88 -3.45 47.54
CA ASN E 112 50.34 -4.60 48.27
C ASN E 112 48.82 -4.52 48.39
N LYS E 113 48.18 -5.52 49.04
CA LYS E 113 46.73 -5.57 49.21
C LYS E 113 46.14 -4.34 49.90
N ASP E 114 46.93 -3.69 50.75
CA ASP E 114 46.50 -2.54 51.57
C ASP E 114 47.02 -1.16 51.08
N GLY E 115 47.80 -1.14 50.01
CA GLY E 115 48.33 0.10 49.45
C GLY E 115 49.69 -0.29 48.94
N ALA E 116 50.73 0.43 49.40
CA ALA E 116 52.14 0.20 49.04
C ALA E 116 53.08 0.35 50.21
N GLU E 117 54.32 -0.12 50.05
CA GLU E 117 55.37 -0.02 51.06
C GLU E 117 56.52 0.84 50.54
N LEU E 118 56.95 1.81 51.35
CA LEU E 118 58.05 2.68 50.98
C LEU E 118 59.31 2.21 51.70
N LEU E 119 60.32 1.81 50.91
CA LEU E 119 61.60 1.31 51.39
C LEU E 119 62.71 2.29 51.06
N ILE E 120 63.38 2.77 52.09
CA ILE E 120 64.40 3.77 51.91
C ILE E 120 65.70 3.41 52.65
N SER E 121 66.84 3.58 51.95
CA SER E 121 68.19 3.30 52.47
C SER E 121 69.22 4.32 52.00
N LYS E 122 70.11 4.76 52.93
CA LYS E 122 71.19 5.73 52.73
C LYS E 122 72.30 5.19 51.82
N HIS E 123 72.78 3.96 52.06
CA HIS E 123 73.83 3.37 51.24
C HIS E 123 73.20 2.41 50.21
N GLY E 124 72.83 3.00 49.07
CA GLY E 124 72.21 2.29 47.96
C GLY E 124 73.12 2.19 46.76
N GLY E 125 72.61 1.54 45.70
CA GLY E 125 73.33 1.33 44.45
C GLY E 125 73.90 -0.06 44.33
N VAL E 126 75.24 -0.18 44.30
CA VAL E 126 75.92 -1.47 44.21
C VAL E 126 75.84 -2.24 45.55
N ASP E 127 75.16 -1.64 46.56
CA ASP E 127 74.94 -2.18 47.89
C ASP E 127 73.59 -2.89 48.02
N ILE E 128 73.64 -4.20 48.29
CA ILE E 128 72.50 -5.11 48.48
C ILE E 128 72.73 -6.00 49.73
N GLU E 129 73.98 -6.49 49.91
CA GLU E 129 74.40 -7.34 51.04
C GLU E 129 74.70 -6.51 52.28
N ASP E 130 74.23 -7.00 53.47
CA ASP E 130 74.35 -6.38 54.80
C ASP E 130 73.90 -4.89 54.79
N ASN E 131 72.91 -4.60 53.92
CA ASN E 131 72.29 -3.30 53.66
C ASN E 131 70.78 -3.37 53.97
N TRP E 132 70.20 -4.59 53.98
CA TRP E 132 68.79 -4.81 54.28
C TRP E 132 68.50 -4.68 55.79
N ASP E 133 69.47 -4.13 56.54
CA ASP E 133 69.41 -3.80 57.97
C ASP E 133 69.18 -2.29 58.08
N SER E 134 69.60 -1.54 57.04
CA SER E 134 69.50 -0.08 56.93
C SER E 134 68.25 0.38 56.15
N VAL E 135 67.38 -0.56 55.74
CA VAL E 135 66.15 -0.21 55.02
C VAL E 135 65.03 0.17 55.99
N ARG E 136 64.28 1.22 55.63
CA ARG E 136 63.18 1.73 56.43
C ARG E 136 61.83 1.52 55.72
N ARG E 137 61.16 0.37 56.03
CA ARG E 137 59.87 -0.07 55.48
C ARG E 137 58.68 0.65 56.14
N ILE E 138 57.96 1.50 55.38
CA ILE E 138 56.73 2.15 55.85
C ILE E 138 55.59 1.79 54.96
N GLN E 139 54.54 1.29 55.57
CA GLN E 139 53.34 0.93 54.85
C GLN E 139 52.48 2.16 54.60
N ILE E 140 52.31 2.53 53.32
CA ILE E 140 51.45 3.63 52.89
C ILE E 140 50.07 3.01 52.62
N GLU E 141 49.10 3.33 53.49
CA GLU E 141 47.74 2.86 53.31
C GLU E 141 47.12 3.52 52.10
N LEU E 142 46.32 2.76 51.36
CA LEU E 142 45.64 3.16 50.13
C LEU E 142 44.87 4.47 50.30
N ASP E 143 45.23 5.49 49.48
CA ASP E 143 44.66 6.84 49.47
C ASP E 143 44.91 7.66 50.79
N GLU E 144 45.82 7.18 51.65
CA GLU E 144 46.19 7.82 52.92
C GLU E 144 47.69 8.08 52.87
N ASN E 145 48.11 8.83 51.82
CA ASN E 145 49.51 9.17 51.53
C ASN E 145 50.16 10.09 52.59
N PRO E 146 51.39 9.79 53.07
CA PRO E 146 52.01 10.64 54.11
C PRO E 146 52.45 12.03 53.64
N THR E 147 52.62 12.96 54.60
CA THR E 147 53.05 14.35 54.38
C THR E 147 54.57 14.36 54.14
N ILE E 148 55.10 15.47 53.55
CA ILE E 148 56.55 15.65 53.29
C ILE E 148 57.35 15.57 54.61
N GLU E 149 56.84 16.14 55.76
CA GLU E 149 57.56 16.04 57.04
C GLU E 149 57.54 14.64 57.61
N GLN E 150 56.44 13.86 57.42
CA GLN E 150 56.40 12.45 57.86
C GLN E 150 57.46 11.63 57.09
N LEU E 151 57.71 12.03 55.82
CA LEU E 151 58.69 11.41 54.92
C LEU E 151 60.11 11.91 55.19
N THR E 152 60.30 13.17 55.64
CA THR E 152 61.64 13.66 56.00
C THR E 152 62.03 13.08 57.38
N GLU E 153 61.02 12.75 58.23
CA GLU E 153 61.20 12.13 59.56
C GLU E 153 61.59 10.65 59.42
N LEU E 154 61.13 9.98 58.35
CA LEU E 154 61.53 8.60 58.08
C LEU E 154 62.92 8.62 57.40
N ALA E 155 63.21 9.68 56.61
CA ALA E 155 64.51 9.91 55.97
C ALA E 155 65.62 10.10 57.05
N LYS E 156 65.26 10.66 58.22
CA LYS E 156 66.16 10.89 59.35
C LYS E 156 66.48 9.59 60.11
N ASP E 157 65.54 8.61 60.19
CA ASP E 157 65.86 7.32 60.82
C ASP E 157 66.60 6.43 59.81
N ALA E 158 66.59 6.82 58.52
CA ALA E 158 67.28 6.16 57.41
C ALA E 158 68.75 6.60 57.34
N GLY E 159 69.11 7.60 58.15
CA GLY E 159 70.46 8.14 58.25
C GLY E 159 70.69 9.49 57.61
N PHE E 160 69.66 10.02 56.90
CA PHE E 160 69.76 11.33 56.25
C PHE E 160 69.68 12.43 57.29
N GLU E 161 70.33 13.57 57.03
CA GLU E 161 70.31 14.64 58.01
C GLU E 161 70.14 16.03 57.41
N GLY E 162 69.52 16.91 58.20
CA GLY E 162 69.32 18.33 57.90
C GLY E 162 68.56 18.66 56.63
N GLU E 163 69.21 19.43 55.73
CA GLU E 163 68.64 19.91 54.46
C GLU E 163 68.53 18.82 53.38
N ILE E 164 69.44 17.80 53.39
CA ILE E 164 69.41 16.69 52.43
C ILE E 164 68.28 15.68 52.80
N ALA E 165 67.89 15.62 54.10
CA ALA E 165 66.81 14.76 54.62
C ALA E 165 65.46 15.33 54.17
N GLU E 166 65.40 16.66 53.90
CA GLU E 166 64.23 17.41 53.45
C GLU E 166 63.90 17.14 51.97
N ARG E 167 64.95 17.18 51.10
CA ARG E 167 64.86 16.98 49.65
C ARG E 167 64.53 15.53 49.28
N VAL E 168 65.01 14.57 50.10
CA VAL E 168 64.76 13.13 49.96
C VAL E 168 63.26 12.81 50.32
N GLY E 169 62.78 13.37 51.43
CA GLY E 169 61.40 13.22 51.85
C GLY E 169 60.43 13.96 50.94
N LYS E 170 60.98 14.73 49.97
CA LYS E 170 60.24 15.49 48.95
C LYS E 170 60.18 14.68 47.62
N ILE E 171 61.27 13.92 47.28
CA ILE E 171 61.32 13.06 46.09
C ILE E 171 60.34 11.90 46.30
N CYS E 172 60.37 11.32 47.52
CA CYS E 172 59.49 10.26 48.02
C CYS E 172 58.03 10.56 47.80
N SER E 173 57.59 11.81 48.10
CA SER E 173 56.21 12.25 47.92
C SER E 173 55.81 12.36 46.42
N ARG E 174 56.78 12.69 45.52
CA ARG E 174 56.58 12.76 44.06
C ARG E 174 56.60 11.35 43.49
N LEU E 175 57.37 10.43 44.15
CA LEU E 175 57.49 9.01 43.82
C LEU E 175 56.15 8.29 44.11
N ILE E 176 55.55 8.58 45.29
CA ILE E 176 54.28 8.05 45.74
C ILE E 176 53.19 8.60 44.81
N LEU E 177 53.29 9.89 44.41
CA LEU E 177 52.35 10.56 43.49
C LEU E 177 52.33 9.88 42.13
N CYS E 178 53.51 9.61 41.56
CA CYS E 178 53.70 8.91 40.30
C CYS E 178 53.03 7.52 40.33
N PHE E 179 53.42 6.66 41.32
CA PHE E 179 52.95 5.29 41.57
C PHE E 179 51.42 5.18 41.60
N ASP E 180 50.74 6.08 42.32
CA ASP E 180 49.28 6.09 42.43
C ASP E 180 48.65 6.47 41.09
N ASN E 181 49.07 7.64 40.57
CA ASN E 181 48.55 8.26 39.36
C ASN E 181 48.95 7.56 38.06
N GLU E 182 49.87 6.59 38.11
CA GLU E 182 50.32 5.90 36.90
C GLU E 182 50.05 4.38 36.94
N ASP E 183 49.23 3.96 37.90
CA ASP E 183 48.74 2.56 38.07
C ASP E 183 49.89 1.55 38.17
N ALA E 184 50.98 1.97 38.78
CA ALA E 184 52.18 1.18 39.00
C ALA E 184 51.97 0.06 40.02
N GLN E 185 52.76 -1.00 39.87
CA GLN E 185 52.82 -2.18 40.74
C GLN E 185 54.06 -2.01 41.64
N SER E 186 55.16 -1.48 41.07
CA SER E 186 56.40 -1.21 41.79
C SER E 186 57.32 -0.27 41.04
N ILE E 187 58.05 0.57 41.80
CA ILE E 187 59.06 1.51 41.29
C ILE E 187 60.30 1.30 42.13
N GLU E 188 61.42 1.03 41.48
CA GLU E 188 62.68 0.83 42.19
C GLU E 188 63.77 1.70 41.60
N ILE E 189 64.36 2.53 42.45
CA ILE E 189 65.49 3.36 42.07
C ILE E 189 66.70 2.98 42.94
N ASN E 190 67.48 1.98 42.45
CA ASN E 190 68.70 1.46 43.10
C ASN E 190 69.79 2.56 43.11
N PRO E 191 70.15 3.22 41.99
CA PRO E 191 71.11 4.33 42.08
C PRO E 191 70.41 5.72 42.06
N LEU E 192 70.04 6.24 43.23
CA LEU E 192 69.51 7.61 43.28
C LEU E 192 70.70 8.49 43.69
N VAL E 193 71.18 9.33 42.78
CA VAL E 193 72.38 10.12 43.06
C VAL E 193 72.10 11.61 43.38
N ILE E 194 73.13 12.31 43.91
CA ILE E 194 73.16 13.72 44.31
C ILE E 194 74.54 14.37 44.05
N ARG E 195 74.56 15.63 43.51
CA ARG E 195 75.78 16.44 43.32
C ARG E 195 75.88 17.25 44.63
N LYS E 196 76.83 16.89 45.53
CA LYS E 196 77.00 17.44 46.89
C LYS E 196 76.80 18.97 47.03
N SER E 197 77.56 19.83 46.29
CA SER E 197 77.41 21.28 46.40
C SER E 197 76.47 21.88 45.34
N ASP E 198 76.47 21.30 44.12
CA ASP E 198 75.64 21.75 42.98
C ASP E 198 74.15 21.34 43.10
N MET E 199 73.80 20.55 44.14
CA MET E 199 72.46 20.08 44.58
C MET E 199 71.62 19.27 43.53
N ARG E 200 72.20 18.92 42.34
CA ARG E 200 71.51 18.16 41.29
C ARG E 200 71.31 16.69 41.63
N PHE E 201 70.02 16.31 41.79
CA PHE E 201 69.58 14.95 42.06
C PHE E 201 69.24 14.28 40.73
N ALA E 202 69.37 12.93 40.68
CA ALA E 202 69.10 12.14 39.48
C ALA E 202 68.84 10.66 39.78
N ALA E 203 67.79 10.11 39.19
CA ALA E 203 67.44 8.70 39.26
C ALA E 203 68.24 8.06 38.13
N LEU E 204 69.34 7.37 38.47
CA LEU E 204 70.22 6.78 37.46
C LEU E 204 69.64 5.50 36.81
N ASP E 205 69.15 4.51 37.57
CA ASP E 205 68.53 3.32 36.98
C ASP E 205 67.16 3.09 37.58
N ALA E 206 66.15 3.17 36.72
CA ALA E 206 64.72 3.08 37.04
C ALA E 206 64.10 1.74 36.63
N VAL E 207 63.61 0.98 37.63
CA VAL E 207 62.92 -0.32 37.45
C VAL E 207 61.41 -0.08 37.71
N MET E 208 60.63 0.07 36.64
CA MET E 208 59.21 0.34 36.81
C MET E 208 58.31 -0.78 36.30
N ASN E 209 57.36 -1.18 37.16
CA ASN E 209 56.33 -2.16 36.85
C ASN E 209 54.98 -1.46 36.93
N VAL E 210 54.23 -1.46 35.82
CA VAL E 210 52.90 -0.85 35.80
C VAL E 210 51.88 -1.89 35.42
N ASP E 211 50.65 -1.74 35.90
CA ASP E 211 49.56 -2.65 35.58
C ASP E 211 48.99 -2.20 34.24
N TYR E 212 49.34 -2.92 33.15
CA TYR E 212 48.99 -2.58 31.77
C TYR E 212 47.49 -2.71 31.43
N ASP E 213 46.70 -3.41 32.28
CA ASP E 213 45.26 -3.60 32.11
C ASP E 213 44.52 -2.26 32.22
N ALA E 214 45.18 -1.29 32.85
CA ALA E 214 44.72 0.08 33.07
C ALA E 214 45.01 0.99 31.86
N ARG E 215 45.72 0.48 30.79
CA ARG E 215 46.09 1.27 29.59
C ARG E 215 44.90 2.03 28.96
N PHE E 216 43.65 1.56 29.14
CA PHE E 216 42.43 2.22 28.65
C PHE E 216 42.25 3.63 29.22
N ARG E 217 42.82 3.91 30.41
CA ARG E 217 42.69 5.22 31.06
C ARG E 217 44.03 6.00 31.10
N HIS E 218 44.98 5.60 30.24
CA HIS E 218 46.28 6.25 30.12
C HIS E 218 46.61 6.50 28.65
N ALA E 219 46.15 7.66 28.14
CA ALA E 219 46.38 8.09 26.75
C ALA E 219 47.83 8.46 26.50
N ASP E 220 48.59 8.78 27.58
CA ASP E 220 50.00 9.15 27.53
C ASP E 220 50.96 7.94 27.51
N TRP E 221 50.42 6.71 27.60
CA TRP E 221 51.20 5.47 27.61
C TRP E 221 51.57 5.01 26.21
N ASP E 222 52.47 5.78 25.56
CA ASP E 222 53.00 5.48 24.23
C ASP E 222 54.19 4.51 24.38
N PHE E 223 53.90 3.28 24.89
CA PHE E 223 54.86 2.18 25.10
C PHE E 223 54.16 0.84 25.24
N LYS E 224 54.90 -0.24 25.01
CA LYS E 224 54.43 -1.62 25.16
C LYS E 224 55.23 -2.29 26.30
N PRO E 225 54.69 -3.30 27.02
CA PRO E 225 55.49 -3.89 28.11
C PRO E 225 56.56 -4.85 27.65
N VAL E 226 57.59 -5.04 28.48
CA VAL E 226 58.73 -5.92 28.25
C VAL E 226 58.23 -7.37 28.20
N SER E 227 58.71 -8.15 27.19
CA SER E 227 58.39 -9.57 26.91
C SER E 227 58.27 -10.15 28.33
N GLU E 228 57.25 -11.01 28.54
CA GLU E 228 56.81 -11.63 29.80
C GLU E 228 57.94 -12.38 30.58
N ILE E 229 58.41 -13.53 30.09
CA ILE E 229 59.45 -14.29 30.79
C ILE E 229 60.65 -14.45 29.85
N GLY E 230 61.73 -13.74 30.20
CA GLY E 230 63.01 -13.74 29.52
C GLY E 230 62.99 -13.39 28.06
N ARG E 231 63.51 -14.31 27.23
CA ARG E 231 63.69 -14.29 25.79
C ARG E 231 62.52 -13.69 24.95
N PRO E 232 62.81 -13.15 23.72
CA PRO E 232 61.72 -12.65 22.87
C PRO E 232 60.87 -13.81 22.29
N PHE E 233 59.67 -13.47 21.85
CA PHE E 233 58.71 -14.42 21.31
C PHE E 233 59.11 -14.97 19.95
N THR E 234 58.76 -16.25 19.68
CA THR E 234 58.99 -16.94 18.40
C THR E 234 57.85 -16.56 17.43
N GLU E 235 57.94 -16.92 16.13
CA GLU E 235 56.89 -16.57 15.17
C GLU E 235 55.56 -17.29 15.43
N ALA E 236 55.61 -18.59 15.85
CA ALA E 236 54.42 -19.38 16.18
C ALA E 236 53.66 -18.74 17.33
N GLU E 237 54.40 -18.33 18.39
CA GLU E 237 53.90 -17.64 19.58
C GLU E 237 53.26 -16.32 19.20
N GLN E 238 53.89 -15.57 18.29
CA GLN E 238 53.39 -14.28 17.78
C GLN E 238 52.14 -14.44 16.89
N GLN E 239 52.07 -15.55 16.12
CA GLN E 239 50.90 -15.88 15.28
C GLN E 239 49.65 -16.11 16.16
N ILE E 240 49.78 -16.93 17.23
CA ILE E 240 48.73 -17.24 18.20
C ILE E 240 48.26 -15.97 18.95
N MET E 241 49.21 -15.04 19.28
CA MET E 241 48.89 -13.79 19.98
C MET E 241 47.99 -12.90 19.14
N GLU E 242 48.23 -12.92 17.79
CA GLU E 242 47.46 -12.18 16.79
C GLU E 242 46.00 -12.66 16.83
N ILE E 243 45.81 -13.99 16.82
CA ILE E 243 44.51 -14.65 16.87
C ILE E 243 43.74 -14.30 18.15
N ASP E 244 44.43 -14.35 19.33
CA ASP E 244 43.85 -14.06 20.65
C ASP E 244 43.28 -12.66 20.76
N SER E 245 44.04 -11.64 20.33
CA SER E 245 43.63 -10.22 20.39
C SER E 245 42.31 -9.96 19.65
N ARG E 246 42.16 -10.52 18.44
CA ARG E 246 40.97 -10.36 17.60
C ARG E 246 39.76 -11.23 18.02
N ILE E 247 39.96 -12.25 18.92
CA ILE E 247 38.85 -13.09 19.40
C ILE E 247 38.42 -12.76 20.83
N LYS E 248 37.12 -12.95 21.12
CA LYS E 248 36.52 -12.71 22.44
C LYS E 248 37.03 -13.73 23.48
N GLY E 249 37.31 -14.95 23.03
CA GLY E 249 37.91 -15.98 23.87
C GLY E 249 39.40 -15.78 24.08
N SER E 250 40.11 -16.87 24.42
CA SER E 250 41.55 -16.81 24.67
C SER E 250 42.31 -18.01 24.14
N VAL E 251 43.43 -17.75 23.45
CA VAL E 251 44.35 -18.76 22.91
C VAL E 251 45.79 -18.35 23.24
N LYS E 252 46.50 -19.20 24.01
CA LYS E 252 47.87 -18.93 24.46
C LYS E 252 48.82 -20.07 24.10
N PHE E 253 50.03 -19.75 23.66
CA PHE E 253 51.04 -20.75 23.29
C PHE E 253 52.45 -20.28 23.64
N VAL E 254 53.19 -21.12 24.36
CA VAL E 254 54.57 -20.87 24.78
C VAL E 254 55.37 -22.13 24.46
N GLU E 255 56.49 -21.99 23.73
CA GLU E 255 57.32 -23.12 23.39
C GLU E 255 58.39 -23.32 24.48
N VAL E 256 58.47 -24.56 24.99
CA VAL E 256 59.46 -24.96 26.01
C VAL E 256 60.59 -25.68 25.25
N PRO E 257 61.87 -25.25 25.37
CA PRO E 257 62.96 -25.91 24.61
C PRO E 257 63.06 -27.41 24.87
N GLY E 258 62.82 -28.19 23.82
CA GLY E 258 62.80 -29.65 23.89
C GLY E 258 61.46 -30.16 24.35
N GLY E 259 61.46 -31.15 25.23
CA GLY E 259 60.25 -31.76 25.77
C GLY E 259 59.61 -32.79 24.87
N GLU E 260 59.33 -33.96 25.46
CA GLU E 260 58.71 -35.10 24.77
C GLU E 260 57.18 -35.04 24.74
N ILE E 261 56.55 -34.63 25.86
CA ILE E 261 55.08 -34.60 25.95
C ILE E 261 54.51 -33.17 25.82
N ALA E 262 53.61 -32.99 24.82
CA ALA E 262 52.94 -31.73 24.44
C ALA E 262 51.54 -31.55 25.08
N LEU E 263 51.16 -30.28 25.35
CA LEU E 263 49.89 -29.94 25.98
C LEU E 263 49.00 -29.09 25.08
N LEU E 264 47.71 -29.48 24.96
CA LEU E 264 46.63 -28.79 24.24
C LEU E 264 45.44 -28.81 25.21
N THR E 265 45.62 -28.08 26.30
CA THR E 265 44.67 -28.09 27.39
C THR E 265 43.78 -26.85 27.50
N ALA E 266 42.56 -27.06 27.99
CA ALA E 266 41.54 -26.02 28.15
C ALA E 266 41.57 -25.38 29.54
N GLY E 267 41.65 -24.05 29.55
CA GLY E 267 41.68 -23.25 30.77
C GLY E 267 43.08 -23.12 31.35
N GLY E 268 43.40 -21.93 31.84
CA GLY E 268 44.70 -21.63 32.44
C GLY E 268 45.01 -22.45 33.67
N GLY E 269 44.02 -22.59 34.56
CA GLY E 269 44.11 -23.36 35.80
C GLY E 269 44.39 -24.82 35.54
N ALA E 270 43.59 -25.46 34.66
CA ALA E 270 43.80 -26.86 34.30
C ALA E 270 45.13 -27.07 33.56
N SER E 271 45.52 -26.15 32.64
CA SER E 271 46.78 -26.22 31.88
C SER E 271 47.99 -26.30 32.81
N VAL E 272 48.01 -25.47 33.86
CA VAL E 272 49.06 -25.44 34.87
C VAL E 272 49.11 -26.78 35.67
N PHE E 273 47.95 -27.34 36.05
CA PHE E 273 47.91 -28.63 36.73
C PHE E 273 48.37 -29.80 35.86
N TYR E 274 48.14 -29.73 34.52
CA TYR E 274 48.62 -30.75 33.57
C TYR E 274 50.14 -30.70 33.42
N ALA E 275 50.72 -29.48 33.39
CA ALA E 275 52.16 -29.26 33.29
C ALA E 275 52.85 -29.76 34.57
N ASP E 276 52.26 -29.47 35.75
CA ASP E 276 52.74 -29.91 37.06
C ASP E 276 52.77 -31.43 37.11
N ALA E 277 51.71 -32.07 36.57
CA ALA E 277 51.54 -33.52 36.52
C ALA E 277 52.65 -34.17 35.72
N VAL E 278 52.99 -33.59 34.54
CA VAL E 278 54.08 -34.06 33.67
C VAL E 278 55.42 -34.02 34.42
N VAL E 279 55.77 -32.86 35.01
CA VAL E 279 57.01 -32.64 35.78
C VAL E 279 57.09 -33.62 36.97
N ALA E 280 56.00 -33.71 37.75
CA ALA E 280 55.89 -34.60 38.92
C ALA E 280 56.08 -36.08 38.55
N ARG E 281 55.55 -36.48 37.38
CA ARG E 281 55.64 -37.85 36.86
C ARG E 281 56.98 -38.14 36.12
N GLY E 282 57.94 -37.22 36.26
CA GLY E 282 59.28 -37.33 35.69
C GLY E 282 59.44 -36.76 34.30
N GLY E 283 58.34 -36.64 33.57
CA GLY E 283 58.29 -36.14 32.18
C GLY E 283 58.83 -34.75 31.93
N THR E 284 58.82 -34.36 30.64
CA THR E 284 59.28 -33.06 30.13
C THR E 284 58.21 -32.44 29.23
N ILE E 285 57.86 -31.15 29.46
CA ILE E 285 56.84 -30.48 28.64
C ILE E 285 57.47 -29.88 27.38
N ALA E 286 56.80 -30.09 26.24
CA ALA E 286 57.19 -29.61 24.92
C ALA E 286 56.81 -28.14 24.78
N ASN E 287 55.64 -27.80 25.34
CA ASN E 287 55.06 -26.47 25.30
C ASN E 287 54.08 -26.26 26.44
N TYR E 288 53.58 -25.03 26.50
CA TYR E 288 52.49 -24.62 27.35
C TYR E 288 51.46 -24.07 26.38
N ALA E 289 50.25 -24.58 26.47
CA ALA E 289 49.16 -24.09 25.63
C ALA E 289 47.88 -24.09 26.41
N GLU E 290 47.04 -23.09 26.17
CA GLU E 290 45.72 -22.98 26.77
C GLU E 290 44.73 -22.37 25.80
N TYR E 291 43.47 -22.77 25.94
CA TYR E 291 42.33 -22.25 25.18
C TYR E 291 41.16 -22.15 26.16
N SER E 292 40.59 -20.95 26.33
CA SER E 292 39.51 -20.74 27.28
C SER E 292 38.53 -19.67 26.82
N GLY E 293 37.46 -19.48 27.60
CA GLY E 293 36.43 -18.47 27.38
C GLY E 293 35.63 -18.66 26.11
N ASP E 294 35.32 -19.93 25.78
CA ASP E 294 34.60 -20.35 24.57
C ASP E 294 35.21 -19.73 23.29
N PRO E 295 36.47 -20.14 22.93
CA PRO E 295 37.09 -19.57 21.73
C PRO E 295 36.52 -20.16 20.45
N ALA E 296 36.55 -19.37 19.37
CA ALA E 296 36.09 -19.78 18.05
C ALA E 296 36.85 -21.02 17.58
N ASP E 297 36.13 -21.97 16.94
CA ASP E 297 36.69 -23.23 16.46
C ASP E 297 37.93 -23.07 15.58
N TRP E 298 37.96 -22.04 14.70
CA TRP E 298 39.11 -21.77 13.82
C TRP E 298 40.35 -21.37 14.62
N ALA E 299 40.13 -20.62 15.72
CA ALA E 299 41.21 -20.18 16.62
C ALA E 299 41.81 -21.43 17.27
N VAL E 300 40.94 -22.37 17.73
CA VAL E 300 41.31 -23.65 18.38
C VAL E 300 42.06 -24.55 17.35
N GLU E 301 41.58 -24.53 16.09
CA GLU E 301 42.16 -25.24 14.95
C GLU E 301 43.59 -24.78 14.71
N ALA E 302 43.81 -23.45 14.80
CA ALA E 302 45.11 -22.83 14.61
C ALA E 302 46.07 -23.23 15.72
N LEU E 303 45.58 -23.30 16.99
CA LEU E 303 46.38 -23.69 18.14
C LEU E 303 46.81 -25.14 18.04
N THR E 304 45.86 -26.03 17.68
CA THR E 304 46.09 -27.47 17.48
C THR E 304 47.21 -27.70 16.49
N GLU E 305 47.11 -27.04 15.30
CA GLU E 305 48.06 -27.10 14.19
C GLU E 305 49.48 -26.74 14.62
N THR E 306 49.64 -25.69 15.45
CA THR E 306 50.91 -25.23 16.01
C THR E 306 51.59 -26.32 16.88
N ILE E 307 50.79 -26.95 17.77
CA ILE E 307 51.22 -27.98 18.72
C ILE E 307 51.71 -29.24 17.99
N CYS E 308 51.03 -29.60 16.89
CA CYS E 308 51.36 -30.78 16.09
C CYS E 308 52.68 -30.61 15.36
N ARG E 309 53.00 -29.37 14.92
CA ARG E 309 54.23 -29.06 14.19
C ARG E 309 55.48 -29.07 15.11
N LEU E 310 55.28 -29.22 16.45
CA LEU E 310 56.38 -29.29 17.44
C LEU E 310 57.31 -30.49 17.23
N PRO E 311 58.65 -30.28 17.34
CA PRO E 311 59.59 -31.39 17.12
C PRO E 311 59.74 -32.42 18.23
N ASN E 312 59.92 -33.68 17.80
CA ASN E 312 60.19 -34.90 18.57
C ASN E 312 59.19 -35.18 19.73
N ILE E 313 57.92 -34.79 19.59
CA ILE E 313 56.90 -35.02 20.59
C ILE E 313 56.36 -36.46 20.46
N LYS E 314 56.30 -37.19 21.58
CA LYS E 314 55.80 -38.58 21.62
C LYS E 314 54.30 -38.60 22.01
N HIS E 315 53.84 -37.58 22.77
CA HIS E 315 52.46 -37.48 23.28
C HIS E 315 51.82 -36.08 23.19
N ILE E 316 50.49 -36.05 22.99
CA ILE E 316 49.66 -34.84 22.97
C ILE E 316 48.54 -35.00 24.03
N ILE E 317 48.57 -34.15 25.04
CA ILE E 317 47.59 -34.13 26.10
C ILE E 317 46.50 -33.11 25.80
N VAL E 318 45.33 -33.61 25.36
CA VAL E 318 44.15 -32.81 25.04
C VAL E 318 43.26 -32.92 26.29
N GLY E 319 43.65 -32.18 27.32
CA GLY E 319 42.94 -32.20 28.58
C GLY E 319 42.17 -30.95 28.93
N GLY E 320 41.56 -30.98 30.08
CA GLY E 320 40.78 -29.87 30.60
C GLY E 320 39.87 -30.36 31.70
N ALA E 321 39.34 -29.39 32.44
CA ALA E 321 38.39 -29.65 33.52
C ALA E 321 36.99 -29.76 32.91
N ILE E 322 35.95 -29.60 33.71
CA ILE E 322 34.60 -29.59 33.19
C ILE E 322 34.25 -28.12 32.94
N ALA E 323 34.16 -27.72 31.64
CA ALA E 323 33.85 -26.35 31.23
C ALA E 323 32.49 -25.90 31.78
N ASN E 324 32.41 -24.61 32.13
CA ASN E 324 31.19 -24.00 32.65
C ASN E 324 30.40 -23.39 31.48
N PHE E 325 31.10 -22.92 30.41
CA PHE E 325 30.41 -22.30 29.27
C PHE E 325 31.05 -22.60 27.92
N THR E 326 32.30 -23.09 27.87
CA THR E 326 32.97 -23.43 26.60
C THR E 326 32.30 -24.67 25.97
N ASP E 327 31.79 -24.52 24.72
CA ASP E 327 31.13 -25.61 24.01
C ASP E 327 32.22 -26.59 23.55
N VAL E 328 32.22 -27.86 24.07
CA VAL E 328 33.26 -28.86 23.76
C VAL E 328 33.04 -29.48 22.36
N LYS E 329 31.79 -29.48 21.84
CA LYS E 329 31.57 -29.96 20.48
C LYS E 329 32.20 -28.96 19.49
N ALA E 330 31.99 -27.64 19.73
CA ALA E 330 32.52 -26.54 18.92
C ALA E 330 34.05 -26.49 18.96
N THR E 331 34.68 -26.55 20.17
CA THR E 331 36.14 -26.52 20.30
C THR E 331 36.77 -27.80 19.78
N PHE E 332 36.12 -28.96 20.01
CA PHE E 332 36.63 -30.25 19.54
C PHE E 332 36.58 -30.35 18.05
N SER E 333 35.62 -29.66 17.39
CA SER E 333 35.55 -29.62 15.92
C SER E 333 36.82 -28.92 15.35
N GLY E 334 37.31 -27.89 16.06
CA GLY E 334 38.52 -27.15 15.74
C GLY E 334 39.76 -28.01 15.93
N ILE E 335 39.81 -28.74 17.05
CA ILE E 335 40.90 -29.66 17.41
C ILE E 335 41.00 -30.77 16.36
N ILE E 336 39.85 -31.43 16.06
CA ILE E 336 39.72 -32.52 15.08
C ILE E 336 40.22 -32.05 13.72
N ASN E 337 39.73 -30.90 13.24
CA ASN E 337 40.13 -30.34 11.94
C ASN E 337 41.63 -30.03 11.89
N GLY E 338 42.18 -29.56 13.01
CA GLY E 338 43.60 -29.27 13.18
C GLY E 338 44.44 -30.53 13.16
N PHE E 339 43.89 -31.64 13.73
CA PHE E 339 44.54 -32.94 13.79
C PHE E 339 44.58 -33.61 12.43
N ARG E 340 43.47 -33.46 11.66
CA ARG E 340 43.31 -34.00 10.32
C ARG E 340 44.28 -33.30 9.35
N GLU E 341 44.37 -31.96 9.44
CA GLU E 341 45.25 -31.13 8.61
C GLU E 341 46.73 -31.39 8.91
N SER E 342 47.07 -31.71 10.17
CA SER E 342 48.44 -32.01 10.61
C SER E 342 48.88 -33.43 10.21
N LYS E 343 47.95 -34.41 10.25
CA LYS E 343 48.29 -35.78 9.88
C LYS E 343 48.46 -35.91 8.39
N SER E 344 47.65 -35.17 7.59
CA SER E 344 47.76 -35.16 6.12
C SER E 344 49.14 -34.62 5.67
N LYS E 345 49.73 -33.70 6.45
CA LYS E 345 51.08 -33.12 6.23
C LYS E 345 52.19 -34.05 6.79
N GLY E 346 51.79 -35.16 7.44
CA GLY E 346 52.68 -36.17 8.00
C GLY E 346 53.31 -35.84 9.34
N TYR E 347 52.63 -35.01 10.15
CA TYR E 347 53.16 -34.59 11.44
C TYR E 347 52.86 -35.52 12.61
N LEU E 348 51.67 -36.15 12.62
CA LEU E 348 51.23 -36.98 13.75
C LEU E 348 51.53 -38.48 13.59
N GLU E 349 52.74 -38.79 13.13
CA GLU E 349 53.15 -40.17 12.98
C GLU E 349 53.83 -40.68 14.23
N GLY E 350 53.25 -41.74 14.80
CA GLY E 350 53.72 -42.39 16.02
C GLY E 350 53.22 -41.76 17.31
N VAL E 351 52.85 -40.47 17.24
CA VAL E 351 52.35 -39.67 18.37
C VAL E 351 51.02 -40.23 18.88
N LYS E 352 50.91 -40.35 20.21
CA LYS E 352 49.69 -40.80 20.89
C LYS E 352 48.93 -39.57 21.39
N ILE E 353 47.62 -39.53 21.15
CA ILE E 353 46.77 -38.42 21.62
C ILE E 353 45.96 -38.92 22.83
N TRP E 354 45.97 -38.15 23.92
CA TRP E 354 45.25 -38.46 25.15
C TRP E 354 44.20 -37.39 25.40
N VAL E 355 42.91 -37.76 25.34
CA VAL E 355 41.79 -36.85 25.52
C VAL E 355 41.04 -37.12 26.83
N ARG E 356 40.81 -36.07 27.63
CA ARG E 356 40.01 -36.08 28.85
C ARG E 356 39.38 -34.72 28.94
N ARG E 357 38.04 -34.68 28.87
CA ARG E 357 37.32 -33.40 28.87
C ARG E 357 35.88 -33.54 29.36
N GLY E 358 35.36 -32.42 29.87
CA GLY E 358 33.98 -32.24 30.32
C GLY E 358 33.52 -30.83 29.99
N GLY E 359 32.21 -30.63 30.03
CA GLY E 359 31.62 -29.32 29.77
C GLY E 359 30.41 -29.35 28.84
N PRO E 360 29.86 -28.17 28.42
CA PRO E 360 28.66 -28.19 27.57
C PRO E 360 28.89 -28.88 26.23
N ASN E 361 28.04 -29.87 25.92
CA ASN E 361 28.04 -30.74 24.73
C ASN E 361 29.26 -31.69 24.71
N GLU E 362 29.65 -32.20 25.91
CA GLU E 362 30.78 -33.12 26.07
C GLU E 362 30.55 -34.45 25.38
N ALA E 363 29.29 -34.98 25.43
CA ALA E 363 28.92 -36.26 24.82
C ALA E 363 29.22 -36.23 23.32
N GLN E 364 28.67 -35.24 22.60
CA GLN E 364 28.85 -35.03 21.14
C GLN E 364 30.32 -34.81 20.77
N GLY E 365 31.01 -33.98 21.57
CA GLY E 365 32.43 -33.65 21.36
C GLY E 365 33.33 -34.84 21.54
N LEU E 366 33.15 -35.55 22.66
CA LEU E 366 33.94 -36.73 22.94
C LEU E 366 33.70 -37.85 21.94
N ALA E 367 32.43 -38.03 21.50
CA ALA E 367 32.06 -39.04 20.52
C ALA E 367 32.74 -38.74 19.17
N ALA E 368 32.76 -37.46 18.77
CA ALA E 368 33.37 -37.02 17.52
C ALA E 368 34.89 -37.23 17.51
N ILE E 369 35.59 -36.86 18.60
CA ILE E 369 37.04 -37.01 18.70
C ILE E 369 37.45 -38.51 18.74
N LYS E 370 36.58 -39.38 19.35
CA LYS E 370 36.77 -40.84 19.47
C LYS E 370 36.86 -41.43 18.05
N GLN E 371 36.01 -40.91 17.12
CA GLN E 371 35.89 -41.33 15.72
C GLN E 371 37.17 -41.16 14.89
N LEU E 372 38.21 -40.51 15.47
CA LEU E 372 39.53 -40.36 14.82
C LEU E 372 40.36 -41.66 14.93
N GLN E 373 39.87 -42.67 15.67
CA GLN E 373 40.49 -43.99 15.80
C GLN E 373 40.40 -44.71 14.42
N GLU E 374 39.26 -44.51 13.71
CA GLU E 374 38.94 -45.02 12.37
C GLU E 374 39.96 -44.51 11.35
N GLU E 375 40.43 -43.23 11.47
CA GLU E 375 41.40 -42.65 10.53
C GLU E 375 42.86 -42.74 11.00
N GLY E 376 43.19 -43.86 11.64
CA GLY E 376 44.55 -44.25 12.05
C GLY E 376 45.24 -43.49 13.16
N PHE E 377 44.52 -42.68 13.94
CA PHE E 377 45.10 -41.95 15.06
C PHE E 377 45.18 -42.85 16.29
N ASP E 378 46.33 -42.81 17.00
CA ASP E 378 46.55 -43.56 18.26
C ASP E 378 45.94 -42.69 19.41
N ILE E 379 44.61 -42.49 19.37
CA ILE E 379 43.86 -41.62 20.27
C ILE E 379 43.08 -42.42 21.37
N HIS E 380 43.22 -41.99 22.65
CA HIS E 380 42.56 -42.56 23.83
C HIS E 380 41.72 -41.46 24.44
N VAL E 381 40.38 -41.59 24.38
CA VAL E 381 39.50 -40.55 24.87
C VAL E 381 38.69 -41.05 26.11
N TYR E 382 38.73 -40.23 27.17
CA TYR E 382 38.12 -40.47 28.47
C TYR E 382 37.16 -39.33 28.84
N ASP E 383 36.21 -39.65 29.72
CA ASP E 383 35.22 -38.71 30.23
C ASP E 383 35.63 -38.29 31.66
N ARG E 384 34.79 -37.49 32.33
CA ARG E 384 34.92 -36.98 33.70
C ARG E 384 35.27 -38.03 34.76
N SER E 385 34.86 -39.29 34.57
CA SER E 385 35.13 -40.39 35.51
C SER E 385 36.64 -40.63 35.72
N MET E 386 37.43 -40.35 34.66
CA MET E 386 38.89 -40.38 34.65
C MET E 386 39.37 -39.11 35.37
N PRO E 387 40.01 -39.18 36.56
CA PRO E 387 40.50 -37.95 37.22
C PRO E 387 41.33 -37.15 36.21
N MET E 388 41.15 -35.82 36.23
CA MET E 388 41.69 -34.83 35.29
C MET E 388 43.13 -35.06 34.73
N THR E 389 44.15 -35.03 35.60
CA THR E 389 45.57 -35.16 35.26
C THR E 389 46.04 -36.63 35.29
N ASP E 390 45.11 -37.60 35.39
CA ASP E 390 45.52 -39.01 35.43
C ASP E 390 45.79 -39.58 34.04
N ILE E 391 45.50 -38.83 32.98
CA ILE E 391 45.85 -39.23 31.61
C ILE E 391 47.36 -39.06 31.39
N VAL E 392 48.02 -38.15 32.17
CA VAL E 392 49.45 -37.90 32.15
C VAL E 392 50.20 -39.17 32.61
N ASP E 393 49.67 -39.89 33.62
CA ASP E 393 50.26 -41.15 34.11
C ASP E 393 50.18 -42.24 33.01
N LEU E 394 48.98 -42.41 32.40
CA LEU E 394 48.70 -43.35 31.31
C LEU E 394 49.61 -43.09 30.11
N ALA E 395 49.95 -41.82 29.86
CA ALA E 395 50.85 -41.39 28.79
C ALA E 395 52.30 -41.70 29.17
N MET E 396 52.69 -41.48 30.47
CA MET E 396 54.03 -41.76 31.00
C MET E 396 54.35 -43.25 30.93
N LYS E 397 53.35 -44.10 31.23
CA LYS E 397 53.47 -45.56 31.21
C LYS E 397 53.55 -46.06 29.77
N SER E 398 52.73 -45.49 28.88
CA SER E 398 52.66 -45.84 27.47
C SER E 398 53.39 -44.79 26.61
N SER F 2 25.56 -24.04 53.17
CA SER F 2 25.75 -22.98 52.18
C SER F 2 26.37 -21.75 52.85
N ILE F 3 27.08 -20.85 52.09
CA ILE F 3 27.66 -19.71 52.81
C ILE F 3 27.22 -18.32 52.29
N LEU F 4 27.22 -18.01 51.00
CA LEU F 4 26.89 -16.60 50.72
C LEU F 4 25.55 -16.39 50.04
N ALA F 5 25.22 -17.30 49.15
CA ALA F 5 24.02 -17.28 48.35
C ALA F 5 23.09 -18.33 48.99
N ASN F 6 21.83 -17.96 49.19
CA ASN F 6 20.84 -18.88 49.74
C ASN F 6 19.48 -18.59 49.08
N LYS F 7 18.41 -19.27 49.52
CA LYS F 7 17.09 -19.09 48.95
C LYS F 7 16.52 -17.64 49.15
N ASP F 8 17.20 -16.81 49.93
CA ASP F 8 16.80 -15.43 50.16
C ASP F 8 17.56 -14.45 49.26
N THR F 9 18.59 -14.93 48.52
CA THR F 9 19.36 -14.12 47.58
C THR F 9 18.49 -13.74 46.40
N ARG F 10 18.34 -12.45 46.12
CA ARG F 10 17.61 -11.86 44.99
C ARG F 10 18.63 -10.92 44.32
N ALA F 11 18.91 -11.10 43.02
CA ALA F 11 19.96 -10.36 42.30
C ALA F 11 19.49 -9.35 41.25
N VAL F 12 20.40 -8.43 40.96
CA VAL F 12 20.36 -7.43 39.93
C VAL F 12 21.60 -7.75 39.10
N ILE F 13 21.45 -7.88 37.79
CA ILE F 13 22.59 -8.13 36.94
C ILE F 13 22.92 -6.82 36.21
N ILE F 14 24.13 -6.32 36.43
CA ILE F 14 24.60 -5.09 35.80
C ILE F 14 25.51 -5.50 34.65
N GLY F 15 24.98 -5.47 33.44
CA GLY F 15 25.73 -5.83 32.24
C GLY F 15 24.79 -6.13 31.12
N GLY F 16 25.34 -6.45 29.96
CA GLY F 16 24.60 -6.73 28.73
C GLY F 16 24.29 -8.17 28.44
N VAL F 17 24.64 -8.62 27.22
CA VAL F 17 24.36 -9.98 26.74
C VAL F 17 25.00 -11.07 27.65
N ALA F 18 26.22 -10.82 28.16
CA ALA F 18 26.90 -11.72 29.09
C ALA F 18 26.03 -11.88 30.37
N GLY F 19 25.42 -10.77 30.81
CA GLY F 19 24.54 -10.71 31.97
C GLY F 19 23.28 -11.52 31.77
N VAL F 20 22.72 -11.44 30.55
CA VAL F 20 21.52 -12.15 30.16
C VAL F 20 21.79 -13.65 30.08
N ASN F 21 22.97 -14.06 29.58
CA ASN F 21 23.29 -15.50 29.52
C ASN F 21 23.46 -16.09 30.89
N ALA F 22 24.01 -15.34 31.83
CA ALA F 22 24.17 -15.78 33.22
C ALA F 22 22.80 -15.94 33.89
N ALA F 23 21.89 -14.99 33.62
CA ALA F 23 20.51 -15.00 34.12
C ALA F 23 19.76 -16.22 33.60
N LYS F 24 19.98 -16.59 32.31
CA LYS F 24 19.34 -17.76 31.72
C LYS F 24 19.80 -19.04 32.39
N ARG F 25 21.08 -19.13 32.73
CA ARG F 25 21.67 -20.25 33.46
C ARG F 25 21.13 -20.31 34.90
N MET F 26 21.04 -19.15 35.57
CA MET F 26 20.50 -19.05 36.93
C MET F 26 19.05 -19.50 36.95
N ALA F 27 18.25 -19.15 35.92
CA ALA F 27 16.83 -19.55 35.77
C ALA F 27 16.68 -21.05 35.68
N GLN F 28 17.65 -21.76 35.01
CA GLN F 28 17.64 -23.24 34.93
C GLN F 28 17.83 -23.84 36.32
N PHE F 29 18.81 -23.29 37.07
CA PHE F 29 19.02 -23.73 38.41
C PHE F 29 17.74 -23.51 39.26
N ASP F 30 17.12 -22.30 39.17
CA ASP F 30 15.89 -21.93 39.91
C ASP F 30 14.76 -22.91 39.64
N PHE F 31 14.66 -23.36 38.37
CA PHE F 31 13.72 -24.37 37.96
C PHE F 31 14.05 -25.72 38.68
N LEU F 32 15.31 -26.19 38.59
CA LEU F 32 15.80 -27.44 39.17
C LEU F 32 15.55 -27.55 40.68
N VAL F 33 15.86 -26.48 41.44
CA VAL F 33 15.70 -26.48 42.89
C VAL F 33 14.32 -25.95 43.30
N ASN F 34 13.47 -25.68 42.30
CA ASN F 34 12.11 -25.19 42.50
C ASN F 34 12.05 -23.97 43.43
N ARG F 35 12.68 -22.89 43.00
CA ARG F 35 12.68 -21.62 43.74
C ARG F 35 12.25 -20.50 42.80
N PRO F 36 11.78 -19.32 43.30
CA PRO F 36 11.46 -18.21 42.40
C PRO F 36 12.75 -17.64 41.79
N LEU F 37 12.63 -16.99 40.64
CA LEU F 37 13.75 -16.40 39.90
C LEU F 37 14.66 -15.52 40.79
N THR F 38 15.97 -15.74 40.71
CA THR F 38 16.97 -14.99 41.47
C THR F 38 17.11 -13.59 40.86
N VAL F 39 17.23 -13.46 39.51
CA VAL F 39 17.38 -12.19 38.82
C VAL F 39 16.05 -11.47 38.89
N GLN F 40 16.07 -10.24 39.39
CA GLN F 40 14.91 -9.41 39.56
C GLN F 40 14.91 -8.33 38.53
N ALA F 41 16.10 -7.86 38.15
CA ALA F 41 16.27 -6.75 37.23
C ALA F 41 17.63 -6.81 36.55
N PHE F 42 17.76 -6.03 35.49
CA PHE F 42 19.01 -5.80 34.73
C PHE F 42 19.26 -4.32 34.73
N VAL F 43 20.50 -3.93 34.76
CA VAL F 43 20.88 -2.51 34.67
C VAL F 43 21.83 -2.44 33.49
N TYR F 44 21.43 -1.74 32.41
CA TYR F 44 22.20 -1.63 31.20
C TYR F 44 21.68 -0.45 30.41
N PRO F 45 22.32 0.73 30.53
CA PRO F 45 21.83 1.90 29.78
C PRO F 45 21.60 1.66 28.26
N PRO F 46 22.47 0.95 27.47
CA PRO F 46 22.16 0.78 26.03
C PRO F 46 20.82 0.16 25.71
N GLU F 47 20.30 -0.71 26.59
CA GLU F 47 19.04 -1.43 26.40
C GLU F 47 18.00 -1.04 27.44
N ALA F 48 18.18 0.12 28.11
CA ALA F 48 17.23 0.61 29.13
C ALA F 48 15.81 0.70 28.60
N GLY F 49 14.85 0.20 29.34
CA GLY F 49 13.44 0.24 28.93
C GLY F 49 12.96 -1.06 28.33
N GLN F 50 13.91 -1.88 27.83
CA GLN F 50 13.64 -3.19 27.24
C GLN F 50 13.39 -4.24 28.29
N GLN F 51 12.81 -5.35 27.87
CA GLN F 51 12.54 -6.49 28.75
C GLN F 51 13.17 -7.75 28.16
N LYS F 52 13.79 -8.55 29.02
CA LYS F 52 14.48 -9.77 28.61
C LYS F 52 13.61 -10.95 28.92
N GLU F 53 13.40 -11.83 27.92
CA GLU F 53 12.61 -13.06 28.09
C GLU F 53 13.54 -14.15 28.66
N ILE F 54 13.31 -14.54 29.92
CA ILE F 54 14.09 -15.55 30.61
C ILE F 54 13.15 -16.70 31.01
N PHE F 55 13.42 -17.92 30.53
CA PHE F 55 12.59 -19.10 30.84
C PHE F 55 13.01 -19.76 32.12
N ARG F 56 12.06 -19.92 33.03
CA ARG F 56 12.25 -20.69 34.27
C ARG F 56 11.51 -22.04 33.95
N GLY F 57 12.23 -22.97 33.37
CA GLY F 57 11.67 -24.22 32.89
C GLY F 57 10.96 -23.91 31.60
N GLY F 58 9.65 -24.08 31.61
CA GLY F 58 8.80 -23.81 30.46
C GLY F 58 8.06 -22.48 30.57
N GLU F 59 8.16 -21.81 31.72
CA GLU F 59 7.53 -20.55 32.03
C GLU F 59 8.40 -19.34 31.67
N LEU F 60 7.87 -18.42 30.85
CA LEU F 60 8.57 -17.22 30.40
C LEU F 60 8.45 -16.14 31.46
N LYS F 61 9.58 -15.55 31.84
CA LYS F 61 9.64 -14.45 32.79
C LYS F 61 10.20 -13.25 32.06
N ASN F 62 9.54 -12.10 32.14
CA ASN F 62 10.02 -10.88 31.49
C ASN F 62 10.75 -10.08 32.54
N VAL F 63 12.07 -9.89 32.38
CA VAL F 63 12.88 -9.14 33.33
C VAL F 63 13.21 -7.76 32.73
N THR F 64 12.87 -6.68 33.45
CA THR F 64 13.07 -5.29 33.00
C THR F 64 14.51 -4.86 33.05
N VAL F 65 14.93 -4.06 32.06
CA VAL F 65 16.26 -3.44 31.95
C VAL F 65 16.10 -1.95 32.34
N TYR F 66 16.82 -1.54 33.35
CA TYR F 66 16.86 -0.19 33.87
C TYR F 66 18.12 0.55 33.41
N ASP F 67 18.05 1.90 33.34
CA ASP F 67 19.18 2.78 32.99
C ASP F 67 20.23 2.77 34.11
N SER F 68 19.78 2.75 35.38
CA SER F 68 20.66 2.79 36.54
C SER F 68 20.13 1.96 37.68
N LEU F 69 20.95 1.75 38.70
CA LEU F 69 20.64 0.95 39.87
C LEU F 69 19.55 1.54 40.76
N ALA F 70 19.52 2.87 40.95
CA ALA F 70 18.52 3.58 41.76
C ALA F 70 17.08 3.21 41.36
N PRO F 71 16.64 3.34 40.07
CA PRO F 71 15.28 2.90 39.71
C PRO F 71 15.06 1.40 39.85
N ALA F 72 16.12 0.58 39.64
CA ALA F 72 16.00 -0.86 39.75
C ALA F 72 15.62 -1.27 41.16
N LEU F 73 16.34 -0.74 42.16
CA LEU F 73 16.11 -1.02 43.58
C LEU F 73 14.83 -0.36 44.11
N GLU F 74 14.41 0.75 43.49
CA GLU F 74 13.19 1.45 43.84
C GLU F 74 12.01 0.51 43.48
N GLU F 75 12.08 -0.11 42.28
CA GLU F 75 11.05 -1.03 41.79
C GLU F 75 11.17 -2.43 42.40
N HIS F 76 12.36 -2.82 42.85
CA HIS F 76 12.62 -4.16 43.43
C HIS F 76 13.42 -3.99 44.70
N PRO F 77 12.77 -3.62 45.84
CA PRO F 77 13.52 -3.38 47.10
C PRO F 77 14.15 -4.64 47.66
N ASP F 78 13.59 -5.76 47.24
CA ASP F 78 13.87 -7.18 47.38
C ASP F 78 15.34 -7.55 47.15
N ILE F 79 15.99 -6.90 46.12
CA ILE F 79 17.38 -7.13 45.68
C ILE F 79 18.38 -6.89 46.80
N ASN F 80 19.30 -7.83 46.96
CA ASN F 80 20.35 -7.79 48.00
C ASN F 80 21.72 -8.19 47.43
N THR F 81 21.77 -8.50 46.12
CA THR F 81 22.99 -8.96 45.44
C THR F 81 23.13 -8.29 44.08
N ALA F 82 24.37 -7.97 43.70
CA ALA F 82 24.67 -7.39 42.40
C ALA F 82 25.74 -8.20 41.71
N LEU F 83 25.53 -8.55 40.44
CA LEU F 83 26.50 -9.27 39.62
C LEU F 83 26.92 -8.31 38.50
N ILE F 84 28.22 -8.00 38.40
CA ILE F 84 28.76 -7.06 37.39
C ILE F 84 29.31 -7.86 36.24
N TYR F 85 28.74 -7.64 35.07
CA TYR F 85 29.05 -8.28 33.79
C TYR F 85 29.50 -7.24 32.75
N LEU F 86 29.99 -6.09 33.20
CA LEU F 86 30.45 -5.01 32.31
C LEU F 86 31.93 -5.15 32.07
N GLY F 87 32.44 -4.48 31.04
CA GLY F 87 33.86 -4.47 30.73
C GLY F 87 34.66 -3.65 31.71
N ALA F 88 36.01 -3.85 31.72
CA ALA F 88 36.99 -3.22 32.66
C ALA F 88 36.85 -1.71 32.88
N SER F 89 36.56 -0.95 31.79
CA SER F 89 36.44 0.51 31.85
C SER F 89 35.21 1.03 32.62
N ARG F 90 34.17 0.17 32.80
CA ARG F 90 32.90 0.53 33.47
C ARG F 90 32.59 -0.27 34.74
N ALA F 91 33.22 -1.46 34.88
CA ALA F 91 32.96 -2.40 35.95
C ALA F 91 33.14 -1.85 37.36
N ALA F 92 34.31 -1.22 37.65
CA ALA F 92 34.62 -0.69 38.97
C ALA F 92 33.63 0.37 39.44
N GLN F 93 33.17 1.28 38.54
CA GLN F 93 32.17 2.31 38.88
C GLN F 93 30.81 1.67 39.20
N ALA F 94 30.41 0.64 38.42
CA ALA F 94 29.17 -0.08 38.65
C ALA F 94 29.24 -0.83 39.99
N ALA F 95 30.42 -1.39 40.33
CA ALA F 95 30.63 -2.10 41.59
C ALA F 95 30.58 -1.13 42.76
N LYS F 96 31.10 0.11 42.59
CA LYS F 96 31.08 1.16 43.61
C LYS F 96 29.63 1.52 43.93
N GLU F 97 28.83 1.79 42.87
CA GLU F 97 27.41 2.14 42.95
C GLU F 97 26.64 1.06 43.71
N ALA F 98 26.91 -0.23 43.40
CA ALA F 98 26.26 -1.36 44.07
C ALA F 98 26.62 -1.44 45.55
N LEU F 99 27.92 -1.27 45.89
CA LEU F 99 28.38 -1.33 47.27
C LEU F 99 27.78 -0.19 48.10
N GLU F 100 27.62 0.99 47.50
CA GLU F 100 27.04 2.18 48.16
C GLU F 100 25.50 2.15 48.28
N SER F 101 24.81 1.22 47.59
CA SER F 101 23.37 1.00 47.70
C SER F 101 23.08 0.31 49.04
N PRO F 102 22.25 0.90 49.95
CA PRO F 102 22.01 0.24 51.25
C PRO F 102 21.37 -1.16 51.19
N ASN F 103 20.65 -1.48 50.08
CA ASN F 103 20.02 -2.78 49.87
C ASN F 103 21.02 -3.92 49.61
N ILE F 104 22.07 -3.66 48.79
CA ILE F 104 23.07 -4.63 48.35
C ILE F 104 24.03 -5.03 49.45
N GLN F 105 24.10 -6.33 49.75
CA GLN F 105 25.01 -6.88 50.77
C GLN F 105 26.17 -7.65 50.17
N LEU F 106 26.01 -8.19 48.96
CA LEU F 106 27.00 -8.95 48.21
C LEU F 106 27.09 -8.42 46.78
N VAL F 107 28.33 -8.15 46.31
CA VAL F 107 28.68 -7.72 44.95
C VAL F 107 29.69 -8.71 44.40
N SER F 108 29.40 -9.34 43.27
CA SER F 108 30.31 -10.28 42.62
C SER F 108 30.61 -9.75 41.20
N MET F 109 31.88 -9.78 40.77
CA MET F 109 32.35 -9.29 39.48
C MET F 109 32.94 -10.39 38.68
N ILE F 110 32.52 -10.50 37.43
CA ILE F 110 33.09 -11.52 36.55
C ILE F 110 34.20 -10.91 35.73
N THR F 111 34.15 -9.58 35.56
CA THR F 111 35.05 -8.78 34.74
C THR F 111 36.51 -9.13 34.89
N GLU F 112 37.20 -9.25 33.74
CA GLU F 112 38.64 -9.47 33.64
C GLU F 112 39.27 -8.15 33.17
N GLY F 113 40.51 -7.91 33.57
CA GLY F 113 41.26 -6.71 33.20
C GLY F 113 40.95 -5.48 34.03
N VAL F 114 40.33 -5.67 35.24
CA VAL F 114 40.01 -4.58 36.17
C VAL F 114 41.33 -4.14 36.82
N PRO F 115 41.71 -2.84 36.69
CA PRO F 115 42.97 -2.37 37.29
C PRO F 115 43.08 -2.72 38.78
N GLU F 116 44.26 -3.19 39.19
CA GLU F 116 44.58 -3.54 40.58
C GLU F 116 44.20 -2.40 41.52
N LYS F 117 44.52 -1.14 41.14
CA LYS F 117 44.18 0.06 41.90
C LYS F 117 42.66 0.12 42.17
N ASP F 118 41.83 -0.23 41.16
CA ASP F 118 40.37 -0.24 41.28
C ASP F 118 39.87 -1.35 42.21
N ALA F 119 40.42 -2.58 42.08
CA ALA F 119 40.06 -3.71 42.92
C ALA F 119 40.42 -3.44 44.38
N LYS F 120 41.59 -2.81 44.63
CA LYS F 120 42.06 -2.45 45.99
C LYS F 120 41.10 -1.45 46.64
N ARG F 121 40.68 -0.40 45.88
CA ARG F 121 39.73 0.63 46.29
C ARG F 121 38.36 0.03 46.61
N LEU F 122 37.90 -0.93 45.79
CA LEU F 122 36.64 -1.62 46.00
C LEU F 122 36.66 -2.51 47.23
N LYS F 123 37.80 -3.17 47.50
CA LYS F 123 37.95 -4.02 48.68
C LYS F 123 37.82 -3.17 49.96
N LYS F 124 38.49 -1.99 50.01
CA LYS F 124 38.45 -1.06 51.15
C LYS F 124 37.05 -0.49 51.34
N LEU F 125 36.36 -0.16 50.25
CA LEU F 125 35.01 0.37 50.32
C LEU F 125 34.04 -0.70 50.91
N ALA F 126 34.17 -1.97 50.47
CA ALA F 126 33.34 -3.07 50.94
C ALA F 126 33.58 -3.28 52.44
N GLN F 127 34.85 -3.16 52.90
CA GLN F 127 35.23 -3.30 54.32
C GLN F 127 34.60 -2.19 55.18
N LYS F 128 34.65 -0.91 54.70
CA LYS F 128 34.07 0.23 55.40
C LYS F 128 32.57 0.03 55.63
N LEU F 129 31.88 -0.34 54.55
CA LEU F 129 30.44 -0.54 54.51
C LEU F 129 29.96 -1.88 55.10
N GLY F 130 30.91 -2.76 55.45
CA GLY F 130 30.61 -4.07 56.02
C GLY F 130 29.88 -4.99 55.06
N LYS F 131 30.28 -4.94 53.77
CA LYS F 131 29.68 -5.73 52.70
C LYS F 131 30.67 -6.68 52.11
N MET F 132 30.19 -7.68 51.38
CA MET F 132 31.01 -8.69 50.75
C MET F 132 31.24 -8.35 49.26
N LEU F 133 32.49 -8.44 48.82
CA LEU F 133 32.88 -8.24 47.44
C LEU F 133 33.60 -9.50 46.95
N ASN F 134 33.08 -10.13 45.92
CA ASN F 134 33.66 -11.33 45.33
C ASN F 134 34.19 -10.96 43.93
N GLY F 135 35.37 -11.43 43.61
CA GLY F 135 36.02 -11.12 42.36
C GLY F 135 36.99 -9.96 42.50
N PRO F 136 37.35 -9.22 41.41
CA PRO F 136 36.91 -9.42 40.00
C PRO F 136 37.43 -10.73 39.42
N SER F 137 37.00 -11.09 38.21
CA SER F 137 37.37 -12.31 37.51
C SER F 137 36.80 -13.54 38.17
N SER F 138 35.61 -13.42 38.74
CA SER F 138 34.99 -14.59 39.35
C SER F 138 33.85 -15.09 38.48
N ILE F 139 33.84 -16.40 38.14
CA ILE F 139 32.77 -17.03 37.37
C ILE F 139 31.45 -17.07 38.16
N GLY F 140 31.54 -17.01 39.50
CA GLY F 140 30.34 -17.04 40.35
C GLY F 140 30.46 -17.70 41.69
N ILE F 141 29.27 -17.92 42.33
CA ILE F 141 29.01 -18.54 43.66
C ILE F 141 27.88 -19.51 43.42
N MET F 142 28.02 -20.73 43.92
CA MET F 142 27.02 -21.77 43.75
C MET F 142 26.72 -22.40 45.12
N SER F 143 25.47 -22.35 45.57
CA SER F 143 25.01 -22.99 46.81
C SER F 143 24.05 -24.09 46.41
N ALA F 144 24.50 -25.34 46.47
CA ALA F 144 23.70 -26.50 46.08
C ALA F 144 22.33 -26.54 46.79
N GLY F 145 21.28 -26.69 45.98
CA GLY F 145 19.89 -26.74 46.41
C GLY F 145 19.30 -25.40 46.80
N GLU F 146 20.10 -24.29 46.70
CA GLU F 146 19.67 -22.99 47.17
C GLU F 146 19.78 -21.84 46.17
N CYS F 147 20.99 -21.58 45.64
CA CYS F 147 21.23 -20.43 44.79
C CYS F 147 22.42 -20.58 43.89
N ARG F 148 22.32 -20.06 42.67
CA ARG F 148 23.40 -20.00 41.71
C ARG F 148 23.57 -18.54 41.29
N LEU F 149 24.78 -18.02 41.41
CA LEU F 149 25.08 -16.66 40.98
C LEU F 149 26.12 -16.83 39.91
N GLY F 150 25.80 -16.49 38.69
CA GLY F 150 26.75 -16.66 37.60
C GLY F 150 26.50 -17.94 36.82
N VAL F 151 27.39 -18.19 35.85
CA VAL F 151 27.30 -19.37 34.96
C VAL F 151 27.96 -20.62 35.59
N ILE F 152 28.59 -20.46 36.78
CA ILE F 152 29.23 -21.56 37.53
C ILE F 152 28.30 -22.81 37.54
N GLY F 153 28.85 -23.99 37.23
CA GLY F 153 28.08 -25.22 37.25
C GLY F 153 27.71 -25.75 35.87
N GLY F 154 27.93 -24.95 34.82
CA GLY F 154 27.67 -25.31 33.43
C GLY F 154 26.27 -25.69 33.03
N GLU F 155 26.15 -26.65 32.10
CA GLU F 155 24.91 -27.15 31.54
C GLU F 155 24.01 -27.86 32.58
N PHE F 156 22.69 -27.93 32.31
CA PHE F 156 21.69 -28.52 33.19
C PHE F 156 22.04 -29.95 33.62
N LYS F 157 22.55 -30.76 32.67
CA LYS F 157 23.00 -32.15 32.89
C LYS F 157 24.11 -32.19 33.96
N ASN F 158 24.97 -31.16 33.98
CA ASN F 158 26.05 -31.06 34.95
C ASN F 158 25.51 -30.77 36.34
N LEU F 159 24.47 -29.92 36.44
CA LEU F 159 23.86 -29.64 37.75
C LEU F 159 23.37 -30.93 38.40
N LYS F 160 22.84 -31.86 37.58
CA LYS F 160 22.32 -33.15 38.01
C LYS F 160 23.44 -34.13 38.35
N LEU F 161 24.51 -34.17 37.53
CA LEU F 161 25.67 -35.04 37.75
C LEU F 161 26.46 -34.66 38.99
N CYS F 162 26.52 -33.35 39.31
CA CYS F 162 27.25 -32.84 40.47
C CYS F 162 26.38 -32.74 41.69
N ASN F 163 25.10 -33.20 41.58
CA ASN F 163 24.08 -33.23 42.64
C ASN F 163 23.85 -31.87 43.26
N LEU F 164 23.84 -30.84 42.42
CA LEU F 164 23.72 -29.44 42.83
C LEU F 164 22.28 -29.05 43.23
N TYR F 165 21.38 -30.03 43.26
CA TYR F 165 19.98 -29.81 43.65
C TYR F 165 19.79 -30.07 45.15
N ARG F 166 20.88 -30.37 45.88
CA ARG F 166 20.82 -30.57 47.36
C ARG F 166 22.22 -30.46 48.00
N GLN F 167 22.27 -29.99 49.25
CA GLN F 167 23.51 -29.78 49.99
C GLN F 167 24.25 -31.10 50.27
N GLY F 168 25.56 -31.07 50.07
CA GLY F 168 26.48 -32.15 50.35
C GLY F 168 27.19 -31.78 51.62
N SER F 169 28.48 -32.07 51.73
CA SER F 169 29.24 -31.77 52.94
C SER F 169 30.54 -31.03 52.67
N PHE F 170 30.82 -30.78 51.40
CA PHE F 170 32.06 -30.15 50.99
C PHE F 170 31.92 -28.73 50.47
N GLY F 171 32.79 -27.85 50.94
CA GLY F 171 32.83 -26.48 50.42
C GLY F 171 33.91 -26.44 49.36
N VAL F 172 33.80 -25.55 48.41
CA VAL F 172 34.78 -25.43 47.31
C VAL F 172 35.24 -23.99 47.20
N LEU F 173 36.56 -23.78 47.17
CA LEU F 173 37.20 -22.48 47.06
C LEU F 173 38.26 -22.54 45.97
N THR F 174 38.08 -21.81 44.88
CA THR F 174 39.10 -21.82 43.83
C THR F 174 39.41 -20.41 43.40
N LYS F 175 40.56 -20.20 42.75
CA LYS F 175 40.90 -18.92 42.14
C LYS F 175 40.32 -19.00 40.71
N SER F 176 40.62 -20.14 40.02
CA SER F 176 40.21 -20.57 38.67
C SER F 176 38.72 -20.91 38.55
N GLY F 177 38.08 -20.39 37.51
CA GLY F 177 36.69 -20.64 37.21
C GLY F 177 36.41 -22.05 36.75
N GLY F 178 37.16 -22.51 35.74
CA GLY F 178 37.03 -23.86 35.18
C GLY F 178 37.25 -24.98 36.18
N LEU F 179 38.13 -24.72 37.17
CA LEU F 179 38.46 -25.68 38.22
C LEU F 179 37.44 -25.76 39.34
N SER F 180 36.53 -24.78 39.43
CA SER F 180 35.47 -24.77 40.44
C SER F 180 34.42 -25.82 40.08
N ASN F 181 34.17 -25.97 38.76
CA ASN F 181 33.29 -26.99 38.20
C ASN F 181 33.91 -28.41 38.30
N GLU F 182 35.25 -28.54 38.14
CA GLU F 182 35.95 -29.80 38.30
C GLU F 182 35.91 -30.25 39.78
N ALA F 183 36.07 -29.31 40.73
CA ALA F 183 36.05 -29.60 42.16
C ALA F 183 34.68 -30.05 42.61
N MET F 184 33.61 -29.39 42.07
CA MET F 184 32.20 -29.72 42.38
C MET F 184 31.91 -31.15 41.96
N TRP F 185 32.45 -31.55 40.81
CA TRP F 185 32.30 -32.89 40.27
C TRP F 185 33.04 -33.90 41.12
N LEU F 186 34.27 -33.56 41.55
CA LEU F 186 35.10 -34.42 42.38
C LEU F 186 34.44 -34.73 43.73
N CYS F 187 33.68 -33.74 44.26
CA CYS F 187 32.95 -33.78 45.53
C CYS F 187 31.70 -34.64 45.40
N ALA F 188 31.09 -34.67 44.20
CA ALA F 188 29.91 -35.46 43.89
C ALA F 188 30.31 -36.92 43.65
N GLN F 189 31.41 -37.13 42.90
CA GLN F 189 31.94 -38.43 42.52
C GLN F 189 32.56 -39.22 43.68
N ASN F 190 33.33 -38.54 44.56
CA ASN F 190 34.09 -39.14 45.66
C ASN F 190 33.56 -38.84 47.06
N GLY F 191 32.67 -37.87 47.18
CA GLY F 191 32.04 -37.49 48.43
C GLY F 191 30.54 -37.53 48.27
N ASP F 192 29.85 -36.58 48.90
CA ASP F 192 28.38 -36.46 48.82
C ASP F 192 27.91 -35.14 48.18
N GLY F 193 28.81 -34.45 47.49
CA GLY F 193 28.50 -33.17 46.87
C GLY F 193 28.97 -32.00 47.70
N ILE F 194 28.69 -30.80 47.21
CA ILE F 194 29.07 -29.53 47.80
C ILE F 194 27.95 -28.86 48.61
N THR F 195 28.35 -27.90 49.48
CA THR F 195 27.47 -27.02 50.24
C THR F 195 27.43 -25.74 49.42
N SER F 196 28.59 -25.06 49.31
CA SER F 196 28.81 -23.86 48.48
C SER F 196 30.14 -23.97 47.75
N ALA F 197 30.20 -23.47 46.50
CA ALA F 197 31.41 -23.37 45.69
C ALA F 197 31.61 -21.91 45.38
N VAL F 198 32.79 -21.37 45.69
CA VAL F 198 33.12 -19.95 45.44
C VAL F 198 34.39 -19.87 44.59
N ALA F 199 34.30 -19.14 43.45
CA ALA F 199 35.45 -18.82 42.59
C ALA F 199 35.83 -17.41 43.08
N ILE F 200 36.98 -17.27 43.75
CA ILE F 200 37.39 -15.99 44.34
C ILE F 200 37.97 -15.03 43.27
N GLY F 201 38.33 -15.57 42.11
CA GLY F 201 38.93 -14.78 41.05
C GLY F 201 40.42 -15.01 40.97
N GLY F 202 41.00 -14.79 39.79
CA GLY F 202 42.42 -15.01 39.57
C GLY F 202 43.27 -13.78 39.61
N ASP F 203 42.65 -12.63 39.96
CA ASP F 203 43.32 -11.33 40.04
C ASP F 203 44.28 -11.24 41.25
N ALA F 204 45.27 -10.34 41.15
CA ALA F 204 46.29 -10.12 42.18
C ALA F 204 45.67 -9.82 43.53
N TYR F 205 44.60 -8.99 43.53
CA TYR F 205 43.89 -8.56 44.72
C TYR F 205 42.39 -8.88 44.67
N PRO F 206 41.99 -10.11 45.05
CA PRO F 206 40.55 -10.44 45.12
C PRO F 206 39.84 -9.65 46.24
N GLY F 207 38.55 -9.46 46.09
CA GLY F 207 37.72 -8.71 47.04
C GLY F 207 37.69 -9.35 48.42
N THR F 208 37.63 -10.68 48.45
CA THR F 208 37.61 -11.50 49.64
C THR F 208 38.60 -12.66 49.39
N ASP F 209 39.49 -12.90 50.36
CA ASP F 209 40.49 -13.95 50.24
C ASP F 209 39.97 -15.29 50.78
N PHE F 210 40.81 -16.34 50.72
CA PHE F 210 40.49 -17.67 51.20
C PHE F 210 40.09 -17.75 52.70
N VAL F 211 40.85 -17.08 53.64
CA VAL F 211 40.55 -17.11 55.09
C VAL F 211 39.15 -16.57 55.40
N THR F 212 38.74 -15.45 54.75
CA THR F 212 37.42 -14.84 54.88
C THR F 212 36.34 -15.88 54.61
N TYR F 213 36.51 -16.68 53.54
CA TYR F 213 35.59 -17.74 53.18
C TYR F 213 35.66 -18.96 54.07
N LEU F 214 36.87 -19.32 54.52
CA LEU F 214 37.16 -20.43 55.42
C LEU F 214 36.55 -20.22 56.82
N GLU F 215 36.49 -18.97 57.26
CA GLU F 215 35.85 -18.57 58.51
C GLU F 215 34.36 -18.83 58.40
N MET F 216 33.75 -18.46 57.25
CA MET F 216 32.33 -18.62 56.95
C MET F 216 31.95 -20.10 56.86
N PHE F 217 32.81 -20.92 56.23
CA PHE F 217 32.59 -22.35 56.08
C PHE F 217 32.65 -23.03 57.43
N GLU F 218 33.58 -22.56 58.32
CA GLU F 218 33.78 -23.09 59.68
C GLU F 218 32.50 -22.92 60.50
N LYS F 219 31.76 -21.81 60.27
CA LYS F 219 30.49 -21.50 60.94
C LYS F 219 29.27 -22.19 60.29
N ASP F 220 29.39 -22.68 59.02
CA ASP F 220 28.29 -23.37 58.33
C ASP F 220 28.22 -24.83 58.82
N PRO F 221 27.15 -25.22 59.57
CA PRO F 221 27.07 -26.61 60.10
C PRO F 221 27.11 -27.72 59.05
N ALA F 222 26.58 -27.42 57.83
CA ALA F 222 26.52 -28.35 56.71
C ALA F 222 27.90 -28.67 56.13
N THR F 223 28.83 -27.71 56.14
CA THR F 223 30.20 -27.88 55.62
C THR F 223 31.05 -28.59 56.65
N LYS F 224 31.57 -29.78 56.28
CA LYS F 224 32.41 -30.60 57.15
C LYS F 224 33.88 -30.59 56.67
N ALA F 225 34.11 -30.24 55.37
CA ALA F 225 35.41 -30.15 54.73
C ALA F 225 35.38 -29.10 53.63
N VAL F 226 36.57 -28.56 53.28
CA VAL F 226 36.71 -27.54 52.20
C VAL F 226 37.81 -27.96 51.24
N VAL F 227 37.52 -27.97 49.95
CA VAL F 227 38.45 -28.25 48.86
C VAL F 227 38.91 -26.90 48.33
N MET F 228 40.14 -26.55 48.58
CA MET F 228 40.71 -25.29 48.15
C MET F 228 41.72 -25.49 47.01
N ILE F 229 41.49 -24.86 45.88
CA ILE F 229 42.36 -24.97 44.71
C ILE F 229 43.02 -23.64 44.41
N GLY F 230 44.29 -23.54 44.76
CA GLY F 230 45.09 -22.35 44.54
C GLY F 230 46.15 -22.46 43.45
N GLU F 231 46.78 -21.32 43.13
CA GLU F 231 47.84 -21.18 42.12
C GLU F 231 49.03 -20.52 42.84
N VAL F 232 50.14 -20.22 42.08
CA VAL F 232 51.29 -19.49 42.61
C VAL F 232 50.95 -17.99 42.53
N GLY F 233 51.66 -17.17 43.28
CA GLY F 233 51.39 -15.73 43.30
C GLY F 233 50.55 -15.33 44.49
N GLY F 234 51.03 -14.32 45.21
CA GLY F 234 50.36 -13.81 46.40
C GLY F 234 50.62 -14.69 47.59
N ASN F 235 49.98 -14.37 48.73
CA ASN F 235 50.15 -15.11 49.99
C ASN F 235 48.82 -15.61 50.58
N LEU F 236 47.79 -15.72 49.73
CA LEU F 236 46.42 -16.13 50.08
C LEU F 236 46.30 -17.54 50.63
N GLU F 237 47.09 -18.47 50.10
CA GLU F 237 47.12 -19.86 50.55
C GLU F 237 47.96 -20.02 51.83
N GLU F 238 49.01 -19.19 52.01
CA GLU F 238 49.85 -19.20 53.22
C GLU F 238 49.04 -18.69 54.41
N GLU F 239 48.23 -17.63 54.18
CA GLU F 239 47.32 -17.04 55.17
C GLU F 239 46.26 -18.06 55.57
N ALA F 240 45.81 -18.91 54.64
CA ALA F 240 44.85 -19.99 54.87
C ALA F 240 45.48 -21.07 55.77
N ALA F 241 46.78 -21.39 55.53
CA ALA F 241 47.54 -22.36 56.32
C ALA F 241 47.72 -21.80 57.74
N GLU F 242 47.92 -20.47 57.84
CA GLU F 242 48.05 -19.72 59.09
C GLU F 242 46.72 -19.83 59.86
N TRP F 243 45.58 -19.61 59.18
CA TRP F 243 44.23 -19.74 59.76
C TRP F 243 43.98 -21.15 60.34
N LEU F 244 44.36 -22.19 59.57
CA LEU F 244 44.19 -23.60 59.95
C LEU F 244 45.04 -23.99 61.15
N ALA F 245 46.31 -23.50 61.20
CA ALA F 245 47.26 -23.78 62.27
C ALA F 245 46.93 -23.06 63.59
N ALA F 246 46.42 -21.81 63.49
CA ALA F 246 46.08 -20.91 64.59
C ALA F 246 45.23 -21.49 65.72
N GLU F 247 44.22 -22.30 65.39
CA GLU F 247 43.26 -22.88 66.34
C GLU F 247 42.80 -24.27 65.88
N PRO F 248 42.23 -25.13 66.77
CA PRO F 248 41.64 -26.40 66.28
C PRO F 248 40.33 -26.09 65.54
N ARG F 249 40.27 -26.43 64.24
CA ARG F 249 39.12 -26.19 63.37
C ARG F 249 38.30 -27.47 63.12
N ARG F 250 36.94 -27.35 63.05
CA ARG F 250 36.07 -28.51 62.79
C ARG F 250 35.97 -28.87 61.28
N ILE F 251 36.32 -27.94 60.39
CA ILE F 251 36.36 -28.28 58.99
C ILE F 251 37.74 -28.79 58.66
N LYS F 252 37.80 -29.78 57.78
CA LYS F 252 39.03 -30.37 57.25
C LYS F 252 39.35 -29.57 55.98
N LEU F 253 40.63 -29.37 55.68
CA LEU F 253 41.02 -28.62 54.50
C LEU F 253 41.78 -29.51 53.53
N ILE F 254 41.30 -29.63 52.29
CA ILE F 254 41.92 -30.40 51.21
C ILE F 254 42.43 -29.34 50.22
N ALA F 255 43.73 -29.37 49.89
CA ALA F 255 44.27 -28.32 49.02
C ALA F 255 45.16 -28.81 47.90
N ALA F 256 45.04 -28.21 46.72
CA ALA F 256 45.85 -28.47 45.53
C ALA F 256 46.38 -27.12 45.05
N ILE F 257 47.69 -27.00 44.86
CA ILE F 257 48.34 -25.75 44.43
C ILE F 257 49.03 -25.96 43.08
N GLY F 258 48.56 -25.21 42.08
CA GLY F 258 49.12 -25.24 40.75
C GLY F 258 50.39 -24.41 40.65
N GLY F 259 51.30 -24.84 39.78
CA GLY F 259 52.52 -24.10 39.50
C GLY F 259 53.82 -24.70 39.99
N THR F 260 53.94 -26.03 40.02
CA THR F 260 55.18 -26.69 40.43
C THR F 260 56.21 -26.70 39.28
N CYS F 261 55.99 -25.83 38.26
CA CYS F 261 56.86 -25.63 37.11
C CYS F 261 57.97 -24.67 37.56
N GLN F 262 58.88 -25.18 38.39
CA GLN F 262 60.05 -24.48 38.91
C GLN F 262 61.14 -24.60 37.86
N GLU F 263 61.29 -25.82 37.29
CA GLU F 263 62.24 -26.16 36.21
C GLU F 263 61.66 -25.74 34.85
N VAL F 264 61.67 -24.41 34.59
CA VAL F 264 61.15 -23.76 33.38
C VAL F 264 62.16 -22.69 32.84
N LEU F 265 63.03 -23.11 31.89
CA LEU F 265 64.01 -22.20 31.29
C LEU F 265 63.39 -21.45 30.12
N GLY F 284 55.97 -17.00 47.19
CA GLY F 284 54.63 -17.35 46.74
C GLY F 284 54.65 -18.56 45.82
N SER F 285 55.72 -19.41 45.93
CA SER F 285 55.92 -20.63 45.14
C SER F 285 54.96 -21.76 45.54
N ALA F 286 54.59 -22.63 44.58
CA ALA F 286 53.68 -23.77 44.79
C ALA F 286 54.21 -24.80 45.76
N ARG F 287 55.54 -24.99 45.82
CA ARG F 287 56.16 -25.94 46.74
C ARG F 287 56.02 -25.41 48.18
N SER F 288 56.30 -24.08 48.38
CA SER F 288 56.21 -23.41 49.69
C SER F 288 54.76 -23.40 50.24
N LYS F 289 53.80 -23.03 49.38
CA LYS F 289 52.37 -22.96 49.67
C LYS F 289 51.84 -24.33 50.06
N MET F 290 52.37 -25.39 49.40
CA MET F 290 52.02 -26.80 49.62
C MET F 290 52.52 -27.26 50.97
N ASN F 291 53.80 -26.98 51.26
CA ASN F 291 54.46 -27.29 52.52
C ASN F 291 53.79 -26.60 53.73
N ALA F 292 53.47 -25.28 53.58
CA ALA F 292 52.78 -24.47 54.59
C ALA F 292 51.44 -25.09 54.98
N LEU F 293 50.62 -25.50 53.96
CA LEU F 293 49.34 -26.15 54.16
C LEU F 293 49.48 -27.55 54.77
N ARG F 294 50.39 -28.39 54.21
CA ARG F 294 50.68 -29.75 54.68
C ARG F 294 51.09 -29.72 56.16
N ASP F 295 51.95 -28.75 56.54
CA ASP F 295 52.44 -28.54 57.92
C ASP F 295 51.30 -28.15 58.86
N ALA F 296 50.36 -27.29 58.39
CA ALA F 296 49.17 -26.80 59.10
C ALA F 296 48.09 -27.87 59.31
N GLY F 297 48.25 -29.03 58.67
CA GLY F 297 47.34 -30.17 58.80
C GLY F 297 46.36 -30.38 57.67
N ALA F 298 46.55 -29.69 56.53
CA ALA F 298 45.68 -29.84 55.36
C ALA F 298 46.04 -31.10 54.57
N TYR F 299 45.06 -31.67 53.86
CA TYR F 299 45.22 -32.85 52.99
C TYR F 299 45.69 -32.30 51.63
N VAL F 300 47.00 -32.41 51.35
CA VAL F 300 47.57 -31.87 50.11
C VAL F 300 48.08 -32.99 49.17
N PRO F 301 47.42 -33.29 48.03
CA PRO F 301 47.93 -34.33 47.13
C PRO F 301 49.14 -33.85 46.30
N ASP F 302 49.95 -34.82 45.81
CA ASP F 302 51.13 -34.57 44.98
C ASP F 302 50.75 -34.03 43.59
N THR F 303 49.61 -34.49 43.04
CA THR F 303 49.06 -34.05 41.74
C THR F 303 47.58 -33.78 41.91
N PHE F 304 46.95 -33.20 40.89
CA PHE F 304 45.51 -32.92 40.91
C PHE F 304 44.70 -34.22 40.92
N GLY F 305 45.28 -35.29 40.40
CA GLY F 305 44.66 -36.62 40.37
C GLY F 305 44.46 -37.23 41.74
N GLY F 306 45.34 -36.88 42.67
CA GLY F 306 45.28 -37.36 44.05
C GLY F 306 44.19 -36.70 44.87
N LEU F 307 43.62 -35.60 44.36
CA LEU F 307 42.56 -34.82 45.00
C LEU F 307 41.27 -35.65 45.20
N SER F 308 40.96 -36.56 44.26
CA SER F 308 39.80 -37.46 44.33
C SER F 308 39.98 -38.43 45.49
N LYS F 309 41.22 -38.89 45.71
CA LYS F 309 41.60 -39.80 46.77
C LYS F 309 41.51 -39.12 48.15
N GLU F 310 41.87 -37.80 48.21
CA GLU F 310 41.82 -37.02 49.46
C GLU F 310 40.37 -36.79 49.89
N ILE F 311 39.47 -36.57 48.90
CA ILE F 311 38.03 -36.38 49.11
C ILE F 311 37.41 -37.70 49.59
N LYS F 312 37.79 -38.85 48.99
CA LYS F 312 37.30 -40.17 49.40
C LYS F 312 37.72 -40.49 50.84
N LYS F 313 38.97 -40.12 51.19
CA LYS F 313 39.59 -40.29 52.51
C LYS F 313 38.75 -39.56 53.57
N VAL F 314 38.51 -38.25 53.36
CA VAL F 314 37.76 -37.36 54.24
C VAL F 314 36.29 -37.81 54.38
N TYR F 315 35.68 -38.19 53.25
CA TYR F 315 34.30 -38.68 53.20
C TYR F 315 34.12 -39.96 54.06
N GLU F 316 35.02 -40.95 53.87
CA GLU F 316 35.01 -42.22 54.61
C GLU F 316 35.26 -41.95 56.09
N GLU F 317 36.13 -40.98 56.41
CA GLU F 317 36.44 -40.54 57.78
C GLU F 317 35.20 -39.94 58.44
N LEU F 318 34.51 -39.03 57.76
CA LEU F 318 33.31 -38.38 58.31
C LEU F 318 32.14 -39.36 58.49
N ILE F 319 32.02 -40.39 57.64
CA ILE F 319 31.00 -41.44 57.73
C ILE F 319 31.31 -42.27 58.98
N ALA F 320 32.60 -42.66 59.13
CA ALA F 320 33.11 -43.44 60.25
C ALA F 320 32.84 -42.71 61.57
N ALA F 321 33.11 -41.38 61.61
CA ALA F 321 32.89 -40.50 62.76
C ALA F 321 31.41 -40.06 62.91
N GLY F 322 30.52 -40.64 62.09
CA GLY F 322 29.08 -40.38 62.08
C GLY F 322 28.67 -38.92 61.91
N GLU F 323 29.25 -38.24 60.91
CA GLU F 323 28.97 -36.83 60.61
C GLU F 323 28.17 -36.68 59.32
N ILE F 324 28.15 -37.72 58.48
CA ILE F 324 27.41 -37.75 57.22
C ILE F 324 26.42 -38.90 57.28
N SER F 325 25.13 -38.60 57.45
CA SER F 325 24.13 -39.67 57.50
C SER F 325 23.80 -40.06 56.06
N THR F 326 24.48 -41.13 55.59
CA THR F 326 24.36 -41.70 54.24
C THR F 326 22.92 -42.11 53.95
N GLU F 327 22.30 -41.31 53.08
CA GLU F 327 20.90 -41.44 52.63
C GLU F 327 20.92 -41.16 51.13
N ILE F 328 20.87 -42.26 50.33
CA ILE F 328 20.96 -42.25 48.86
C ILE F 328 19.93 -41.31 48.22
N ASP F 329 20.31 -40.67 47.10
CA ASP F 329 19.56 -39.69 46.32
C ASP F 329 18.24 -40.22 45.73
N GLU F 330 17.27 -40.58 46.60
CA GLU F 330 15.94 -41.09 46.23
C GLU F 330 14.95 -39.93 45.98
N ALA F 331 15.34 -38.99 45.07
CA ALA F 331 14.57 -37.81 44.69
C ALA F 331 14.22 -37.80 43.20
N VAL F 332 12.96 -37.45 42.89
CA VAL F 332 12.44 -37.34 41.53
C VAL F 332 12.71 -35.90 41.03
N LEU F 333 13.71 -35.80 40.17
CA LEU F 333 14.22 -34.53 39.64
C LEU F 333 13.49 -33.95 38.44
N PRO F 334 13.29 -32.61 38.39
CA PRO F 334 12.67 -32.00 37.21
C PRO F 334 13.60 -32.11 36.03
N GLU F 335 13.02 -32.24 34.85
CA GLU F 335 13.79 -32.28 33.63
C GLU F 335 13.38 -31.07 32.79
N LEU F 336 14.32 -30.47 32.07
CA LEU F 336 14.04 -29.31 31.23
C LEU F 336 12.96 -29.67 30.22
N PRO F 337 11.90 -28.81 30.07
CA PRO F 337 10.79 -29.17 29.18
C PRO F 337 11.23 -29.17 27.72
N PRO F 338 10.72 -30.10 26.88
CA PRO F 338 11.11 -30.07 25.45
C PRO F 338 10.52 -28.88 24.71
N ARG F 339 11.07 -28.53 23.54
CA ARG F 339 10.52 -27.46 22.70
C ARG F 339 9.29 -28.06 22.01
N VAL F 340 8.28 -27.24 21.71
CA VAL F 340 7.02 -27.64 21.05
C VAL F 340 7.25 -28.48 19.76
N GLN F 341 8.24 -28.11 18.92
CA GLN F 341 8.60 -28.85 17.70
C GLN F 341 9.04 -30.28 17.98
N GLU F 342 9.77 -30.54 19.09
CA GLU F 342 10.22 -31.88 19.47
C GLU F 342 9.02 -32.73 19.77
N VAL F 343 8.09 -32.24 20.63
CA VAL F 343 6.88 -32.94 21.07
C VAL F 343 5.97 -33.22 19.86
N MET F 344 5.94 -32.30 18.91
CA MET F 344 5.18 -32.43 17.66
C MET F 344 5.72 -33.53 16.75
N LYS F 345 7.06 -33.56 16.52
CA LYS F 345 7.78 -34.58 15.75
C LYS F 345 7.35 -35.96 16.28
N GLN F 346 7.31 -36.14 17.61
CA GLN F 346 6.89 -37.37 18.28
C GLN F 346 5.35 -37.58 18.28
N GLY F 347 4.58 -36.56 17.85
CA GLY F 347 3.12 -36.53 17.82
C GLY F 347 2.47 -36.62 19.19
N GLU F 348 3.17 -36.10 20.21
CA GLU F 348 2.75 -36.15 21.61
C GLU F 348 1.94 -34.91 22.04
N VAL F 349 1.82 -33.90 21.15
CA VAL F 349 1.06 -32.67 21.38
C VAL F 349 0.28 -32.30 20.11
N ILE F 350 -0.86 -31.62 20.28
CA ILE F 350 -1.68 -31.13 19.16
C ILE F 350 -1.45 -29.63 19.03
N VAL F 351 -0.99 -29.22 17.84
CA VAL F 351 -0.78 -27.82 17.49
C VAL F 351 -1.66 -27.63 16.27
N GLU F 352 -2.72 -26.83 16.38
CA GLU F 352 -3.61 -26.51 15.26
C GLU F 352 -2.84 -25.52 14.37
N PRO F 353 -2.61 -25.84 13.09
CA PRO F 353 -1.81 -24.93 12.24
C PRO F 353 -2.40 -23.53 12.11
N LEU F 354 -1.53 -22.53 11.99
CA LEU F 354 -1.97 -21.15 11.80
C LEU F 354 -2.37 -20.96 10.33
N ILE F 355 -1.62 -21.59 9.40
CA ILE F 355 -1.88 -21.52 7.97
C ILE F 355 -1.70 -22.88 7.33
N ARG F 356 -2.36 -23.09 6.19
CA ARG F 356 -2.27 -24.26 5.34
C ARG F 356 -1.84 -23.76 3.93
N THR F 357 -0.80 -24.39 3.38
CA THR F 357 -0.28 -24.08 2.07
C THR F 357 -0.38 -25.32 1.20
N THR F 358 -0.66 -25.14 -0.08
CA THR F 358 -0.74 -26.32 -0.95
C THR F 358 0.16 -26.17 -2.18
N ILE F 359 0.80 -24.98 -2.39
CA ILE F 359 1.51 -24.68 -3.65
C ILE F 359 3.02 -24.84 -3.63
N SER F 360 3.68 -24.64 -2.49
CA SER F 360 5.14 -24.80 -2.46
C SER F 360 5.64 -25.23 -1.10
N ASP F 361 6.80 -25.91 -1.14
CA ASP F 361 7.51 -26.45 -0.01
C ASP F 361 8.94 -26.00 -0.08
N ASP F 362 9.32 -25.19 0.91
CA ASP F 362 10.65 -24.63 1.08
C ASP F 362 11.54 -25.45 2.02
N ARG F 363 10.97 -26.43 2.73
CA ARG F 363 11.65 -27.23 3.76
C ARG F 363 12.87 -28.04 3.32
N GLY F 364 12.99 -28.38 2.03
CA GLY F 364 14.10 -29.16 1.51
C GLY F 364 15.31 -28.31 1.13
N GLU F 365 16.22 -28.88 0.30
CA GLU F 365 17.43 -28.22 -0.18
C GLU F 365 17.12 -27.00 -1.07
N GLU F 366 15.98 -27.06 -1.76
CA GLU F 366 15.47 -26.00 -2.63
C GLU F 366 13.94 -26.07 -2.68
N PRO F 367 13.24 -24.97 -3.05
CA PRO F 367 11.78 -25.06 -3.09
C PRO F 367 11.25 -26.00 -4.17
N ARG F 368 10.11 -26.63 -3.85
CA ARG F 368 9.37 -27.47 -4.76
C ARG F 368 8.08 -26.75 -5.09
N TYR F 369 7.87 -26.41 -6.39
CA TYR F 369 6.67 -25.71 -6.82
C TYR F 369 5.75 -26.77 -7.35
N ALA F 370 4.60 -27.02 -6.68
CA ALA F 370 3.63 -28.07 -7.09
C ALA F 370 4.29 -29.46 -7.26
N GLY F 371 5.26 -29.75 -6.40
CA GLY F 371 6.00 -31.01 -6.37
C GLY F 371 7.28 -31.04 -7.15
N TYR F 372 7.52 -30.06 -8.01
CA TYR F 372 8.70 -29.97 -8.86
C TYR F 372 9.83 -29.08 -8.29
N ALA F 373 11.08 -29.59 -8.27
CA ALA F 373 12.22 -28.80 -7.79
C ALA F 373 12.50 -27.63 -8.72
N ALA F 374 12.64 -26.42 -8.15
CA ALA F 374 12.88 -25.19 -8.92
C ALA F 374 14.06 -25.27 -9.92
N SER F 375 15.21 -25.81 -9.47
CA SER F 375 16.43 -25.89 -10.32
C SER F 375 16.33 -26.94 -11.40
N GLU F 376 15.57 -28.00 -11.13
CA GLU F 376 15.31 -29.08 -12.05
C GLU F 376 14.47 -28.52 -13.25
N LEU F 377 13.55 -27.57 -12.97
CA LEU F 377 12.77 -26.90 -14.01
C LEU F 377 13.67 -26.07 -14.91
N CYS F 378 14.66 -25.34 -14.34
CA CYS F 378 15.63 -24.51 -15.06
C CYS F 378 16.46 -25.36 -15.99
N SER F 379 17.10 -26.43 -15.45
CA SER F 379 17.94 -27.40 -16.16
C SER F 379 17.23 -28.03 -17.35
N LYS F 380 15.96 -28.45 -17.19
CA LYS F 380 15.22 -29.16 -18.23
C LYS F 380 14.59 -28.23 -19.27
N GLY F 381 14.94 -26.95 -19.20
CA GLY F 381 14.55 -25.95 -20.18
C GLY F 381 13.20 -25.28 -20.06
N TYR F 382 12.64 -25.25 -18.85
CA TYR F 382 11.37 -24.60 -18.63
C TYR F 382 11.59 -23.12 -18.40
N GLY F 383 10.53 -22.32 -18.44
CA GLY F 383 10.68 -20.89 -18.25
C GLY F 383 9.82 -20.29 -17.18
N ILE F 384 9.75 -18.95 -17.17
CA ILE F 384 8.97 -18.18 -16.20
C ILE F 384 7.51 -18.57 -16.32
N GLU F 385 7.02 -18.67 -17.59
CA GLU F 385 5.62 -19.00 -17.86
C GLU F 385 5.21 -20.35 -17.25
N ASP F 386 6.14 -21.30 -17.18
CA ASP F 386 5.94 -22.63 -16.63
C ASP F 386 5.88 -22.58 -15.10
N VAL F 387 6.65 -21.66 -14.48
CA VAL F 387 6.62 -21.46 -13.02
C VAL F 387 5.33 -20.76 -12.61
N ILE F 388 4.80 -19.86 -13.48
CA ILE F 388 3.51 -19.17 -13.25
C ILE F 388 2.38 -20.22 -13.17
N GLY F 389 2.33 -21.14 -14.15
CA GLY F 389 1.38 -22.24 -14.20
C GLY F 389 1.48 -23.16 -13.00
N LEU F 390 2.70 -23.48 -12.57
CA LEU F 390 2.87 -24.36 -11.40
C LEU F 390 2.37 -23.71 -10.11
N LEU F 391 2.78 -22.47 -9.86
CA LEU F 391 2.40 -21.80 -8.61
C LEU F 391 0.95 -21.33 -8.59
N TRP F 392 0.35 -21.05 -9.76
CA TRP F 392 -1.05 -20.58 -9.78
C TRP F 392 -2.08 -21.63 -10.13
N ASN F 393 -1.68 -22.68 -10.84
CA ASN F 393 -2.58 -23.74 -11.31
C ASN F 393 -2.28 -25.10 -10.70
N LYS F 394 -1.08 -25.28 -10.11
CA LYS F 394 -0.58 -26.53 -9.54
C LYS F 394 -0.39 -27.64 -10.62
N LYS F 395 -0.24 -27.23 -11.90
CA LYS F 395 -0.08 -28.11 -13.06
C LYS F 395 0.94 -27.46 -13.96
N LEU F 396 1.86 -28.28 -14.50
CA LEU F 396 2.87 -27.86 -15.47
C LEU F 396 2.10 -27.54 -16.75
N PRO F 397 2.25 -26.33 -17.34
CA PRO F 397 1.47 -26.03 -18.54
C PRO F 397 1.86 -26.84 -19.77
N THR F 398 0.92 -26.95 -20.69
CA THR F 398 1.02 -27.51 -22.03
C THR F 398 1.91 -26.52 -22.80
N ARG F 399 2.54 -26.96 -23.90
CA ARG F 399 3.34 -26.06 -24.73
C ARG F 399 2.51 -24.87 -25.19
N GLU F 400 1.23 -25.12 -25.52
CA GLU F 400 0.24 -24.14 -25.96
C GLU F 400 -0.12 -23.16 -24.85
N GLU F 401 -0.53 -23.66 -23.63
CA GLU F 401 -0.87 -22.78 -22.50
C GLU F 401 0.34 -21.90 -22.21
N SER F 402 1.55 -22.51 -22.13
CA SER F 402 2.82 -21.83 -21.88
C SER F 402 3.09 -20.67 -22.89
N GLU F 403 2.80 -20.85 -24.17
CA GLU F 403 3.00 -19.84 -25.20
C GLU F 403 2.02 -18.67 -25.11
N ILE F 404 0.80 -18.94 -24.59
CA ILE F 404 -0.27 -17.95 -24.37
C ILE F 404 0.05 -17.12 -23.10
N ILE F 405 0.43 -17.77 -21.98
CA ILE F 405 0.83 -17.09 -20.75
C ILE F 405 1.98 -16.10 -21.06
N LYS F 406 3.00 -16.56 -21.81
CA LYS F 406 4.15 -15.76 -22.23
C LYS F 406 3.71 -14.48 -22.93
N ARG F 407 2.79 -14.56 -23.88
CA ARG F 407 2.32 -13.42 -24.68
C ARG F 407 1.46 -12.45 -23.91
N ILE F 408 0.59 -12.96 -23.04
CA ILE F 408 -0.27 -12.16 -22.18
C ILE F 408 0.64 -11.31 -21.32
N VAL F 409 1.61 -11.91 -20.63
CA VAL F 409 2.54 -11.18 -19.78
C VAL F 409 3.34 -10.14 -20.59
N MET F 410 3.88 -10.49 -21.74
CA MET F 410 4.64 -9.56 -22.56
C MET F 410 3.85 -8.40 -23.11
N ILE F 411 2.66 -8.65 -23.65
CA ILE F 411 1.79 -7.62 -24.24
C ILE F 411 1.29 -6.60 -23.17
N SER F 412 1.03 -7.07 -21.92
CA SER F 412 0.50 -6.27 -20.81
C SER F 412 1.55 -5.62 -19.88
N ALA F 413 2.86 -5.94 -20.06
CA ALA F 413 3.99 -5.47 -19.25
C ALA F 413 4.00 -3.97 -18.98
N ASP F 414 3.75 -3.13 -20.00
CA ASP F 414 3.69 -1.69 -19.77
C ASP F 414 2.83 -1.00 -20.79
N HIS F 415 2.14 0.10 -20.39
CA HIS F 415 1.30 0.91 -21.26
C HIS F 415 1.47 2.40 -20.98
N GLY F 416 2.75 2.79 -20.85
CA GLY F 416 3.15 4.16 -20.61
C GLY F 416 2.98 4.66 -19.20
N PRO F 417 3.36 5.93 -18.97
CA PRO F 417 3.33 6.48 -17.59
C PRO F 417 2.04 7.12 -17.12
N ALA F 418 1.08 7.42 -18.03
CA ALA F 418 -0.20 8.07 -17.74
C ALA F 418 -1.18 7.23 -16.90
N VAL F 419 -1.09 5.90 -16.99
CA VAL F 419 -2.02 4.98 -16.30
C VAL F 419 -1.76 4.95 -14.76
N SER F 420 -2.83 4.80 -13.98
CA SER F 420 -2.81 4.85 -12.53
C SER F 420 -1.68 4.09 -11.84
N GLY F 421 -1.47 2.84 -12.21
CA GLY F 421 -0.45 2.00 -11.62
C GLY F 421 0.95 2.54 -11.87
N ALA F 422 1.27 2.82 -13.15
CA ALA F 422 2.58 3.38 -13.53
C ALA F 422 2.79 4.74 -12.87
N PHE F 423 1.76 5.59 -12.90
CA PHE F 423 1.82 6.92 -12.30
C PHE F 423 2.02 6.87 -10.79
N GLY F 424 1.34 5.93 -10.11
CA GLY F 424 1.51 5.67 -8.68
C GLY F 424 2.95 5.36 -8.35
N SER F 425 3.62 4.46 -9.14
CA SER F 425 5.05 4.10 -9.01
C SER F 425 5.94 5.32 -9.23
N ILE F 426 5.63 6.16 -10.26
CA ILE F 426 6.41 7.34 -10.59
C ILE F 426 6.32 8.36 -9.44
N LEU F 427 5.12 8.59 -8.93
CA LEU F 427 4.88 9.45 -7.77
C LEU F 427 5.74 9.02 -6.59
N ALA F 428 5.71 7.73 -6.24
CA ALA F 428 6.50 7.17 -5.13
C ALA F 428 7.98 7.17 -5.38
N ALA F 429 8.44 6.87 -6.62
CA ALA F 429 9.82 6.94 -7.02
C ALA F 429 10.34 8.33 -6.73
N CYS F 430 9.60 9.38 -7.20
CA CYS F 430 9.95 10.79 -7.06
C CYS F 430 9.90 11.30 -5.64
N ALA F 431 9.15 10.62 -4.76
CA ALA F 431 9.05 10.92 -3.32
C ALA F 431 10.23 10.27 -2.60
N GLY F 432 11.06 9.56 -3.35
CA GLY F 432 12.30 8.94 -2.85
C GLY F 432 12.06 7.64 -2.11
N ILE F 433 10.98 6.92 -2.44
CA ILE F 433 10.61 5.67 -1.81
C ILE F 433 11.31 4.53 -2.54
N ASP F 434 11.69 3.49 -1.80
CA ASP F 434 12.35 2.30 -2.34
C ASP F 434 11.46 1.52 -3.26
N MET F 435 12.09 0.83 -4.19
CA MET F 435 11.36 0.12 -5.21
C MET F 435 10.22 -0.79 -4.71
N PRO F 436 10.40 -1.75 -3.77
CA PRO F 436 9.25 -2.64 -3.42
C PRO F 436 8.05 -1.88 -2.88
N GLN F 437 8.29 -0.79 -2.12
CA GLN F 437 7.24 0.06 -1.56
C GLN F 437 6.58 0.96 -2.61
N ALA F 438 7.34 1.51 -3.58
CA ALA F 438 6.84 2.34 -4.66
C ALA F 438 5.98 1.53 -5.58
N VAL F 439 6.43 0.34 -5.90
CA VAL F 439 5.68 -0.54 -6.79
C VAL F 439 4.43 -1.04 -6.08
N SER F 440 4.46 -1.22 -4.73
CA SER F 440 3.25 -1.63 -4.02
C SER F 440 2.16 -0.57 -4.14
N ALA F 441 2.52 0.77 -4.09
CA ALA F 441 1.58 1.90 -4.28
C ALA F 441 0.93 1.87 -5.66
N GLY F 442 1.70 1.55 -6.70
CA GLY F 442 1.18 1.43 -8.05
C GLY F 442 0.28 0.23 -8.18
N MET F 443 0.66 -0.89 -7.56
CA MET F 443 -0.12 -2.12 -7.57
C MET F 443 -1.47 -1.97 -6.88
N THR F 444 -1.56 -1.07 -5.89
CA THR F 444 -2.80 -0.77 -5.18
C THR F 444 -3.86 -0.17 -6.12
N MET F 445 -3.44 0.50 -7.20
CA MET F 445 -4.33 1.09 -8.20
C MET F 445 -5.07 0.05 -9.04
N ILE F 446 -4.52 -1.20 -9.19
CA ILE F 446 -5.10 -2.26 -9.99
C ILE F 446 -6.38 -2.75 -9.32
N GLY F 447 -7.48 -2.50 -9.98
CA GLY F 447 -8.79 -2.82 -9.45
C GLY F 447 -9.84 -2.73 -10.52
N PRO F 448 -11.09 -2.37 -10.13
CA PRO F 448 -12.21 -2.45 -11.10
C PRO F 448 -12.11 -1.53 -12.31
N ARG F 449 -11.39 -0.42 -12.16
CA ARG F 449 -11.25 0.55 -13.24
C ARG F 449 -9.98 0.42 -13.99
N PHE F 450 -8.93 -0.10 -13.38
CA PHE F 450 -7.65 -0.18 -14.05
C PHE F 450 -7.05 -1.55 -13.92
N GLY F 451 -6.97 -2.27 -15.04
CA GLY F 451 -6.38 -3.60 -15.13
C GLY F 451 -6.91 -4.76 -14.30
N GLY F 452 -7.72 -4.49 -13.29
CA GLY F 452 -8.21 -5.56 -12.43
C GLY F 452 -9.60 -6.06 -12.72
N ALA F 453 -10.09 -5.92 -13.98
CA ALA F 453 -11.39 -6.44 -14.43
C ALA F 453 -11.24 -7.77 -15.16
N VAL F 454 -10.04 -8.39 -15.12
CA VAL F 454 -9.74 -9.67 -15.78
C VAL F 454 -10.65 -10.76 -15.27
N THR F 455 -10.70 -10.95 -13.93
CA THR F 455 -11.54 -11.97 -13.29
C THR F 455 -13.01 -11.80 -13.65
N ASN F 456 -13.57 -10.60 -13.44
CA ASN F 456 -14.99 -10.34 -13.71
C ASN F 456 -15.36 -10.48 -15.19
N ALA F 457 -14.51 -10.02 -16.12
CA ALA F 457 -14.73 -10.21 -17.56
C ALA F 457 -14.87 -11.71 -17.84
N GLY F 458 -13.99 -12.53 -17.28
CA GLY F 458 -14.05 -13.98 -17.45
C GLY F 458 -15.36 -14.54 -16.93
N LYS F 459 -15.74 -14.18 -15.69
CA LYS F 459 -16.97 -14.67 -15.06
C LYS F 459 -18.24 -14.32 -15.84
N TYR F 460 -18.39 -13.02 -16.21
CA TYR F 460 -19.58 -12.53 -16.89
C TYR F 460 -19.68 -12.95 -18.30
N PHE F 461 -18.55 -13.08 -19.00
CA PHE F 461 -18.61 -13.57 -20.38
C PHE F 461 -18.87 -15.08 -20.42
N LYS F 462 -18.36 -15.87 -19.41
CA LYS F 462 -18.68 -17.29 -19.33
C LYS F 462 -20.19 -17.46 -19.04
N MET F 463 -20.75 -16.61 -18.16
CA MET F 463 -22.16 -16.60 -17.79
C MET F 463 -23.03 -16.21 -19.01
N ALA F 464 -22.54 -15.29 -19.86
CA ALA F 464 -23.21 -14.86 -21.08
C ALA F 464 -23.34 -16.04 -22.05
N VAL F 465 -22.23 -16.77 -22.28
CA VAL F 465 -22.13 -17.95 -23.15
C VAL F 465 -23.16 -19.00 -22.71
N GLU F 466 -23.28 -19.21 -21.38
CA GLU F 466 -24.19 -20.19 -20.79
C GLU F 466 -25.64 -19.76 -20.70
N ASP F 467 -25.93 -18.50 -20.30
CA ASP F 467 -27.29 -18.01 -20.07
C ASP F 467 -27.89 -17.15 -21.16
N TYR F 468 -27.07 -16.54 -22.02
CA TYR F 468 -27.55 -15.70 -23.14
C TYR F 468 -26.83 -16.06 -24.45
N PRO F 469 -26.70 -17.38 -24.84
CA PRO F 469 -25.94 -17.73 -26.06
C PRO F 469 -26.27 -16.96 -27.33
N ASN F 470 -27.55 -16.71 -27.60
CA ASN F 470 -27.94 -15.97 -28.80
C ASN F 470 -28.72 -14.70 -28.40
N ASP F 471 -28.35 -14.10 -27.25
CA ASP F 471 -29.03 -12.93 -26.71
C ASP F 471 -28.07 -11.95 -26.05
N ILE F 472 -27.33 -11.21 -26.88
CA ILE F 472 -26.41 -10.16 -26.44
C ILE F 472 -27.21 -8.98 -25.81
N PRO F 473 -28.36 -8.50 -26.40
CA PRO F 473 -29.13 -7.44 -25.74
C PRO F 473 -29.67 -7.83 -24.35
N GLY F 474 -30.02 -9.11 -24.16
CA GLY F 474 -30.43 -9.67 -22.87
C GLY F 474 -29.30 -9.62 -21.86
N PHE F 475 -28.10 -10.09 -22.29
CA PHE F 475 -26.88 -10.06 -21.49
C PHE F 475 -26.59 -8.61 -21.07
N LEU F 476 -26.58 -7.69 -22.04
CA LEU F 476 -26.31 -6.29 -21.77
C LEU F 476 -27.34 -5.65 -20.86
N SER F 477 -28.66 -5.97 -21.03
CA SER F 477 -29.72 -5.45 -20.16
C SER F 477 -29.50 -5.94 -18.74
N TRP F 478 -29.25 -7.26 -18.59
CA TRP F 478 -28.98 -7.86 -17.31
C TRP F 478 -27.79 -7.19 -16.64
N MET F 479 -26.70 -6.94 -17.39
CA MET F 479 -25.50 -6.30 -16.86
C MET F 479 -25.71 -4.87 -16.39
N LYS F 480 -26.47 -4.07 -17.17
CA LYS F 480 -26.79 -2.67 -16.86
C LYS F 480 -27.56 -2.57 -15.54
N LYS F 481 -28.57 -3.42 -15.41
CA LYS F 481 -29.44 -3.50 -14.25
C LYS F 481 -28.76 -4.09 -13.01
N ASN F 482 -27.81 -5.05 -13.18
CA ASN F 482 -27.23 -5.76 -12.04
C ASN F 482 -25.79 -5.45 -11.67
N VAL F 483 -24.90 -5.13 -12.64
CA VAL F 483 -23.50 -4.91 -12.27
C VAL F 483 -23.04 -3.48 -12.64
N GLY F 484 -23.62 -2.92 -13.69
CA GLY F 484 -23.25 -1.60 -14.18
C GLY F 484 -22.49 -1.73 -15.48
N PRO F 485 -21.34 -1.03 -15.65
CA PRO F 485 -20.57 -1.20 -16.90
C PRO F 485 -20.00 -2.62 -17.00
N VAL F 486 -19.97 -3.16 -18.22
CA VAL F 486 -19.47 -4.51 -18.48
C VAL F 486 -17.95 -4.58 -18.26
N PRO F 487 -17.45 -5.44 -17.33
CA PRO F 487 -16.00 -5.58 -17.15
C PRO F 487 -15.36 -6.11 -18.43
N GLY F 488 -14.28 -5.47 -18.88
CA GLY F 488 -13.58 -5.85 -20.11
C GLY F 488 -13.96 -5.06 -21.34
N ILE F 489 -14.95 -4.15 -21.23
CA ILE F 489 -15.42 -3.29 -22.29
C ILE F 489 -15.10 -1.84 -21.89
N GLY F 490 -14.55 -1.07 -22.83
CA GLY F 490 -14.26 0.34 -22.65
C GLY F 490 -12.81 0.68 -22.46
N HIS F 491 -12.39 1.88 -22.96
CA HIS F 491 -11.01 2.38 -22.85
C HIS F 491 -11.03 3.89 -22.94
N ARG F 492 -10.12 4.57 -22.21
CA ARG F 492 -10.00 6.02 -22.16
C ARG F 492 -9.39 6.64 -23.43
N VAL F 493 -8.47 5.92 -24.11
CA VAL F 493 -7.77 6.45 -25.29
C VAL F 493 -7.98 5.59 -26.54
N LYS F 494 -8.16 4.27 -26.36
CA LYS F 494 -8.37 3.36 -27.48
C LYS F 494 -9.85 3.34 -27.86
N SER F 495 -10.13 3.21 -29.15
CA SER F 495 -11.49 3.24 -29.70
C SER F 495 -11.53 2.53 -31.05
N VAL F 496 -12.69 2.53 -31.74
CA VAL F 496 -12.79 1.96 -33.08
C VAL F 496 -11.88 2.74 -34.06
N LYS F 497 -11.77 4.06 -33.88
CA LYS F 497 -10.93 4.91 -34.72
C LYS F 497 -9.45 4.87 -34.32
N ASN F 498 -9.15 4.43 -33.09
CA ASN F 498 -7.79 4.25 -32.57
C ASN F 498 -7.70 2.84 -31.94
N PRO F 499 -7.58 1.78 -32.77
CA PRO F 499 -7.59 0.40 -32.23
C PRO F 499 -6.46 0.04 -31.28
N ASP F 500 -6.71 -0.96 -30.41
CA ASP F 500 -5.73 -1.50 -29.47
C ASP F 500 -5.13 -2.72 -30.16
N GLN F 501 -3.94 -2.53 -30.73
CA GLN F 501 -3.20 -3.59 -31.41
C GLN F 501 -2.86 -4.73 -30.45
N ARG F 502 -2.81 -4.48 -29.15
CA ARG F 502 -2.55 -5.55 -28.16
C ARG F 502 -3.65 -6.60 -28.21
N VAL F 503 -4.94 -6.17 -28.30
CA VAL F 503 -6.06 -7.11 -28.36
C VAL F 503 -6.12 -7.73 -29.75
N LYS F 504 -5.90 -6.95 -30.81
CA LYS F 504 -5.87 -7.50 -32.17
C LYS F 504 -4.79 -8.56 -32.28
N TYR F 505 -3.59 -8.33 -31.72
CA TYR F 505 -2.52 -9.32 -31.70
C TYR F 505 -2.95 -10.62 -30.97
N LEU F 506 -3.39 -10.53 -29.70
CA LEU F 506 -3.78 -11.71 -28.93
C LEU F 506 -4.90 -12.52 -29.61
N VAL F 507 -5.92 -11.82 -30.11
CA VAL F 507 -7.04 -12.47 -30.81
C VAL F 507 -6.52 -13.19 -32.07
N SER F 508 -5.77 -12.50 -32.92
CA SER F 508 -5.17 -13.07 -34.12
C SER F 508 -4.27 -14.26 -33.78
N TYR F 509 -3.44 -14.14 -32.74
CA TYR F 509 -2.56 -15.23 -32.29
C TYR F 509 -3.39 -16.41 -31.89
N ILE F 510 -4.44 -16.20 -31.08
CA ILE F 510 -5.27 -17.31 -30.65
C ILE F 510 -5.96 -17.98 -31.85
N LYS F 511 -6.62 -17.20 -32.68
CA LYS F 511 -7.34 -17.74 -33.85
C LYS F 511 -6.45 -18.37 -34.91
N ASN F 512 -5.29 -17.75 -35.21
CA ASN F 512 -4.43 -18.23 -36.28
C ASN F 512 -3.21 -19.06 -35.88
N GLU F 513 -2.81 -19.07 -34.62
CA GLU F 513 -1.63 -19.82 -34.24
C GLU F 513 -1.85 -20.88 -33.18
N THR F 514 -3.06 -21.01 -32.63
CA THR F 514 -3.36 -22.06 -31.63
C THR F 514 -4.56 -22.88 -32.08
N SER F 515 -4.75 -24.04 -31.42
CA SER F 515 -5.85 -24.98 -31.64
C SER F 515 -6.96 -24.73 -30.60
N LEU F 516 -6.82 -23.67 -29.78
CA LEU F 516 -7.75 -23.32 -28.71
C LEU F 516 -9.10 -22.86 -29.22
N HIS F 517 -10.19 -23.49 -28.71
CA HIS F 517 -11.58 -23.17 -28.97
C HIS F 517 -11.92 -22.17 -27.89
N THR F 518 -12.29 -20.95 -28.31
CA THR F 518 -12.56 -19.85 -27.37
C THR F 518 -14.02 -19.34 -27.40
N PRO F 519 -15.00 -20.04 -26.79
CA PRO F 519 -16.38 -19.52 -26.86
C PRO F 519 -16.60 -18.17 -26.14
N CYS F 520 -15.93 -17.91 -25.00
CA CYS F 520 -16.05 -16.64 -24.28
C CYS F 520 -15.52 -15.48 -25.08
N LEU F 521 -14.35 -15.69 -25.72
CA LEU F 521 -13.72 -14.67 -26.54
C LEU F 521 -14.57 -14.36 -27.74
N ASP F 522 -15.15 -15.39 -28.36
CA ASP F 522 -16.05 -15.23 -29.53
C ASP F 522 -17.27 -14.40 -29.16
N TYR F 523 -17.86 -14.68 -27.98
CA TYR F 523 -19.02 -13.94 -27.44
C TYR F 523 -18.62 -12.48 -27.18
N ALA F 524 -17.54 -12.25 -26.41
CA ALA F 524 -16.99 -10.94 -26.10
C ALA F 524 -16.76 -10.10 -27.40
N LEU F 525 -16.20 -10.73 -28.46
CA LEU F 525 -15.98 -10.04 -29.74
C LEU F 525 -17.30 -9.62 -30.40
N GLU F 526 -18.38 -10.42 -30.21
CA GLU F 526 -19.71 -10.07 -30.72
C GLU F 526 -20.34 -8.92 -29.93
N VAL F 527 -20.21 -8.91 -28.57
CA VAL F 527 -20.75 -7.80 -27.74
C VAL F 527 -20.00 -6.51 -28.07
N GLU F 528 -18.69 -6.57 -28.40
CA GLU F 528 -17.89 -5.42 -28.80
C GLU F 528 -18.52 -4.73 -30.05
N LYS F 529 -19.06 -5.52 -31.02
CA LYS F 529 -19.74 -4.98 -32.22
C LYS F 529 -21.01 -4.19 -31.84
N VAL F 530 -21.69 -4.62 -30.77
CA VAL F 530 -22.91 -3.99 -30.27
C VAL F 530 -22.55 -2.75 -29.43
N THR F 531 -21.62 -2.89 -28.48
CA THR F 531 -21.23 -1.77 -27.62
C THR F 531 -20.53 -0.61 -28.39
N THR F 532 -19.59 -0.91 -29.31
CA THR F 532 -18.95 0.12 -30.13
C THR F 532 -19.94 0.85 -31.05
N ALA F 533 -21.14 0.25 -31.30
CA ALA F 533 -22.21 0.88 -32.07
C ALA F 533 -22.86 1.98 -31.20
N LYS F 534 -22.91 1.78 -29.86
CA LYS F 534 -23.42 2.74 -28.88
C LYS F 534 -22.39 3.89 -28.69
N LYS F 535 -21.12 3.59 -28.30
CA LYS F 535 -20.00 4.53 -28.10
C LYS F 535 -18.74 3.87 -28.65
N GLY F 536 -18.03 4.58 -29.52
CA GLY F 536 -16.82 4.08 -30.17
C GLY F 536 -15.68 3.65 -29.27
N ASN F 537 -15.66 4.12 -28.01
CA ASN F 537 -14.60 3.74 -27.05
C ASN F 537 -14.97 2.50 -26.28
N LEU F 538 -16.19 2.00 -26.46
CA LEU F 538 -16.68 0.79 -25.82
C LEU F 538 -16.17 -0.49 -26.51
N ILE F 539 -14.86 -0.57 -26.65
CA ILE F 539 -14.14 -1.69 -27.25
C ILE F 539 -13.89 -2.81 -26.24
N LEU F 540 -13.56 -4.01 -26.75
CA LEU F 540 -13.13 -5.09 -25.88
C LEU F 540 -11.66 -4.73 -25.57
N ASN F 541 -11.35 -4.45 -24.29
CA ASN F 541 -10.02 -4.07 -23.87
C ASN F 541 -9.12 -5.27 -23.49
N VAL F 542 -7.84 -5.03 -23.04
CA VAL F 542 -6.91 -6.11 -22.66
C VAL F 542 -7.44 -6.95 -21.53
N ASP F 543 -8.10 -6.37 -20.50
CA ASP F 543 -8.72 -7.09 -19.35
C ASP F 543 -9.71 -8.12 -19.81
N GLY F 544 -10.61 -7.70 -20.70
CA GLY F 544 -11.65 -8.54 -21.27
C GLY F 544 -11.09 -9.62 -22.14
N THR F 545 -10.10 -9.28 -22.98
CA THR F 545 -9.41 -10.21 -23.88
C THR F 545 -8.70 -11.32 -23.09
N ILE F 546 -7.82 -10.97 -22.13
CA ILE F 546 -7.10 -11.90 -21.27
C ILE F 546 -8.13 -12.73 -20.46
N GLY F 547 -9.13 -12.08 -19.90
CA GLY F 547 -10.16 -12.72 -19.10
C GLY F 547 -10.83 -13.86 -19.82
N CYS F 548 -11.24 -13.58 -21.08
CA CYS F 548 -11.90 -14.51 -22.00
C CYS F 548 -10.97 -15.65 -22.44
N ILE F 549 -9.73 -15.32 -22.84
CA ILE F 549 -8.73 -16.33 -23.24
C ILE F 549 -8.49 -17.33 -22.10
N LEU F 550 -8.22 -16.82 -20.89
CA LEU F 550 -7.94 -17.65 -19.72
C LEU F 550 -9.14 -18.47 -19.22
N MET F 551 -10.34 -17.96 -19.42
CA MET F 551 -11.53 -18.67 -19.03
C MET F 551 -11.71 -19.88 -19.98
N ASP F 552 -11.41 -19.66 -21.27
CA ASP F 552 -11.44 -20.64 -22.33
C ASP F 552 -10.30 -21.71 -22.22
N LEU F 553 -9.21 -21.40 -21.50
CA LEU F 553 -8.08 -22.31 -21.20
C LEU F 553 -8.40 -23.10 -19.92
N ASP F 554 -9.51 -22.74 -19.24
CA ASP F 554 -10.00 -23.30 -17.98
C ASP F 554 -9.01 -23.14 -16.82
N PHE F 555 -8.53 -21.91 -16.63
CA PHE F 555 -7.62 -21.51 -15.56
C PHE F 555 -8.49 -21.21 -14.34
N PRO F 556 -8.02 -21.42 -13.08
CA PRO F 556 -8.88 -21.07 -11.92
C PRO F 556 -9.26 -19.61 -11.96
N VAL F 557 -10.55 -19.31 -11.75
CA VAL F 557 -11.15 -17.97 -11.78
C VAL F 557 -10.38 -16.95 -10.94
N HIS F 558 -9.93 -17.38 -9.75
CA HIS F 558 -9.17 -16.54 -8.83
C HIS F 558 -7.87 -16.06 -9.40
N SER F 559 -7.23 -16.88 -10.23
CA SER F 559 -5.94 -16.55 -10.82
C SER F 559 -5.93 -15.49 -11.89
N LEU F 560 -7.09 -15.21 -12.52
CA LEU F 560 -7.22 -14.35 -13.70
C LEU F 560 -6.59 -12.97 -13.56
N ASN F 561 -6.81 -12.23 -12.46
CA ASN F 561 -6.18 -10.91 -12.29
C ASN F 561 -4.66 -11.01 -12.12
N GLY F 562 -4.19 -12.20 -11.70
CA GLY F 562 -2.80 -12.54 -11.50
C GLY F 562 -1.94 -12.14 -12.70
N PHE F 563 -2.46 -12.33 -13.92
CA PHE F 563 -1.75 -12.06 -15.18
C PHE F 563 -1.50 -10.59 -15.39
N PHE F 564 -2.47 -9.71 -15.08
CA PHE F 564 -2.22 -8.27 -15.20
C PHE F 564 -1.32 -7.78 -14.08
N VAL F 565 -1.61 -8.19 -12.83
CA VAL F 565 -0.83 -7.79 -11.66
C VAL F 565 0.64 -8.09 -11.90
N LEU F 566 0.97 -9.32 -12.33
CA LEU F 566 2.36 -9.71 -12.55
C LEU F 566 2.97 -9.01 -13.76
N ALA F 567 2.26 -9.01 -14.91
CA ALA F 567 2.71 -8.31 -16.14
C ALA F 567 3.02 -6.85 -15.89
N ARG F 568 2.07 -6.09 -15.27
CA ARG F 568 2.24 -4.67 -15.05
C ARG F 568 3.31 -4.34 -14.01
N THR F 569 3.68 -5.27 -13.11
CA THR F 569 4.82 -5.10 -12.17
C THR F 569 6.12 -4.88 -12.97
N ILE F 570 6.24 -5.47 -14.19
CA ILE F 570 7.43 -5.27 -15.01
C ILE F 570 7.53 -3.80 -15.39
N GLY F 571 6.41 -3.21 -15.80
CA GLY F 571 6.32 -1.82 -16.20
C GLY F 571 6.53 -0.89 -15.04
N MET F 572 5.83 -1.16 -13.90
CA MET F 572 5.94 -0.37 -12.68
C MET F 572 7.37 -0.30 -12.11
N ILE F 573 8.14 -1.41 -12.16
CA ILE F 573 9.53 -1.43 -11.73
C ILE F 573 10.34 -0.62 -12.77
N GLY F 574 9.98 -0.74 -14.06
CA GLY F 574 10.62 -0.02 -15.16
C GLY F 574 10.61 1.48 -14.94
N HIS F 575 9.40 2.01 -14.58
CA HIS F 575 9.15 3.43 -14.31
C HIS F 575 9.89 3.91 -13.09
N TRP F 576 9.97 3.08 -12.04
CA TRP F 576 10.70 3.37 -10.82
C TRP F 576 12.17 3.51 -11.15
N ILE F 577 12.73 2.55 -11.89
CA ILE F 577 14.15 2.58 -12.30
C ILE F 577 14.45 3.85 -13.13
N ASP F 578 13.59 4.15 -14.11
CA ASP F 578 13.68 5.29 -15.01
C ASP F 578 13.73 6.60 -14.23
N GLN F 579 12.82 6.74 -13.26
CA GLN F 579 12.72 7.94 -12.42
C GLN F 579 13.97 8.12 -11.58
N ASN F 580 14.52 7.02 -11.10
CA ASN F 580 15.73 7.07 -10.31
C ASN F 580 16.93 7.42 -11.16
N ASN F 581 17.05 6.82 -12.33
CA ASN F 581 18.15 7.10 -13.25
C ASN F 581 18.20 8.55 -13.67
N GLN F 582 17.03 9.19 -13.78
CA GLN F 582 16.85 10.61 -14.16
C GLN F 582 17.13 11.55 -13.01
N ASN F 583 17.10 11.04 -11.78
CA ASN F 583 17.18 11.80 -10.53
C ASN F 583 16.01 12.75 -10.46
N SER F 584 14.80 12.26 -10.73
CA SER F 584 13.60 13.09 -10.68
C SER F 584 13.34 13.67 -9.28
N ARG F 585 12.88 14.93 -9.25
CA ARG F 585 12.51 15.68 -8.05
C ARG F 585 11.09 15.24 -7.66
N LEU F 586 10.70 15.54 -6.42
CA LEU F 586 9.37 15.26 -5.91
C LEU F 586 8.32 15.94 -6.79
N ILE F 587 7.24 15.22 -7.09
CA ILE F 587 6.13 15.76 -7.88
C ILE F 587 5.14 16.40 -6.90
N ARG F 588 4.77 17.62 -7.20
CA ARG F 588 3.72 18.36 -6.55
C ARG F 588 2.89 18.83 -7.73
N LEU F 589 1.67 18.34 -7.85
CA LEU F 589 0.77 18.64 -8.97
C LEU F 589 0.58 20.15 -9.19
N TYR F 590 0.73 20.60 -10.45
CA TYR F 590 0.63 22.02 -10.78
C TYR F 590 -0.71 22.57 -10.42
N ASP F 591 -0.71 23.76 -9.84
CA ASP F 591 -1.90 24.47 -9.42
C ASP F 591 -2.97 24.58 -10.49
N TYR F 592 -2.58 24.91 -11.75
CA TYR F 592 -3.49 25.12 -12.85
C TYR F 592 -4.26 23.87 -13.23
N LEU F 593 -3.86 22.72 -12.71
CA LEU F 593 -4.51 21.43 -12.99
C LEU F 593 -5.49 21.01 -11.91
N ILE F 594 -5.66 21.84 -10.85
CA ILE F 594 -6.55 21.57 -9.74
C ILE F 594 -7.68 22.56 -9.74
N ASN F 595 -8.89 22.07 -9.59
CA ASN F 595 -10.08 22.88 -9.46
C ASN F 595 -10.39 22.90 -7.94
N TYR F 596 -10.11 24.04 -7.33
CA TYR F 596 -10.33 24.24 -5.91
C TYR F 596 -11.78 24.76 -5.77
N ALA F 597 -12.73 23.80 -5.68
CA ALA F 597 -14.16 24.06 -5.57
C ALA F 597 -14.50 24.03 -4.08
N VAL F 598 -13.70 24.76 -3.30
CA VAL F 598 -13.67 24.84 -1.84
C VAL F 598 -14.71 25.80 -1.26
N LYS F 599 -14.98 25.69 0.05
CA LYS F 599 -15.97 26.51 0.73
C LYS F 599 -15.47 27.94 0.85
N PRO F 600 -16.35 28.96 0.84
CA PRO F 600 -15.86 30.33 1.07
C PRO F 600 -15.18 30.42 2.43
N GLU F 601 -14.13 31.23 2.52
CA GLU F 601 -13.34 31.40 3.74
C GLU F 601 -14.18 31.97 4.84
N GLN F 602 -14.04 31.45 6.07
CA GLN F 602 -14.80 31.97 7.20
C GLN F 602 -14.04 31.90 8.52
N GLU F 603 -14.37 32.83 9.43
CA GLU F 603 -13.79 32.92 10.78
C GLU F 603 -14.34 31.79 11.61
N VAL F 604 -13.52 31.21 12.48
CA VAL F 604 -14.02 30.10 13.28
C VAL F 604 -14.78 30.66 14.47
N PRO F 605 -16.00 30.13 14.72
CA PRO F 605 -16.78 30.59 15.87
C PRO F 605 -16.16 30.19 17.20
N GLU F 606 -16.34 31.02 18.23
CA GLU F 606 -15.83 30.74 19.57
C GLU F 606 -16.61 29.57 20.20
N LYS F 607 -15.90 28.69 20.96
CA LYS F 607 -16.50 27.52 21.62
C LYS F 607 -17.44 27.93 22.76
N ALA G 2 49.61 39.47 -12.81
CA ALA G 2 49.44 39.63 -11.37
C ALA G 2 50.79 39.77 -10.73
N LYS G 3 51.14 40.98 -10.35
CA LYS G 3 52.42 41.23 -9.71
C LYS G 3 52.45 40.58 -8.34
N ILE G 4 53.61 40.01 -7.98
CA ILE G 4 53.82 39.37 -6.67
C ILE G 4 55.00 40.06 -5.98
N LEU G 5 54.97 40.13 -4.64
CA LEU G 5 56.02 40.81 -3.85
C LEU G 5 57.41 40.17 -3.97
N GLU G 6 58.50 40.93 -3.67
CA GLU G 6 59.87 40.42 -3.74
C GLU G 6 60.07 39.14 -2.89
N GLY G 7 59.44 39.06 -1.71
CA GLY G 7 59.49 37.89 -0.83
C GLY G 7 59.04 36.59 -1.48
N PRO G 8 57.76 36.48 -1.91
CA PRO G 8 57.31 35.23 -2.60
C PRO G 8 58.02 34.91 -3.92
N ALA G 9 58.41 35.97 -4.67
CA ALA G 9 59.15 35.87 -5.94
C ALA G 9 60.47 35.10 -5.74
N MET G 10 61.21 35.40 -4.66
CA MET G 10 62.50 34.75 -4.38
C MET G 10 62.33 33.34 -3.89
N LYS G 11 61.20 33.03 -3.25
CA LYS G 11 60.90 31.68 -2.84
C LYS G 11 60.77 30.77 -4.11
N LEU G 12 60.16 31.31 -5.19
CA LEU G 12 59.99 30.63 -6.48
C LEU G 12 61.32 30.54 -7.22
N PHE G 13 62.15 31.58 -7.13
CA PHE G 13 63.50 31.63 -7.71
C PHE G 13 64.36 30.56 -7.05
N ASN G 14 64.35 30.54 -5.71
CA ASN G 14 65.06 29.58 -4.88
C ASN G 14 64.70 28.14 -5.28
N LYS G 15 63.37 27.85 -5.44
CA LYS G 15 62.81 26.56 -5.86
C LYS G 15 63.43 26.06 -7.17
N TRP G 16 63.69 26.96 -8.11
CA TRP G 16 64.24 26.62 -9.42
C TRP G 16 65.74 26.84 -9.53
N GLY G 17 66.41 27.08 -8.40
CA GLY G 17 67.86 27.23 -8.34
C GLY G 17 68.40 28.55 -8.85
N ILE G 18 67.55 29.59 -8.91
CA ILE G 18 67.95 30.93 -9.31
C ILE G 18 68.60 31.54 -8.06
N PRO G 19 69.87 32.01 -8.19
CA PRO G 19 70.60 32.55 -7.03
C PRO G 19 69.98 33.80 -6.43
N VAL G 20 69.64 33.75 -5.13
CA VAL G 20 68.99 34.87 -4.42
C VAL G 20 69.69 35.23 -3.12
N PRO G 21 69.71 36.53 -2.73
CA PRO G 21 70.34 36.90 -1.45
C PRO G 21 69.54 36.39 -0.26
N ASN G 22 70.22 36.20 0.88
CA ASN G 22 69.56 35.77 2.11
C ASN G 22 68.58 36.85 2.51
N TYR G 23 67.34 36.43 2.76
CA TYR G 23 66.27 37.35 3.11
C TYR G 23 65.37 36.78 4.19
N LEU G 99 74.50 41.95 -1.05
CA LEU G 99 75.91 41.55 -0.88
C LEU G 99 76.87 42.34 -1.79
N GLU G 100 78.16 42.49 -1.33
CA GLU G 100 79.24 43.16 -2.08
C GLU G 100 79.45 42.40 -3.37
N HIS G 101 79.34 43.12 -4.48
CA HIS G 101 79.46 42.59 -5.83
C HIS G 101 80.35 43.46 -6.67
N ASP G 102 80.70 42.95 -7.86
CA ASP G 102 81.61 43.58 -8.81
C ASP G 102 80.91 44.10 -10.07
N ALA G 103 79.86 43.41 -10.54
CA ALA G 103 79.13 43.79 -11.75
C ALA G 103 77.64 43.51 -11.64
N GLU G 104 76.85 44.26 -12.43
CA GLU G 104 75.40 44.18 -12.47
C GLU G 104 74.94 43.84 -13.90
N PHE G 105 74.11 42.79 -14.02
CA PHE G 105 73.57 42.34 -15.31
C PHE G 105 72.04 42.52 -15.38
N TYR G 106 71.48 42.44 -16.61
CA TYR G 106 70.05 42.56 -16.80
C TYR G 106 69.52 41.30 -17.45
N VAL G 107 68.58 40.62 -16.77
CA VAL G 107 67.95 39.40 -17.29
C VAL G 107 66.44 39.49 -17.14
N SER G 108 65.69 39.33 -18.25
CA SER G 108 64.23 39.32 -18.22
C SER G 108 63.62 38.43 -19.26
N ILE G 109 62.53 37.74 -18.88
CA ILE G 109 61.74 36.87 -19.73
C ILE G 109 60.27 37.35 -19.70
N ILE G 110 59.78 37.86 -20.84
CA ILE G 110 58.43 38.42 -20.99
C ILE G 110 57.64 37.60 -21.97
N GLY G 111 56.54 37.02 -21.51
CA GLY G 111 55.68 36.17 -22.32
C GLY G 111 55.04 36.88 -23.50
N ASN G 112 54.83 36.12 -24.59
CA ASN G 112 54.16 36.61 -25.80
C ASN G 112 53.24 35.54 -26.39
N LYS G 113 52.49 35.87 -27.46
CA LYS G 113 51.54 34.97 -28.14
C LYS G 113 52.17 33.66 -28.61
N ASP G 114 53.48 33.65 -28.88
CA ASP G 114 54.24 32.50 -29.39
C ASP G 114 55.11 31.78 -28.33
N GLY G 115 55.08 32.27 -27.08
CA GLY G 115 55.86 31.72 -25.97
C GLY G 115 56.34 32.89 -25.13
N ALA G 116 57.66 33.12 -25.09
CA ALA G 116 58.30 34.21 -24.33
C ALA G 116 59.61 34.68 -24.95
N GLU G 117 60.01 35.90 -24.62
CA GLU G 117 61.25 36.50 -25.11
C GLU G 117 62.19 36.67 -23.94
N LEU G 118 63.42 36.14 -24.07
CA LEU G 118 64.48 36.33 -23.06
C LEU G 118 65.42 37.48 -23.50
N LEU G 119 65.61 38.46 -22.59
CA LEU G 119 66.43 39.67 -22.74
C LEU G 119 67.63 39.66 -21.81
N ILE G 120 68.82 39.64 -22.40
CA ILE G 120 70.10 39.64 -21.70
C ILE G 120 70.91 40.89 -22.07
N SER G 121 71.66 41.43 -21.10
CA SER G 121 72.52 42.60 -21.24
C SER G 121 73.63 42.57 -20.20
N LYS G 122 74.84 42.96 -20.63
CA LYS G 122 76.01 43.04 -19.76
C LYS G 122 75.95 44.31 -18.90
N HIS G 123 75.12 45.32 -19.30
CA HIS G 123 75.00 46.63 -18.62
C HIS G 123 73.71 46.79 -17.78
N GLY G 124 73.67 46.11 -16.64
CA GLY G 124 72.52 46.14 -15.74
C GLY G 124 72.49 47.31 -14.78
N GLY G 125 71.56 47.26 -13.85
CA GLY G 125 71.34 48.28 -12.84
C GLY G 125 70.64 49.51 -13.39
N VAL G 126 71.11 50.71 -13.00
CA VAL G 126 70.61 52.01 -13.43
C VAL G 126 71.04 52.30 -14.89
N ASP G 127 72.15 51.65 -15.29
CA ASP G 127 72.86 51.75 -16.57
C ASP G 127 72.12 51.18 -17.78
N ILE G 128 71.08 50.33 -17.55
CA ILE G 128 70.30 49.71 -18.62
C ILE G 128 69.40 50.71 -19.35
N GLU G 129 68.96 51.74 -18.61
CA GLU G 129 68.08 52.80 -19.05
C GLU G 129 68.54 53.46 -20.36
N ASP G 130 69.87 53.66 -20.51
CA ASP G 130 70.52 54.26 -21.68
C ASP G 130 71.06 53.24 -22.69
N ASN G 131 71.64 52.13 -22.19
CA ASN G 131 72.19 51.06 -23.02
C ASN G 131 71.11 50.01 -23.40
N TRP G 132 70.20 50.38 -24.33
CA TRP G 132 69.14 49.48 -24.78
C TRP G 132 69.54 48.69 -26.03
N ASP G 133 70.48 49.24 -26.84
CA ASP G 133 71.05 48.60 -28.03
C ASP G 133 72.06 47.49 -27.65
N SER G 134 72.47 47.43 -26.36
CA SER G 134 73.38 46.44 -25.77
C SER G 134 72.65 45.12 -25.43
N VAL G 135 71.30 45.16 -25.41
CA VAL G 135 70.42 44.04 -25.10
C VAL G 135 70.32 43.05 -26.26
N ARG G 136 70.55 41.75 -25.98
CA ARG G 136 70.42 40.67 -26.93
C ARG G 136 69.19 39.87 -26.54
N ARG G 137 68.28 39.69 -27.50
CA ARG G 137 67.04 38.99 -27.22
C ARG G 137 66.80 37.80 -28.12
N ILE G 138 66.37 36.66 -27.54
CA ILE G 138 65.98 35.47 -28.31
C ILE G 138 64.56 35.12 -27.93
N GLN G 139 63.76 34.75 -28.93
CA GLN G 139 62.38 34.36 -28.74
C GLN G 139 62.33 32.85 -28.48
N ILE G 140 61.83 32.46 -27.30
CA ILE G 140 61.66 31.08 -26.86
C ILE G 140 60.28 30.62 -27.30
N GLU G 141 60.24 29.76 -28.31
CA GLU G 141 58.97 29.22 -28.78
C GLU G 141 58.36 28.32 -27.71
N LEU G 142 57.03 28.39 -27.57
CA LEU G 142 56.24 27.64 -26.60
C LEU G 142 56.57 26.15 -26.60
N ASP G 143 57.02 25.62 -25.43
CA ASP G 143 57.43 24.23 -25.18
C ASP G 143 58.67 23.77 -26.01
N GLU G 144 59.39 24.73 -26.63
CA GLU G 144 60.59 24.47 -27.43
C GLU G 144 61.73 25.26 -26.80
N ASN G 145 61.98 24.98 -25.50
CA ASN G 145 63.00 25.64 -24.68
C ASN G 145 64.46 25.39 -25.16
N PRO G 146 65.30 26.46 -25.26
CA PRO G 146 66.66 26.27 -25.81
C PRO G 146 67.61 25.47 -24.93
N THR G 147 68.70 24.97 -25.54
CA THR G 147 69.75 24.20 -24.87
C THR G 147 70.67 25.15 -24.11
N ILE G 148 71.40 24.65 -23.07
CA ILE G 148 72.36 25.47 -22.28
C ILE G 148 73.43 26.04 -23.23
N GLU G 149 73.65 25.32 -24.35
CA GLU G 149 74.54 25.75 -25.41
C GLU G 149 74.01 27.03 -26.08
N GLN G 150 72.76 27.00 -26.59
CA GLN G 150 72.15 28.17 -27.27
C GLN G 150 72.13 29.48 -26.46
N LEU G 151 71.88 29.36 -25.14
CA LEU G 151 71.80 30.45 -24.17
C LEU G 151 73.18 31.06 -23.91
N THR G 152 74.23 30.20 -23.83
CA THR G 152 75.62 30.61 -23.60
C THR G 152 76.19 31.33 -24.82
N GLU G 153 75.71 30.99 -26.05
CA GLU G 153 76.19 31.71 -27.25
C GLU G 153 75.43 33.05 -27.39
N LEU G 154 74.24 33.16 -26.78
CA LEU G 154 73.48 34.41 -26.72
C LEU G 154 74.20 35.32 -25.72
N ALA G 155 74.64 34.73 -24.58
CA ALA G 155 75.37 35.41 -23.52
C ALA G 155 76.61 36.11 -24.12
N LYS G 156 77.35 35.39 -24.98
CA LYS G 156 78.54 35.88 -25.69
C LYS G 156 78.24 37.03 -26.65
N ASP G 157 77.04 37.04 -27.27
CA ASP G 157 76.61 38.13 -28.15
C ASP G 157 76.35 39.39 -27.30
N ALA G 158 75.98 39.22 -26.00
CA ALA G 158 75.69 40.32 -25.05
C ALA G 158 76.96 40.97 -24.47
N GLY G 159 78.12 40.35 -24.72
CA GLY G 159 79.42 40.84 -24.28
C GLY G 159 80.12 39.96 -23.25
N PHE G 160 79.45 38.87 -22.83
CA PHE G 160 79.97 37.91 -21.86
C PHE G 160 81.02 37.03 -22.55
N GLU G 161 81.96 36.45 -21.76
CA GLU G 161 83.02 35.56 -22.26
C GLU G 161 83.51 34.61 -21.16
N GLY G 162 83.59 33.33 -21.50
CA GLY G 162 84.11 32.30 -20.60
C GLY G 162 83.16 31.78 -19.55
N GLU G 163 83.57 31.85 -18.26
CA GLU G 163 82.75 31.35 -17.15
C GLU G 163 81.54 32.26 -16.91
N ILE G 164 81.72 33.60 -17.10
CA ILE G 164 80.62 34.55 -16.95
C ILE G 164 79.51 34.12 -17.93
N ALA G 165 79.83 33.83 -19.22
CA ALA G 165 78.89 33.37 -20.26
C ALA G 165 78.24 32.03 -19.94
N GLU G 166 79.01 31.10 -19.34
CA GLU G 166 78.60 29.75 -18.91
C GLU G 166 77.55 29.81 -17.80
N ARG G 167 77.89 30.42 -16.64
CA ARG G 167 77.00 30.50 -15.49
C ARG G 167 75.73 31.32 -15.74
N VAL G 168 75.82 32.34 -16.62
CA VAL G 168 74.71 33.21 -17.03
C VAL G 168 73.73 32.41 -17.88
N GLY G 169 74.26 31.57 -18.79
CA GLY G 169 73.45 30.69 -19.63
C GLY G 169 72.68 29.68 -18.81
N LYS G 170 73.33 29.19 -17.74
CA LYS G 170 72.76 28.24 -16.79
C LYS G 170 71.62 28.91 -16.01
N ILE G 171 71.82 30.18 -15.57
CA ILE G 171 70.82 30.97 -14.85
C ILE G 171 69.59 31.11 -15.71
N CYS G 172 69.79 31.41 -17.00
CA CYS G 172 68.71 31.55 -17.97
C CYS G 172 67.93 30.28 -18.15
N SER G 173 68.58 29.12 -18.20
CA SER G 173 67.87 27.85 -18.31
C SER G 173 67.00 27.59 -17.05
N ARG G 174 67.50 28.01 -15.86
CA ARG G 174 66.75 27.89 -14.59
C ARG G 174 65.62 28.93 -14.53
N LEU G 175 65.82 30.08 -15.21
CA LEU G 175 64.85 31.16 -15.31
C LEU G 175 63.71 30.78 -16.25
N ILE G 176 64.02 30.02 -17.32
CA ILE G 176 63.04 29.54 -18.29
C ILE G 176 62.20 28.43 -17.65
N LEU G 177 62.86 27.55 -16.88
CA LEU G 177 62.21 26.47 -16.15
C LEU G 177 61.22 27.05 -15.15
N CYS G 178 61.59 28.16 -14.49
CA CYS G 178 60.74 28.85 -13.52
C CYS G 178 59.57 29.54 -14.24
N PHE G 179 59.85 30.21 -15.38
CA PHE G 179 58.86 30.89 -16.20
C PHE G 179 57.81 29.88 -16.65
N ASP G 180 58.21 28.87 -17.45
CA ASP G 180 57.36 27.81 -17.97
C ASP G 180 56.57 27.04 -16.88
N ASN G 181 57.25 26.57 -15.80
CA ASN G 181 56.62 25.82 -14.71
C ASN G 181 55.83 26.62 -13.65
N GLU G 182 56.10 27.93 -13.49
CA GLU G 182 55.36 28.69 -12.48
C GLU G 182 54.26 29.59 -13.09
N ASP G 183 53.81 29.26 -14.32
CA ASP G 183 52.74 29.97 -15.05
C ASP G 183 52.95 31.47 -15.04
N ALA G 184 54.22 31.88 -15.22
CA ALA G 184 54.60 33.28 -15.19
C ALA G 184 54.19 34.01 -16.46
N GLN G 185 53.96 35.34 -16.34
CA GLN G 185 53.65 36.26 -17.44
C GLN G 185 54.95 37.01 -17.79
N SER G 186 55.74 37.36 -16.73
CA SER G 186 57.02 38.03 -16.88
C SER G 186 57.86 37.94 -15.62
N ILE G 187 59.18 37.86 -15.81
CA ILE G 187 60.20 37.87 -14.75
C ILE G 187 61.25 38.88 -15.17
N GLU G 188 61.54 39.84 -14.30
CA GLU G 188 62.54 40.84 -14.60
C GLU G 188 63.52 40.91 -13.43
N ILE G 189 64.80 40.65 -13.71
CA ILE G 189 65.89 40.70 -12.73
C ILE G 189 66.86 41.82 -13.14
N ASN G 190 66.87 42.90 -12.34
CA ASN G 190 67.76 44.03 -12.56
C ASN G 190 68.03 44.71 -11.24
N PRO G 191 69.24 44.57 -10.66
CA PRO G 191 70.39 43.83 -11.18
C PRO G 191 70.50 42.33 -10.79
N LEU G 192 71.14 41.56 -11.67
CA LEU G 192 71.57 40.19 -11.42
C LEU G 192 73.08 40.46 -11.18
N VAL G 193 73.50 40.43 -9.92
CA VAL G 193 74.86 40.76 -9.57
C VAL G 193 75.75 39.55 -9.52
N ILE G 194 77.07 39.77 -9.75
CA ILE G 194 78.12 38.76 -9.71
C ILE G 194 79.21 39.23 -8.78
N ARG G 195 79.65 38.36 -7.87
CA ARG G 195 80.84 38.58 -7.05
C ARG G 195 81.81 37.64 -7.75
N LYS G 196 82.70 38.23 -8.55
CA LYS G 196 83.65 37.51 -9.37
C LYS G 196 84.59 36.59 -8.59
N SER G 197 85.11 37.04 -7.43
CA SER G 197 86.02 36.22 -6.59
C SER G 197 85.58 34.76 -6.41
N ASP G 198 84.31 34.52 -6.06
CA ASP G 198 83.86 33.13 -5.88
C ASP G 198 82.72 32.74 -6.82
N MET G 199 82.45 33.58 -7.86
CA MET G 199 81.40 33.37 -8.87
C MET G 199 80.06 33.14 -8.18
N ARG G 200 79.73 34.09 -7.27
CA ARG G 200 78.50 34.10 -6.52
C ARG G 200 77.59 35.04 -7.23
N PHE G 201 76.52 34.49 -7.76
CA PHE G 201 75.50 35.31 -8.39
C PHE G 201 74.38 35.54 -7.36
N ALA G 202 73.60 36.62 -7.56
CA ALA G 202 72.45 36.99 -6.74
C ALA G 202 71.51 37.88 -7.54
N ALA G 203 70.21 37.52 -7.53
CA ALA G 203 69.14 38.31 -8.14
C ALA G 203 68.78 39.35 -7.07
N LEU G 204 69.23 40.61 -7.23
CA LEU G 204 69.02 41.65 -6.24
C LEU G 204 67.59 42.21 -6.26
N ASP G 205 67.07 42.55 -7.45
CA ASP G 205 65.70 43.01 -7.59
C ASP G 205 64.95 42.01 -8.48
N ALA G 206 63.86 41.45 -7.96
CA ALA G 206 63.02 40.47 -8.66
C ALA G 206 61.60 41.00 -8.89
N VAL G 207 61.23 41.24 -10.16
CA VAL G 207 59.91 41.72 -10.57
C VAL G 207 59.17 40.56 -11.24
N MET G 208 58.31 39.87 -10.48
CA MET G 208 57.61 38.72 -11.02
C MET G 208 56.13 38.96 -11.17
N ASN G 209 55.60 38.57 -12.33
CA ASN G 209 54.18 38.64 -12.65
C ASN G 209 53.78 37.25 -13.06
N VAL G 210 52.89 36.63 -12.29
CA VAL G 210 52.39 35.30 -12.59
C VAL G 210 50.95 35.39 -13.09
N ASP G 211 50.43 34.27 -13.60
CA ASP G 211 49.06 34.16 -14.05
C ASP G 211 48.33 33.46 -12.89
N TYR G 212 47.76 34.28 -11.99
CA TYR G 212 47.10 33.79 -10.77
C TYR G 212 45.87 32.94 -11.03
N ASP G 213 45.24 33.03 -12.25
CA ASP G 213 44.09 32.19 -12.66
C ASP G 213 44.48 30.72 -12.53
N ALA G 214 45.78 30.42 -12.76
CA ALA G 214 46.42 29.12 -12.68
C ALA G 214 46.76 28.68 -11.25
N ARG G 215 46.27 29.41 -10.21
CA ARG G 215 46.49 29.08 -8.80
C ARG G 215 46.03 27.66 -8.45
N PHE G 216 44.89 27.22 -9.03
CA PHE G 216 44.30 25.89 -8.82
C PHE G 216 45.29 24.74 -9.06
N ARG G 217 46.34 24.97 -9.87
CA ARG G 217 47.32 23.93 -10.14
C ARG G 217 48.73 24.25 -9.52
N HIS G 218 48.77 25.12 -8.47
CA HIS G 218 49.99 25.51 -7.76
C HIS G 218 49.69 25.59 -6.27
N ALA G 219 49.77 24.44 -5.59
CA ALA G 219 49.49 24.31 -4.15
C ALA G 219 50.52 25.00 -3.26
N ASP G 220 51.73 25.26 -3.80
CA ASP G 220 52.84 25.92 -3.11
C ASP G 220 52.74 27.47 -3.13
N TRP G 221 51.69 28.03 -3.77
CA TRP G 221 51.48 29.48 -3.87
C TRP G 221 50.82 30.05 -2.61
N ASP G 222 51.58 30.10 -1.52
CA ASP G 222 51.12 30.67 -0.26
C ASP G 222 51.34 32.20 -0.28
N PHE G 223 50.65 32.90 -1.21
CA PHE G 223 50.70 34.36 -1.41
C PHE G 223 49.49 34.85 -2.21
N LYS G 224 49.20 36.15 -2.12
CA LYS G 224 48.12 36.81 -2.87
C LYS G 224 48.75 37.85 -3.82
N PRO G 225 48.14 38.19 -4.97
CA PRO G 225 48.77 39.19 -5.85
C PRO G 225 48.57 40.62 -5.37
N VAL G 226 49.50 41.48 -5.73
CA VAL G 226 49.51 42.90 -5.36
C VAL G 226 49.01 43.72 -6.57
N SER G 227 48.95 45.08 -6.46
CA SER G 227 48.50 45.95 -7.56
C SER G 227 49.53 46.01 -8.71
N GLU G 228 49.12 45.48 -9.91
CA GLU G 228 49.86 45.37 -11.20
C GLU G 228 50.84 46.54 -11.39
N ILE G 229 50.28 47.76 -11.44
CA ILE G 229 50.95 49.06 -11.56
C ILE G 229 49.98 50.14 -10.96
N GLY G 230 50.05 50.23 -9.63
CA GLY G 230 49.28 51.13 -8.79
C GLY G 230 49.60 50.94 -7.32
N ARG G 231 49.14 51.88 -6.48
CA ARG G 231 49.26 51.93 -5.00
C ARG G 231 48.71 50.66 -4.30
N PRO G 232 49.00 50.36 -2.99
CA PRO G 232 48.46 49.15 -2.36
C PRO G 232 46.95 49.16 -2.25
N PHE G 233 46.31 47.98 -2.36
CA PHE G 233 44.85 47.80 -2.30
C PHE G 233 44.26 48.24 -0.95
N THR G 234 43.40 49.28 -0.98
CA THR G 234 42.74 49.92 0.16
C THR G 234 41.70 49.03 0.90
N GLU G 235 41.02 49.63 1.90
CA GLU G 235 40.02 49.01 2.79
C GLU G 235 38.80 48.46 2.06
N ALA G 236 38.09 49.34 1.32
CA ALA G 236 36.89 48.97 0.55
C ALA G 236 37.27 48.11 -0.67
N GLU G 237 38.48 48.37 -1.24
CA GLU G 237 39.11 47.71 -2.39
C GLU G 237 39.32 46.19 -2.15
N GLN G 238 39.93 45.85 -0.99
CA GLN G 238 40.18 44.49 -0.54
C GLN G 238 38.88 43.73 -0.28
N GLN G 239 37.86 44.45 0.23
CA GLN G 239 36.55 43.86 0.54
C GLN G 239 35.77 43.43 -0.71
N ILE G 240 35.93 44.17 -1.83
CA ILE G 240 35.29 43.90 -3.13
C ILE G 240 35.92 42.64 -3.78
N MET G 241 37.25 42.50 -3.66
CA MET G 241 38.03 41.37 -4.17
C MET G 241 37.76 40.07 -3.37
N GLU G 242 37.40 40.22 -2.07
CA GLU G 242 37.09 39.14 -1.13
C GLU G 242 35.74 38.49 -1.44
N ILE G 243 34.73 39.34 -1.70
CA ILE G 243 33.35 38.93 -2.01
C ILE G 243 33.22 38.43 -3.48
N ASP G 244 34.17 38.85 -4.35
CA ASP G 244 34.28 38.47 -5.77
C ASP G 244 34.47 36.94 -5.87
N SER G 245 35.43 36.40 -5.10
CA SER G 245 35.77 34.97 -5.04
C SER G 245 34.92 34.20 -4.01
N ARG G 246 33.59 34.36 -4.12
CA ARG G 246 32.57 33.73 -3.28
C ARG G 246 31.37 33.37 -4.17
N ILE G 247 31.18 34.14 -5.26
CA ILE G 247 30.12 33.93 -6.26
C ILE G 247 30.72 33.72 -7.67
N LYS G 248 29.92 33.05 -8.57
CA LYS G 248 30.25 32.71 -9.97
C LYS G 248 30.34 33.94 -10.92
N GLY G 249 29.81 35.09 -10.48
CA GLY G 249 29.89 36.33 -11.23
C GLY G 249 31.19 37.08 -10.97
N SER G 250 31.20 38.38 -11.31
CA SER G 250 32.37 39.25 -11.14
C SER G 250 31.97 40.64 -10.62
N VAL G 251 32.73 41.14 -9.63
CA VAL G 251 32.58 42.46 -9.02
C VAL G 251 33.98 43.07 -8.81
N LYS G 252 34.27 44.21 -9.46
CA LYS G 252 35.58 44.88 -9.37
C LYS G 252 35.45 46.33 -8.93
N PHE G 253 36.41 46.83 -8.12
CA PHE G 253 36.38 48.21 -7.61
C PHE G 253 37.79 48.77 -7.45
N VAL G 254 38.01 49.97 -8.00
CA VAL G 254 39.28 50.72 -7.93
C VAL G 254 38.95 52.16 -7.53
N GLU G 255 39.61 52.66 -6.47
CA GLU G 255 39.45 54.03 -5.95
C GLU G 255 40.36 55.01 -6.69
N VAL G 256 39.76 56.06 -7.28
CA VAL G 256 40.50 57.12 -7.94
C VAL G 256 40.55 58.30 -6.94
N PRO G 257 41.76 58.80 -6.55
CA PRO G 257 41.83 59.89 -5.55
C PRO G 257 41.03 61.14 -5.96
N GLY G 258 39.98 61.43 -5.18
CA GLY G 258 39.07 62.52 -5.45
C GLY G 258 37.99 62.11 -6.44
N GLY G 259 37.68 62.98 -7.40
CA GLY G 259 36.70 62.72 -8.45
C GLY G 259 35.24 62.87 -8.05
N GLU G 260 34.41 63.43 -8.97
CA GLU G 260 32.98 63.67 -8.73
C GLU G 260 32.07 62.52 -9.16
N ILE G 261 32.25 62.04 -10.42
CA ILE G 261 31.47 60.98 -11.10
C ILE G 261 31.76 59.56 -10.56
N ALA G 262 30.81 58.95 -9.83
CA ALA G 262 30.96 57.59 -9.30
C ALA G 262 30.25 56.52 -10.17
N LEU G 263 31.04 55.77 -10.95
CA LEU G 263 30.59 54.73 -11.86
C LEU G 263 30.16 53.45 -11.15
N LEU G 264 28.96 52.92 -11.51
CA LEU G 264 28.38 51.65 -11.07
C LEU G 264 27.88 50.98 -12.36
N THR G 265 28.84 50.63 -13.22
CA THR G 265 28.53 50.13 -14.55
C THR G 265 28.70 48.61 -14.71
N ALA G 266 27.88 48.03 -15.60
CA ALA G 266 27.85 46.61 -15.90
C ALA G 266 28.76 46.23 -17.07
N GLY G 267 29.61 45.23 -16.84
CA GLY G 267 30.57 44.73 -17.81
C GLY G 267 31.84 45.56 -17.89
N GLY G 268 32.97 44.88 -18.01
CA GLY G 268 34.29 45.49 -18.11
C GLY G 268 34.46 46.41 -19.31
N GLY G 269 33.97 45.96 -20.47
CA GLY G 269 34.01 46.70 -21.72
C GLY G 269 33.25 48.01 -21.65
N ALA G 270 31.97 47.96 -21.20
CA ALA G 270 31.14 49.15 -21.05
C ALA G 270 31.69 50.08 -19.98
N SER G 271 32.20 49.54 -18.83
CA SER G 271 32.79 50.32 -17.73
C SER G 271 33.92 51.21 -18.21
N VAL G 272 34.81 50.65 -19.05
CA VAL G 272 35.95 51.37 -19.64
C VAL G 272 35.48 52.50 -20.57
N PHE G 273 34.44 52.23 -21.40
CA PHE G 273 33.88 53.25 -22.29
C PHE G 273 33.18 54.39 -21.53
N TYR G 274 32.57 54.09 -20.35
CA TYR G 274 31.94 55.11 -19.50
C TYR G 274 32.99 56.03 -18.84
N ALA G 275 34.12 55.44 -18.40
CA ALA G 275 35.23 56.15 -17.80
C ALA G 275 35.88 57.05 -18.82
N ASP G 276 36.10 56.53 -20.06
CA ASP G 276 36.67 57.27 -21.20
C ASP G 276 35.80 58.48 -21.51
N ALA G 277 34.45 58.29 -21.53
CA ALA G 277 33.44 59.32 -21.79
C ALA G 277 33.58 60.49 -20.80
N VAL G 278 33.70 60.16 -19.49
CA VAL G 278 33.87 61.16 -18.42
C VAL G 278 35.17 62.01 -18.64
N VAL G 279 36.32 61.31 -18.81
CA VAL G 279 37.65 61.90 -19.02
C VAL G 279 37.65 62.77 -20.27
N ALA G 280 37.11 62.24 -21.39
CA ALA G 280 37.04 62.92 -22.68
C ALA G 280 36.34 64.26 -22.65
N ARG G 281 35.19 64.38 -21.95
CA ARG G 281 34.48 65.66 -21.93
C ARG G 281 35.08 66.66 -20.90
N GLY G 282 36.05 66.18 -20.12
CA GLY G 282 36.77 67.00 -19.15
C GLY G 282 36.54 66.62 -17.70
N GLY G 283 35.49 65.82 -17.44
CA GLY G 283 35.11 65.36 -16.11
C GLY G 283 36.16 64.58 -15.34
N THR G 284 35.87 64.37 -14.04
CA THR G 284 36.74 63.66 -13.10
C THR G 284 35.98 62.46 -12.47
N ILE G 285 36.49 61.22 -12.71
CA ILE G 285 35.87 59.99 -12.17
C ILE G 285 36.30 59.74 -10.72
N ALA G 286 35.31 59.49 -9.86
CA ALA G 286 35.46 59.18 -8.45
C ALA G 286 36.09 57.80 -8.25
N ASN G 287 35.85 56.87 -9.21
CA ASN G 287 36.35 55.48 -9.15
C ASN G 287 36.26 54.77 -10.50
N TYR G 288 36.52 53.44 -10.46
CA TYR G 288 36.29 52.47 -11.51
C TYR G 288 35.58 51.31 -10.85
N ALA G 289 34.45 50.89 -11.42
CA ALA G 289 33.70 49.76 -10.91
C ALA G 289 32.93 49.02 -12.01
N GLU G 290 32.92 47.68 -11.92
CA GLU G 290 32.21 46.79 -12.85
C GLU G 290 31.53 45.62 -12.13
N TYR G 291 30.44 45.13 -12.71
CA TYR G 291 29.69 43.95 -12.27
C TYR G 291 29.24 43.21 -13.54
N SER G 292 29.65 41.94 -13.66
CA SER G 292 29.33 41.15 -14.84
C SER G 292 29.14 39.67 -14.50
N GLY G 293 28.73 38.90 -15.50
CA GLY G 293 28.51 37.47 -15.39
C GLY G 293 27.38 37.06 -14.47
N ASP G 294 26.28 37.84 -14.51
CA ASP G 294 25.07 37.67 -13.68
C ASP G 294 25.42 37.52 -12.18
N PRO G 295 25.97 38.57 -11.53
CA PRO G 295 26.33 38.49 -10.11
C PRO G 295 25.07 38.42 -9.24
N ALA G 296 25.13 37.71 -8.13
CA ALA G 296 23.95 37.62 -7.24
C ALA G 296 23.71 38.98 -6.59
N ASP G 297 22.43 39.32 -6.36
CA ASP G 297 21.95 40.61 -5.81
C ASP G 297 22.89 41.22 -4.76
N TRP G 298 23.20 40.50 -3.70
CA TRP G 298 24.05 41.05 -2.62
C TRP G 298 25.40 41.54 -3.13
N ALA G 299 26.05 40.78 -4.02
CA ALA G 299 27.33 41.22 -4.57
C ALA G 299 27.20 42.57 -5.22
N VAL G 300 26.10 42.82 -5.98
CA VAL G 300 25.85 44.12 -6.63
C VAL G 300 25.47 45.18 -5.55
N GLU G 301 24.74 44.75 -4.49
CA GLU G 301 24.34 45.59 -3.35
C GLU G 301 25.59 46.12 -2.61
N ALA G 302 26.58 45.23 -2.37
CA ALA G 302 27.86 45.52 -1.73
C ALA G 302 28.71 46.49 -2.55
N LEU G 303 28.70 46.35 -3.90
CA LEU G 303 29.44 47.25 -4.79
C LEU G 303 28.77 48.65 -4.81
N THR G 304 27.41 48.69 -4.80
CA THR G 304 26.62 49.92 -4.81
C THR G 304 26.97 50.77 -3.60
N GLU G 305 26.86 50.17 -2.38
CA GLU G 305 27.17 50.79 -1.09
C GLU G 305 28.53 51.45 -1.11
N THR G 306 29.59 50.68 -1.46
CA THR G 306 30.98 51.13 -1.58
C THR G 306 31.13 52.44 -2.39
N ILE G 307 30.53 52.46 -3.61
CA ILE G 307 30.51 53.58 -4.56
C ILE G 307 29.76 54.82 -3.99
N CYS G 308 28.70 54.60 -3.19
CA CYS G 308 27.93 55.67 -2.56
C CYS G 308 28.73 56.36 -1.44
N ARG G 309 29.62 55.59 -0.75
CA ARG G 309 30.48 56.06 0.35
C ARG G 309 31.49 57.10 -0.12
N LEU G 310 31.98 56.97 -1.38
CA LEU G 310 33.00 57.78 -2.06
C LEU G 310 32.99 59.30 -1.74
N PRO G 311 34.18 59.97 -1.69
CA PRO G 311 34.19 61.42 -1.40
C PRO G 311 33.68 62.28 -2.57
N ASN G 312 33.17 63.49 -2.25
CA ASN G 312 32.65 64.51 -3.18
C ASN G 312 31.56 64.00 -4.18
N ILE G 313 30.83 62.91 -3.83
CA ILE G 313 29.80 62.32 -4.69
C ILE G 313 28.63 63.27 -4.93
N LYS G 314 28.30 63.46 -6.22
CA LYS G 314 27.22 64.30 -6.72
C LYS G 314 26.53 63.68 -7.96
N HIS G 315 27.19 62.66 -8.57
CA HIS G 315 26.68 61.92 -9.73
C HIS G 315 27.06 60.45 -9.69
N ILE G 316 26.07 59.55 -9.87
CA ILE G 316 26.24 58.09 -9.94
C ILE G 316 25.76 57.58 -11.30
N ILE G 317 26.68 57.02 -12.09
CA ILE G 317 26.40 56.47 -13.41
C ILE G 317 26.16 54.97 -13.29
N VAL G 318 24.88 54.59 -13.34
CA VAL G 318 24.41 53.20 -13.29
C VAL G 318 24.17 52.81 -14.75
N GLY G 319 25.29 52.62 -15.45
CA GLY G 319 25.31 52.28 -16.87
C GLY G 319 25.38 50.80 -17.14
N GLY G 320 25.67 50.53 -18.40
CA GLY G 320 25.77 49.19 -18.95
C GLY G 320 25.27 49.18 -20.37
N ALA G 321 25.72 48.16 -21.12
CA ALA G 321 25.30 47.91 -22.48
C ALA G 321 24.02 47.05 -22.37
N ILE G 322 23.70 46.30 -23.43
CA ILE G 322 22.56 45.40 -23.39
C ILE G 322 23.14 44.02 -22.99
N ALA G 323 22.83 43.57 -21.75
CA ALA G 323 23.28 42.31 -21.19
C ALA G 323 22.80 41.14 -22.06
N ASN G 324 23.66 40.11 -22.14
CA ASN G 324 23.39 38.88 -22.90
C ASN G 324 22.75 37.85 -21.99
N PHE G 325 23.11 37.81 -20.71
CA PHE G 325 22.58 36.83 -19.76
C PHE G 325 22.37 37.37 -18.34
N THR G 326 22.96 38.53 -17.99
CA THR G 326 22.76 39.14 -16.68
C THR G 326 21.30 39.61 -16.54
N ASP G 327 20.56 39.05 -15.55
CA ASP G 327 19.16 39.42 -15.27
C ASP G 327 19.17 40.82 -14.69
N VAL G 328 18.65 41.80 -15.45
CA VAL G 328 18.67 43.18 -14.98
C VAL G 328 17.61 43.38 -13.85
N LYS G 329 16.51 42.58 -13.81
CA LYS G 329 15.51 42.65 -12.74
C LYS G 329 16.16 42.27 -11.38
N ALA G 330 17.02 41.22 -11.39
CA ALA G 330 17.77 40.66 -10.26
C ALA G 330 18.90 41.58 -9.79
N THR G 331 19.75 42.08 -10.72
CA THR G 331 20.85 42.98 -10.35
C THR G 331 20.35 44.33 -9.87
N PHE G 332 19.27 44.86 -10.49
CA PHE G 332 18.70 46.15 -10.12
C PHE G 332 18.07 46.09 -8.76
N SER G 333 17.56 44.92 -8.34
CA SER G 333 17.00 44.73 -7.00
C SER G 333 18.11 44.94 -5.93
N GLY G 334 19.33 44.47 -6.24
CA GLY G 334 20.52 44.63 -5.41
C GLY G 334 20.95 46.09 -5.35
N ILE G 335 20.99 46.77 -6.53
CA ILE G 335 21.34 48.19 -6.68
C ILE G 335 20.36 49.09 -5.88
N ILE G 336 19.03 48.84 -5.99
CA ILE G 336 17.97 49.57 -5.29
C ILE G 336 18.21 49.58 -3.75
N ASN G 337 18.53 48.39 -3.15
CA ASN G 337 18.80 48.22 -1.72
C ASN G 337 20.13 48.85 -1.27
N GLY G 338 21.14 48.83 -2.16
CA GLY G 338 22.43 49.45 -1.94
C GLY G 338 22.35 50.97 -1.98
N PHE G 339 21.27 51.51 -2.61
CA PHE G 339 20.95 52.94 -2.73
C PHE G 339 20.15 53.41 -1.52
N ARG G 340 19.19 52.57 -1.06
CA ARG G 340 18.31 52.83 0.08
C ARG G 340 19.10 52.88 1.40
N GLU G 341 19.99 51.89 1.58
CA GLU G 341 20.87 51.76 2.74
C GLU G 341 21.90 52.89 2.81
N SER G 342 22.33 53.44 1.66
CA SER G 342 23.30 54.55 1.58
C SER G 342 22.67 55.92 1.89
N LYS G 343 21.46 56.19 1.34
CA LYS G 343 20.74 57.45 1.56
C LYS G 343 20.25 57.56 3.01
N SER G 344 19.93 56.41 3.67
CA SER G 344 19.52 56.39 5.08
C SER G 344 20.68 56.79 6.01
N LYS G 345 21.94 56.49 5.59
CA LYS G 345 23.17 56.83 6.31
C LYS G 345 23.61 58.31 6.11
N GLY G 346 22.91 59.03 5.23
CA GLY G 346 23.16 60.44 4.91
C GLY G 346 24.29 60.68 3.91
N TYR G 347 24.25 59.95 2.78
CA TYR G 347 25.28 60.00 1.72
C TYR G 347 24.74 60.56 0.40
N LEU G 348 23.61 60.03 -0.09
CA LEU G 348 23.03 60.40 -1.38
C LEU G 348 22.06 61.59 -1.30
N GLU G 349 22.58 62.72 -0.79
CA GLU G 349 21.81 63.96 -0.63
C GLU G 349 22.33 64.99 -1.65
N GLY G 350 21.49 65.27 -2.65
CA GLY G 350 21.82 66.15 -3.76
C GLY G 350 22.59 65.44 -4.86
N VAL G 351 22.62 64.08 -4.81
CA VAL G 351 23.31 63.19 -5.76
C VAL G 351 22.32 62.66 -6.81
N LYS G 352 22.54 63.05 -8.08
CA LYS G 352 21.71 62.66 -9.22
C LYS G 352 22.18 61.32 -9.76
N ILE G 353 21.28 60.31 -9.76
CA ILE G 353 21.53 58.95 -10.26
C ILE G 353 21.06 58.83 -11.72
N TRP G 354 21.97 58.37 -12.58
CA TRP G 354 21.73 58.22 -14.01
C TRP G 354 21.76 56.76 -14.39
N VAL G 355 20.60 56.25 -14.82
CA VAL G 355 20.43 54.84 -15.18
C VAL G 355 20.21 54.70 -16.69
N ARG G 356 20.98 53.79 -17.31
CA ARG G 356 20.84 53.42 -18.72
C ARG G 356 21.24 51.98 -18.79
N ARG G 357 20.28 51.12 -19.15
CA ARG G 357 20.52 49.68 -19.17
C ARG G 357 19.59 48.92 -20.13
N GLY G 358 20.09 47.78 -20.57
CA GLY G 358 19.42 46.81 -21.43
C GLY G 358 19.85 45.42 -21.02
N GLY G 359 19.09 44.41 -21.46
CA GLY G 359 19.38 43.01 -21.17
C GLY G 359 18.18 42.23 -20.69
N PRO G 360 18.35 40.93 -20.26
CA PRO G 360 17.18 40.14 -19.84
C PRO G 360 16.43 40.71 -18.64
N ASN G 361 15.11 40.89 -18.80
CA ASN G 361 14.16 41.49 -17.86
C ASN G 361 14.43 42.99 -17.65
N GLU G 362 14.79 43.70 -18.75
CA GLU G 362 15.06 45.13 -18.74
C GLU G 362 13.82 45.93 -18.43
N ALA G 363 12.64 45.51 -18.95
CA ALA G 363 11.38 46.21 -18.71
C ALA G 363 11.09 46.34 -17.21
N GLN G 364 11.07 45.20 -16.48
CA GLN G 364 10.84 45.11 -15.04
C GLN G 364 11.92 45.84 -14.22
N GLY G 365 13.18 45.63 -14.62
CA GLY G 365 14.34 46.22 -13.97
C GLY G 365 14.35 47.73 -14.04
N LEU G 366 14.14 48.28 -15.24
CA LEU G 366 14.13 49.71 -15.50
C LEU G 366 12.91 50.40 -14.90
N ALA G 367 11.76 49.69 -14.82
CA ALA G 367 10.53 50.21 -14.22
C ALA G 367 10.68 50.30 -12.70
N ALA G 368 11.29 49.27 -12.07
CA ALA G 368 11.49 49.24 -10.63
C ALA G 368 12.52 50.28 -10.13
N ILE G 369 13.53 50.62 -10.97
CA ILE G 369 14.57 51.62 -10.63
C ILE G 369 14.00 53.07 -10.78
N LYS G 370 13.00 53.26 -11.71
CA LYS G 370 12.26 54.50 -11.98
C LYS G 370 11.47 54.86 -10.72
N GLN G 371 10.88 53.83 -10.05
CA GLN G 371 10.07 53.93 -8.83
C GLN G 371 10.76 54.59 -7.62
N LEU G 372 12.12 54.67 -7.63
CA LEU G 372 12.93 55.29 -6.56
C LEU G 372 12.85 56.84 -6.56
N GLN G 373 12.05 57.42 -7.49
CA GLN G 373 11.80 58.85 -7.59
C GLN G 373 10.52 59.20 -6.80
N GLU G 374 9.60 58.21 -6.68
CA GLU G 374 8.32 58.28 -5.95
C GLU G 374 8.59 58.56 -4.48
N GLU G 375 9.64 57.94 -3.91
CA GLU G 375 10.04 58.13 -2.51
C GLU G 375 11.58 58.20 -2.45
N GLY G 376 12.11 59.41 -2.49
CA GLY G 376 13.55 59.61 -2.36
C GLY G 376 14.35 60.33 -3.43
N PHE G 377 15.12 59.53 -4.17
CA PHE G 377 16.15 59.92 -5.14
C PHE G 377 15.74 60.75 -6.35
N ASP G 378 16.75 61.48 -6.89
CA ASP G 378 16.70 62.33 -8.07
C ASP G 378 17.31 61.48 -9.21
N ILE G 379 16.61 60.38 -9.50
CA ILE G 379 16.98 59.38 -10.50
C ILE G 379 16.41 59.71 -11.89
N HIS G 380 17.26 59.54 -12.93
CA HIS G 380 16.91 59.78 -14.33
C HIS G 380 17.29 58.52 -15.13
N VAL G 381 16.30 57.61 -15.30
CA VAL G 381 16.44 56.30 -15.97
C VAL G 381 16.04 56.39 -17.45
N TYR G 382 16.83 55.70 -18.28
CA TYR G 382 16.71 55.63 -19.73
C TYR G 382 16.86 54.19 -20.21
N ASP G 383 16.29 53.90 -21.39
CA ASP G 383 16.37 52.60 -22.03
C ASP G 383 17.42 52.66 -23.15
N ARG G 384 17.55 51.56 -23.91
CA ARG G 384 18.46 51.37 -25.05
C ARG G 384 18.45 52.51 -26.10
N SER G 385 17.30 53.19 -26.28
CA SER G 385 17.16 54.31 -27.23
C SER G 385 18.14 55.47 -26.94
N MET G 386 18.50 55.65 -25.65
CA MET G 386 19.50 56.60 -25.16
C MET G 386 20.87 55.97 -25.45
N PRO G 387 21.71 56.55 -26.36
CA PRO G 387 23.04 55.94 -26.63
C PRO G 387 23.73 55.72 -25.28
N MET G 388 24.41 54.57 -25.14
CA MET G 388 25.09 54.04 -23.94
C MET G 388 25.80 55.09 -23.02
N THR G 389 26.86 55.77 -23.53
CA THR G 389 27.69 56.74 -22.80
C THR G 389 27.14 58.19 -22.89
N ASP G 390 25.91 58.39 -23.44
CA ASP G 390 25.36 59.73 -23.55
C ASP G 390 24.71 60.22 -22.26
N ILE G 391 24.61 59.35 -21.24
CA ILE G 391 24.11 59.73 -19.92
C ILE G 391 25.19 60.53 -19.18
N VAL G 392 26.48 60.32 -19.55
CA VAL G 392 27.65 61.05 -19.05
C VAL G 392 27.53 62.57 -19.39
N ASP G 393 27.08 62.90 -20.64
CA ASP G 393 26.85 64.26 -21.15
C ASP G 393 25.78 64.97 -20.30
N LEU G 394 24.64 64.26 -20.10
CA LEU G 394 23.47 64.71 -19.34
C LEU G 394 23.81 64.96 -17.87
N ALA G 395 24.71 64.14 -17.32
CA ALA G 395 25.15 64.25 -15.93
C ALA G 395 26.09 65.40 -15.73
N MET G 396 27.01 65.54 -16.65
CA MET G 396 28.00 66.56 -16.53
C MET G 396 27.38 67.98 -16.79
N LYS G 397 26.28 68.08 -17.61
CA LYS G 397 25.55 69.33 -17.84
C LYS G 397 24.71 69.75 -16.60
N SER G 398 23.69 68.93 -16.25
CA SER G 398 22.72 69.13 -15.16
C SER G 398 21.93 67.82 -14.99
N SER H 2 27.58 36.43 -43.46
CA SER H 2 27.92 35.72 -42.23
C SER H 2 29.34 35.13 -42.33
N ILE H 3 30.04 34.86 -41.20
CA ILE H 3 31.39 34.31 -41.39
C ILE H 3 31.66 32.96 -40.72
N LEU H 4 31.32 32.70 -39.45
CA LEU H 4 31.76 31.40 -38.93
C LEU H 4 30.68 30.42 -38.68
N ALA H 5 29.55 30.93 -38.23
CA ALA H 5 28.37 30.16 -37.93
C ALA H 5 27.39 30.43 -39.06
N ASN H 6 26.77 29.38 -39.59
CA ASN H 6 25.78 29.51 -40.67
C ASN H 6 24.71 28.43 -40.47
N LYS H 7 23.75 28.32 -41.40
CA LYS H 7 22.69 27.33 -41.30
C LYS H 7 23.21 25.89 -41.38
N ASP H 8 24.51 25.69 -41.66
CA ASP H 8 25.14 24.36 -41.69
C ASP H 8 25.88 24.01 -40.40
N THR H 9 25.98 24.97 -39.47
CA THR H 9 26.60 24.78 -38.15
C THR H 9 25.70 23.88 -37.30
N ARG H 10 26.32 22.82 -36.79
CA ARG H 10 25.68 21.85 -35.88
C ARG H 10 26.64 21.72 -34.70
N ALA H 11 26.17 22.01 -33.50
CA ALA H 11 27.02 22.03 -32.30
C ALA H 11 26.84 20.89 -31.30
N VAL H 12 27.88 20.69 -30.53
CA VAL H 12 27.99 19.84 -29.35
C VAL H 12 28.35 20.86 -28.23
N ILE H 13 27.62 20.79 -27.12
CA ILE H 13 27.91 21.67 -25.99
C ILE H 13 28.58 20.83 -24.92
N ILE H 14 29.81 21.19 -24.59
CA ILE H 14 30.59 20.49 -23.57
C ILE H 14 30.52 21.32 -22.30
N GLY H 15 29.69 20.91 -21.36
CA GLY H 15 29.48 21.60 -20.10
C GLY H 15 28.16 21.21 -19.48
N GLY H 16 27.90 21.75 -18.28
CA GLY H 16 26.70 21.45 -17.48
C GLY H 16 25.54 22.41 -17.64
N VAL H 17 25.05 22.95 -16.51
CA VAL H 17 23.89 23.84 -16.48
C VAL H 17 24.09 25.10 -17.33
N ALA H 18 25.31 25.68 -17.33
CA ALA H 18 25.63 26.84 -18.16
C ALA H 18 25.48 26.51 -19.62
N GLY H 19 25.88 25.28 -19.97
CA GLY H 19 25.78 24.79 -21.33
C GLY H 19 24.33 24.65 -21.75
N VAL H 20 23.49 24.13 -20.84
CA VAL H 20 22.05 23.93 -21.07
C VAL H 20 21.35 25.29 -21.25
N ASN H 21 21.74 26.32 -20.46
CA ASN H 21 21.16 27.66 -20.63
C ASN H 21 21.53 28.27 -21.97
N ALA H 22 22.77 28.08 -22.46
CA ALA H 22 23.18 28.54 -23.80
C ALA H 22 22.34 27.87 -24.89
N ALA H 23 22.14 26.54 -24.77
CA ALA H 23 21.37 25.72 -25.69
C ALA H 23 19.94 26.21 -25.75
N LYS H 24 19.36 26.60 -24.58
CA LYS H 24 17.97 27.10 -24.53
C LYS H 24 17.86 28.40 -25.31
N ARG H 25 18.87 29.27 -25.18
CA ARG H 25 18.94 30.55 -25.90
C ARG H 25 19.10 30.31 -27.41
N MET H 26 19.98 29.36 -27.80
CA MET H 26 20.20 28.99 -29.19
C MET H 26 18.92 28.45 -29.80
N ALA H 27 18.14 27.65 -29.03
CA ALA H 27 16.85 27.11 -29.49
C ALA H 27 15.82 28.23 -29.80
N GLN H 28 15.84 29.34 -29.03
CA GLN H 28 14.98 30.52 -29.19
C GLN H 28 15.31 31.21 -30.52
N PHE H 29 16.62 31.29 -30.84
CA PHE H 29 17.08 31.84 -32.09
C PHE H 29 16.66 30.88 -33.24
N ASP H 30 16.95 29.53 -33.06
CA ASP H 30 16.56 28.44 -34.01
C ASP H 30 15.07 28.56 -34.44
N PHE H 31 14.17 28.87 -33.46
CA PHE H 31 12.74 29.10 -33.65
C PHE H 31 12.49 30.39 -34.47
N LEU H 32 13.09 31.52 -34.07
CA LEU H 32 12.97 32.83 -34.72
C LEU H 32 13.34 32.81 -36.22
N VAL H 33 14.45 32.17 -36.56
CA VAL H 33 14.95 32.09 -37.93
C VAL H 33 14.44 30.86 -38.65
N ASN H 34 13.57 30.10 -37.98
CA ASN H 34 12.95 28.88 -38.48
C ASN H 34 13.99 27.89 -39.07
N ARG H 35 14.91 27.43 -38.23
CA ARG H 35 15.91 26.46 -38.60
C ARG H 35 15.88 25.29 -37.61
N PRO H 36 16.41 24.09 -37.96
CA PRO H 36 16.45 23.00 -36.97
C PRO H 36 17.48 23.34 -35.89
N LEU H 37 17.33 22.73 -34.72
CA LEU H 37 18.14 22.90 -33.55
C LEU H 37 19.63 22.81 -33.85
N THR H 38 20.42 23.81 -33.39
CA THR H 38 21.88 23.83 -33.59
C THR H 38 22.54 22.78 -32.70
N VAL H 39 22.14 22.71 -31.40
CA VAL H 39 22.68 21.75 -30.44
C VAL H 39 22.17 20.37 -30.80
N GLN H 40 23.13 19.46 -31.00
CA GLN H 40 22.85 18.08 -31.38
C GLN H 40 23.04 17.19 -30.19
N ALA H 41 24.01 17.54 -29.34
CA ALA H 41 24.34 16.77 -28.15
C ALA H 41 25.07 17.59 -27.09
N PHE H 42 25.07 17.04 -25.88
CA PHE H 42 25.76 17.58 -24.73
C PHE H 42 26.77 16.56 -24.32
N VAL H 43 27.91 17.01 -23.81
CA VAL H 43 28.93 16.12 -23.29
C VAL H 43 29.14 16.60 -21.86
N TYR H 44 28.77 15.76 -20.89
CA TYR H 44 28.85 16.06 -19.48
C TYR H 44 28.80 14.76 -18.71
N PRO H 45 29.99 14.23 -18.32
CA PRO H 45 30.01 12.96 -17.56
C PRO H 45 29.07 12.95 -16.34
N PRO H 46 28.95 13.99 -15.46
CA PRO H 46 28.04 13.86 -14.30
C PRO H 46 26.60 13.49 -14.62
N GLU H 47 26.10 13.91 -15.80
CA GLU H 47 24.72 13.69 -16.25
C GLU H 47 24.63 12.80 -17.48
N ALA H 48 25.71 12.05 -17.81
CA ALA H 48 25.76 11.13 -18.95
C ALA H 48 24.58 10.15 -18.94
N GLY H 49 23.95 10.00 -20.11
CA GLY H 49 22.82 9.09 -20.27
C GLY H 49 21.46 9.74 -20.16
N GLN H 50 21.40 10.90 -19.49
CA GLN H 50 20.20 11.70 -19.30
C GLN H 50 19.92 12.49 -20.57
N GLN H 51 18.75 13.10 -20.61
CA GLN H 51 18.29 13.91 -21.73
C GLN H 51 17.83 15.25 -21.22
N LYS H 52 18.17 16.33 -21.94
CA LYS H 52 17.81 17.68 -21.56
C LYS H 52 16.64 18.14 -22.38
N GLU H 53 15.59 18.67 -21.72
CA GLU H 53 14.39 19.21 -22.39
C GLU H 53 14.67 20.66 -22.84
N ILE H 54 14.78 20.88 -24.14
CA ILE H 54 15.05 22.18 -24.75
C ILE H 54 13.90 22.56 -25.66
N PHE H 55 13.21 23.69 -25.37
CA PHE H 55 12.08 24.14 -26.19
C PHE H 55 12.52 24.94 -27.41
N ARG H 56 12.10 24.50 -28.60
CA ARG H 56 12.29 25.24 -29.84
C ARG H 56 10.89 25.86 -30.09
N GLY H 57 10.69 27.05 -29.52
CA GLY H 57 9.40 27.71 -29.52
C GLY H 57 8.53 27.01 -28.49
N GLY H 58 7.48 26.37 -28.98
CA GLY H 58 6.58 25.63 -28.10
C GLY H 58 6.81 24.14 -28.12
N GLU H 59 7.68 23.68 -29.02
CA GLU H 59 8.04 22.27 -29.23
C GLU H 59 9.22 21.84 -28.37
N LEU H 60 9.02 20.79 -27.56
CA LEU H 60 10.04 20.22 -26.67
C LEU H 60 10.96 19.30 -27.46
N LYS H 61 12.24 19.53 -27.31
CA LYS H 61 13.26 18.71 -27.97
C LYS H 61 14.07 18.07 -26.86
N ASN H 62 14.31 16.78 -26.96
CA ASN H 62 15.10 16.08 -25.95
C ASN H 62 16.50 15.92 -26.51
N VAL H 63 17.50 16.55 -25.88
CA VAL H 63 18.90 16.47 -26.33
C VAL H 63 19.68 15.54 -25.37
N THR H 64 20.33 14.51 -25.93
CA THR H 64 21.07 13.50 -25.17
C THR H 64 22.38 14.02 -24.60
N VAL H 65 22.72 13.55 -23.39
CA VAL H 65 23.96 13.85 -22.68
C VAL H 65 24.85 12.60 -22.81
N TYR H 66 26.06 12.82 -23.29
CA TYR H 66 27.08 11.80 -23.48
C TYR H 66 28.21 11.95 -22.46
N ASP H 67 28.89 10.85 -22.14
CA ASP H 67 30.02 10.80 -21.22
C ASP H 67 31.26 11.49 -21.81
N SER H 68 31.48 11.30 -23.11
CA SER H 68 32.63 11.88 -23.81
C SER H 68 32.25 12.25 -25.23
N LEU H 69 33.16 12.97 -25.90
CA LEU H 69 32.96 13.47 -27.25
C LEU H 69 32.89 12.38 -28.31
N ALA H 70 33.71 11.31 -28.18
CA ALA H 70 33.75 10.16 -29.11
C ALA H 70 32.37 9.56 -29.33
N PRO H 71 31.58 9.13 -28.29
CA PRO H 71 30.21 8.62 -28.53
C PRO H 71 29.25 9.68 -29.08
N ALA H 72 29.44 10.95 -28.72
CA ALA H 72 28.58 12.02 -29.19
C ALA H 72 28.68 12.15 -30.69
N LEU H 73 29.93 12.21 -31.22
CA LEU H 73 30.22 12.33 -32.65
C LEU H 73 29.91 11.05 -33.42
N GLU H 74 29.97 9.90 -32.74
CA GLU H 74 29.63 8.62 -33.33
C GLU H 74 28.12 8.61 -33.63
N GLU H 75 27.30 9.11 -32.68
CA GLU H 75 25.85 9.20 -32.81
C GLU H 75 25.40 10.39 -33.63
N HIS H 76 26.21 11.45 -33.73
CA HIS H 76 25.88 12.68 -34.47
C HIS H 76 27.11 13.09 -35.31
N PRO H 77 27.36 12.43 -36.47
CA PRO H 77 28.56 12.76 -37.27
C PRO H 77 28.51 14.17 -37.88
N ASP H 78 27.28 14.68 -37.94
CA ASP H 78 26.72 15.97 -38.31
C ASP H 78 27.46 17.17 -37.64
N ILE H 79 27.87 17.01 -36.37
CA ILE H 79 28.52 18.02 -35.53
C ILE H 79 29.84 18.51 -36.14
N ASN H 80 30.02 19.83 -36.20
CA ASN H 80 31.20 20.48 -36.76
C ASN H 80 31.69 21.61 -35.85
N THR H 81 31.00 21.84 -34.72
CA THR H 81 31.30 22.92 -33.78
C THR H 81 31.19 22.43 -32.34
N ALA H 82 32.10 22.92 -31.48
CA ALA H 82 32.08 22.61 -30.06
C ALA H 82 32.08 23.88 -29.25
N LEU H 83 31.20 23.95 -28.25
CA LEU H 83 31.12 25.09 -27.34
C LEU H 83 31.50 24.58 -25.95
N ILE H 84 32.52 25.18 -25.33
CA ILE H 84 33.04 24.75 -24.04
C ILE H 84 32.48 25.67 -22.95
N TYR H 85 31.71 25.06 -22.06
CA TYR H 85 31.03 25.67 -20.93
C TYR H 85 31.51 25.09 -19.61
N LEU H 86 32.71 24.51 -19.60
CA LEU H 86 33.30 23.93 -18.39
C LEU H 86 34.13 24.96 -17.66
N GLY H 87 34.42 24.70 -16.39
CA GLY H 87 35.28 25.58 -15.60
C GLY H 87 36.73 25.51 -16.05
N ALA H 88 37.56 26.49 -15.63
CA ALA H 88 38.99 26.65 -15.96
C ALA H 88 39.88 25.39 -15.83
N SER H 89 39.65 24.58 -14.79
CA SER H 89 40.41 23.36 -14.52
C SER H 89 40.18 22.22 -15.56
N ARG H 90 39.04 22.27 -16.30
CA ARG H 90 38.65 21.23 -17.27
C ARG H 90 38.50 21.71 -18.71
N ALA H 91 38.34 23.02 -18.92
CA ALA H 91 38.05 23.60 -20.23
C ALA H 91 39.11 23.37 -21.29
N ALA H 92 40.40 23.67 -20.97
CA ALA H 92 41.49 23.48 -21.92
C ALA H 92 41.61 22.04 -22.44
N GLN H 93 41.42 21.02 -21.56
CA GLN H 93 41.45 19.61 -21.97
C GLN H 93 40.26 19.28 -22.90
N ALA H 94 39.06 19.78 -22.59
CA ALA H 94 37.89 19.59 -23.40
C ALA H 94 38.07 20.27 -24.76
N ALA H 95 38.72 21.45 -24.78
CA ALA H 95 38.99 22.20 -26.02
C ALA H 95 40.01 21.46 -26.88
N LYS H 96 41.02 20.81 -26.24
CA LYS H 96 42.03 20.01 -26.93
C LYS H 96 41.36 18.83 -27.64
N GLU H 97 40.51 18.07 -26.90
CA GLU H 97 39.75 16.93 -27.40
C GLU H 97 38.91 17.32 -28.61
N ALA H 98 38.24 18.47 -28.53
CA ALA H 98 37.42 18.98 -29.62
C ALA H 98 38.25 19.33 -30.86
N LEU H 99 39.38 20.05 -30.67
CA LEU H 99 40.26 20.44 -31.77
C LEU H 99 40.87 19.22 -32.47
N GLU H 100 41.20 18.16 -31.71
CA GLU H 100 41.75 16.92 -32.25
C GLU H 100 40.72 16.00 -32.94
N SER H 101 39.39 16.25 -32.76
CA SER H 101 38.31 15.50 -33.40
C SER H 101 38.27 15.92 -34.89
N PRO H 102 38.44 15.00 -35.87
CA PRO H 102 38.40 15.41 -37.29
C PRO H 102 37.09 16.07 -37.77
N ASN H 103 35.97 15.84 -37.08
CA ASN H 103 34.66 16.42 -37.42
C ASN H 103 34.59 17.93 -37.10
N ILE H 104 35.13 18.33 -35.93
CA ILE H 104 35.09 19.70 -35.39
C ILE H 104 36.00 20.66 -36.14
N GLN H 105 35.42 21.73 -36.68
CA GLN H 105 36.18 22.76 -37.40
C GLN H 105 36.32 24.07 -36.60
N LEU H 106 35.35 24.32 -35.70
CA LEU H 106 35.28 25.51 -34.84
C LEU H 106 35.05 25.10 -33.40
N VAL H 107 35.87 25.63 -32.47
CA VAL H 107 35.79 25.45 -31.02
C VAL H 107 35.71 26.84 -30.39
N SER H 108 34.65 27.12 -29.63
CA SER H 108 34.48 28.40 -28.95
C SER H 108 34.41 28.10 -27.46
N MET H 109 35.13 28.89 -26.63
CA MET H 109 35.19 28.77 -25.18
C MET H 109 34.63 30.00 -24.53
N ILE H 110 33.71 29.78 -23.57
CA ILE H 110 33.12 30.89 -22.81
C ILE H 110 33.88 31.08 -21.51
N THR H 111 34.55 30.00 -21.09
CA THR H 111 35.29 29.88 -19.83
C THR H 111 36.16 31.08 -19.54
N GLU H 112 36.09 31.53 -18.29
CA GLU H 112 36.92 32.60 -17.75
C GLU H 112 37.92 31.96 -16.80
N GLY H 113 39.09 32.57 -16.67
CA GLY H 113 40.15 32.08 -15.79
C GLY H 113 40.97 30.94 -16.34
N VAL H 114 40.97 30.75 -17.68
CA VAL H 114 41.78 29.73 -18.37
C VAL H 114 43.23 30.22 -18.37
N PRO H 115 44.18 29.43 -17.79
CA PRO H 115 45.60 29.88 -17.74
C PRO H 115 46.13 30.28 -19.10
N GLU H 116 46.85 31.41 -19.17
CA GLU H 116 47.45 31.92 -20.40
C GLU H 116 48.27 30.84 -21.09
N LYS H 117 49.06 30.06 -20.32
CA LYS H 117 49.84 28.94 -20.85
C LYS H 117 48.92 27.95 -21.63
N ASP H 118 47.73 27.66 -21.11
CA ASP H 118 46.76 26.76 -21.75
C ASP H 118 46.19 27.34 -23.03
N ALA H 119 45.80 28.64 -23.02
CA ALA H 119 45.27 29.35 -24.18
C ALA H 119 46.31 29.41 -25.28
N LYS H 120 47.60 29.64 -24.94
CA LYS H 120 48.72 29.71 -25.90
C LYS H 120 48.90 28.36 -26.61
N ARG H 121 48.90 27.26 -25.83
CA ARG H 121 48.96 25.87 -26.29
C ARG H 121 47.78 25.52 -27.23
N LEU H 122 46.55 25.94 -26.89
CA LEU H 122 45.38 25.67 -27.71
C LEU H 122 45.40 26.48 -29.01
N LYS H 123 45.95 27.68 -28.98
CA LYS H 123 46.05 28.51 -30.19
C LYS H 123 47.00 27.83 -31.20
N LYS H 124 48.18 27.34 -30.72
CA LYS H 124 49.19 26.65 -31.54
C LYS H 124 48.65 25.32 -32.10
N LEU H 125 47.86 24.58 -31.31
CA LEU H 125 47.22 23.34 -31.74
C LEU H 125 46.22 23.61 -32.85
N ALA H 126 45.37 24.65 -32.70
CA ALA H 126 44.37 25.04 -33.70
C ALA H 126 45.05 25.43 -35.02
N GLN H 127 46.20 26.12 -34.93
CA GLN H 127 46.98 26.54 -36.10
C GLN H 127 47.56 25.32 -36.85
N LYS H 128 48.15 24.32 -36.12
CA LYS H 128 48.72 23.10 -36.70
C LYS H 128 47.64 22.35 -37.47
N LEU H 129 46.46 22.17 -36.84
CA LEU H 129 45.33 21.42 -37.38
C LEU H 129 44.48 22.20 -38.40
N GLY H 130 44.78 23.50 -38.58
CA GLY H 130 44.05 24.38 -39.48
C GLY H 130 42.61 24.60 -39.08
N LYS H 131 42.35 24.68 -37.75
CA LYS H 131 41.03 24.87 -37.17
C LYS H 131 40.90 26.22 -36.52
N MET H 132 39.65 26.63 -36.26
CA MET H 132 39.33 27.90 -35.64
C MET H 132 39.04 27.72 -34.15
N LEU H 133 39.68 28.53 -33.32
CA LEU H 133 39.48 28.56 -31.89
C LEU H 133 39.09 29.98 -31.52
N ASN H 134 37.91 30.12 -30.92
CA ASN H 134 37.37 31.39 -30.49
C ASN H 134 37.35 31.38 -28.96
N GLY H 135 37.79 32.48 -28.37
CA GLY H 135 37.90 32.61 -26.94
C GLY H 135 39.31 32.31 -26.44
N PRO H 136 39.52 31.93 -25.15
CA PRO H 136 38.50 31.76 -24.08
C PRO H 136 37.88 33.09 -23.68
N SER H 137 36.83 33.04 -22.82
CA SER H 137 36.08 34.22 -22.37
C SER H 137 35.27 34.86 -23.50
N SER H 138 34.80 34.03 -24.45
CA SER H 138 33.97 34.55 -25.53
C SER H 138 32.51 34.21 -25.24
N ILE H 139 31.62 35.22 -25.34
CA ILE H 139 30.18 35.04 -25.12
C ILE H 139 29.54 34.24 -26.24
N GLY H 140 30.09 34.36 -27.45
CA GLY H 140 29.62 33.64 -28.61
C GLY H 140 29.93 34.25 -29.96
N ILE H 141 29.27 33.69 -30.94
CA ILE H 141 29.27 34.06 -32.34
C ILE H 141 27.79 34.12 -32.71
N MET H 142 27.38 35.18 -33.39
CA MET H 142 26.00 35.40 -33.82
C MET H 142 26.00 35.75 -35.31
N SER H 143 25.33 34.95 -36.13
CA SER H 143 25.15 35.20 -37.55
C SER H 143 23.66 35.45 -37.77
N ALA H 144 23.29 36.72 -38.00
CA ALA H 144 21.89 37.12 -38.16
C ALA H 144 21.17 36.31 -39.24
N GLY H 145 20.03 35.76 -38.86
CA GLY H 145 19.19 34.95 -39.73
C GLY H 145 19.70 33.54 -39.98
N GLU H 146 20.88 33.18 -39.40
CA GLU H 146 21.51 31.90 -39.68
C GLU H 146 21.86 31.05 -38.48
N CYS H 147 22.64 31.58 -37.52
CA CYS H 147 23.11 30.78 -36.40
C CYS H 147 23.52 31.61 -35.20
N ARG H 148 23.25 31.10 -34.01
CA ARG H 148 23.65 31.70 -32.73
C ARG H 148 24.44 30.64 -31.96
N LEU H 149 25.65 30.97 -31.56
CA LEU H 149 26.46 30.07 -30.76
C LEU H 149 26.67 30.79 -29.49
N GLY H 150 26.02 30.31 -28.45
CA GLY H 150 26.12 30.92 -27.14
C GLY H 150 24.92 31.74 -26.75
N VAL H 151 25.10 32.54 -25.67
CA VAL H 151 24.05 33.39 -25.11
C VAL H 151 24.06 34.77 -25.74
N ILE H 152 25.10 35.08 -26.57
CA ILE H 152 25.22 36.35 -27.33
C ILE H 152 23.85 36.76 -27.94
N GLY H 153 23.44 38.00 -27.74
CA GLY H 153 22.17 38.51 -28.26
C GLY H 153 21.07 38.68 -27.24
N GLY H 154 21.25 38.13 -26.03
CA GLY H 154 20.32 38.22 -24.90
C GLY H 154 18.93 37.64 -25.09
N GLU H 155 17.92 38.31 -24.49
CA GLU H 155 16.49 37.90 -24.53
C GLU H 155 15.89 37.97 -25.95
N PHE H 156 14.80 37.19 -26.17
CA PHE H 156 14.13 37.08 -27.46
C PHE H 156 13.71 38.45 -28.05
N LYS H 157 13.19 39.36 -27.18
CA LYS H 157 12.80 40.73 -27.54
C LYS H 157 14.03 41.50 -28.15
N ASN H 158 15.25 41.21 -27.64
CA ASN H 158 16.46 41.82 -28.16
C ASN H 158 16.80 41.32 -29.55
N LEU H 159 16.58 40.02 -29.81
CA LEU H 159 16.83 39.45 -31.15
C LEU H 159 16.00 40.18 -32.20
N LYS H 160 14.76 40.55 -31.84
CA LYS H 160 13.81 41.27 -32.69
C LYS H 160 14.19 42.74 -32.85
N LEU H 161 14.58 43.42 -31.74
CA LEU H 161 15.02 44.82 -31.75
C LEU H 161 16.30 45.03 -32.57
N CYS H 162 17.21 44.05 -32.55
CA CYS H 162 18.49 44.13 -33.27
C CYS H 162 18.40 43.53 -34.68
N ASN H 163 17.17 43.12 -35.08
CA ASN H 163 16.85 42.54 -36.40
C ASN H 163 17.73 41.34 -36.75
N LEU H 164 17.99 40.50 -35.72
CA LEU H 164 18.88 39.35 -35.84
C LEU H 164 18.25 38.18 -36.60
N TYR H 165 17.05 38.37 -37.14
CA TYR H 165 16.34 37.38 -37.93
C TYR H 165 16.68 37.46 -39.43
N ARG H 166 17.57 38.38 -39.80
CA ARG H 166 17.99 38.55 -41.22
C ARG H 166 19.33 39.28 -41.31
N GLN H 167 20.14 38.98 -42.35
CA GLN H 167 21.45 39.59 -42.60
C GLN H 167 21.33 41.08 -42.91
N GLY H 168 22.23 41.86 -42.34
CA GLY H 168 22.40 43.29 -42.56
C GLY H 168 23.63 43.44 -43.43
N SER H 169 24.44 44.47 -43.17
CA SER H 169 25.66 44.69 -43.96
C SER H 169 26.91 44.92 -43.10
N PHE H 170 26.73 44.89 -41.77
CA PHE H 170 27.77 45.17 -40.82
C PHE H 170 28.29 43.96 -40.03
N GLY H 171 29.60 43.82 -39.96
CA GLY H 171 30.22 42.79 -39.15
C GLY H 171 30.57 43.40 -37.81
N VAL H 172 30.64 42.60 -36.76
CA VAL H 172 30.94 43.10 -35.41
C VAL H 172 32.06 42.26 -34.81
N LEU H 173 33.09 42.93 -34.30
CA LEU H 173 34.26 42.31 -33.67
C LEU H 173 34.52 43.00 -32.35
N THR H 174 34.34 42.31 -31.25
CA THR H 174 34.62 42.92 -29.94
C THR H 174 35.46 41.99 -29.11
N LYS H 175 36.12 42.53 -28.07
CA LYS H 175 36.84 41.73 -27.09
C LYS H 175 35.77 41.40 -26.02
N SER H 176 35.06 42.46 -25.56
CA SER H 176 33.99 42.48 -24.57
C SER H 176 32.68 41.82 -25.05
N GLY H 177 32.11 40.98 -24.19
CA GLY H 177 30.86 40.29 -24.44
C GLY H 177 29.66 41.23 -24.45
N GLY H 178 29.52 42.02 -23.38
CA GLY H 178 28.43 42.99 -23.23
C GLY H 178 28.38 44.01 -24.35
N LEU H 179 29.55 44.38 -24.90
CA LEU H 179 29.67 45.36 -25.98
C LEU H 179 29.34 44.82 -27.37
N SER H 180 29.32 43.49 -27.56
CA SER H 180 28.97 42.92 -28.87
C SER H 180 27.47 43.05 -29.09
N ASN H 181 26.69 42.97 -27.99
CA ASN H 181 25.26 43.19 -27.94
C ASN H 181 24.91 44.69 -28.17
N GLU H 182 25.71 45.61 -27.62
CA GLU H 182 25.55 47.05 -27.83
C GLU H 182 25.84 47.43 -29.29
N ALA H 183 26.90 46.84 -29.89
CA ALA H 183 27.28 47.10 -31.29
C ALA H 183 26.22 46.56 -32.24
N MET H 184 25.65 45.37 -31.95
CA MET H 184 24.58 44.77 -32.76
C MET H 184 23.37 45.69 -32.80
N TRP H 185 23.05 46.31 -31.64
CA TRP H 185 21.95 47.25 -31.50
C TRP H 185 22.23 48.52 -32.31
N LEU H 186 23.47 49.04 -32.22
CA LEU H 186 23.91 50.24 -32.92
C LEU H 186 23.82 50.08 -34.44
N CYS H 187 24.09 48.85 -34.97
CA CYS H 187 23.99 48.48 -36.40
C CYS H 187 22.54 48.39 -36.87
N ALA H 188 21.64 47.96 -35.98
CA ALA H 188 20.23 47.84 -36.26
C ALA H 188 19.61 49.24 -36.25
N GLN H 189 19.92 50.03 -35.19
CA GLN H 189 19.45 51.38 -34.96
C GLN H 189 19.93 52.43 -36.03
N ASN H 190 21.21 52.36 -36.47
CA ASN H 190 21.84 53.32 -37.38
C ASN H 190 22.22 52.80 -38.78
N GLY H 191 22.20 51.48 -38.94
CA GLY H 191 22.47 50.83 -40.22
C GLY H 191 21.32 49.92 -40.59
N ASP H 192 21.64 48.77 -41.18
CA ASP H 192 20.65 47.79 -41.59
C ASP H 192 20.84 46.47 -40.82
N GLY H 193 21.65 46.52 -39.77
CA GLY H 193 21.93 45.38 -38.94
C GLY H 193 23.26 44.71 -39.27
N ILE H 194 23.48 43.57 -38.62
CA ILE H 194 24.72 42.79 -38.73
C ILE H 194 24.62 41.59 -39.69
N THR H 195 25.81 41.10 -40.12
CA THR H 195 26.00 39.88 -40.89
C THR H 195 26.37 38.85 -39.81
N SER H 196 27.55 39.02 -39.17
CA SER H 196 28.06 38.23 -38.05
C SER H 196 28.65 39.12 -36.98
N ALA H 197 28.47 38.74 -35.69
CA ALA H 197 29.03 39.40 -34.52
C ALA H 197 29.90 38.36 -33.82
N VAL H 198 31.19 38.66 -33.60
CA VAL H 198 32.11 37.76 -32.93
C VAL H 198 32.72 38.46 -31.74
N ALA H 199 32.60 37.83 -30.57
CA ALA H 199 33.23 38.28 -29.33
C ALA H 199 34.51 37.41 -29.31
N ILE H 200 35.69 38.03 -29.46
CA ILE H 200 36.95 37.29 -29.53
C ILE H 200 37.46 36.88 -28.13
N GLY H 201 36.91 37.51 -27.09
CA GLY H 201 37.33 37.23 -25.72
C GLY H 201 38.18 38.34 -25.18
N GLY H 202 38.19 38.50 -23.86
CA GLY H 202 38.96 39.55 -23.20
C GLY H 202 40.29 39.11 -22.61
N ASP H 203 40.66 37.84 -22.85
CA ASP H 203 41.90 37.24 -22.37
C ASP H 203 43.11 37.77 -23.13
N ALA H 204 44.29 37.73 -22.48
CA ALA H 204 45.57 38.24 -23.02
C ALA H 204 45.89 37.63 -24.38
N TYR H 205 45.60 36.30 -24.52
CA TYR H 205 45.87 35.54 -25.72
C TYR H 205 44.62 34.86 -26.28
N PRO H 206 43.80 35.60 -27.10
CA PRO H 206 42.62 34.99 -27.74
C PRO H 206 43.06 33.98 -28.78
N GLY H 207 42.19 33.00 -29.05
CA GLY H 207 42.45 31.93 -30.01
C GLY H 207 42.66 32.45 -31.42
N THR H 208 41.86 33.44 -31.80
CA THR H 208 41.89 34.10 -33.12
C THR H 208 41.84 35.59 -32.87
N ASP H 209 42.77 36.33 -33.51
CA ASP H 209 42.88 37.78 -33.40
C ASP H 209 41.91 38.48 -34.35
N PHE H 210 41.86 39.82 -34.30
CA PHE H 210 41.06 40.67 -35.17
C PHE H 210 41.35 40.50 -36.69
N VAL H 211 42.63 40.48 -37.14
CA VAL H 211 43.00 40.35 -38.58
C VAL H 211 42.44 39.06 -39.19
N THR H 212 42.53 37.92 -38.44
CA THR H 212 42.02 36.61 -38.86
C THR H 212 40.53 36.75 -39.23
N TYR H 213 39.75 37.46 -38.39
CA TYR H 213 38.34 37.71 -38.61
C TYR H 213 38.06 38.72 -39.72
N LEU H 214 38.85 39.82 -39.79
CA LEU H 214 38.73 40.84 -40.84
C LEU H 214 38.98 40.25 -42.24
N GLU H 215 39.94 39.30 -42.36
CA GLU H 215 40.24 38.58 -43.60
C GLU H 215 38.99 37.80 -44.06
N MET H 216 38.30 37.13 -43.11
CA MET H 216 37.07 36.37 -43.32
C MET H 216 35.92 37.28 -43.74
N PHE H 217 35.80 38.46 -43.09
CA PHE H 217 34.77 39.45 -43.40
C PHE H 217 34.99 40.04 -44.78
N GLU H 218 36.28 40.24 -45.17
CA GLU H 218 36.69 40.76 -46.48
C GLU H 218 36.22 39.83 -47.63
N LYS H 219 36.24 38.50 -47.37
CA LYS H 219 35.77 37.46 -48.29
C LYS H 219 34.23 37.24 -48.24
N ASP H 220 33.52 37.74 -47.20
CA ASP H 220 32.06 37.60 -47.10
C ASP H 220 31.40 38.70 -47.93
N PRO H 221 30.74 38.37 -49.08
CA PRO H 221 30.14 39.42 -49.91
C PRO H 221 29.10 40.30 -49.22
N ALA H 222 28.36 39.71 -48.22
CA ALA H 222 27.31 40.38 -47.45
C ALA H 222 27.84 41.49 -46.55
N THR H 223 29.08 41.31 -46.00
CA THR H 223 29.71 42.28 -45.11
C THR H 223 30.35 43.39 -45.92
N LYS H 224 29.89 44.63 -45.71
CA LYS H 224 30.38 45.80 -46.43
C LYS H 224 31.22 46.69 -45.51
N ALA H 225 31.02 46.56 -44.17
CA ALA H 225 31.71 47.31 -43.12
C ALA H 225 31.83 46.45 -41.87
N VAL H 226 32.85 46.74 -41.03
CA VAL H 226 33.07 46.04 -39.76
C VAL H 226 33.21 47.04 -38.62
N VAL H 227 32.45 46.83 -37.53
CA VAL H 227 32.52 47.64 -36.31
C VAL H 227 33.41 46.85 -35.35
N MET H 228 34.59 47.35 -35.09
CA MET H 228 35.55 46.71 -34.21
C MET H 228 35.67 47.49 -32.90
N ILE H 229 35.39 46.84 -31.77
CA ILE H 229 35.46 47.46 -30.45
C ILE H 229 36.58 46.80 -29.64
N GLY H 230 37.69 47.52 -29.53
CA GLY H 230 38.85 47.09 -28.79
C GLY H 230 39.08 47.83 -27.49
N GLU H 231 40.17 47.51 -26.82
CA GLU H 231 40.54 48.09 -25.54
C GLU H 231 42.05 48.13 -25.44
N VAL H 232 42.57 48.95 -24.50
CA VAL H 232 43.99 49.12 -24.19
C VAL H 232 44.53 47.76 -23.71
N GLY H 233 45.76 47.44 -24.12
CA GLY H 233 46.39 46.17 -23.78
C GLY H 233 46.60 45.28 -24.97
N GLY H 234 47.84 44.84 -25.12
CA GLY H 234 48.29 43.99 -26.21
C GLY H 234 48.30 44.71 -27.53
N ASN H 235 48.50 43.94 -28.59
CA ASN H 235 48.42 44.50 -29.92
C ASN H 235 47.72 43.51 -30.82
N LEU H 236 46.39 43.75 -30.99
CA LEU H 236 45.46 43.03 -31.85
C LEU H 236 44.90 44.08 -32.80
N GLU H 237 44.75 45.33 -32.28
CA GLU H 237 44.19 46.48 -33.00
C GLU H 237 45.21 47.14 -33.93
N GLU H 238 46.50 47.13 -33.54
CA GLU H 238 47.58 47.72 -34.34
C GLU H 238 47.81 46.87 -35.60
N GLU H 239 47.70 45.53 -35.46
CA GLU H 239 47.86 44.56 -36.55
C GLU H 239 46.69 44.71 -37.50
N ALA H 240 45.51 45.04 -36.95
CA ALA H 240 44.31 45.28 -37.75
C ALA H 240 44.53 46.54 -38.61
N ALA H 241 45.16 47.58 -38.04
CA ALA H 241 45.48 48.82 -38.74
C ALA H 241 46.51 48.53 -39.83
N GLU H 242 47.48 47.64 -39.54
CA GLU H 242 48.51 47.15 -40.45
C GLU H 242 47.82 46.42 -41.64
N TRP H 243 46.88 45.50 -41.33
CA TRP H 243 46.09 44.75 -42.33
C TRP H 243 45.34 45.70 -43.28
N LEU H 244 44.67 46.73 -42.71
CA LEU H 244 43.88 47.71 -43.45
C LEU H 244 44.73 48.59 -44.36
N ALA H 245 45.93 49.00 -43.88
CA ALA H 245 46.87 49.86 -44.62
C ALA H 245 47.59 49.14 -45.76
N ALA H 246 47.92 47.85 -45.54
CA ALA H 246 48.67 46.95 -46.44
C ALA H 246 48.19 46.92 -47.90
N GLU H 247 46.85 46.89 -48.11
CA GLU H 247 46.22 46.77 -49.43
C GLU H 247 44.89 47.54 -49.49
N PRO H 248 44.36 47.87 -50.71
CA PRO H 248 43.02 48.47 -50.77
C PRO H 248 41.98 47.38 -50.46
N ARG H 249 41.30 47.53 -49.32
CA ARG H 249 40.30 46.57 -48.83
C ARG H 249 38.87 47.03 -49.16
N ARG H 250 37.98 46.06 -49.46
CA ARG H 250 36.56 46.26 -49.82
C ARG H 250 35.72 46.72 -48.62
N ILE H 251 35.97 46.13 -47.46
CA ILE H 251 35.24 46.48 -46.25
C ILE H 251 35.79 47.75 -45.63
N LYS H 252 34.90 48.56 -45.05
CA LYS H 252 35.19 49.76 -44.31
C LYS H 252 35.35 49.30 -42.83
N LEU H 253 36.24 49.95 -42.09
CA LEU H 253 36.46 49.59 -40.70
C LEU H 253 36.07 50.76 -39.81
N ILE H 254 35.17 50.53 -38.85
CA ILE H 254 34.72 51.51 -37.85
C ILE H 254 35.29 50.99 -36.54
N ALA H 255 36.07 51.81 -35.82
CA ALA H 255 36.70 51.34 -34.60
C ALA H 255 36.59 52.27 -33.42
N ALA H 256 36.34 51.70 -32.23
CA ALA H 256 36.28 52.39 -30.95
C ALA H 256 37.21 51.64 -30.00
N ILE H 257 38.14 52.35 -29.36
CA ILE H 257 39.13 51.77 -28.44
C ILE H 257 38.91 52.33 -27.04
N GLY H 258 38.58 51.45 -26.11
CA GLY H 258 38.37 51.80 -24.72
C GLY H 258 39.70 51.89 -24.01
N GLY H 259 39.80 52.78 -23.03
CA GLY H 259 41.03 52.94 -22.27
C GLY H 259 41.78 54.24 -22.43
N THR H 260 41.06 55.34 -22.69
CA THR H 260 41.65 56.67 -22.79
C THR H 260 41.87 57.25 -21.38
N CYS H 261 41.83 56.38 -20.34
CA CYS H 261 42.08 56.69 -18.93
C CYS H 261 43.61 56.70 -18.77
N GLN H 262 44.23 57.75 -19.32
CA GLN H 262 45.67 57.98 -19.29
C GLN H 262 45.98 58.97 -18.14
N GLU H 263 45.13 58.93 -17.10
CA GLU H 263 45.23 59.78 -15.90
C GLU H 263 45.53 58.90 -14.69
N VAL H 264 45.01 57.65 -14.71
CA VAL H 264 45.18 56.63 -13.68
C VAL H 264 46.39 55.71 -13.98
N LEU H 265 47.06 55.22 -12.91
CA LEU H 265 48.21 54.32 -13.03
C LEU H 265 47.76 52.90 -13.40
N LYS H 281 57.34 52.43 -21.96
CA LYS H 281 56.31 53.22 -22.63
C LYS H 281 55.04 52.40 -22.91
N GLY H 282 53.95 53.11 -23.19
CA GLY H 282 52.66 52.52 -23.45
C GLY H 282 52.41 52.22 -24.92
N ALA H 283 53.00 51.11 -25.42
CA ALA H 283 52.89 50.65 -26.82
C ALA H 283 51.47 50.25 -27.23
N GLY H 284 50.69 49.78 -26.25
CA GLY H 284 49.32 49.32 -26.44
C GLY H 284 48.27 50.28 -25.89
N SER H 285 48.57 51.60 -25.87
CA SER H 285 47.67 52.65 -25.38
C SER H 285 46.50 52.88 -26.34
N ALA H 286 45.31 53.25 -25.81
CA ALA H 286 44.09 53.53 -26.57
C ALA H 286 44.27 54.58 -27.67
N ARG H 287 44.95 55.72 -27.34
CA ARG H 287 45.23 56.82 -28.25
C ARG H 287 46.15 56.39 -29.40
N SER H 288 47.17 55.54 -29.11
CA SER H 288 48.08 55.01 -30.16
C SER H 288 47.30 54.12 -31.15
N LYS H 289 46.38 53.26 -30.65
CA LYS H 289 45.54 52.37 -31.46
C LYS H 289 44.62 53.19 -32.37
N MET H 290 43.98 54.22 -31.79
CA MET H 290 43.09 55.14 -32.49
C MET H 290 43.86 55.84 -33.60
N ASN H 291 45.09 56.30 -33.33
CA ASN H 291 45.93 56.98 -34.34
C ASN H 291 46.33 56.01 -35.45
N ALA H 292 46.79 54.79 -35.08
CA ALA H 292 47.20 53.73 -36.02
C ALA H 292 46.04 53.37 -36.97
N LEU H 293 44.83 53.17 -36.40
CA LEU H 293 43.63 52.87 -37.17
C LEU H 293 43.16 54.06 -38.03
N ARG H 294 43.12 55.27 -37.44
CA ARG H 294 42.73 56.52 -38.12
C ARG H 294 43.62 56.75 -39.33
N ASP H 295 44.96 56.54 -39.16
CA ASP H 295 45.98 56.70 -40.21
C ASP H 295 45.80 55.67 -41.34
N ALA H 296 45.38 54.44 -40.97
CA ALA H 296 45.14 53.31 -41.87
C ALA H 296 43.84 53.46 -42.70
N GLY H 297 43.02 54.46 -42.35
CA GLY H 297 41.78 54.76 -43.05
C GLY H 297 40.49 54.29 -42.37
N ALA H 298 40.56 53.88 -41.09
CA ALA H 298 39.39 53.45 -40.33
C ALA H 298 38.59 54.67 -39.81
N TYR H 299 37.27 54.49 -39.60
CA TYR H 299 36.36 55.49 -39.03
C TYR H 299 36.46 55.36 -37.51
N VAL H 300 37.22 56.27 -36.86
CA VAL H 300 37.44 56.20 -35.42
C VAL H 300 36.78 57.38 -34.67
N PRO H 301 35.67 57.18 -33.92
CA PRO H 301 35.07 58.31 -33.19
C PRO H 301 35.88 58.66 -31.93
N ASP H 302 35.72 59.92 -31.45
CA ASP H 302 36.39 60.41 -30.24
C ASP H 302 35.87 59.72 -28.97
N THR H 303 34.56 59.41 -28.93
CA THR H 303 33.90 58.72 -27.82
C THR H 303 33.06 57.55 -28.38
N PHE H 304 32.53 56.69 -27.49
CA PHE H 304 31.68 55.58 -27.87
C PHE H 304 30.36 56.10 -28.46
N GLY H 305 29.96 57.31 -28.04
CA GLY H 305 28.73 57.96 -28.51
C GLY H 305 28.77 58.29 -30.00
N GLY H 306 29.96 58.60 -30.50
CA GLY H 306 30.19 58.94 -31.90
C GLY H 306 30.12 57.75 -32.84
N LEU H 307 30.15 56.54 -32.29
CA LEU H 307 30.08 55.27 -33.02
C LEU H 307 28.77 55.12 -33.81
N SER H 308 27.63 55.58 -33.25
CA SER H 308 26.32 55.58 -33.91
C SER H 308 26.35 56.48 -35.17
N LYS H 309 27.05 57.61 -35.07
CA LYS H 309 27.22 58.57 -36.14
C LYS H 309 28.12 58.01 -37.25
N GLU H 310 29.16 57.20 -36.88
CA GLU H 310 30.07 56.60 -37.85
C GLU H 310 29.36 55.51 -38.66
N ILE H 311 28.46 54.75 -37.98
CA ILE H 311 27.64 53.70 -38.59
C ILE H 311 26.64 54.35 -39.57
N LYS H 312 25.99 55.47 -39.18
CA LYS H 312 25.04 56.18 -40.04
C LYS H 312 25.74 56.73 -41.28
N LYS H 313 26.99 57.23 -41.11
CA LYS H 313 27.87 57.76 -42.15
C LYS H 313 28.15 56.69 -43.21
N VAL H 314 28.64 55.52 -42.78
CA VAL H 314 29.00 54.38 -43.62
C VAL H 314 27.75 53.82 -44.33
N TYR H 315 26.63 53.71 -43.60
CA TYR H 315 25.36 53.23 -44.13
C TYR H 315 24.85 54.14 -45.27
N GLU H 316 24.73 55.46 -44.99
CA GLU H 316 24.27 56.42 -45.97
C GLU H 316 25.20 56.44 -47.19
N GLU H 317 26.50 56.14 -46.97
CA GLU H 317 27.57 56.06 -47.98
C GLU H 317 27.45 54.83 -48.87
N LEU H 318 27.11 53.67 -48.28
CA LEU H 318 26.96 52.42 -49.04
C LEU H 318 25.69 52.40 -49.87
N ILE H 319 24.58 53.06 -49.41
CA ILE H 319 23.34 53.13 -50.19
C ILE H 319 23.58 54.03 -51.40
N ALA H 320 24.27 55.18 -51.18
CA ALA H 320 24.65 56.15 -52.20
C ALA H 320 25.49 55.46 -53.30
N ALA H 321 26.48 54.63 -52.88
CA ALA H 321 27.36 53.84 -53.78
C ALA H 321 26.66 52.57 -54.32
N GLY H 322 25.36 52.42 -54.02
CA GLY H 322 24.52 51.31 -54.47
C GLY H 322 25.00 49.93 -54.05
N GLU H 323 25.36 49.76 -52.77
CA GLU H 323 25.83 48.50 -52.22
C GLU H 323 24.81 47.92 -51.25
N ILE H 324 23.90 48.79 -50.75
CA ILE H 324 22.81 48.46 -49.84
C ILE H 324 21.49 48.87 -50.50
N SER H 325 20.46 48.02 -50.33
CA SER H 325 19.11 48.27 -50.81
C SER H 325 18.23 48.67 -49.63
N THR H 326 17.43 49.75 -49.80
CA THR H 326 16.53 50.26 -48.78
C THR H 326 15.20 49.49 -48.81
N GLU H 327 15.26 48.18 -48.48
CA GLU H 327 14.11 47.28 -48.45
C GLU H 327 13.65 47.10 -47.00
N ILE H 328 12.58 47.83 -46.63
CA ILE H 328 11.99 47.85 -45.27
C ILE H 328 11.58 46.44 -44.81
N ASP H 329 11.72 46.19 -43.49
CA ASP H 329 11.47 44.92 -42.80
C ASP H 329 9.98 44.47 -42.84
N GLU H 330 9.50 44.13 -44.05
CA GLU H 330 8.13 43.66 -44.30
C GLU H 330 8.02 42.14 -44.08
N ALA H 331 8.40 41.68 -42.87
CA ALA H 331 8.38 40.27 -42.50
C ALA H 331 7.51 40.00 -41.28
N VAL H 332 6.68 38.94 -41.33
CA VAL H 332 5.82 38.48 -40.24
C VAL H 332 6.63 37.54 -39.34
N LEU H 333 7.04 38.09 -38.18
CA LEU H 333 7.91 37.42 -37.22
C LEU H 333 7.23 36.50 -36.22
N PRO H 334 7.84 35.32 -35.94
CA PRO H 334 7.26 34.44 -34.91
C PRO H 334 7.37 35.08 -33.54
N GLU H 335 6.44 34.78 -32.67
CA GLU H 335 6.53 35.27 -31.30
C GLU H 335 6.64 34.06 -30.36
N LEU H 336 7.43 34.17 -29.30
CA LEU H 336 7.60 33.05 -28.39
C LEU H 336 6.28 32.69 -27.80
N PRO H 337 5.94 31.38 -27.74
CA PRO H 337 4.67 30.97 -27.13
C PRO H 337 4.72 31.21 -25.62
N PRO H 338 3.65 31.77 -25.04
CA PRO H 338 3.63 31.99 -23.57
C PRO H 338 3.50 30.65 -22.82
N ARG H 339 3.77 30.66 -21.49
CA ARG H 339 3.56 29.47 -20.65
C ARG H 339 2.06 29.31 -20.46
N VAL H 340 1.58 28.08 -20.31
CA VAL H 340 0.16 27.73 -20.16
C VAL H 340 -0.54 28.58 -19.06
N GLN H 341 0.12 28.81 -17.91
CA GLN H 341 -0.39 29.64 -16.81
C GLN H 341 -0.66 31.09 -17.21
N GLU H 342 0.19 31.68 -18.06
CA GLU H 342 0.01 33.05 -18.54
C GLU H 342 -1.28 33.15 -19.35
N VAL H 343 -1.45 32.25 -20.34
CA VAL H 343 -2.60 32.19 -21.24
C VAL H 343 -3.89 31.94 -20.45
N MET H 344 -3.80 31.13 -19.39
CA MET H 344 -4.90 30.81 -18.49
C MET H 344 -5.36 32.02 -17.70
N LYS H 345 -4.41 32.77 -17.10
CA LYS H 345 -4.65 33.99 -16.33
C LYS H 345 -5.48 34.97 -17.19
N GLN H 346 -5.10 35.12 -18.49
CA GLN H 346 -5.80 35.93 -19.49
C GLN H 346 -7.10 35.29 -20.02
N GLY H 347 -7.35 34.02 -19.67
CA GLY H 347 -8.51 33.23 -20.10
C GLY H 347 -8.56 32.98 -21.59
N GLU H 348 -7.38 32.89 -22.22
CA GLU H 348 -7.22 32.73 -23.67
C GLU H 348 -7.06 31.25 -24.07
N VAL H 349 -7.04 30.33 -23.08
CA VAL H 349 -6.95 28.89 -23.28
C VAL H 349 -7.85 28.15 -22.29
N ILE H 350 -8.37 26.97 -22.68
CA ILE H 350 -9.17 26.13 -21.80
C ILE H 350 -8.31 24.98 -21.29
N VAL H 351 -8.13 24.90 -19.97
CA VAL H 351 -7.39 23.82 -19.33
C VAL H 351 -8.39 23.10 -18.42
N GLU H 352 -8.76 21.86 -18.79
CA GLU H 352 -9.66 21.01 -18.02
C GLU H 352 -8.84 20.52 -16.84
N PRO H 353 -9.26 20.77 -15.60
CA PRO H 353 -8.45 20.33 -14.45
C PRO H 353 -8.32 18.81 -14.40
N LEU H 354 -7.21 18.33 -13.87
CA LEU H 354 -6.97 16.91 -13.74
C LEU H 354 -7.78 16.37 -12.55
N ILE H 355 -7.88 17.15 -11.46
CA ILE H 355 -8.65 16.80 -10.28
C ILE H 355 -9.42 18.02 -9.73
N ARG H 356 -10.51 17.77 -8.98
CA ARG H 356 -11.29 18.76 -8.28
C ARG H 356 -11.26 18.40 -6.80
N THR H 357 -10.98 19.38 -5.95
CA THR H 357 -10.97 19.22 -4.50
C THR H 357 -12.01 20.16 -3.90
N THR H 358 -12.71 19.74 -2.87
CA THR H 358 -13.70 20.60 -2.25
C THR H 358 -13.43 20.77 -0.72
N ILE H 359 -12.42 20.06 -0.15
CA ILE H 359 -12.26 19.97 1.32
C ILE H 359 -11.19 20.85 1.93
N SER H 360 -10.12 21.15 1.19
CA SER H 360 -9.09 22.00 1.74
C SER H 360 -8.38 22.81 0.68
N ASP H 361 -7.88 23.97 1.09
CA ASP H 361 -7.14 24.93 0.28
C ASP H 361 -5.83 25.25 1.01
N ASP H 362 -4.72 24.90 0.37
CA ASP H 362 -3.37 25.09 0.86
C ASP H 362 -2.71 26.34 0.29
N ARG H 363 -3.33 27.00 -0.72
CA ARG H 363 -2.81 28.16 -1.46
C ARG H 363 -2.53 29.42 -0.66
N GLY H 364 -3.11 29.59 0.53
CA GLY H 364 -2.87 30.75 1.39
C GLY H 364 -1.68 30.56 2.30
N GLU H 365 -1.62 31.35 3.39
CA GLU H 365 -0.48 31.29 4.34
C GLU H 365 -0.49 30.00 5.15
N GLU H 366 -1.68 29.43 5.34
CA GLU H 366 -1.92 28.17 6.01
C GLU H 366 -3.13 27.45 5.41
N PRO H 367 -3.29 26.12 5.59
CA PRO H 367 -4.47 25.47 5.02
C PRO H 367 -5.80 25.90 5.66
N ARG H 368 -6.83 25.91 4.83
CA ARG H 368 -8.18 26.17 5.24
C ARG H 368 -8.93 24.86 5.10
N TYR H 369 -9.45 24.32 6.23
CA TYR H 369 -10.20 23.05 6.20
C TYR H 369 -11.65 23.44 6.19
N ALA H 370 -12.37 23.15 5.09
CA ALA H 370 -13.80 23.52 4.92
C ALA H 370 -14.06 25.04 5.18
N GLY H 371 -13.12 25.87 4.74
CA GLY H 371 -13.20 27.32 4.87
C GLY H 371 -12.55 27.91 6.10
N TYR H 372 -12.23 27.09 7.10
CA TYR H 372 -11.64 27.53 8.37
C TYR H 372 -10.10 27.39 8.42
N ALA H 373 -9.39 28.47 8.85
CA ALA H 373 -7.93 28.42 8.97
C ALA H 373 -7.52 27.44 10.08
N ALA H 374 -6.58 26.52 9.76
CA ALA H 374 -6.09 25.50 10.70
C ALA H 374 -5.65 26.04 12.09
N SER H 375 -4.85 27.13 12.11
CA SER H 375 -4.32 27.71 13.36
C SER H 375 -5.39 28.43 14.17
N GLU H 376 -6.42 28.99 13.47
CA GLU H 376 -7.54 29.67 14.07
C GLU H 376 -8.35 28.63 14.86
N LEU H 377 -8.43 27.36 14.36
CA LEU H 377 -9.12 26.29 15.06
C LEU H 377 -8.40 25.94 16.35
N CYS H 378 -7.06 25.88 16.31
CA CYS H 378 -6.19 25.60 17.48
C CYS H 378 -6.39 26.67 18.56
N SER H 379 -6.21 27.96 18.20
CA SER H 379 -6.39 29.14 19.06
C SER H 379 -7.75 29.18 19.77
N LYS H 380 -8.84 28.86 19.06
CA LYS H 380 -10.19 28.97 19.60
C LYS H 380 -10.61 27.72 20.40
N GLY H 381 -9.65 26.84 20.66
CA GLY H 381 -9.83 25.66 21.49
C GLY H 381 -10.45 24.41 20.90
N TYR H 382 -10.39 24.25 19.57
CA TYR H 382 -10.93 23.07 18.92
C TYR H 382 -9.92 21.94 19.00
N GLY H 383 -10.35 20.72 18.72
CA GLY H 383 -9.45 19.57 18.80
C GLY H 383 -9.34 18.76 17.53
N ILE H 384 -8.73 17.59 17.65
CA ILE H 384 -8.53 16.68 16.53
C ILE H 384 -9.89 16.23 16.01
N GLU H 385 -10.81 15.93 16.94
CA GLU H 385 -12.15 15.46 16.57
C GLU H 385 -12.90 16.48 15.71
N ASP H 386 -12.62 17.77 15.92
CA ASP H 386 -13.23 18.87 15.17
C ASP H 386 -12.63 18.97 13.76
N VAL H 387 -11.33 18.65 13.62
CA VAL H 387 -10.64 18.63 12.33
C VAL H 387 -11.12 17.42 11.50
N ILE H 388 -11.42 16.30 12.17
CA ILE H 388 -11.96 15.10 11.53
C ILE H 388 -13.32 15.47 10.87
N GLY H 389 -14.23 16.11 11.63
CA GLY H 389 -15.52 16.56 11.14
C GLY H 389 -15.41 17.54 9.98
N LEU H 390 -14.49 18.48 10.06
CA LEU H 390 -14.30 19.45 8.98
C LEU H 390 -13.82 18.80 7.68
N LEU H 391 -12.78 17.96 7.75
CA LEU H 391 -12.20 17.35 6.57
C LEU H 391 -13.06 16.24 5.98
N TRP H 392 -13.88 15.55 6.82
CA TRP H 392 -14.71 14.46 6.33
C TRP H 392 -16.18 14.81 6.09
N ASN H 393 -16.73 15.86 6.76
CA ASN H 393 -18.15 16.22 6.55
C ASN H 393 -18.29 17.63 6.04
N LYS H 394 -17.20 18.43 6.04
CA LYS H 394 -17.21 19.84 5.61
C LYS H 394 -18.09 20.75 6.53
N LYS H 395 -18.29 20.32 7.78
CA LYS H 395 -19.10 20.98 8.82
C LYS H 395 -18.36 20.81 10.13
N LEU H 396 -18.30 21.88 10.92
CA LEU H 396 -17.71 21.89 12.26
C LEU H 396 -18.67 21.05 13.12
N PRO H 397 -18.20 20.03 13.87
CA PRO H 397 -19.15 19.22 14.64
C PRO H 397 -19.71 19.95 15.85
N THR H 398 -20.86 19.46 16.33
CA THR H 398 -21.56 19.83 17.53
C THR H 398 -20.73 19.30 18.70
N ARG H 399 -20.86 19.87 19.90
CA ARG H 399 -20.18 19.34 21.08
C ARG H 399 -20.53 17.88 21.31
N GLU H 400 -21.76 17.46 21.03
CA GLU H 400 -22.21 16.08 21.15
C GLU H 400 -21.56 15.16 20.12
N GLU H 401 -21.56 15.55 18.81
CA GLU H 401 -20.92 14.76 17.74
C GLU H 401 -19.45 14.64 18.07
N SER H 402 -18.82 15.75 18.43
CA SER H 402 -17.41 15.81 18.81
C SER H 402 -17.04 14.81 19.92
N GLU H 403 -17.85 14.75 20.99
CA GLU H 403 -17.66 13.87 22.15
C GLU H 403 -17.79 12.40 21.79
N ILE H 404 -18.61 12.08 20.77
CA ILE H 404 -18.81 10.72 20.26
C ILE H 404 -17.64 10.33 19.35
N ILE H 405 -17.19 11.23 18.41
CA ILE H 405 -16.03 11.02 17.54
C ILE H 405 -14.81 10.75 18.44
N LYS H 406 -14.58 11.56 19.48
CA LYS H 406 -13.47 11.41 20.42
C LYS H 406 -13.44 10.00 21.04
N ARG H 407 -14.56 9.49 21.53
CA ARG H 407 -14.67 8.18 22.17
C ARG H 407 -14.50 7.01 21.22
N ILE H 408 -15.06 7.11 20.01
CA ILE H 408 -14.92 6.10 18.95
C ILE H 408 -13.43 5.99 18.63
N VAL H 409 -12.75 7.10 18.39
CA VAL H 409 -11.32 7.05 18.06
C VAL H 409 -10.50 6.46 19.22
N MET H 410 -10.74 6.88 20.43
CA MET H 410 -10.01 6.36 21.59
C MET H 410 -10.27 4.93 21.87
N ILE H 411 -11.52 4.48 21.74
CA ILE H 411 -11.90 3.11 22.06
C ILE H 411 -11.33 2.09 21.05
N SER H 412 -11.20 2.50 19.78
CA SER H 412 -10.78 1.66 18.65
C SER H 412 -9.30 1.74 18.32
N ALA H 413 -8.53 2.63 19.01
CA ALA H 413 -7.09 2.91 18.79
C ALA H 413 -6.24 1.69 18.67
N ASP H 414 -6.41 0.70 19.57
CA ASP H 414 -5.65 -0.54 19.47
C ASP H 414 -6.37 -1.70 20.11
N HIS H 415 -6.18 -2.92 19.61
CA HIS H 415 -6.73 -4.15 20.17
C HIS H 415 -5.69 -5.29 20.17
N GLY H 416 -4.47 -4.93 20.58
CA GLY H 416 -3.36 -5.85 20.70
C GLY H 416 -2.67 -6.18 19.40
N PRO H 417 -1.62 -7.06 19.48
CA PRO H 417 -0.84 -7.41 18.28
C PRO H 417 -1.34 -8.57 17.41
N ALA H 418 -2.30 -9.38 17.89
CA ALA H 418 -2.82 -10.55 17.20
C ALA H 418 -3.66 -10.24 15.95
N VAL H 419 -4.26 -9.06 15.88
CA VAL H 419 -5.18 -8.67 14.79
C VAL H 419 -4.40 -8.35 13.48
N SER H 420 -4.97 -8.70 12.34
CA SER H 420 -4.35 -8.56 11.00
C SER H 420 -3.61 -7.25 10.74
N GLY H 421 -4.23 -6.12 11.03
CA GLY H 421 -3.63 -4.81 10.83
C GLY H 421 -2.40 -4.61 11.66
N ALA H 422 -2.51 -4.82 12.99
CA ALA H 422 -1.39 -4.68 13.92
C ALA H 422 -0.28 -5.65 13.55
N PHE H 423 -0.64 -6.91 13.27
CA PHE H 423 0.31 -7.95 12.91
C PHE H 423 1.05 -7.62 11.60
N GLY H 424 0.34 -7.08 10.61
CA GLY H 424 0.92 -6.60 9.36
C GLY H 424 1.98 -5.55 9.60
N SER H 425 1.70 -4.54 10.48
CA SER H 425 2.67 -3.50 10.89
C SER H 425 3.85 -4.09 11.61
N ILE H 426 3.62 -5.08 12.53
CA ILE H 426 4.68 -5.74 13.29
C ILE H 426 5.61 -6.52 12.32
N LEU H 427 5.04 -7.27 11.37
CA LEU H 427 5.75 -8.00 10.34
C LEU H 427 6.63 -7.08 9.57
N ALA H 428 6.11 -5.94 9.11
CA ALA H 428 6.88 -4.98 8.34
C ALA H 428 7.89 -4.24 9.20
N ALA H 429 7.61 -4.04 10.51
CA ALA H 429 8.53 -3.37 11.47
C ALA H 429 9.73 -4.20 11.64
N CYS H 430 9.53 -5.54 11.75
CA CYS H 430 10.57 -6.55 11.92
C CYS H 430 11.34 -6.85 10.65
N ALA H 431 10.77 -6.56 9.47
CA ALA H 431 11.40 -6.73 8.15
C ALA H 431 12.25 -5.52 7.85
N GLY H 432 12.30 -4.58 8.81
CA GLY H 432 13.11 -3.37 8.75
C GLY H 432 12.59 -2.27 7.86
N ILE H 433 11.26 -2.22 7.65
CA ILE H 433 10.58 -1.25 6.81
C ILE H 433 10.26 -0.02 7.66
N ASP H 434 10.30 1.17 7.03
CA ASP H 434 10.02 2.45 7.67
C ASP H 434 8.60 2.55 8.03
N MET H 435 8.34 3.37 9.04
CA MET H 435 7.00 3.50 9.59
C MET H 435 5.90 3.78 8.58
N PRO H 436 5.95 4.80 7.69
CA PRO H 436 4.77 5.04 6.82
C PRO H 436 4.42 3.84 5.95
N GLN H 437 5.45 3.11 5.45
CA GLN H 437 5.31 1.94 4.61
C GLN H 437 4.84 0.72 5.40
N ALA H 438 5.42 0.46 6.60
CA ALA H 438 5.00 -0.58 7.55
C ALA H 438 3.52 -0.43 7.87
N VAL H 439 3.09 0.77 8.27
CA VAL H 439 1.70 1.05 8.66
C VAL H 439 0.77 0.91 7.46
N SER H 440 1.22 1.27 6.25
CA SER H 440 0.40 1.10 5.07
C SER H 440 0.07 -0.39 4.83
N ALA H 441 1.05 -1.33 5.04
CA ALA H 441 0.83 -2.78 4.96
C ALA H 441 -0.26 -3.29 5.94
N GLY H 442 -0.25 -2.77 7.18
CA GLY H 442 -1.24 -3.07 8.20
C GLY H 442 -2.60 -2.53 7.81
N MET H 443 -2.60 -1.30 7.27
CA MET H 443 -3.85 -0.66 6.85
C MET H 443 -4.51 -1.37 5.67
N THR H 444 -3.74 -2.06 4.84
CA THR H 444 -4.25 -2.84 3.73
C THR H 444 -5.13 -4.00 4.23
N MET H 445 -4.93 -4.48 5.44
CA MET H 445 -5.69 -5.56 6.05
C MET H 445 -7.11 -5.16 6.42
N ILE H 446 -7.37 -3.85 6.62
CA ILE H 446 -8.70 -3.32 6.97
C ILE H 446 -9.64 -3.51 5.79
N GLY H 447 -10.61 -4.37 6.01
CA GLY H 447 -11.56 -4.72 4.96
C GLY H 447 -12.76 -5.42 5.51
N PRO H 448 -13.41 -6.27 4.70
CA PRO H 448 -14.67 -6.91 5.13
C PRO H 448 -14.63 -7.75 6.39
N ARG H 449 -13.51 -8.38 6.67
CA ARG H 449 -13.32 -9.24 7.83
C ARG H 449 -12.66 -8.58 8.99
N PHE H 450 -11.84 -7.55 8.78
CA PHE H 450 -11.19 -6.88 9.89
C PHE H 450 -11.39 -5.35 9.86
N GLY H 451 -12.14 -4.83 10.80
CA GLY H 451 -12.37 -3.41 10.96
C GLY H 451 -13.04 -2.60 9.85
N GLY H 452 -13.14 -3.13 8.65
CA GLY H 452 -13.69 -2.36 7.53
C GLY H 452 -15.11 -2.68 7.17
N ALA H 453 -15.92 -3.14 8.14
CA ALA H 453 -17.35 -3.42 7.95
C ALA H 453 -18.18 -2.31 8.53
N VAL H 454 -17.56 -1.18 8.95
CA VAL H 454 -18.24 -0.01 9.50
C VAL H 454 -19.27 0.53 8.50
N THR H 455 -18.86 0.82 7.24
CA THR H 455 -19.74 1.33 6.22
C THR H 455 -20.92 0.38 5.95
N ASN H 456 -20.64 -0.89 5.66
CA ASN H 456 -21.69 -1.88 5.36
C ASN H 456 -22.61 -2.14 6.52
N ALA H 457 -22.10 -2.12 7.77
CA ALA H 457 -22.94 -2.28 8.95
C ALA H 457 -23.96 -1.16 8.99
N GLY H 458 -23.50 0.08 8.78
CA GLY H 458 -24.35 1.28 8.70
C GLY H 458 -25.41 1.15 7.63
N LYS H 459 -25.01 0.80 6.38
CA LYS H 459 -25.92 0.62 5.25
C LYS H 459 -27.02 -0.40 5.47
N TYR H 460 -26.64 -1.61 5.89
CA TYR H 460 -27.56 -2.72 6.06
C TYR H 460 -28.44 -2.59 7.24
N PHE H 461 -27.94 -1.97 8.34
CA PHE H 461 -28.81 -1.75 9.49
C PHE H 461 -29.81 -0.62 9.23
N LYS H 462 -29.42 0.43 8.46
CA LYS H 462 -30.35 1.48 8.03
C LYS H 462 -31.45 0.87 7.14
N MET H 463 -31.06 -0.03 6.20
CA MET H 463 -31.96 -0.73 5.30
C MET H 463 -32.91 -1.66 6.07
N ALA H 464 -32.43 -2.28 7.18
CA ALA H 464 -33.22 -3.16 8.04
C ALA H 464 -34.32 -2.35 8.71
N VAL H 465 -33.97 -1.21 9.29
CA VAL H 465 -34.89 -0.27 9.97
C VAL H 465 -36.02 0.16 8.99
N GLU H 466 -35.67 0.42 7.72
CA GLU H 466 -36.60 0.84 6.69
C GLU H 466 -37.43 -0.27 6.05
N ASP H 467 -36.82 -1.43 5.75
CA ASP H 467 -37.47 -2.52 5.04
C ASP H 467 -37.94 -3.68 5.91
N TYR H 468 -37.37 -3.89 7.10
CA TYR H 468 -37.75 -4.96 8.01
C TYR H 468 -37.95 -4.44 9.45
N PRO H 469 -38.68 -3.32 9.70
CA PRO H 469 -38.79 -2.78 11.07
C PRO H 469 -39.17 -3.76 12.18
N ASN H 470 -40.13 -4.65 11.93
CA ASN H 470 -40.52 -5.62 12.96
C ASN H 470 -40.28 -7.05 12.46
N ASP H 471 -39.27 -7.24 11.61
CA ASP H 471 -38.96 -8.52 11.01
C ASP H 471 -37.45 -8.77 10.92
N ILE H 472 -36.85 -9.11 12.06
CA ILE H 472 -35.43 -9.47 12.16
C ILE H 472 -35.18 -10.81 11.41
N PRO H 473 -36.04 -11.86 11.53
CA PRO H 473 -35.81 -13.08 10.75
C PRO H 473 -35.81 -12.86 9.23
N GLY H 474 -36.65 -11.93 8.76
CA GLY H 474 -36.71 -11.54 7.36
C GLY H 474 -35.45 -10.86 6.91
N PHE H 475 -34.95 -9.90 7.73
CA PHE H 475 -33.68 -9.19 7.51
C PHE H 475 -32.55 -10.18 7.42
N LEU H 476 -32.44 -11.08 8.42
CA LEU H 476 -31.40 -12.11 8.46
C LEU H 476 -31.49 -13.05 7.27
N SER H 477 -32.72 -13.49 6.86
CA SER H 477 -32.88 -14.37 5.69
C SER H 477 -32.39 -13.66 4.43
N TRP H 478 -32.82 -12.42 4.25
CA TRP H 478 -32.43 -11.60 3.12
C TRP H 478 -30.93 -11.48 3.07
N MET H 479 -30.26 -11.22 4.24
CA MET H 479 -28.80 -11.06 4.33
C MET H 479 -28.04 -12.33 3.98
N LYS H 480 -28.51 -13.49 4.48
CA LYS H 480 -27.91 -14.81 4.23
C LYS H 480 -27.90 -15.11 2.72
N LYS H 481 -29.04 -14.92 2.07
CA LYS H 481 -29.25 -15.14 0.66
C LYS H 481 -28.53 -14.15 -0.23
N ASN H 482 -28.38 -12.86 0.19
CA ASN H 482 -27.86 -11.81 -0.69
C ASN H 482 -26.45 -11.27 -0.37
N VAL H 483 -26.02 -11.20 0.90
CA VAL H 483 -24.69 -10.63 1.18
C VAL H 483 -23.76 -11.68 1.88
N GLY H 484 -24.36 -12.57 2.66
CA GLY H 484 -23.64 -13.59 3.42
C GLY H 484 -23.66 -13.25 4.88
N PRO H 485 -22.52 -13.34 5.61
CA PRO H 485 -22.54 -12.93 7.04
C PRO H 485 -22.88 -11.44 7.18
N VAL H 486 -23.59 -11.10 8.26
CA VAL H 486 -24.03 -9.73 8.52
C VAL H 486 -22.84 -8.87 8.93
N PRO H 487 -22.52 -7.76 8.17
CA PRO H 487 -21.43 -6.86 8.60
C PRO H 487 -21.75 -6.24 9.96
N GLY H 488 -20.80 -6.29 10.88
CA GLY H 488 -20.98 -5.75 12.23
C GLY H 488 -21.35 -6.77 13.27
N ILE H 489 -21.55 -8.03 12.86
CA ILE H 489 -21.91 -9.14 13.74
C ILE H 489 -20.79 -10.17 13.69
N GLY H 490 -20.41 -10.71 14.86
CA GLY H 490 -19.38 -11.73 14.99
C GLY H 490 -18.03 -11.23 15.46
N HIS H 491 -17.30 -12.09 16.19
CA HIS H 491 -15.96 -11.83 16.70
C HIS H 491 -15.24 -13.14 16.96
N ARG H 492 -13.92 -13.17 16.73
CA ARG H 492 -13.06 -14.35 16.90
C ARG H 492 -12.82 -14.75 18.37
N VAL H 493 -12.78 -13.75 19.28
CA VAL H 493 -12.48 -14.02 20.69
C VAL H 493 -13.60 -13.56 21.63
N LYS H 494 -14.32 -12.46 21.26
CA LYS H 494 -15.38 -11.90 22.07
C LYS H 494 -16.66 -12.68 21.81
N SER H 495 -17.51 -12.82 22.84
CA SER H 495 -18.74 -13.62 22.78
C SER H 495 -19.68 -13.21 23.90
N VAL H 496 -20.83 -13.88 24.05
CA VAL H 496 -21.74 -13.61 25.16
C VAL H 496 -21.07 -13.92 26.50
N LYS H 497 -20.20 -14.98 26.54
CA LYS H 497 -19.48 -15.38 27.74
C LYS H 497 -18.24 -14.51 27.99
N ASN H 498 -17.73 -13.84 26.95
CA ASN H 498 -16.58 -12.94 27.02
C ASN H 498 -16.96 -11.63 26.31
N PRO H 499 -17.76 -10.77 26.99
CA PRO H 499 -18.24 -9.53 26.35
C PRO H 499 -17.16 -8.52 25.96
N ASP H 500 -17.48 -7.68 24.95
CA ASP H 500 -16.63 -6.62 24.47
C ASP H 500 -17.10 -5.37 25.19
N GLN H 501 -16.35 -4.98 26.23
CA GLN H 501 -16.63 -3.77 27.00
C GLN H 501 -16.54 -2.51 26.15
N ARG H 502 -15.81 -2.54 25.02
CA ARG H 502 -15.74 -1.38 24.11
C ARG H 502 -17.12 -1.02 23.58
N VAL H 503 -17.92 -2.06 23.17
CA VAL H 503 -19.26 -1.84 22.64
C VAL H 503 -20.21 -1.52 23.79
N LYS H 504 -20.07 -2.21 24.95
CA LYS H 504 -20.93 -1.89 26.10
C LYS H 504 -20.71 -0.46 26.51
N TYR H 505 -19.45 0.02 26.56
CA TYR H 505 -19.17 1.40 26.90
C TYR H 505 -19.86 2.38 25.90
N LEU H 506 -19.61 2.27 24.58
CA LEU H 506 -20.19 3.18 23.59
C LEU H 506 -21.70 3.21 23.65
N VAL H 507 -22.33 2.03 23.74
CA VAL H 507 -23.79 1.92 23.80
C VAL H 507 -24.29 2.59 25.07
N SER H 508 -23.68 2.28 26.22
CA SER H 508 -24.02 2.89 27.49
C SER H 508 -23.84 4.40 27.47
N TYR H 509 -22.77 4.91 26.81
CA TYR H 509 -22.53 6.35 26.68
C TYR H 509 -23.66 7.00 25.84
N ILE H 510 -24.02 6.40 24.69
CA ILE H 510 -25.07 6.94 23.83
C ILE H 510 -26.44 6.86 24.54
N LYS H 511 -26.73 5.78 25.26
CA LYS H 511 -28.01 5.64 25.95
C LYS H 511 -28.10 6.46 27.22
N ASN H 512 -27.02 6.52 28.00
CA ASN H 512 -27.08 7.23 29.30
C ASN H 512 -26.52 8.65 29.33
N GLU H 513 -25.75 9.07 28.34
CA GLU H 513 -25.14 10.40 28.43
C GLU H 513 -25.53 11.33 27.30
N THR H 514 -26.50 10.90 26.51
CA THR H 514 -27.05 11.70 25.40
C THR H 514 -28.49 11.32 25.37
N SER H 515 -29.31 12.14 24.73
CA SER H 515 -30.75 11.88 24.58
C SER H 515 -31.05 11.53 23.11
N LEU H 516 -30.00 11.09 22.39
CA LEU H 516 -30.11 10.70 21.00
C LEU H 516 -31.04 9.53 20.77
N HIS H 517 -31.71 9.62 19.65
CA HIS H 517 -32.53 8.59 19.11
C HIS H 517 -31.66 7.93 18.02
N THR H 518 -31.30 6.67 18.30
CA THR H 518 -30.45 5.81 17.50
C THR H 518 -31.21 4.60 16.96
N PRO H 519 -32.03 4.73 15.89
CA PRO H 519 -32.78 3.56 15.41
C PRO H 519 -31.95 2.42 14.85
N CYS H 520 -30.84 2.71 14.13
CA CYS H 520 -29.94 1.69 13.59
C CYS H 520 -29.31 0.90 14.72
N LEU H 521 -28.83 1.56 15.77
CA LEU H 521 -28.19 0.91 16.91
C LEU H 521 -29.18 0.05 17.67
N ASP H 522 -30.40 0.54 17.85
CA ASP H 522 -31.48 -0.16 18.52
C ASP H 522 -31.82 -1.46 17.79
N TYR H 523 -31.91 -1.38 16.45
CA TYR H 523 -32.19 -2.54 15.60
C TYR H 523 -31.05 -3.55 15.72
N ALA H 524 -29.78 -3.10 15.51
CA ALA H 524 -28.57 -3.90 15.63
C ALA H 524 -28.51 -4.64 16.98
N LEU H 525 -28.85 -3.96 18.09
CA LEU H 525 -28.88 -4.57 19.43
C LEU H 525 -29.94 -5.68 19.54
N GLU H 526 -31.06 -5.54 18.81
CA GLU H 526 -32.10 -6.57 18.78
C GLU H 526 -31.65 -7.77 17.96
N VAL H 527 -31.01 -7.56 16.79
CA VAL H 527 -30.51 -8.68 15.96
C VAL H 527 -29.42 -9.45 16.73
N GLU H 528 -28.57 -8.76 17.54
CA GLU H 528 -27.54 -9.37 18.38
C GLU H 528 -28.21 -10.43 19.33
N LYS H 529 -29.40 -10.14 19.89
CA LYS H 529 -30.14 -11.07 20.76
C LYS H 529 -30.54 -12.35 20.00
N VAL H 530 -30.85 -12.21 18.71
CA VAL H 530 -31.24 -13.31 17.85
C VAL H 530 -30.00 -14.09 17.37
N THR H 531 -28.98 -13.40 16.89
CA THR H 531 -27.77 -14.04 16.38
C THR H 531 -26.98 -14.79 17.49
N THR H 532 -26.78 -14.16 18.67
CA THR H 532 -26.10 -14.81 19.78
C THR H 532 -26.87 -16.03 20.32
N ALA H 533 -28.18 -16.15 20.02
CA ALA H 533 -28.98 -17.33 20.35
C ALA H 533 -28.59 -18.50 19.42
N LYS H 534 -28.20 -18.20 18.15
CA LYS H 534 -27.69 -19.16 17.15
C LYS H 534 -26.25 -19.61 17.52
N LYS H 535 -25.28 -18.69 17.68
CA LYS H 535 -23.87 -18.93 18.07
C LYS H 535 -23.47 -17.77 18.97
N GLY H 536 -22.93 -18.11 20.14
CA GLY H 536 -22.50 -17.16 21.16
C GLY H 536 -21.51 -16.09 20.73
N ASN H 537 -20.76 -16.32 19.65
CA ASN H 537 -19.76 -15.36 19.18
C ASN H 537 -20.35 -14.36 18.17
N LEU H 538 -21.63 -14.51 17.82
CA LEU H 538 -22.31 -13.61 16.89
C LEU H 538 -22.84 -12.29 17.56
N ILE H 539 -21.95 -11.67 18.30
CA ILE H 539 -22.19 -10.43 19.03
C ILE H 539 -22.09 -9.25 18.08
N LEU H 540 -22.67 -8.11 18.49
CA LEU H 540 -22.53 -6.88 17.73
C LEU H 540 -21.11 -6.39 18.08
N ASN H 541 -20.24 -6.33 17.07
CA ASN H 541 -18.85 -5.92 17.30
C ASN H 541 -18.64 -4.38 17.18
N VAL H 542 -17.37 -3.89 17.36
CA VAL H 542 -17.06 -2.45 17.28
C VAL H 542 -17.44 -1.86 15.92
N ASP H 543 -17.21 -2.57 14.79
CA ASP H 543 -17.59 -2.12 13.43
C ASP H 543 -19.05 -1.80 13.31
N GLY H 544 -19.89 -2.73 13.78
CA GLY H 544 -21.35 -2.61 13.77
C GLY H 544 -21.81 -1.50 14.67
N THR H 545 -21.19 -1.39 15.86
CA THR H 545 -21.51 -0.36 16.85
C THR H 545 -21.22 1.03 16.30
N ILE H 546 -19.97 1.28 15.85
CA ILE H 546 -19.56 2.57 15.26
C ILE H 546 -20.42 2.86 14.01
N GLY H 547 -20.60 1.87 13.16
CA GLY H 547 -21.40 1.98 11.94
C GLY H 547 -22.79 2.53 12.19
N CYS H 548 -23.49 1.93 13.19
CA CYS H 548 -24.83 2.29 13.62
C CYS H 548 -24.90 3.65 14.28
N ILE H 549 -23.99 3.94 15.22
CA ILE H 549 -23.90 5.26 15.88
C ILE H 549 -23.75 6.37 14.84
N LEU H 550 -22.77 6.25 13.95
CA LEU H 550 -22.50 7.22 12.90
C LEU H 550 -23.58 7.37 11.85
N MET H 551 -24.32 6.29 11.56
CA MET H 551 -25.44 6.36 10.63
C MET H 551 -26.55 7.17 11.29
N ASP H 552 -26.75 6.98 12.60
CA ASP H 552 -27.75 7.68 13.42
C ASP H 552 -27.43 9.15 13.65
N LEU H 553 -26.14 9.55 13.49
CA LEU H 553 -25.64 10.92 13.61
C LEU H 553 -25.73 11.60 12.23
N ASP H 554 -26.06 10.80 11.18
CA ASP H 554 -26.12 11.16 9.77
C ASP H 554 -24.77 11.70 9.23
N PHE H 555 -23.77 10.88 9.38
CA PHE H 555 -22.45 11.17 8.85
C PHE H 555 -22.46 10.60 7.46
N PRO H 556 -21.74 11.17 6.46
CA PRO H 556 -21.78 10.60 5.10
C PRO H 556 -21.34 9.16 5.11
N VAL H 557 -22.06 8.31 4.42
CA VAL H 557 -21.83 6.85 4.33
C VAL H 557 -20.40 6.48 3.99
N HIS H 558 -19.80 7.20 3.06
CA HIS H 558 -18.42 7.01 2.62
C HIS H 558 -17.41 7.19 3.75
N SER H 559 -17.71 8.09 4.69
CA SER H 559 -16.80 8.40 5.79
C SER H 559 -16.70 7.35 6.88
N LEU H 560 -17.70 6.46 7.01
CA LEU H 560 -17.83 5.52 8.10
C LEU H 560 -16.60 4.67 8.40
N ASN H 561 -15.95 4.02 7.41
CA ASN H 561 -14.72 3.24 7.68
C ASN H 561 -13.52 4.12 8.12
N GLY H 562 -13.59 5.43 7.85
CA GLY H 562 -12.59 6.41 8.21
C GLY H 562 -12.25 6.40 9.68
N PHE H 563 -13.27 6.17 10.51
CA PHE H 563 -13.12 6.16 11.97
C PHE H 563 -12.27 5.01 12.44
N PHE H 564 -12.44 3.81 11.84
CA PHE H 564 -11.61 2.67 12.19
C PHE H 564 -10.19 2.85 11.61
N VAL H 565 -10.09 3.20 10.31
CA VAL H 565 -8.80 3.39 9.64
C VAL H 565 -7.98 4.37 10.44
N LEU H 566 -8.54 5.54 10.82
CA LEU H 566 -7.82 6.55 11.56
C LEU H 566 -7.46 6.12 12.98
N ALA H 567 -8.45 5.62 13.76
CA ALA H 567 -8.22 5.12 15.12
C ALA H 567 -7.14 4.02 15.14
N ARG H 568 -7.27 2.98 14.27
CA ARG H 568 -6.33 1.86 14.30
C ARG H 568 -4.93 2.25 13.81
N THR H 569 -4.75 3.33 13.04
CA THR H 569 -3.43 3.87 12.71
C THR H 569 -2.66 4.26 14.00
N ILE H 570 -3.35 4.68 15.06
CA ILE H 570 -2.68 5.03 16.32
C ILE H 570 -2.02 3.76 16.88
N GLY H 571 -2.76 2.64 16.87
CA GLY H 571 -2.29 1.33 17.30
C GLY H 571 -1.18 0.81 16.43
N MET H 572 -1.35 0.85 15.13
CA MET H 572 -0.37 0.37 14.15
C MET H 572 0.93 1.10 14.21
N ILE H 573 0.94 2.43 14.45
CA ILE H 573 2.18 3.20 14.64
C ILE H 573 2.78 2.79 15.98
N GLY H 574 1.94 2.58 17.00
CA GLY H 574 2.35 2.16 18.33
C GLY H 574 3.17 0.89 18.29
N HIS H 575 2.66 -0.14 17.54
CA HIS H 575 3.29 -1.45 17.33
C HIS H 575 4.57 -1.36 16.59
N TRP H 576 4.64 -0.48 15.57
CA TRP H 576 5.83 -0.24 14.80
C TRP H 576 6.91 0.34 15.71
N ILE H 577 6.57 1.34 16.50
CA ILE H 577 7.51 1.98 17.45
C ILE H 577 8.03 0.94 18.47
N ASP H 578 7.12 0.13 19.00
CA ASP H 578 7.40 -0.90 20.00
C ASP H 578 8.41 -1.93 19.47
N GLN H 579 8.19 -2.45 18.27
CA GLN H 579 9.08 -3.41 17.61
C GLN H 579 10.43 -2.81 17.36
N ASN H 580 10.48 -1.53 16.95
CA ASN H 580 11.75 -0.83 16.76
C ASN H 580 12.50 -0.60 18.06
N ASN H 581 11.80 -0.18 19.12
CA ASN H 581 12.42 0.03 20.43
C ASN H 581 13.01 -1.23 21.00
N GLN H 582 12.41 -2.39 20.67
CA GLN H 582 12.84 -3.72 21.13
C GLN H 582 14.00 -4.26 20.30
N ASN H 583 14.25 -3.67 19.12
CA ASN H 583 15.20 -4.11 18.10
C ASN H 583 14.84 -5.51 17.66
N SER H 584 13.56 -5.79 17.38
CA SER H 584 13.11 -7.11 16.96
C SER H 584 13.75 -7.57 15.65
N ARG H 585 14.04 -8.85 15.56
CA ARG H 585 14.59 -9.52 14.39
C ARG H 585 13.44 -9.82 13.42
N LEU H 586 13.78 -10.13 12.18
CA LEU H 586 12.84 -10.53 11.15
C LEU H 586 12.02 -11.74 11.63
N ILE H 587 10.73 -11.72 11.36
CA ILE H 587 9.83 -12.82 11.70
C ILE H 587 9.79 -13.74 10.48
N ARG H 588 9.99 -15.03 10.74
CA ARG H 588 9.82 -16.09 9.74
C ARG H 588 8.94 -17.08 10.51
N LEU H 589 7.68 -17.27 10.09
CA LEU H 589 6.73 -18.13 10.77
C LEU H 589 7.29 -19.56 11.02
N TYR H 590 7.16 -20.05 12.28
CA TYR H 590 7.66 -21.36 12.67
C TYR H 590 7.02 -22.47 11.87
N ASP H 591 7.84 -23.42 11.47
CA ASP H 591 7.42 -24.58 10.69
C ASP H 591 6.25 -25.34 11.25
N TYR H 592 6.21 -25.54 12.59
CA TYR H 592 5.18 -26.32 13.25
C TYR H 592 3.84 -25.70 13.22
N LEU H 593 3.78 -24.44 12.77
CA LEU H 593 2.53 -23.68 12.63
C LEU H 593 1.96 -23.74 11.23
N ILE H 594 2.66 -24.37 10.28
CA ILE H 594 2.20 -24.47 8.89
C ILE H 594 1.79 -25.90 8.55
N ASN H 595 0.66 -26.02 7.85
CA ASN H 595 0.22 -27.31 7.32
C ASN H 595 0.59 -27.30 5.83
N TYR H 596 1.65 -28.04 5.50
CA TYR H 596 2.13 -28.15 4.14
C TYR H 596 1.34 -29.28 3.46
N ALA H 597 0.16 -28.97 2.93
CA ALA H 597 -0.73 -29.90 2.25
C ALA H 597 -0.40 -29.83 0.73
N VAL H 598 0.90 -30.01 0.43
CA VAL H 598 1.55 -29.87 -0.86
C VAL H 598 1.48 -31.17 -1.68
N LYS H 599 1.70 -31.05 -3.01
CA LYS H 599 1.69 -32.16 -3.97
C LYS H 599 2.85 -33.10 -3.69
N PRO H 600 2.69 -34.42 -3.92
CA PRO H 600 3.86 -35.32 -3.79
C PRO H 600 4.97 -34.88 -4.74
N GLU H 601 6.22 -35.05 -4.30
CA GLU H 601 7.40 -34.64 -5.08
C GLU H 601 7.49 -35.46 -6.34
N GLN H 602 7.84 -34.83 -7.46
CA GLN H 602 7.95 -35.54 -8.73
C GLN H 602 9.04 -34.96 -9.63
N GLU H 603 9.62 -35.83 -10.48
CA GLU H 603 10.65 -35.46 -11.43
C GLU H 603 10.04 -34.62 -12.54
N VAL H 604 10.76 -33.63 -13.06
CA VAL H 604 10.21 -32.84 -14.14
C VAL H 604 10.42 -33.58 -15.44
N PRO H 605 9.34 -33.75 -16.25
CA PRO H 605 9.49 -34.46 -17.52
C PRO H 605 10.31 -33.62 -18.53
N GLU H 606 11.04 -34.31 -19.41
CA GLU H 606 11.82 -33.64 -20.44
C GLU H 606 10.89 -32.99 -21.47
N LYS H 607 11.25 -31.79 -21.98
CA LYS H 607 10.46 -31.05 -22.98
C LYS H 607 10.49 -31.77 -24.32
CAC FLC I . -28.59 -37.36 24.30
CA FLC I . -29.04 -37.88 22.94
CB FLC I . -28.33 -37.27 21.72
CBC FLC I . -26.82 -37.57 21.77
CG FLC I . -28.91 -37.85 20.42
CGC FLC I . -30.28 -37.34 20.00
OA1 FLC I . -28.03 -38.16 25.09
OA2 FLC I . -28.79 -36.14 24.57
OB1 FLC I . -26.48 -38.77 21.65
OB2 FLC I . -26.04 -36.59 21.86
OG1 FLC I . -31.28 -37.74 20.64
OG2 FLC I . -30.33 -36.56 19.01
OHB FLC I . -28.54 -35.86 21.75
N1A COA J . 18.95 21.91 2.95
C2A COA J . 20.03 22.67 3.15
N3A COA J . 20.76 23.33 2.25
C4A COA J . 20.29 23.16 1.01
C5A COA J . 19.19 22.40 0.65
C6A COA J . 18.48 21.76 1.69
N6A COA J . 17.31 21.13 1.53
N7A COA J . 18.99 22.46 -0.73
C8A COA J . 19.95 23.25 -1.15
N9A COA J . 20.77 23.70 -0.16
C1B COA J . 21.92 24.60 -0.31
C2B COA J . 23.02 24.07 -1.23
O2B COA J . 23.90 23.16 -0.57
C3B COA J . 23.67 25.37 -1.68
O3B COA J . 24.54 25.88 -0.65
P3B COA J . 26.16 26.02 -0.69
O7A COA J . 26.71 25.50 -1.98
O8A COA J . 26.41 27.53 -0.49
O9A COA J . 26.67 25.24 0.53
C4B COA J . 22.49 26.34 -1.77
O4B COA J . 21.49 25.82 -0.87
C5B COA J . 21.87 26.59 -3.13
O5B COA J . 21.74 25.36 -3.89
P1A COA J . 22.80 25.08 -5.12
O1A COA J . 24.01 25.93 -5.13
O2A COA J . 23.09 23.58 -5.16
O3A COA J . 21.92 25.38 -6.40
P2A COA J . 20.52 24.74 -6.81
O4A COA J . 19.45 25.75 -6.62
O5A COA J . 20.68 24.23 -8.25
O6A COA J . 20.35 23.43 -5.81
CBP COA J . 18.85 21.66 -5.05
CCP COA J . 19.61 22.27 -6.22
CDP COA J . 19.85 20.93 -4.15
CEP COA J . 17.86 20.62 -5.61
CAP COA J . 18.03 22.66 -4.18
OAP COA J . 17.35 23.68 -4.89
N1A COA K . -25.55 -26.08 -2.75
C2A COA K . -25.91 -24.97 -2.10
N3A COA K . -26.22 -24.80 -0.81
C4A COA K . -26.09 -25.96 -0.14
C5A COA K . -25.72 -27.20 -0.66
C6A COA K . -25.45 -27.23 -2.05
N6A COA K . -25.14 -28.34 -2.72
N7A COA K . -25.70 -28.17 0.32
C8A COA K . -26.04 -27.51 1.41
N9A COA K . -26.31 -26.18 1.21
C1B COA K . -26.76 -25.20 2.19
C2B COA K . -28.19 -25.42 2.71
O2B COA K . -29.23 -24.86 1.88
C3B COA K . -28.12 -24.76 4.08
O3B COA K . -28.43 -23.34 4.06
P3B COA K . -29.82 -22.68 4.61
O7A COA K . -29.80 -21.21 4.38
O8A COA K . -30.96 -23.37 3.83
O9A COA K . -29.90 -23.05 6.13
C4B COA K . -26.67 -24.94 4.51
O4B COA K . -25.93 -25.32 3.33
C5B COA K . -26.43 -25.96 5.60
O5B COA K . -27.27 -27.12 5.34
P1A COA K . -26.78 -28.65 5.06
O1A COA K . -25.34 -28.83 4.69
O2A COA K . -27.84 -29.28 4.08
O3A COA K . -27.02 -29.21 6.54
P2A COA K . -27.98 -28.86 7.75
O4A COA K . -27.48 -27.71 8.51
O5A COA K . -29.43 -28.67 7.21
O6A COA K . -28.14 -30.38 8.21
CBP COA K . -27.98 -31.57 10.29
CCP COA K . -27.24 -31.11 9.03
CDP COA K . -27.17 -32.70 10.92
CEP COA K . -28.04 -30.38 11.28
CAP COA K . -29.43 -31.97 9.93
OAP COA K . -29.48 -32.80 8.79
C9P COA K . -30.30 -32.60 11.02
O9P COA K . -31.22 -31.95 11.51
N8P COA K . -29.91 -33.77 11.51
C7P COA K . -30.44 -34.31 12.76
C6P COA K . -29.59 -33.93 13.95
C5P COA K . -28.37 -34.80 14.08
O5P COA K . -28.48 -36.01 14.23
N4P COA K . -27.20 -34.16 13.99
C3P COA K . -25.91 -34.85 13.99
C2P COA K . -24.83 -34.00 14.60
S1P COA K . -23.29 -34.90 14.21
CAC FLC L . 6.46 18.41 3.95
CA FLC L . 4.94 18.25 3.84
CB FLC L . 4.15 19.40 3.19
CBC FLC L . 2.67 19.07 3.54
CG FLC L . 4.47 19.37 1.69
CGC FLC L . 3.84 20.36 0.69
OA1 FLC L . 7.14 17.61 3.27
OA2 FLC L . 6.92 19.31 4.70
OB1 FLC L . 2.05 18.34 2.76
OB2 FLC L . 2.18 19.68 4.50
OG1 FLC L . 2.91 21.07 1.07
OG2 FLC L . 4.29 20.38 -0.49
OHB FLC L . 4.55 20.60 3.85
C1 PGE M . -29.34 -62.20 5.34
O1 PGE M . -27.98 -61.78 5.22
C2 PGE M . -29.58 -63.48 4.59
O2 PGE M . -30.88 -64.00 4.84
C3 PGE M . -30.93 -65.21 5.62
C4 PGE M . -31.12 -66.45 4.78
O4 PGE M . -28.77 -65.47 2.04
C6 PGE M . -28.35 -66.61 2.84
C5 PGE M . -29.52 -67.46 3.29
O3 PGE M . -29.88 -67.16 4.65
C TRS N . -6.36 -23.80 9.70
C1 TRS N . -6.58 -22.33 9.34
C2 TRS N . -7.48 -24.65 9.12
C3 TRS N . -6.28 -24.02 11.21
N TRS N . -5.06 -24.22 9.08
O1 TRS N . -6.63 -22.15 7.93
O2 TRS N . -7.33 -24.78 7.72
O3 TRS N . -6.35 -22.81 11.94
CAC FLC O . -31.95 18.63 -37.01
CA FLC O . -33.03 18.64 -35.93
CB FLC O . -32.56 18.49 -34.47
CBC FLC O . -31.56 19.60 -34.09
CG FLC O . -33.76 18.54 -33.52
CGC FLC O . -34.67 17.31 -33.52
OA1 FLC O . -31.20 17.62 -37.10
OA2 FLC O . -31.90 19.62 -37.77
OB1 FLC O . -31.95 20.79 -34.13
OB2 FLC O . -30.41 19.22 -33.73
OG1 FLC O . -35.58 17.25 -34.39
OG2 FLC O . -34.47 16.43 -32.65
OHB FLC O . -31.92 17.21 -34.32
O1 PG4 P . -88.66 0.04 -30.59
C1 PG4 P . -87.78 0.17 -31.69
C2 PG4 P . -87.41 1.61 -31.95
O2 PG4 P . -86.70 2.16 -30.85
C3 PG4 P . -85.97 3.32 -31.20
C4 PG4 P . -86.17 4.44 -30.21
O3 PG4 P . -85.81 4.10 -28.88
C5 PG4 P . -85.85 5.20 -27.99
C6 PG4 P . -86.14 4.77 -26.58
O4 PG4 P . -87.38 4.10 -26.49
C7 PG4 P . -87.85 3.95 -25.16
C8 PG4 P . -89.34 3.75 -25.13
O5 PG4 P . -89.71 2.48 -24.61
C1 PGE Q . -45.09 5.85 -28.12
O1 PGE Q . -44.56 4.79 -27.32
C2 PGE Q . -45.85 5.35 -29.31
O2 PGE Q . -46.49 6.44 -29.99
C3 PGE Q . -47.05 6.07 -31.24
C4 PGE Q . -48.45 6.59 -31.44
O4 PGE Q . -51.07 10.50 -30.80
C6 PGE Q . -50.00 9.64 -30.47
C5 PGE Q . -49.74 8.60 -31.55
O3 PGE Q . -48.45 8.01 -31.38
N1A COA R . 26.94 -10.27 7.87
C2A COA R . 28.23 -10.34 8.22
N3A COA R . 28.76 -10.61 9.41
C4A COA R . 27.81 -10.84 10.33
C5A COA R . 26.44 -10.82 10.11
C6A COA R . 25.99 -10.55 8.80
N6A COA R . 24.73 -10.63 8.41
N7A COA R . 25.76 -11.14 11.28
C8A COA R . 26.72 -11.35 12.15
N9A COA R . 27.98 -11.19 11.65
C1B COA R . 29.25 -11.36 12.36
C2B COA R . 29.41 -10.44 13.58
O2B COA R . 29.88 -9.16 13.22
C3B COA R . 30.38 -11.26 14.44
O3B COA R . 31.73 -11.14 13.93
P3B COA R . 33.03 -10.44 14.61
O7A COA R . 32.78 -10.25 16.13
O8A COA R . 33.32 -9.17 13.87
O9A COA R . 34.19 -11.45 14.47
C4B COA R . 29.95 -12.70 14.15
O4B COA R . 29.32 -12.69 12.85
C5B COA R . 29.08 -13.38 15.18
O5B COA R . 27.92 -12.58 15.51
P1A COA R . 27.65 -11.71 16.87
O1A COA R . 26.82 -10.55 16.46
O2A COA R . 28.94 -11.30 17.60
O3A COA R . 26.89 -12.73 17.83
P2A COA R . 25.85 -13.92 17.65
O4A COA R . 24.91 -13.90 18.96
O5A COA R . 24.93 -13.52 16.48
O6A COA R . 26.54 -15.22 17.53
N1A COA S . -34.09 9.94 -8.43
C2A COA S . -33.67 8.79 -8.97
N3A COA S . -33.40 8.52 -10.25
C4A COA S . -33.56 9.60 -11.02
C5A COA S . -33.99 10.85 -10.61
C6A COA S . -34.27 11.01 -9.24
N6A COA S . -34.75 12.14 -8.71
N7A COA S . -34.04 11.73 -11.69
C8A COA S . -33.65 11.01 -12.70
N9A COA S . -33.36 9.70 -12.38
C1B COA S . -32.93 8.64 -13.30
C2B COA S . -34.02 8.14 -14.24
O2B COA S . -34.84 7.11 -13.67
C3B COA S . -33.19 7.64 -15.42
O3B COA S . -32.76 6.25 -15.33
P3B COA S . -33.38 5.03 -16.19
O7A COA S . -32.54 3.81 -15.93
O8A COA S . -34.85 4.88 -15.71
O9A COA S . -33.40 5.44 -17.68
C4B COA S . -31.93 8.52 -15.40
O4B COA S . -31.91 9.16 -14.11
C5B COA S . -31.83 9.57 -16.48
O5B COA S . -33.15 10.13 -16.70
P1A COA S . -33.60 11.70 -16.54
O1A COA S . -34.98 11.78 -16.01
O2A COA S . -32.52 12.52 -15.76
O3A COA S . -33.50 12.07 -18.09
P2A COA S . -33.67 11.29 -19.47
O4A COA S . -32.56 10.38 -19.77
O5A COA S . -35.02 10.54 -19.39
O6A COA S . -33.69 12.26 -20.77
CBP COA S . -34.49 14.31 -21.83
CCP COA S . -33.67 13.70 -20.69
CDP COA S . -33.50 14.92 -22.84
CEP COA S . -35.35 15.43 -21.25
CAP COA S . -35.40 13.26 -22.53
OAP COA S . -36.24 12.63 -21.59
C9P COA S . -36.22 13.73 -23.72
O9P COA S . -37.44 13.92 -23.60
N8P COA S . -35.58 13.89 -24.89
C7P COA S . -36.14 14.64 -26.00
CAC FLC T . 13.89 -16.89 3.51
CA FLC T . 14.32 -15.60 2.80
CB FLC T . 14.66 -15.61 1.30
CBC FLC T . 13.48 -16.07 0.41
CG FLC T . 15.00 -14.18 0.90
CGC FLC T . 16.20 -13.57 1.62
OA1 FLC T . 13.53 -17.85 2.82
OA2 FLC T . 13.85 -16.88 4.76
OB1 FLC T . 12.39 -15.54 0.63
OB2 FLC T . 13.74 -16.76 -0.58
OG1 FLC T . 16.00 -12.55 2.32
OG2 FLC T . 17.32 -14.16 1.52
OHB FLC T . 15.81 -16.41 1.03
C TRS U . -39.10 19.03 -34.54
C1 TRS U . -40.24 19.28 -35.55
C2 TRS U . -37.81 19.75 -34.97
C3 TRS U . -38.87 17.52 -34.34
N TRS U . -39.52 19.62 -33.23
O1 TRS U . -41.52 18.96 -35.00
O2 TRS U . -37.61 19.79 -36.38
O3 TRS U . -38.28 16.88 -35.47
O1 PG4 V . 6.66 -3.10 32.36
C1 PG4 V . 7.81 -2.39 32.80
C2 PG4 V . 8.86 -2.26 31.72
O2 PG4 V . 8.50 -1.22 30.82
C3 PG4 V . 9.56 -0.32 30.51
C4 PG4 V . 9.09 0.80 29.61
O3 PG4 V . 8.85 1.96 30.39
C5 PG4 V . 8.69 3.17 29.65
C6 PG4 V . 7.32 3.75 29.93
O4 PG4 V . 7.28 4.67 31.01
C7 PG4 V . 7.12 4.09 32.30
C8 PG4 V . 5.71 4.15 32.78
O5 PG4 V . 5.52 3.34 33.93
C1 PGE W . -47.49 43.48 -50.20
O1 PGE W . -47.30 42.89 -51.49
C2 PGE W . -48.66 42.91 -49.46
O2 PGE W . -48.40 41.58 -49.00
C3 PGE W . -48.44 41.40 -47.58
C4 PGE W . -49.82 41.50 -47.00
O4 PGE W . -54.31 41.65 -47.41
C6 PGE W . -53.19 40.78 -47.67
C5 PGE W . -51.94 41.54 -48.01
O3 PGE W . -50.78 40.77 -47.74
CAC FLC X . 37.16 -24.08 30.18
CA FLC X . 37.28 -22.86 31.09
CB FLC X . 36.24 -21.74 30.89
CBC FLC X . 34.83 -22.27 31.24
CG FLC X . 36.59 -20.54 31.79
CGC FLC X . 37.85 -19.75 31.49
OA1 FLC X . 37.19 -25.21 30.71
OA2 FLC X . 37.03 -23.88 28.95
OB1 FLC X . 34.01 -22.35 30.31
OB2 FLC X . 34.58 -22.51 32.44
OG1 FLC X . 37.70 -18.57 31.07
OG2 FLC X . 38.97 -20.27 31.73
OHB FLC X . 36.29 -21.34 29.51
N1A COA Y . -19.84 -1.40 -20.78
C2A COA Y . -20.99 -1.58 -21.45
N3A COA Y . -21.88 -0.67 -21.84
C4A COA Y . -21.51 0.57 -21.46
C5A COA Y . -20.35 0.90 -20.77
C6A COA Y . -19.48 -0.14 -20.43
N6A COA Y . -18.27 0.04 -19.88
N7A COA Y . -20.28 2.28 -20.57
C8A COA Y . -21.37 2.73 -21.15
N9A COA Y . -22.15 1.76 -21.71
C1B COA Y . -23.42 1.96 -22.42
C2B COA Y . -24.50 2.67 -21.60
O2B COA Y . -25.20 1.76 -20.75
C3B COA Y . -25.35 3.24 -22.73
O3B COA Y . -26.18 2.23 -23.35
P3B COA Y . -27.79 2.09 -23.30
O7A COA Y . -28.12 0.71 -22.73
O8A COA Y . -28.19 2.11 -24.78
O9A COA Y . -28.39 3.19 -22.48
C4B COA Y . -24.31 3.63 -23.79
O4B COA Y . -23.17 2.78 -23.55
C5B COA Y . -23.88 5.08 -23.86
O5B COA Y . -23.45 5.59 -22.57
P1A COA Y . -24.29 6.65 -21.70
O1A COA Y . -25.69 6.21 -21.45
O2A COA Y . -23.43 6.82 -20.46
O3A COA Y . -24.32 8.06 -22.43
P2A COA Y . -23.18 9.13 -22.75
O4A COA Y . -23.37 9.55 -24.22
O5A COA Y . -23.22 10.25 -21.79
O6A COA Y . -21.81 8.29 -22.61
N1A COA Z . 26.75 3.36 27.69
C2A COA Z . 27.20 3.20 26.44
N3A COA Z . 27.80 2.14 25.90
C4A COA Z . 27.91 1.14 26.78
C5A COA Z . 27.49 1.16 28.11
C6A COA Z . 26.89 2.35 28.57
N6A COA Z . 26.49 2.53 29.83
N7A COA Z . 27.76 -0.06 28.72
C8A COA Z . 28.33 -0.76 27.77
N9A COA Z . 28.46 -0.11 26.58
C1B COA Z . 29.11 -0.59 25.36
C2B COA Z . 30.64 -0.73 25.46
O2B COA Z . 31.36 0.47 25.17
C3B COA Z . 30.91 -1.85 24.46
O3B COA Z . 31.14 -1.37 23.11
P3B COA Z . 32.59 -1.32 22.37
O7A COA Z . 32.36 -0.88 20.93
O8A COA Z . 33.45 -0.34 23.20
O9A COA Z . 33.21 -2.75 22.46
C4B COA Z . 29.63 -2.69 24.46
O4B COA Z . 28.61 -1.88 25.10
C5B COA Z . 29.73 -4.04 25.14
O5B COA Z . 30.53 -3.90 26.32
P1A COA Z . 30.09 -4.22 27.88
O1A COA Z . 30.76 -3.25 28.78
O2A COA Z . 28.58 -4.36 28.02
O3A COA Z . 30.74 -5.67 27.95
P2A COA Z . 31.98 -6.42 27.25
O4A COA Z . 31.75 -6.76 25.83
O5A COA Z . 33.23 -5.52 27.41
O6A COA Z . 32.29 -7.86 27.97
CBP COA Z . 32.59 -9.20 29.98
CCP COA Z . 31.62 -8.36 29.15
CDP COA Z . 32.19 -10.68 29.84
CEP COA Z . 32.44 -8.80 31.45
CAP COA Z . 34.07 -8.97 29.53
OAP COA Z . 34.43 -7.60 29.61
C9P COA Z . 35.15 -9.78 30.24
O9P COA Z . 35.84 -9.26 31.11
N8P COA Z . 35.32 -11.03 29.82
C7P COA Z . 36.01 -12.05 30.61
C6P COA Z . 35.17 -13.30 30.71
CAC FLC AA . -6.95 -1.52 -18.56
CA FLC AA . -5.43 -1.36 -18.52
CB FLC AA . -4.83 -0.40 -19.57
CBC FLC AA . -3.30 -0.54 -19.53
CG FLC AA . -5.32 1.00 -19.17
CGC FLC AA . -5.02 2.21 -20.05
OA1 FLC AA . -7.47 -1.94 -19.63
OA2 FLC AA . -7.59 -1.19 -17.54
OB1 FLC AA . -2.80 -1.42 -20.24
OB2 FLC AA . -2.71 0.03 -18.62
OG1 FLC AA . -5.62 3.28 -19.77
OG2 FLC AA . -4.18 2.09 -20.97
OHB FLC AA . -5.32 -0.87 -20.83
C1 PGE BA . -22.20 22.10 -1.49
O1 PGE BA . -21.32 23.10 -1.98
C2 PGE BA . -21.48 20.88 -0.93
O2 PGE BA . -21.12 21.09 0.44
C3 PGE BA . -21.77 20.19 1.34
C4 PGE BA . -21.24 20.29 2.74
O4 PGE BA . -22.14 24.06 4.60
C6 PGE BA . -21.89 22.84 5.29
C5 PGE BA . -22.24 21.61 4.47
O3 PGE BA . -21.46 21.59 3.28
CAC FLC CA . 26.59 42.89 -18.83
CA FLC CA . 27.82 42.18 -19.39
CB FLC CA . 27.87 40.65 -19.25
CBC FLC CA . 26.75 39.99 -20.07
CG FLC CA . 29.28 40.27 -19.72
CGC FLC CA . 29.66 38.81 -19.56
OA1 FLC CA . 26.12 42.52 -17.73
OA2 FLC CA . 26.12 43.85 -19.50
OB1 FLC CA . 25.86 39.36 -19.44
OB2 FLC CA . 26.81 40.07 -21.32
OG1 FLC CA . 29.69 38.11 -20.60
OG2 FLC CA . 29.96 38.39 -18.41
OHB FLC CA . 27.74 40.31 -17.86
N1A COA DA . -23.68 -12.82 10.82
C2A COA DA . -24.92 -13.30 10.95
N3A COA DA . -25.30 -14.56 11.09
C4A COA DA . -24.25 -15.40 11.04
C5A COA DA . -22.93 -15.05 10.89
C6A COA DA . -22.64 -13.68 10.81
N6A COA DA . -21.40 -13.17 10.83
N7A COA DA . -22.11 -16.17 10.89
C8A COA DA . -22.95 -17.17 11.05
N9A COA DA . -24.26 -16.78 11.15
C1B COA DA . -25.44 -17.63 11.27
C2B COA DA . -25.61 -18.64 10.13
O2B COA DA . -26.25 -18.06 9.00
C3B COA DA . -26.36 -19.76 10.85
O3B COA DA . -27.76 -19.43 10.96
P3B COA DA . -29.04 -20.10 10.21
O7A COA DA . -30.10 -20.26 11.32
O8A COA DA . -28.69 -21.50 9.71
O9A COA DA . -29.48 -19.19 9.13
C4B COA DA . -25.78 -19.75 12.26
O4B COA DA . -25.32 -18.39 12.47
C5B COA DA . -24.66 -20.71 12.59
O5B COA DA . -24.22 -21.38 11.38
P1A COA DA . -22.80 -21.30 10.53
O1A COA DA . -22.96 -21.05 9.07
O2A COA DA . -21.81 -20.37 11.23
O3A COA DA . -22.37 -22.81 10.79
P2A COA DA . -21.59 -23.54 11.97
O4A COA DA . -22.65 -24.22 12.88
O5A COA DA . -20.51 -24.38 11.40
O6A COA DA . -20.91 -22.37 12.86
N1A COA EA . 33.46 14.76 -13.63
C2A COA EA . 33.20 15.12 -12.37
N3A COA EA . 32.81 16.31 -11.90
C4A COA EA . 32.69 17.21 -12.90
C5A COA EA . 32.93 16.98 -14.25
C6A COA EA . 33.35 15.68 -14.62
N6A COA EA . 33.69 15.35 -15.85
N7A COA EA . 32.69 18.13 -14.99
C8A COA EA . 32.32 19.01 -14.08
N9A COA EA . 32.30 18.51 -12.80
C1B COA EA . 31.97 19.25 -11.57
C2B COA EA . 33.01 20.30 -11.15
O2B COA EA . 34.05 19.75 -10.35
C3B COA EA . 32.13 21.28 -10.37
O3B COA EA . 31.99 20.97 -8.97
P3B COA EA . 32.71 21.77 -7.75
O7A COA EA . 32.25 21.20 -6.44
O8A COA EA . 34.24 21.61 -7.99
O9A COA EA . 32.37 23.28 -7.92
C4B COA EA . 30.76 21.18 -11.04
O4B COA EA . 30.76 19.95 -11.80
C5B COA EA . 30.35 22.33 -11.92
O5B COA EA . 31.50 22.77 -12.68
P1A COA EA . 31.63 22.84 -14.30
O1A COA EA . 33.04 22.54 -14.66
O2A COA EA . 30.54 22.00 -14.99
O3A COA EA . 31.26 24.38 -14.50
P2A COA EA . 31.29 25.71 -13.60
O4A COA EA . 32.54 25.78 -12.81
O5A COA EA . 30.11 25.63 -12.63
O6A COA EA . 31.04 27.08 -14.44
CBP COA EA . 31.35 28.43 -16.46
CCP COA EA . 30.80 27.13 -15.86
CDP COA EA . 30.16 29.34 -16.82
CEP COA EA . 32.09 28.09 -17.76
CAP COA EA . 32.32 29.16 -15.49
OAP COA EA . 33.38 28.30 -15.11
C9P COA EA . 32.91 30.51 -15.94
O9P COA EA . 34.06 30.57 -16.38
N8P COA EA . 32.15 31.59 -15.77
CAC FLC FA . -10.40 -8.50 16.75
CA FLC FA . -10.83 -7.48 15.69
CB FLC FA . -11.41 -6.11 16.09
CBC FLC FA . -10.34 -5.09 16.51
CG FLC FA . -12.06 -5.50 14.83
CGC FLC FA . -13.40 -6.05 14.35
OA1 FLC FA . -10.42 -9.72 16.44
OA2 FLC FA . -9.99 -8.08 17.85
OB1 FLC FA . -10.62 -4.23 17.34
OB2 FLC FA . -9.36 -5.03 15.81
OG1 FLC FA . -14.31 -6.24 15.20
OG2 FLC FA . -13.53 -6.26 13.12
OHB FLC FA . -12.40 -6.20 17.11
C1 PGE GA . -28.91 8.74 6.03
O1 PGE GA . -29.85 9.01 4.99
C2 PGE GA . -29.49 9.06 7.39
O2 PGE GA . -29.36 7.93 8.25
C3 PGE GA . -30.11 8.05 9.45
C4 PGE GA . -30.27 6.72 10.10
O4 PGE GA . -33.67 5.09 8.14
C6 PGE GA . -33.54 5.64 9.44
C5 PGE GA . -32.20 5.32 10.05
O3 PGE GA . -31.14 5.94 9.31
#